data_3MC2
#
_entry.id   3MC2
#
_cell.length_a   68.559
_cell.length_b   136.928
_cell.length_c   155.575
_cell.angle_alpha   90.000
_cell.angle_beta   90.110
_cell.angle_gamma   90.000
#
_symmetry.space_group_name_H-M   'P 1 21 1'
#
_entity_poly.entity_id   1
_entity_poly.type   'polypeptide(L)'
_entity_poly.pdbx_seq_one_letter_code
;HHHHHHLPEKTIRWCVVSDHEATKCSSFRDNMKKVLPAGGPAVTCVRKMSHPECIRDISANKVDAVTVDGALVAEADLPH
HSLKPIMAEYYGSKDDPKTHYYVVAMAKKGTGFQLNQLRGKKSCHTGLGWSAGWYVPLSTLLPSGSRETAAATFFSSSCV
PCADGKMFPSLCQLCAGKGTDKCACSSREPYFGSWGALKCLQDGTADVSFVKHLTVFEAMPTKADRDQYELLCMDNTRRP
VEEYEQCYLARVPSHVVVARSVDGKEDSIQELLRVAQEHFGKDKSSPFQLFGSPHGEDLLFTDAAHGLLRVPRKIDISLY
LGYEFLSAFRNLKRGLEDSQRVKWCAVGQQERTKCDQWSAVSGGALACATEETPEDCIAATMKGEADAMSLDGGFAYVAG
HCGLVPVLAENYLSTHSSGRLGSKCVNAPLEGYYVVAVVKKSDVGITWKSLQGKKSCHTAVGTSEGWNVPMGLIYDQTGS
CKFDAFFSRSCAPGSDPDSPLCALCVGGNNPAHMCAANNAEGYHGSSGALRCLVEKGDVAFMKHPTVLQNTDGKNPEPWA
KGLKHEDFELLCLDGTRKPVTEAQSCHLARVPNRAVFSRKDKADFVRRILFNQQELFGRNGFEYMMFQMFESSAKDLLFS
DDTECLSNLQDKTTYKTYLGPQYLTLMDNFRQCLSSELLDACTFHKY
;
_entity_poly.pdbx_strand_id   A,B,C,D
#
# COMPACT_ATOMS: atom_id res chain seq x y z
N GLU A 9 -39.76 -1.54 -12.22
CA GLU A 9 -38.84 -0.46 -11.82
C GLU A 9 -37.39 -0.94 -11.88
N LYS A 10 -36.52 -0.27 -11.13
CA LYS A 10 -35.09 -0.60 -11.10
C LYS A 10 -34.78 -1.81 -10.23
N THR A 11 -35.76 -2.68 -10.04
CA THR A 11 -35.58 -3.88 -9.23
C THR A 11 -34.92 -4.96 -10.09
N ILE A 12 -33.69 -5.32 -9.74
CA ILE A 12 -32.93 -6.30 -10.48
C ILE A 12 -33.41 -7.75 -10.37
N ARG A 13 -33.75 -8.34 -11.51
CA ARG A 13 -34.22 -9.73 -11.58
C ARG A 13 -33.06 -10.70 -11.87
N TRP A 14 -32.78 -11.62 -10.94
CA TRP A 14 -31.67 -12.54 -11.14
C TRP A 14 -32.06 -13.90 -11.71
N CYS A 15 -31.32 -14.29 -12.75
CA CYS A 15 -31.56 -15.54 -13.44
C CYS A 15 -31.05 -16.73 -12.66
N VAL A 16 -31.94 -17.67 -12.38
CA VAL A 16 -31.60 -18.87 -11.66
C VAL A 16 -31.97 -20.12 -12.49
N VAL A 17 -31.23 -21.21 -12.32
CA VAL A 17 -31.45 -22.43 -13.11
C VAL A 17 -31.75 -23.75 -12.38
N SER A 18 -31.58 -23.77 -11.07
CA SER A 18 -31.88 -24.98 -10.29
C SER A 18 -32.78 -24.54 -9.13
N ASP A 19 -33.12 -25.47 -8.24
CA ASP A 19 -33.98 -25.12 -7.11
C ASP A 19 -33.11 -24.62 -5.97
N HIS A 20 -31.88 -25.11 -5.89
CA HIS A 20 -30.93 -24.73 -4.85
C HIS A 20 -30.41 -23.31 -5.04
N GLU A 21 -30.36 -22.85 -6.29
CA GLU A 21 -29.89 -21.50 -6.59
C GLU A 21 -31.04 -20.49 -6.37
N ALA A 22 -32.27 -21.02 -6.35
CA ALA A 22 -33.44 -20.19 -6.14
C ALA A 22 -33.57 -20.03 -4.65
N THR A 23 -33.19 -21.05 -3.90
CA THR A 23 -33.25 -20.96 -2.44
C THR A 23 -32.14 -20.03 -1.98
N LYS A 24 -31.01 -20.05 -2.70
CA LYS A 24 -29.89 -19.18 -2.36
C LYS A 24 -30.21 -17.75 -2.76
N CYS A 25 -30.84 -17.58 -3.90
CA CYS A 25 -31.23 -16.25 -4.37
C CYS A 25 -32.26 -15.59 -3.43
N SER A 26 -33.18 -16.37 -2.88
CA SER A 26 -34.20 -15.84 -1.98
C SER A 26 -33.54 -15.35 -0.72
N SER A 27 -32.46 -16.03 -0.32
CA SER A 27 -31.72 -15.65 0.88
C SER A 27 -30.86 -14.43 0.61
N PHE A 28 -30.51 -14.22 -0.67
CA PHE A 28 -29.70 -13.06 -1.07
C PHE A 28 -30.58 -11.83 -1.06
N ARG A 29 -31.84 -12.03 -1.43
CA ARG A 29 -32.85 -10.97 -1.50
C ARG A 29 -33.18 -10.43 -0.14
N ASP A 30 -33.51 -11.37 0.74
CA ASP A 30 -33.92 -11.12 2.10
C ASP A 30 -32.84 -10.46 2.95
N ASN A 31 -31.62 -10.98 2.80
CA ASN A 31 -30.43 -10.52 3.52
C ASN A 31 -29.94 -9.16 3.02
N MET A 32 -30.16 -8.91 1.74
CA MET A 32 -29.73 -7.65 1.17
C MET A 32 -30.71 -6.56 1.58
N LYS A 33 -31.97 -6.95 1.78
CA LYS A 33 -32.99 -5.99 2.16
C LYS A 33 -32.67 -5.34 3.51
N LYS A 34 -31.97 -6.10 4.35
CA LYS A 34 -31.60 -5.66 5.68
C LYS A 34 -30.43 -4.70 5.68
N VAL A 35 -29.40 -5.01 4.91
CA VAL A 35 -28.20 -4.18 4.84
C VAL A 35 -28.33 -2.95 3.95
N LEU A 36 -28.96 -3.15 2.80
CA LEU A 36 -29.11 -2.06 1.85
C LEU A 36 -30.57 -1.80 1.51
N PRO A 37 -31.29 -1.10 2.40
CA PRO A 37 -32.70 -0.75 2.29
C PRO A 37 -32.99 0.61 1.70
N ALA A 38 -31.97 1.46 1.71
CA ALA A 38 -32.10 2.77 1.15
C ALA A 38 -30.82 2.91 0.35
N GLY A 39 -30.91 3.46 -0.87
CA GLY A 39 -29.72 3.56 -1.70
C GLY A 39 -29.40 2.15 -2.16
N GLY A 40 -30.45 1.42 -2.55
CA GLY A 40 -30.29 0.04 -3.01
C GLY A 40 -31.60 -0.66 -3.36
N PRO A 41 -31.71 -1.24 -4.57
CA PRO A 41 -32.90 -1.95 -5.04
C PRO A 41 -32.96 -3.42 -4.59
N ALA A 42 -34.17 -3.97 -4.54
CA ALA A 42 -34.37 -5.35 -4.13
C ALA A 42 -33.93 -6.33 -5.22
N VAL A 43 -34.08 -7.62 -4.94
CA VAL A 43 -33.72 -8.66 -5.89
C VAL A 43 -34.93 -9.57 -6.04
N THR A 44 -35.13 -10.13 -7.23
CA THR A 44 -36.24 -11.06 -7.43
C THR A 44 -35.69 -12.22 -8.25
N CYS A 45 -36.08 -13.44 -7.88
CA CYS A 45 -35.56 -14.60 -8.57
C CYS A 45 -36.46 -15.12 -9.65
N VAL A 46 -36.01 -14.96 -10.88
CA VAL A 46 -36.72 -15.42 -12.06
C VAL A 46 -36.00 -16.67 -12.54
N ARG A 47 -36.75 -17.75 -12.67
CA ARG A 47 -36.17 -19.02 -13.10
C ARG A 47 -36.24 -19.16 -14.62
N LYS A 48 -35.30 -19.95 -15.14
CA LYS A 48 -35.21 -20.25 -16.56
C LYS A 48 -34.53 -21.64 -16.68
N MET A 49 -34.74 -22.32 -17.81
CA MET A 49 -34.17 -23.66 -17.98
C MET A 49 -32.64 -23.70 -17.93
N SER A 50 -31.98 -22.80 -18.65
CA SER A 50 -30.52 -22.77 -18.68
C SER A 50 -29.91 -21.39 -18.86
N HIS A 51 -28.59 -21.28 -18.67
CA HIS A 51 -27.87 -20.02 -18.82
C HIS A 51 -28.02 -19.40 -20.20
N PRO A 52 -28.05 -20.24 -21.25
CA PRO A 52 -28.20 -19.77 -22.62
C PRO A 52 -29.60 -19.19 -22.81
N GLU A 53 -30.50 -19.63 -21.95
CA GLU A 53 -31.87 -19.13 -21.99
C GLU A 53 -31.82 -17.79 -21.22
N CYS A 54 -30.94 -17.74 -20.21
CA CYS A 54 -30.74 -16.54 -19.40
C CYS A 54 -30.16 -15.40 -20.21
N ILE A 55 -29.22 -15.72 -21.10
CA ILE A 55 -28.60 -14.70 -21.94
C ILE A 55 -29.66 -14.11 -22.86
N ARG A 56 -30.39 -15.02 -23.51
CA ARG A 56 -31.47 -14.65 -24.44
C ARG A 56 -32.50 -13.70 -23.79
N ASP A 57 -33.12 -14.16 -22.69
CA ASP A 57 -34.13 -13.37 -22.00
C ASP A 57 -33.70 -12.05 -21.38
N ILE A 58 -32.40 -11.90 -21.12
CA ILE A 58 -31.88 -10.65 -20.56
C ILE A 58 -31.88 -9.62 -21.68
N SER A 59 -31.75 -10.13 -22.91
CA SER A 59 -31.77 -9.29 -24.11
C SER A 59 -33.22 -8.94 -24.40
N ALA A 60 -34.15 -9.84 -24.05
CA ALA A 60 -35.58 -9.64 -24.28
C ALA A 60 -36.27 -8.80 -23.22
N ASN A 61 -35.53 -8.44 -22.17
CA ASN A 61 -36.00 -7.65 -21.04
C ASN A 61 -36.80 -8.48 -20.02
N LYS A 62 -36.55 -9.78 -20.02
CA LYS A 62 -37.25 -10.66 -19.11
C LYS A 62 -36.46 -10.79 -17.80
N VAL A 63 -35.15 -10.74 -17.87
CA VAL A 63 -34.33 -10.80 -16.67
C VAL A 63 -33.41 -9.57 -16.77
N ASP A 64 -32.54 -9.41 -15.77
CA ASP A 64 -31.62 -8.27 -15.72
C ASP A 64 -30.15 -8.66 -15.64
N ALA A 65 -29.84 -9.71 -14.85
CA ALA A 65 -28.47 -10.16 -14.67
C ALA A 65 -28.34 -11.63 -14.29
N VAL A 66 -27.21 -12.20 -14.67
CA VAL A 66 -26.90 -13.59 -14.41
C VAL A 66 -25.38 -13.61 -14.47
N THR A 67 -24.72 -14.57 -13.83
CA THR A 67 -23.25 -14.70 -13.88
C THR A 67 -22.91 -15.89 -14.77
N VAL A 68 -22.44 -15.61 -15.97
CA VAL A 68 -22.07 -16.64 -16.93
C VAL A 68 -20.60 -16.65 -17.42
N ASP A 69 -20.30 -17.67 -18.23
CA ASP A 69 -19.03 -17.87 -18.89
C ASP A 69 -19.22 -16.95 -20.12
N GLY A 70 -18.44 -15.88 -20.23
CA GLY A 70 -18.59 -14.97 -21.37
C GLY A 70 -18.66 -15.59 -22.75
N ALA A 71 -18.21 -16.85 -22.90
CA ALA A 71 -18.22 -17.56 -24.16
C ALA A 71 -19.66 -17.71 -24.61
N LEU A 72 -20.56 -17.89 -23.64
CA LEU A 72 -21.98 -18.00 -23.89
C LEU A 72 -22.50 -16.63 -24.34
N VAL A 73 -21.94 -15.56 -23.78
CA VAL A 73 -22.34 -14.20 -24.14
C VAL A 73 -21.66 -13.80 -25.46
N ALA A 74 -21.14 -14.81 -26.16
CA ALA A 74 -20.47 -14.61 -27.45
C ALA A 74 -21.49 -14.68 -28.60
N GLU A 75 -22.75 -14.90 -28.24
CA GLU A 75 -23.84 -14.97 -29.21
C GLU A 75 -24.60 -13.70 -28.91
N ALA A 76 -23.90 -12.57 -28.89
CA ALA A 76 -24.51 -11.30 -28.53
C ALA A 76 -24.09 -10.06 -29.30
N ASP A 77 -23.48 -10.25 -30.47
CA ASP A 77 -23.03 -9.11 -31.29
C ASP A 77 -23.92 -8.99 -32.52
N LEU A 78 -25.16 -9.46 -32.35
CA LEU A 78 -26.20 -9.46 -33.38
C LEU A 78 -27.42 -8.71 -32.79
N PRO A 79 -28.53 -8.58 -33.57
CA PRO A 79 -29.73 -7.89 -33.09
C PRO A 79 -30.63 -8.71 -32.15
N HIS A 80 -30.87 -8.13 -30.96
CA HIS A 80 -31.69 -8.74 -29.91
C HIS A 80 -30.75 -9.59 -29.06
N HIS A 81 -29.45 -9.47 -29.36
CA HIS A 81 -28.44 -10.24 -28.65
C HIS A 81 -27.35 -9.37 -28.00
N SER A 82 -27.46 -8.03 -28.07
CA SER A 82 -26.44 -7.15 -27.48
C SER A 82 -26.42 -7.03 -25.96
N LEU A 83 -25.33 -7.53 -25.37
CA LEU A 83 -25.10 -7.54 -23.92
C LEU A 83 -23.62 -7.31 -23.66
N LYS A 84 -23.30 -6.75 -22.50
CA LYS A 84 -21.91 -6.50 -22.16
C LYS A 84 -21.67 -6.81 -20.69
N PRO A 85 -20.44 -7.29 -20.34
CA PRO A 85 -20.09 -7.63 -18.96
C PRO A 85 -19.90 -6.36 -18.09
N ILE A 86 -20.53 -6.34 -16.91
CA ILE A 86 -20.44 -5.19 -16.00
C ILE A 86 -19.68 -5.45 -14.68
N MET A 87 -19.61 -6.71 -14.27
CA MET A 87 -18.89 -7.06 -13.05
C MET A 87 -18.03 -8.26 -13.42
N ALA A 88 -16.87 -8.40 -12.79
CA ALA A 88 -15.98 -9.53 -13.08
C ALA A 88 -15.53 -10.25 -11.82
N GLU A 89 -15.60 -11.58 -11.85
CA GLU A 89 -15.19 -12.38 -10.69
C GLU A 89 -13.68 -12.42 -10.50
N TYR A 90 -13.25 -12.62 -9.25
CA TYR A 90 -11.82 -12.81 -8.95
C TYR A 90 -11.55 -13.89 -7.89
N TYR A 91 -10.35 -14.47 -7.94
CA TYR A 91 -9.92 -15.51 -7.03
C TYR A 91 -8.64 -15.08 -6.34
N GLY A 92 -8.46 -15.56 -5.12
CA GLY A 92 -7.27 -15.25 -4.33
C GLY A 92 -7.50 -14.40 -3.12
N SER A 93 -7.28 -13.11 -3.28
CA SER A 93 -7.46 -12.18 -2.19
C SER A 93 -7.89 -10.86 -2.82
N LYS A 94 -7.97 -9.82 -2.00
CA LYS A 94 -8.37 -8.50 -2.48
C LYS A 94 -7.17 -7.69 -3.00
N ASP A 95 -6.00 -7.88 -2.39
CA ASP A 95 -4.79 -7.17 -2.81
C ASP A 95 -4.37 -7.66 -4.19
N ASP A 96 -4.43 -8.98 -4.38
CA ASP A 96 -4.07 -9.62 -5.65
C ASP A 96 -5.27 -10.25 -6.37
N PRO A 97 -5.94 -9.47 -7.23
CA PRO A 97 -7.10 -9.99 -7.96
C PRO A 97 -6.70 -10.89 -9.13
N LYS A 98 -7.15 -12.14 -9.10
CA LYS A 98 -6.85 -13.07 -10.18
C LYS A 98 -8.09 -13.21 -11.06
N THR A 99 -8.10 -12.53 -12.22
CA THR A 99 -9.23 -12.57 -13.14
C THR A 99 -9.07 -13.52 -14.34
N HIS A 100 -8.82 -14.78 -14.03
CA HIS A 100 -8.63 -15.82 -15.01
C HIS A 100 -8.61 -17.18 -14.30
N TYR A 101 -8.65 -18.25 -15.09
CA TYR A 101 -8.59 -19.62 -14.59
C TYR A 101 -8.19 -20.52 -15.74
N TYR A 102 -7.25 -21.42 -15.48
CA TYR A 102 -6.76 -22.32 -16.52
C TYR A 102 -7.71 -23.46 -16.94
N VAL A 103 -7.70 -23.76 -18.23
CA VAL A 103 -8.49 -24.85 -18.82
C VAL A 103 -7.50 -25.99 -18.98
N VAL A 104 -7.76 -27.09 -18.29
CA VAL A 104 -6.87 -28.24 -18.33
C VAL A 104 -7.64 -29.50 -18.68
N ALA A 105 -6.92 -30.52 -19.15
CA ALA A 105 -7.54 -31.80 -19.46
C ALA A 105 -7.17 -32.76 -18.32
N MET A 106 -8.17 -33.46 -17.79
CA MET A 106 -7.98 -34.39 -16.68
C MET A 106 -8.09 -35.86 -17.13
N ALA A 107 -7.30 -36.73 -16.50
CA ALA A 107 -7.31 -38.17 -16.81
C ALA A 107 -6.69 -39.02 -15.69
N LYS A 108 -7.12 -40.27 -15.60
CA LYS A 108 -6.61 -41.16 -14.57
C LYS A 108 -5.15 -41.52 -14.88
N LYS A 109 -4.38 -41.81 -13.83
CA LYS A 109 -2.98 -42.19 -14.00
C LYS A 109 -2.92 -43.70 -14.31
N GLY A 110 -2.37 -44.03 -15.49
CA GLY A 110 -2.29 -45.42 -15.89
C GLY A 110 -2.72 -45.57 -17.34
N THR A 111 -3.82 -44.93 -17.71
CA THR A 111 -4.27 -45.02 -19.09
C THR A 111 -3.15 -44.39 -19.89
N GLY A 112 -2.41 -43.48 -19.25
CA GLY A 112 -1.29 -42.80 -19.86
C GLY A 112 -1.47 -42.17 -21.24
N PHE A 113 -2.54 -41.39 -21.44
CA PHE A 113 -2.80 -40.75 -22.74
C PHE A 113 -2.17 -39.34 -22.83
N GLN A 114 -1.66 -38.97 -24.01
CA GLN A 114 -1.03 -37.66 -24.21
C GLN A 114 -1.85 -36.71 -25.06
N LEU A 115 -1.40 -35.46 -25.15
CA LEU A 115 -2.10 -34.44 -25.93
C LEU A 115 -2.70 -34.97 -27.23
N ASN A 116 -1.85 -35.56 -28.08
CA ASN A 116 -2.29 -36.11 -29.37
C ASN A 116 -3.13 -37.36 -29.24
N GLN A 117 -2.99 -38.05 -28.11
CA GLN A 117 -3.73 -39.27 -27.84
C GLN A 117 -5.17 -38.99 -27.42
N LEU A 118 -5.78 -37.95 -28.00
CA LEU A 118 -7.16 -37.57 -27.67
C LEU A 118 -8.10 -37.95 -28.80
N ARG A 119 -7.54 -38.64 -29.79
CA ARG A 119 -8.30 -39.06 -30.97
C ARG A 119 -9.51 -39.94 -30.62
N GLY A 120 -10.68 -39.49 -31.07
CA GLY A 120 -11.94 -40.20 -30.85
C GLY A 120 -12.10 -41.18 -29.69
N LYS A 121 -12.06 -40.69 -28.45
CA LYS A 121 -12.22 -41.56 -27.30
C LYS A 121 -13.38 -41.13 -26.41
N LYS A 122 -13.41 -41.64 -25.18
CA LYS A 122 -14.47 -41.31 -24.21
C LYS A 122 -14.10 -40.05 -23.44
N SER A 123 -14.71 -38.93 -23.83
CA SER A 123 -14.44 -37.64 -23.22
C SER A 123 -15.67 -36.95 -22.64
N CYS A 124 -15.47 -36.18 -21.58
CA CYS A 124 -16.55 -35.44 -20.95
C CYS A 124 -16.28 -33.93 -20.96
N HIS A 125 -17.31 -33.20 -21.37
CA HIS A 125 -17.24 -31.75 -21.48
C HIS A 125 -18.18 -31.06 -20.49
N THR A 126 -17.80 -29.84 -20.07
CA THR A 126 -18.63 -29.05 -19.15
C THR A 126 -19.95 -28.65 -19.82
N GLY A 127 -19.92 -28.48 -21.14
CA GLY A 127 -21.13 -28.12 -21.85
C GLY A 127 -20.89 -27.49 -23.20
N LEU A 128 -21.93 -27.48 -24.02
CA LEU A 128 -21.88 -26.92 -25.36
C LEU A 128 -21.95 -25.39 -25.31
N GLY A 129 -20.93 -24.72 -25.85
CA GLY A 129 -20.90 -23.27 -25.84
C GLY A 129 -20.07 -22.70 -24.70
N TRP A 130 -19.55 -23.60 -23.87
CA TRP A 130 -18.74 -23.21 -22.74
C TRP A 130 -17.30 -23.18 -23.19
N SER A 131 -16.57 -22.14 -22.80
CA SER A 131 -15.16 -22.00 -23.17
C SER A 131 -14.30 -22.94 -22.35
N ALA A 132 -14.74 -23.21 -21.13
CA ALA A 132 -13.98 -24.12 -20.25
C ALA A 132 -13.86 -25.51 -20.87
N GLY A 133 -14.95 -26.04 -21.41
CA GLY A 133 -14.89 -27.38 -21.99
C GLY A 133 -15.33 -27.61 -23.42
N TRP A 134 -15.66 -26.54 -24.15
CA TRP A 134 -16.08 -26.71 -25.53
C TRP A 134 -15.15 -26.00 -26.50
N TYR A 135 -15.01 -24.70 -26.31
CA TYR A 135 -14.20 -23.84 -27.17
C TYR A 135 -12.69 -24.00 -27.03
N VAL A 136 -12.18 -24.04 -25.81
CA VAL A 136 -10.73 -24.19 -25.63
C VAL A 136 -10.22 -25.57 -26.05
N PRO A 137 -10.90 -26.65 -25.62
CA PRO A 137 -10.46 -27.99 -26.02
C PRO A 137 -10.41 -28.15 -27.55
N LEU A 138 -11.45 -27.67 -28.22
CA LEU A 138 -11.55 -27.75 -29.68
C LEU A 138 -10.50 -26.91 -30.45
N SER A 139 -9.96 -25.86 -29.82
CA SER A 139 -8.95 -25.02 -30.47
C SER A 139 -7.58 -25.68 -30.33
N THR A 140 -7.43 -26.54 -29.33
CA THR A 140 -6.18 -27.25 -29.09
C THR A 140 -5.90 -28.14 -30.29
N LEU A 141 -6.94 -28.82 -30.77
CA LEU A 141 -6.84 -29.69 -31.94
C LEU A 141 -7.84 -29.19 -32.99
N LEU A 142 -7.48 -28.12 -33.70
CA LEU A 142 -8.33 -27.51 -34.72
C LEU A 142 -8.60 -28.41 -35.92
N PRO A 143 -9.86 -28.80 -36.11
CA PRO A 143 -10.32 -29.66 -37.21
C PRO A 143 -10.34 -28.97 -38.56
N SER A 144 -10.41 -29.78 -39.61
CA SER A 144 -10.44 -29.30 -41.00
C SER A 144 -11.84 -28.77 -41.36
N GLY A 145 -11.98 -27.44 -41.29
CA GLY A 145 -13.25 -26.81 -41.59
C GLY A 145 -13.76 -26.21 -40.31
N SER A 146 -13.15 -26.63 -39.20
CA SER A 146 -13.51 -26.17 -37.86
C SER A 146 -15.04 -26.01 -37.71
N ARG A 147 -15.69 -27.09 -37.28
CA ARG A 147 -17.14 -27.10 -37.07
C ARG A 147 -17.46 -27.67 -35.68
N GLU A 148 -18.67 -27.41 -35.17
CA GLU A 148 -19.05 -27.92 -33.86
C GLU A 148 -19.76 -29.28 -33.95
N THR A 149 -20.37 -29.53 -35.10
CA THR A 149 -21.08 -30.80 -35.34
C THR A 149 -20.07 -31.84 -35.86
N ALA A 150 -18.87 -31.35 -36.19
CA ALA A 150 -17.77 -32.16 -36.71
C ALA A 150 -17.12 -32.95 -35.59
N ALA A 151 -17.15 -32.39 -34.38
CA ALA A 151 -16.55 -33.03 -33.23
C ALA A 151 -17.46 -34.17 -32.75
N ALA A 152 -18.67 -34.23 -33.31
CA ALA A 152 -19.66 -35.26 -32.97
C ALA A 152 -19.43 -36.59 -33.70
N THR A 153 -18.72 -36.53 -34.82
CA THR A 153 -18.42 -37.72 -35.59
C THR A 153 -16.99 -38.13 -35.29
N PHE A 154 -16.16 -37.13 -34.96
CA PHE A 154 -14.75 -37.36 -34.62
C PHE A 154 -14.67 -38.20 -33.35
N PHE A 155 -15.36 -37.77 -32.31
CA PHE A 155 -15.39 -38.50 -31.05
C PHE A 155 -16.46 -39.58 -31.16
N SER A 156 -16.13 -40.79 -30.74
CA SER A 156 -17.07 -41.90 -30.82
C SER A 156 -18.32 -41.63 -29.97
N SER A 157 -18.10 -41.39 -28.68
CA SER A 157 -19.18 -41.11 -27.73
C SER A 157 -18.65 -40.18 -26.62
N SER A 158 -19.34 -39.06 -26.41
CA SER A 158 -18.94 -38.09 -25.39
C SER A 158 -20.14 -37.50 -24.63
N CYS A 159 -19.86 -36.79 -23.54
CA CYS A 159 -20.92 -36.16 -22.75
C CYS A 159 -20.80 -34.63 -22.76
N VAL A 160 -21.50 -34.04 -23.71
CA VAL A 160 -21.53 -32.59 -23.89
C VAL A 160 -22.97 -32.15 -23.64
N PRO A 161 -23.26 -31.67 -22.43
CA PRO A 161 -24.61 -31.20 -22.08
C PRO A 161 -25.06 -30.06 -23.00
N CYS A 162 -26.35 -29.76 -23.01
CA CYS A 162 -26.91 -28.68 -23.82
C CYS A 162 -27.06 -29.04 -25.29
N ALA A 163 -26.30 -30.03 -25.74
CA ALA A 163 -26.35 -30.47 -27.13
C ALA A 163 -27.65 -31.19 -27.42
N ASP A 164 -28.21 -30.92 -28.60
CA ASP A 164 -29.48 -31.54 -29.05
C ASP A 164 -29.20 -33.00 -29.47
N GLY A 165 -29.58 -33.94 -28.61
CA GLY A 165 -29.33 -35.35 -28.87
C GLY A 165 -30.22 -36.01 -29.91
N LYS A 166 -31.21 -35.27 -30.40
CA LYS A 166 -32.13 -35.78 -31.41
C LYS A 166 -31.37 -36.04 -32.70
N MET A 167 -30.45 -35.14 -33.01
CA MET A 167 -29.65 -35.26 -34.23
C MET A 167 -28.27 -35.89 -33.99
N PHE A 168 -27.71 -35.72 -32.80
CA PHE A 168 -26.39 -36.30 -32.52
C PHE A 168 -26.37 -37.13 -31.24
N PRO A 169 -26.77 -38.40 -31.36
CA PRO A 169 -26.83 -39.38 -30.25
C PRO A 169 -25.47 -39.66 -29.60
N SER A 170 -24.43 -39.78 -30.42
CA SER A 170 -23.10 -40.07 -29.92
C SER A 170 -22.53 -38.93 -29.09
N LEU A 171 -23.23 -37.79 -29.07
CA LEU A 171 -22.77 -36.63 -28.32
C LEU A 171 -23.40 -36.56 -26.93
N CYS A 172 -24.35 -37.46 -26.65
CA CYS A 172 -25.01 -37.49 -25.36
C CYS A 172 -24.98 -38.89 -24.77
N GLN A 173 -24.02 -39.68 -25.21
CA GLN A 173 -23.89 -41.05 -24.74
C GLN A 173 -23.37 -41.24 -23.32
N LEU A 174 -22.28 -40.57 -22.94
CA LEU A 174 -21.74 -40.73 -21.60
C LEU A 174 -22.45 -39.90 -20.51
N CYS A 175 -23.48 -39.16 -20.91
CA CYS A 175 -24.27 -38.31 -20.00
C CYS A 175 -25.36 -39.14 -19.35
N ALA A 176 -25.24 -39.32 -18.04
CA ALA A 176 -26.20 -40.10 -17.30
C ALA A 176 -27.27 -39.27 -16.59
N GLY A 177 -28.38 -39.04 -17.27
CA GLY A 177 -29.47 -38.27 -16.70
C GLY A 177 -30.68 -39.18 -16.60
N LYS A 178 -31.86 -38.63 -16.86
CA LYS A 178 -33.07 -39.42 -16.81
C LYS A 178 -34.03 -39.09 -17.92
N GLY A 179 -33.85 -39.75 -19.07
CA GLY A 179 -34.71 -39.53 -20.22
C GLY A 179 -34.62 -38.14 -20.82
N THR A 180 -35.47 -37.24 -20.33
CA THR A 180 -35.50 -35.85 -20.79
C THR A 180 -34.54 -34.97 -19.99
N ASP A 181 -34.12 -35.46 -18.83
CA ASP A 181 -33.19 -34.76 -17.94
C ASP A 181 -31.73 -35.17 -18.17
N LYS A 182 -31.51 -36.07 -19.13
CA LYS A 182 -30.16 -36.52 -19.45
C LYS A 182 -29.57 -35.54 -20.45
N CYS A 183 -28.28 -35.25 -20.32
CA CYS A 183 -27.59 -34.32 -21.21
C CYS A 183 -28.26 -32.94 -21.14
N ALA A 184 -28.69 -32.57 -19.94
CA ALA A 184 -29.36 -31.30 -19.72
C ALA A 184 -28.36 -30.18 -19.61
N CYS A 185 -28.86 -28.97 -19.82
CA CYS A 185 -28.03 -27.79 -19.77
C CYS A 185 -28.11 -27.12 -18.39
N SER A 186 -28.36 -27.93 -17.37
CA SER A 186 -28.45 -27.44 -15.98
C SER A 186 -28.08 -28.57 -15.04
N SER A 187 -28.29 -28.35 -13.75
CA SER A 187 -27.96 -29.37 -12.75
C SER A 187 -28.76 -30.65 -12.92
N ARG A 188 -29.85 -30.57 -13.68
CA ARG A 188 -30.74 -31.72 -13.92
C ARG A 188 -29.93 -32.88 -14.51
N GLU A 189 -28.82 -32.54 -15.14
CA GLU A 189 -27.94 -33.52 -15.74
C GLU A 189 -26.82 -33.73 -14.73
N PRO A 190 -26.66 -34.95 -14.21
CA PRO A 190 -25.61 -35.23 -13.23
C PRO A 190 -24.24 -34.71 -13.62
N TYR A 191 -23.88 -34.93 -14.88
CA TYR A 191 -22.59 -34.50 -15.42
C TYR A 191 -22.79 -33.18 -16.13
N PHE A 192 -22.59 -32.08 -15.42
CA PHE A 192 -22.74 -30.77 -16.02
C PHE A 192 -21.72 -29.81 -15.41
N GLY A 193 -21.25 -28.83 -16.17
CA GLY A 193 -20.27 -27.89 -15.66
C GLY A 193 -18.94 -28.55 -15.34
N SER A 194 -18.04 -27.80 -14.72
CA SER A 194 -16.73 -28.33 -14.35
C SER A 194 -16.79 -29.30 -13.19
N TRP A 195 -17.93 -29.35 -12.50
CA TRP A 195 -18.07 -30.25 -11.36
C TRP A 195 -18.64 -31.59 -11.82
N GLY A 196 -19.67 -31.54 -12.65
CA GLY A 196 -20.31 -32.75 -13.14
C GLY A 196 -19.52 -33.51 -14.18
N ALA A 197 -18.75 -32.80 -15.01
CA ALA A 197 -17.93 -33.43 -16.05
C ALA A 197 -16.62 -34.02 -15.51
N LEU A 198 -16.23 -33.59 -14.31
CA LEU A 198 -15.02 -34.08 -13.68
C LEU A 198 -15.30 -35.47 -13.11
N LYS A 199 -16.58 -35.72 -12.80
CA LYS A 199 -17.00 -36.99 -12.25
C LYS A 199 -16.81 -38.17 -13.20
N CYS A 200 -16.50 -37.90 -14.46
CA CYS A 200 -16.29 -38.97 -15.42
C CYS A 200 -14.98 -39.69 -15.17
N LEU A 201 -14.17 -39.14 -14.28
CA LEU A 201 -12.90 -39.74 -13.90
C LEU A 201 -13.09 -40.49 -12.60
N GLN A 202 -13.82 -39.84 -11.68
CA GLN A 202 -14.10 -40.43 -10.39
C GLN A 202 -14.89 -41.70 -10.65
N ASP A 203 -15.90 -41.59 -11.51
CA ASP A 203 -16.76 -42.73 -11.85
C ASP A 203 -16.14 -43.59 -12.95
N GLY A 204 -15.52 -42.93 -13.92
CA GLY A 204 -14.90 -43.66 -15.01
C GLY A 204 -15.90 -43.86 -16.12
N THR A 205 -16.40 -42.75 -16.68
CA THR A 205 -17.37 -42.77 -17.77
C THR A 205 -16.63 -42.32 -19.04
N ALA A 206 -15.57 -41.56 -18.84
CA ALA A 206 -14.76 -41.06 -19.93
C ALA A 206 -13.33 -41.02 -19.47
N ASP A 207 -12.41 -41.10 -20.43
CA ASP A 207 -10.99 -41.07 -20.13
C ASP A 207 -10.49 -39.66 -19.83
N VAL A 208 -11.09 -38.67 -20.51
CA VAL A 208 -10.73 -37.26 -20.32
C VAL A 208 -11.94 -36.36 -20.08
N SER A 209 -11.75 -35.39 -19.18
CA SER A 209 -12.76 -34.40 -18.82
C SER A 209 -12.11 -33.02 -18.81
N PHE A 210 -12.44 -32.23 -19.83
CA PHE A 210 -11.90 -30.89 -19.98
C PHE A 210 -12.58 -29.97 -18.98
N VAL A 211 -11.80 -29.52 -17.99
CA VAL A 211 -12.34 -28.69 -16.94
C VAL A 211 -11.37 -27.62 -16.47
N LYS A 212 -11.88 -26.67 -15.69
CA LYS A 212 -11.08 -25.58 -15.16
C LYS A 212 -10.30 -26.06 -13.93
N HIS A 213 -9.15 -25.44 -13.68
CA HIS A 213 -8.28 -25.82 -12.57
C HIS A 213 -8.88 -25.59 -11.18
N LEU A 214 -9.77 -24.62 -11.06
CA LEU A 214 -10.36 -24.31 -9.78
C LEU A 214 -11.38 -25.35 -9.29
N THR A 215 -11.94 -26.15 -10.21
CA THR A 215 -12.91 -27.18 -9.84
C THR A 215 -12.18 -28.47 -9.52
N VAL A 216 -10.93 -28.55 -9.96
CA VAL A 216 -10.11 -29.72 -9.73
C VAL A 216 -9.74 -29.91 -8.27
N PHE A 217 -9.10 -28.92 -7.65
CA PHE A 217 -8.69 -29.05 -6.26
C PHE A 217 -9.79 -28.76 -5.24
N GLU A 218 -10.99 -28.46 -5.74
CA GLU A 218 -12.12 -28.15 -4.87
C GLU A 218 -13.06 -29.35 -4.84
N ALA A 219 -13.09 -30.10 -5.92
CA ALA A 219 -13.93 -31.29 -6.02
C ALA A 219 -13.02 -32.50 -5.94
N MET A 220 -11.84 -32.30 -5.36
CA MET A 220 -10.85 -33.36 -5.22
C MET A 220 -11.19 -34.28 -4.05
N PRO A 221 -11.26 -35.61 -4.30
CA PRO A 221 -11.59 -36.62 -3.28
C PRO A 221 -10.83 -36.46 -1.96
N THR A 222 -9.50 -36.42 -2.04
CA THR A 222 -8.63 -36.25 -0.86
C THR A 222 -7.55 -35.22 -1.19
N LYS A 223 -7.04 -34.55 -0.17
CA LYS A 223 -6.01 -33.54 -0.37
C LYS A 223 -4.79 -34.07 -1.12
N ALA A 224 -4.67 -35.39 -1.23
CA ALA A 224 -3.55 -36.01 -1.92
C ALA A 224 -3.93 -36.78 -3.18
N ASP A 225 -5.21 -36.75 -3.54
CA ASP A 225 -5.68 -37.43 -4.74
C ASP A 225 -5.26 -36.62 -5.97
N ARG A 226 -4.27 -35.73 -5.78
CA ARG A 226 -3.72 -34.89 -6.84
C ARG A 226 -2.61 -35.67 -7.56
N ASP A 227 -2.55 -36.96 -7.22
CA ASP A 227 -1.57 -37.90 -7.75
C ASP A 227 -2.27 -39.04 -8.51
N GLN A 228 -3.59 -39.16 -8.33
CA GLN A 228 -4.37 -40.20 -9.00
C GLN A 228 -4.78 -39.74 -10.39
N TYR A 229 -4.79 -38.44 -10.60
CA TYR A 229 -5.16 -37.88 -11.89
C TYR A 229 -4.08 -36.95 -12.39
N GLU A 230 -3.80 -37.01 -13.68
CA GLU A 230 -2.77 -36.17 -14.27
C GLU A 230 -3.32 -35.29 -15.38
N LEU A 231 -2.53 -34.30 -15.79
CA LEU A 231 -2.91 -33.37 -16.87
C LEU A 231 -2.16 -33.71 -18.15
N LEU A 232 -2.73 -33.31 -19.29
CA LEU A 232 -2.12 -33.53 -20.59
C LEU A 232 -1.66 -32.15 -21.02
N CYS A 233 -0.35 -32.00 -21.28
CA CYS A 233 0.17 -30.71 -21.67
C CYS A 233 0.20 -30.53 -23.18
N MET A 234 0.42 -29.28 -23.61
CA MET A 234 0.48 -28.97 -25.02
C MET A 234 1.74 -29.64 -25.58
N ASP A 235 2.66 -29.96 -24.68
CA ASP A 235 3.92 -30.60 -25.05
C ASP A 235 3.76 -32.12 -25.07
N ASN A 236 2.63 -32.58 -25.61
CA ASN A 236 2.33 -34.00 -25.68
C ASN A 236 2.90 -34.83 -24.56
N THR A 237 3.01 -34.24 -23.37
CA THR A 237 3.54 -34.94 -22.24
C THR A 237 2.51 -34.92 -21.11
N ARG A 238 2.82 -35.55 -19.99
CA ARG A 238 1.92 -35.53 -18.84
C ARG A 238 2.63 -34.80 -17.69
N ARG A 239 1.87 -34.41 -16.67
CA ARG A 239 2.41 -33.68 -15.53
C ARG A 239 1.36 -33.64 -14.42
N PRO A 240 1.80 -33.72 -13.14
CA PRO A 240 0.85 -33.69 -12.02
C PRO A 240 -0.09 -32.49 -12.11
N VAL A 241 -1.33 -32.68 -11.69
CA VAL A 241 -2.30 -31.60 -11.72
C VAL A 241 -1.79 -30.40 -10.91
N GLU A 242 -0.97 -30.68 -9.89
CA GLU A 242 -0.42 -29.66 -9.00
C GLU A 242 0.31 -28.55 -9.78
N GLU A 243 0.77 -28.87 -10.99
CA GLU A 243 1.45 -27.91 -11.84
C GLU A 243 0.62 -27.57 -13.08
N TYR A 244 -0.50 -26.87 -12.86
CA TYR A 244 -1.40 -26.47 -13.95
C TYR A 244 -0.95 -25.18 -14.66
N GLU A 245 0.00 -24.47 -14.07
CA GLU A 245 0.45 -23.21 -14.65
C GLU A 245 1.45 -23.39 -15.78
N GLN A 246 1.90 -24.62 -15.96
CA GLN A 246 2.86 -24.93 -17.02
C GLN A 246 2.44 -26.17 -17.80
N CYS A 247 1.15 -26.49 -17.71
CA CYS A 247 0.55 -27.65 -18.40
C CYS A 247 -0.96 -27.39 -18.50
N TYR A 248 -1.33 -26.36 -19.25
CA TYR A 248 -2.74 -25.98 -19.42
C TYR A 248 -3.08 -25.82 -20.89
N LEU A 249 -4.35 -26.03 -21.27
CA LEU A 249 -4.75 -25.88 -22.67
C LEU A 249 -4.80 -24.42 -23.07
N ALA A 250 -5.48 -23.61 -22.28
CA ALA A 250 -5.59 -22.18 -22.54
C ALA A 250 -6.08 -21.54 -21.26
N ARG A 251 -5.71 -20.28 -21.04
CA ARG A 251 -6.14 -19.56 -19.83
C ARG A 251 -7.19 -18.51 -20.17
N VAL A 252 -8.44 -18.87 -19.89
CA VAL A 252 -9.60 -18.04 -20.17
C VAL A 252 -10.00 -17.10 -19.02
N PRO A 253 -10.69 -15.98 -19.33
CA PRO A 253 -11.15 -15.00 -18.35
C PRO A 253 -12.13 -15.59 -17.33
N SER A 254 -12.54 -14.75 -16.39
CA SER A 254 -13.48 -15.16 -15.37
C SER A 254 -14.92 -14.98 -15.82
N HIS A 255 -15.84 -15.52 -15.03
CA HIS A 255 -17.23 -15.36 -15.35
C HIS A 255 -17.57 -13.89 -15.11
N VAL A 256 -18.58 -13.41 -15.80
CA VAL A 256 -18.98 -12.05 -15.62
C VAL A 256 -20.47 -11.98 -15.44
N VAL A 257 -20.90 -10.92 -14.74
CA VAL A 257 -22.31 -10.61 -14.55
C VAL A 257 -22.64 -9.76 -15.80
N VAL A 258 -23.62 -10.19 -16.58
CA VAL A 258 -24.02 -9.48 -17.81
C VAL A 258 -25.32 -8.71 -17.64
N ALA A 259 -25.53 -7.73 -18.49
CA ALA A 259 -26.74 -6.92 -18.45
C ALA A 259 -26.79 -6.19 -19.79
N ARG A 260 -27.94 -5.62 -20.14
CA ARG A 260 -28.04 -4.89 -21.39
C ARG A 260 -27.12 -3.68 -21.48
N SER A 261 -26.32 -3.64 -22.54
CA SER A 261 -25.38 -2.56 -22.79
C SER A 261 -26.04 -1.18 -22.64
N VAL A 262 -27.23 -1.06 -23.21
CA VAL A 262 -28.00 0.19 -23.16
C VAL A 262 -29.29 -0.04 -22.40
N ASP A 263 -29.50 0.69 -21.32
CA ASP A 263 -30.70 0.53 -20.53
C ASP A 263 -30.84 -0.91 -20.03
N GLY A 264 -30.00 -1.30 -19.06
CA GLY A 264 -30.03 -2.65 -18.51
C GLY A 264 -29.87 -2.74 -17.00
N LYS A 265 -30.04 -1.61 -16.29
CA LYS A 265 -29.95 -1.50 -14.83
C LYS A 265 -28.53 -1.62 -14.26
N GLU A 266 -27.57 -1.14 -15.04
CA GLU A 266 -26.14 -1.21 -14.71
C GLU A 266 -25.77 -0.71 -13.34
N ASP A 267 -26.11 0.54 -13.06
CA ASP A 267 -25.76 1.14 -11.78
C ASP A 267 -26.47 0.47 -10.64
N SER A 268 -27.59 -0.18 -10.95
CA SER A 268 -28.33 -0.86 -9.91
C SER A 268 -27.59 -2.12 -9.47
N ILE A 269 -27.12 -2.90 -10.45
CA ILE A 269 -26.40 -4.15 -10.19
C ILE A 269 -24.99 -3.87 -9.62
N GLN A 270 -24.47 -2.67 -9.90
CA GLN A 270 -23.13 -2.32 -9.40
C GLN A 270 -23.22 -2.00 -7.92
N GLU A 271 -24.28 -1.30 -7.54
CA GLU A 271 -24.49 -0.92 -6.15
C GLU A 271 -24.91 -2.12 -5.29
N LEU A 272 -25.72 -3.00 -5.86
CA LEU A 272 -26.16 -4.18 -5.13
C LEU A 272 -24.93 -5.03 -4.76
N LEU A 273 -24.11 -5.36 -5.76
CA LEU A 273 -22.94 -6.18 -5.55
C LEU A 273 -21.82 -5.53 -4.76
N ARG A 274 -21.88 -4.21 -4.60
CA ARG A 274 -20.85 -3.48 -3.84
C ARG A 274 -21.04 -3.73 -2.33
N VAL A 275 -22.29 -3.67 -1.88
CA VAL A 275 -22.64 -3.86 -0.49
C VAL A 275 -22.70 -5.36 -0.18
N ALA A 276 -23.24 -6.13 -1.11
CA ALA A 276 -23.34 -7.58 -0.93
C ALA A 276 -21.99 -8.17 -0.65
N GLN A 277 -20.95 -7.47 -1.09
CA GLN A 277 -19.59 -7.95 -0.88
C GLN A 277 -19.00 -7.21 0.33
N GLU A 278 -19.78 -6.29 0.89
CA GLU A 278 -19.37 -5.52 2.07
C GLU A 278 -19.78 -6.32 3.30
N HIS A 279 -20.99 -6.87 3.24
CA HIS A 279 -21.56 -7.64 4.33
C HIS A 279 -21.49 -9.16 4.16
N PHE A 280 -21.57 -9.64 2.94
CA PHE A 280 -21.56 -11.08 2.68
C PHE A 280 -20.42 -11.53 1.77
N GLY A 281 -19.29 -10.85 1.87
CA GLY A 281 -18.14 -11.20 1.05
C GLY A 281 -17.58 -12.57 1.36
N LYS A 282 -16.26 -12.64 1.56
CA LYS A 282 -15.60 -13.90 1.88
C LYS A 282 -15.54 -14.07 3.40
N ASP A 283 -16.54 -14.79 3.91
CA ASP A 283 -16.73 -15.09 5.33
C ASP A 283 -16.34 -13.97 6.32
N LYS A 284 -16.91 -12.80 6.11
CA LYS A 284 -16.66 -11.67 6.97
C LYS A 284 -17.52 -11.83 8.23
N SER A 285 -18.78 -12.21 8.03
CA SER A 285 -19.71 -12.42 9.13
C SER A 285 -19.77 -13.91 9.40
N SER A 286 -20.88 -14.53 9.03
CA SER A 286 -21.03 -15.95 9.25
C SER A 286 -22.29 -16.58 8.59
N PRO A 287 -23.49 -16.00 8.82
CA PRO A 287 -24.78 -16.50 8.27
C PRO A 287 -24.88 -16.90 6.79
N PHE A 288 -25.04 -15.90 5.93
CA PHE A 288 -25.18 -16.08 4.49
C PHE A 288 -23.87 -15.77 3.75
N GLN A 289 -23.40 -16.77 3.00
CA GLN A 289 -22.17 -16.67 2.22
C GLN A 289 -22.51 -16.48 0.74
N LEU A 290 -22.02 -15.39 0.16
CA LEU A 290 -22.30 -15.09 -1.24
C LEU A 290 -21.58 -16.05 -2.14
N PHE A 291 -20.34 -16.37 -1.79
CA PHE A 291 -19.49 -17.26 -2.57
C PHE A 291 -19.33 -18.70 -2.00
N GLY A 292 -20.12 -19.03 -0.99
CA GLY A 292 -20.08 -20.35 -0.37
C GLY A 292 -21.44 -20.99 -0.48
N SER A 293 -21.68 -21.61 -1.63
CA SER A 293 -22.94 -22.28 -1.91
C SER A 293 -23.20 -23.55 -1.08
N PRO A 294 -24.41 -23.65 -0.47
CA PRO A 294 -24.84 -24.77 0.36
C PRO A 294 -25.05 -26.07 -0.43
N HIS A 295 -26.29 -26.31 -0.83
CA HIS A 295 -26.63 -27.52 -1.59
C HIS A 295 -25.83 -27.74 -2.89
N GLY A 296 -26.30 -27.16 -4.00
CA GLY A 296 -25.59 -27.32 -5.25
C GLY A 296 -24.19 -26.72 -5.25
N GLU A 297 -23.53 -26.76 -6.40
CA GLU A 297 -22.19 -26.20 -6.53
C GLU A 297 -22.19 -25.05 -7.54
N ASP A 298 -21.56 -23.93 -7.14
CA ASP A 298 -21.46 -22.72 -7.95
C ASP A 298 -22.83 -22.08 -8.15
N LEU A 299 -23.57 -21.94 -7.04
CA LEU A 299 -24.89 -21.35 -7.05
C LEU A 299 -24.77 -19.83 -7.14
N LEU A 300 -25.39 -19.26 -8.18
CA LEU A 300 -25.36 -17.82 -8.42
C LEU A 300 -23.97 -17.33 -8.84
N PHE A 301 -22.93 -17.84 -8.18
CA PHE A 301 -21.54 -17.47 -8.50
C PHE A 301 -20.60 -18.72 -8.37
N THR A 302 -19.40 -18.64 -8.95
CA THR A 302 -18.44 -19.73 -8.84
C THR A 302 -18.06 -19.80 -7.37
N ASP A 303 -18.24 -20.97 -6.77
CA ASP A 303 -17.95 -21.17 -5.36
C ASP A 303 -16.56 -20.71 -4.94
N ALA A 304 -15.61 -20.82 -5.87
CA ALA A 304 -14.22 -20.47 -5.68
C ALA A 304 -13.84 -18.98 -5.69
N ALA A 305 -14.75 -18.11 -6.15
CA ALA A 305 -14.44 -16.67 -6.19
C ALA A 305 -14.34 -16.04 -4.81
N HIS A 306 -13.65 -14.93 -4.74
CA HIS A 306 -13.46 -14.20 -3.50
C HIS A 306 -14.14 -12.85 -3.56
N GLY A 307 -14.52 -12.48 -4.76
CA GLY A 307 -15.19 -11.21 -4.93
C GLY A 307 -15.53 -10.97 -6.38
N LEU A 308 -15.91 -9.73 -6.65
CA LEU A 308 -16.26 -9.27 -7.98
C LEU A 308 -15.75 -7.84 -8.10
N LEU A 309 -15.17 -7.51 -9.25
CA LEU A 309 -14.70 -6.16 -9.49
C LEU A 309 -15.38 -5.60 -10.73
N ARG A 310 -15.68 -4.31 -10.71
CA ARG A 310 -16.37 -3.71 -11.84
C ARG A 310 -15.48 -3.50 -13.07
N VAL A 311 -15.89 -4.08 -14.19
CA VAL A 311 -15.12 -3.94 -15.43
C VAL A 311 -15.16 -2.48 -15.88
N PRO A 312 -14.07 -2.01 -16.50
CA PRO A 312 -13.98 -0.64 -16.99
C PRO A 312 -15.05 -0.21 -18.05
N ARG A 313 -15.01 1.06 -18.40
CA ARG A 313 -15.93 1.66 -19.37
C ARG A 313 -16.04 0.97 -20.72
N LYS A 314 -15.09 1.31 -21.59
CA LYS A 314 -14.99 0.85 -22.98
C LYS A 314 -14.54 -0.60 -23.16
N ILE A 315 -15.08 -1.52 -22.38
CA ILE A 315 -14.71 -2.92 -22.50
C ILE A 315 -15.96 -3.77 -22.78
N ASP A 316 -16.02 -4.28 -24.01
CA ASP A 316 -17.15 -5.09 -24.44
C ASP A 316 -16.79 -6.58 -24.35
N ILE A 317 -17.73 -7.41 -24.77
CA ILE A 317 -17.53 -8.84 -24.72
C ILE A 317 -16.38 -9.24 -25.64
N SER A 318 -16.04 -8.39 -26.60
CA SER A 318 -14.94 -8.70 -27.53
C SER A 318 -13.60 -8.32 -26.95
N LEU A 319 -13.58 -7.28 -26.12
CA LEU A 319 -12.36 -6.82 -25.49
C LEU A 319 -12.03 -7.76 -24.35
N TYR A 320 -13.05 -8.13 -23.58
CA TYR A 320 -12.91 -9.03 -22.47
C TYR A 320 -12.34 -10.38 -22.89
N LEU A 321 -13.05 -11.06 -23.81
CA LEU A 321 -12.68 -12.38 -24.35
C LEU A 321 -11.37 -12.44 -25.12
N GLY A 322 -10.99 -11.34 -25.77
CA GLY A 322 -9.73 -11.29 -26.51
C GLY A 322 -9.76 -11.80 -27.94
N TYR A 323 -9.05 -11.12 -28.85
CA TYR A 323 -9.00 -11.49 -30.27
C TYR A 323 -8.46 -12.92 -30.45
N GLU A 324 -7.61 -13.33 -29.52
CA GLU A 324 -7.03 -14.66 -29.57
C GLU A 324 -8.14 -15.70 -29.52
N PHE A 325 -8.95 -15.64 -28.47
CA PHE A 325 -10.08 -16.55 -28.25
C PHE A 325 -11.06 -16.52 -29.42
N LEU A 326 -11.48 -15.31 -29.79
CA LEU A 326 -12.43 -15.06 -30.85
C LEU A 326 -11.98 -15.34 -32.29
N SER A 327 -10.69 -15.35 -32.56
CA SER A 327 -10.28 -15.65 -33.93
C SER A 327 -10.71 -17.10 -34.13
N ALA A 328 -10.43 -17.91 -33.11
CA ALA A 328 -10.75 -19.33 -33.10
C ALA A 328 -12.26 -19.59 -32.99
N PHE A 329 -12.97 -18.66 -32.36
CA PHE A 329 -14.42 -18.77 -32.17
C PHE A 329 -15.22 -18.42 -33.45
N ARG A 330 -14.62 -17.65 -34.35
CA ARG A 330 -15.25 -17.23 -35.60
C ARG A 330 -15.10 -18.24 -36.73
N ASN A 331 -14.15 -19.16 -36.58
CA ASN A 331 -13.91 -20.20 -37.58
C ASN A 331 -14.64 -21.50 -37.22
N LEU A 332 -14.98 -21.64 -35.95
CA LEU A 332 -15.67 -22.83 -35.44
C LEU A 332 -17.10 -22.98 -35.97
N LYS A 333 -17.81 -21.85 -36.06
CA LYS A 333 -19.19 -21.84 -36.55
C LYS A 333 -19.26 -21.17 -37.94
N ARG A 334 -18.57 -20.03 -38.07
CA ARG A 334 -18.54 -19.33 -39.34
C ARG A 334 -17.18 -19.48 -40.01
N SER A 339 -7.61 -12.88 -46.04
CA SER A 339 -8.10 -11.81 -46.89
C SER A 339 -6.93 -11.12 -47.59
N GLN A 340 -7.26 -10.24 -48.53
CA GLN A 340 -6.25 -9.52 -49.30
C GLN A 340 -6.44 -8.02 -49.18
N ARG A 341 -7.43 -7.61 -48.40
CA ARG A 341 -7.68 -6.18 -48.20
C ARG A 341 -7.24 -5.73 -46.80
N VAL A 342 -6.59 -4.57 -46.73
CA VAL A 342 -6.14 -4.02 -45.45
C VAL A 342 -7.14 -2.95 -45.05
N LYS A 343 -8.02 -3.29 -44.11
CA LYS A 343 -9.03 -2.35 -43.66
C LYS A 343 -8.37 -1.28 -42.81
N TRP A 344 -8.23 -0.09 -43.38
CA TRP A 344 -7.62 1.02 -42.69
C TRP A 344 -8.61 1.72 -41.79
N CYS A 345 -8.22 2.08 -40.56
CA CYS A 345 -9.14 2.81 -39.71
C CYS A 345 -8.85 4.31 -39.87
N ALA A 346 -9.90 5.03 -40.24
CA ALA A 346 -9.83 6.46 -40.46
C ALA A 346 -10.50 7.15 -39.29
N VAL A 347 -9.86 8.16 -38.73
CA VAL A 347 -10.41 8.94 -37.61
C VAL A 347 -11.01 10.26 -38.11
N GLY A 348 -12.33 10.30 -38.21
CA GLY A 348 -13.01 11.48 -38.68
C GLY A 348 -13.60 11.31 -40.05
N GLN A 349 -14.22 12.37 -40.55
CA GLN A 349 -14.84 12.37 -41.88
C GLN A 349 -13.76 12.70 -42.91
N GLN A 350 -12.99 13.75 -42.64
CA GLN A 350 -11.94 14.18 -43.54
C GLN A 350 -10.93 13.09 -43.79
N GLU A 351 -10.71 12.27 -42.78
CA GLU A 351 -9.75 11.18 -42.89
C GLU A 351 -10.37 9.96 -43.59
N ARG A 352 -11.71 9.89 -43.58
CA ARG A 352 -12.43 8.80 -44.23
C ARG A 352 -12.58 9.03 -45.73
N THR A 353 -12.58 10.31 -46.14
CA THR A 353 -12.70 10.65 -47.55
C THR A 353 -11.32 10.50 -48.21
N LYS A 354 -10.25 10.75 -47.45
CA LYS A 354 -8.90 10.60 -48.00
C LYS A 354 -8.54 9.11 -48.07
N CYS A 355 -9.35 8.32 -47.38
CA CYS A 355 -9.15 6.90 -47.36
C CYS A 355 -9.93 6.21 -48.47
N ASP A 356 -11.12 6.72 -48.79
CA ASP A 356 -11.93 6.11 -49.85
C ASP A 356 -11.44 6.39 -51.26
N GLN A 357 -10.64 7.44 -51.40
CA GLN A 357 -10.07 7.80 -52.70
C GLN A 357 -8.82 6.96 -52.83
N TRP A 358 -8.26 6.60 -51.68
CA TRP A 358 -7.07 5.75 -51.60
C TRP A 358 -7.51 4.29 -51.85
N SER A 359 -8.77 3.98 -51.52
CA SER A 359 -9.31 2.63 -51.70
C SER A 359 -9.68 2.40 -53.15
N ALA A 360 -9.96 3.48 -53.86
CA ALA A 360 -10.35 3.42 -55.25
C ALA A 360 -9.14 3.07 -56.09
N VAL A 361 -8.06 3.83 -55.91
CA VAL A 361 -6.83 3.61 -56.68
C VAL A 361 -6.00 2.33 -56.40
N SER A 362 -6.13 1.74 -55.22
CA SER A 362 -5.36 0.54 -54.88
C SER A 362 -5.87 -0.67 -55.67
N GLY A 363 -6.95 -0.46 -56.43
CA GLY A 363 -7.53 -1.53 -57.20
C GLY A 363 -8.35 -2.41 -56.29
N GLY A 364 -7.87 -2.60 -55.05
CA GLY A 364 -8.58 -3.41 -54.06
C GLY A 364 -7.76 -4.06 -52.93
N ALA A 365 -6.55 -3.56 -52.69
CA ALA A 365 -5.68 -4.11 -51.64
C ALA A 365 -5.88 -3.42 -50.30
N LEU A 366 -6.45 -2.21 -50.32
CA LEU A 366 -6.68 -1.45 -49.10
C LEU A 366 -8.13 -1.02 -48.94
N ALA A 367 -8.77 -1.44 -47.85
CA ALA A 367 -10.17 -1.07 -47.59
C ALA A 367 -10.23 -0.02 -46.50
N CYS A 368 -11.43 0.31 -46.03
CA CYS A 368 -11.54 1.32 -45.01
C CYS A 368 -12.49 1.00 -43.83
N ALA A 369 -12.54 1.92 -42.86
CA ALA A 369 -13.38 1.81 -41.65
C ALA A 369 -13.26 3.16 -40.97
N THR A 370 -14.30 3.63 -40.30
CA THR A 370 -14.19 4.94 -39.66
C THR A 370 -14.64 5.01 -38.19
N GLU A 371 -13.79 5.55 -37.34
CA GLU A 371 -14.10 5.70 -35.92
C GLU A 371 -13.94 7.17 -35.53
N GLU A 372 -14.48 7.57 -34.39
CA GLU A 372 -14.44 8.99 -33.97
C GLU A 372 -13.22 9.50 -33.26
N THR A 373 -12.66 8.67 -32.38
CA THR A 373 -11.47 9.04 -31.63
C THR A 373 -10.46 7.94 -31.88
N PRO A 374 -9.15 8.30 -31.92
CA PRO A 374 -8.02 7.40 -32.15
C PRO A 374 -8.08 6.09 -31.38
N GLU A 375 -8.46 6.19 -30.11
CA GLU A 375 -8.54 5.05 -29.20
C GLU A 375 -9.62 4.08 -29.67
N ASP A 376 -10.66 4.62 -30.30
CA ASP A 376 -11.75 3.80 -30.81
C ASP A 376 -11.25 2.97 -31.97
N CYS A 377 -10.24 3.50 -32.68
CA CYS A 377 -9.64 2.83 -33.82
C CYS A 377 -8.84 1.63 -33.35
N ILE A 378 -8.09 1.86 -32.28
CA ILE A 378 -7.25 0.85 -31.67
C ILE A 378 -8.15 -0.27 -31.19
N ALA A 379 -9.33 0.08 -30.71
CA ALA A 379 -10.28 -0.90 -30.21
C ALA A 379 -10.83 -1.64 -31.41
N ALA A 380 -11.12 -0.89 -32.48
CA ALA A 380 -11.63 -1.51 -33.70
C ALA A 380 -10.64 -2.55 -34.22
N THR A 381 -9.38 -2.13 -34.37
CA THR A 381 -8.31 -2.99 -34.85
C THR A 381 -8.11 -4.25 -34.00
N MET A 382 -8.05 -4.09 -32.68
CA MET A 382 -7.88 -5.22 -31.78
C MET A 382 -8.87 -6.33 -32.09
N LYS A 383 -10.11 -5.93 -32.34
CA LYS A 383 -11.21 -6.83 -32.66
C LYS A 383 -11.09 -7.44 -34.04
N GLY A 384 -11.06 -6.61 -35.06
CA GLY A 384 -10.97 -7.12 -36.40
C GLY A 384 -11.92 -6.35 -37.28
N GLU A 385 -12.39 -5.20 -36.78
CA GLU A 385 -13.31 -4.32 -37.49
C GLU A 385 -12.51 -3.41 -38.40
N ALA A 386 -11.21 -3.27 -38.09
CA ALA A 386 -10.23 -2.50 -38.88
C ALA A 386 -9.00 -3.39 -38.78
N ASP A 387 -7.98 -3.11 -39.56
CA ASP A 387 -6.78 -3.97 -39.53
C ASP A 387 -5.48 -3.28 -39.11
N ALA A 388 -5.37 -2.00 -39.43
CA ALA A 388 -4.20 -1.24 -39.12
C ALA A 388 -4.52 0.23 -39.31
N MET A 389 -3.59 1.05 -38.86
CA MET A 389 -3.69 2.50 -38.95
C MET A 389 -2.47 3.11 -38.26
N SER A 390 -2.23 4.41 -38.54
CA SER A 390 -1.09 5.10 -37.95
C SER A 390 -1.47 5.67 -36.61
N LEU A 391 -0.54 5.55 -35.65
CA LEU A 391 -0.76 5.99 -34.29
C LEU A 391 0.37 6.85 -33.83
N ASP A 392 0.04 7.80 -32.96
CA ASP A 392 1.00 8.74 -32.37
C ASP A 392 1.79 7.98 -31.34
N GLY A 393 2.86 8.56 -30.82
CA GLY A 393 3.64 7.89 -29.78
C GLY A 393 2.88 7.57 -28.48
N GLY A 394 1.98 8.47 -28.08
CA GLY A 394 1.21 8.25 -26.87
C GLY A 394 0.21 7.13 -27.04
N PHE A 395 -0.52 7.15 -28.16
CA PHE A 395 -1.52 6.14 -28.45
C PHE A 395 -0.94 4.77 -28.79
N ALA A 396 0.35 4.76 -29.10
CA ALA A 396 1.04 3.53 -29.43
C ALA A 396 1.36 2.75 -28.13
N TYR A 397 1.36 3.46 -26.99
CA TYR A 397 1.61 2.86 -25.66
C TYR A 397 0.36 2.10 -25.22
N VAL A 398 -0.76 2.71 -25.56
CA VAL A 398 -2.07 2.19 -25.29
C VAL A 398 -2.32 1.01 -26.27
N ALA A 399 -2.00 1.23 -27.55
CA ALA A 399 -2.15 0.22 -28.60
C ALA A 399 -1.23 -0.96 -28.32
N GLY A 400 -0.07 -0.66 -27.71
CA GLY A 400 0.91 -1.67 -27.34
C GLY A 400 0.43 -2.40 -26.10
N HIS A 401 0.09 -1.66 -25.05
CA HIS A 401 -0.43 -2.27 -23.80
C HIS A 401 -1.71 -3.08 -24.10
N CYS A 402 -2.29 -2.85 -25.28
CA CYS A 402 -3.52 -3.51 -25.75
C CYS A 402 -3.34 -4.69 -26.71
N GLY A 403 -2.10 -5.10 -26.96
CA GLY A 403 -1.85 -6.23 -27.83
C GLY A 403 -1.49 -5.97 -29.27
N LEU A 404 -1.53 -4.71 -29.69
CA LEU A 404 -1.19 -4.37 -31.06
C LEU A 404 0.33 -4.17 -31.18
N VAL A 405 0.89 -4.55 -32.34
CA VAL A 405 2.32 -4.44 -32.61
C VAL A 405 2.57 -3.50 -33.82
N PRO A 406 3.79 -2.95 -33.92
CA PRO A 406 4.16 -2.04 -35.01
C PRO A 406 4.37 -2.82 -36.30
N VAL A 407 4.16 -2.14 -37.43
CA VAL A 407 4.34 -2.73 -38.78
C VAL A 407 5.49 -2.02 -39.56
N LEU A 408 5.37 -0.69 -39.62
CA LEU A 408 6.33 0.20 -40.28
C LEU A 408 6.22 1.53 -39.53
N ALA A 409 7.30 2.30 -39.60
CA ALA A 409 7.38 3.58 -38.93
C ALA A 409 7.28 4.66 -39.99
N GLU A 410 6.49 5.68 -39.69
CA GLU A 410 6.26 6.83 -40.55
C GLU A 410 7.46 7.77 -40.49
N ASN A 411 8.48 7.48 -41.31
CA ASN A 411 9.73 8.26 -41.38
C ASN A 411 9.58 9.69 -41.90
N TYR A 412 10.02 10.64 -41.09
CA TYR A 412 9.90 12.06 -41.42
C TYR A 412 11.17 12.59 -42.10
N LEU A 413 11.23 13.91 -42.24
CA LEU A 413 12.37 14.54 -42.89
C LEU A 413 13.69 14.09 -42.25
N SER A 414 14.66 13.78 -43.10
CA SER A 414 15.97 13.31 -42.67
C SER A 414 16.92 14.51 -42.54
N THR A 415 17.99 14.32 -41.77
CA THR A 415 19.01 15.36 -41.52
C THR A 415 19.43 16.03 -42.84
N HIS A 416 19.00 17.29 -43.02
CA HIS A 416 19.29 18.11 -44.22
C HIS A 416 20.77 18.40 -44.49
N SER A 417 21.27 17.76 -45.54
CA SER A 417 22.64 17.91 -45.97
C SER A 417 22.77 17.39 -47.40
N SER A 418 21.79 16.59 -47.85
CA SER A 418 21.77 16.00 -49.21
C SER A 418 20.71 16.60 -50.17
N GLY A 419 20.93 16.46 -51.48
CA GLY A 419 20.01 16.99 -52.47
C GLY A 419 18.62 16.41 -52.32
N ARG A 420 18.52 15.09 -52.44
CA ARG A 420 17.24 14.38 -52.32
C ARG A 420 17.45 12.91 -51.93
N LEU A 421 16.37 12.22 -51.56
CA LEU A 421 16.42 10.81 -51.17
C LEU A 421 15.67 9.85 -52.12
N GLY A 422 16.04 8.57 -52.08
CA GLY A 422 15.38 7.60 -52.94
C GLY A 422 15.01 6.34 -52.18
N SER A 423 15.21 5.19 -52.82
CA SER A 423 14.92 3.90 -52.21
C SER A 423 15.74 3.82 -50.92
N LYS A 424 16.33 4.97 -50.59
CA LYS A 424 17.15 5.18 -49.42
C LYS A 424 16.30 5.40 -48.18
N CYS A 425 15.03 5.77 -48.36
CA CYS A 425 14.14 6.01 -47.23
C CYS A 425 13.55 4.75 -46.60
N VAL A 426 13.08 3.80 -47.42
CA VAL A 426 12.50 2.56 -46.90
C VAL A 426 13.19 1.99 -45.67
N ASN A 427 14.51 2.13 -45.58
CA ASN A 427 15.29 1.63 -44.44
C ASN A 427 16.09 2.70 -43.70
N ALA A 428 15.73 3.96 -43.94
CA ALA A 428 16.37 5.10 -43.31
C ALA A 428 15.85 5.30 -41.87
N PRO A 429 16.66 4.96 -40.87
CA PRO A 429 16.22 5.11 -39.48
C PRO A 429 15.93 6.59 -39.20
N LEU A 430 15.14 6.89 -38.16
CA LEU A 430 14.89 8.29 -37.81
C LEU A 430 14.77 8.47 -36.31
N GLU A 431 15.36 9.55 -35.81
CA GLU A 431 15.34 9.86 -34.38
C GLU A 431 14.03 10.58 -34.07
N GLY A 432 12.94 10.06 -34.62
CA GLY A 432 11.65 10.66 -34.35
C GLY A 432 11.66 12.16 -34.55
N TYR A 433 10.87 12.86 -33.73
CA TYR A 433 10.77 14.32 -33.82
C TYR A 433 10.88 15.00 -32.47
N TYR A 434 11.26 16.28 -32.51
CA TYR A 434 11.44 17.11 -31.32
C TYR A 434 10.11 17.79 -31.01
N VAL A 435 9.60 17.57 -29.81
CA VAL A 435 8.36 18.21 -29.40
C VAL A 435 8.81 19.58 -28.95
N VAL A 436 8.11 20.60 -29.40
CA VAL A 436 8.48 21.95 -29.06
C VAL A 436 7.28 22.69 -28.49
N ALA A 437 7.55 23.56 -27.52
CA ALA A 437 6.50 24.36 -26.93
C ALA A 437 6.69 25.74 -27.54
N VAL A 438 5.70 26.21 -28.29
CA VAL A 438 5.82 27.51 -28.94
C VAL A 438 4.92 28.58 -28.30
N VAL A 439 5.38 29.83 -28.34
CA VAL A 439 4.65 30.94 -27.77
C VAL A 439 4.90 32.14 -28.68
N LYS A 440 3.96 33.08 -28.69
CA LYS A 440 4.08 34.28 -29.52
C LYS A 440 5.28 35.11 -29.07
N LYS A 441 6.02 35.68 -30.04
CA LYS A 441 7.17 36.50 -29.71
C LYS A 441 6.67 37.90 -29.30
N SER A 442 5.40 38.16 -29.59
CA SER A 442 4.77 39.44 -29.26
C SER A 442 4.77 39.72 -27.76
N ASP A 443 4.40 38.72 -26.98
CA ASP A 443 4.37 38.89 -25.54
C ASP A 443 5.77 38.80 -24.96
N VAL A 444 6.20 39.87 -24.30
CA VAL A 444 7.53 39.89 -23.70
C VAL A 444 7.47 39.48 -22.24
N GLY A 445 6.81 38.37 -21.94
CA GLY A 445 6.70 37.92 -20.57
C GLY A 445 6.44 36.43 -20.34
N ILE A 446 5.81 35.78 -21.30
CA ILE A 446 5.49 34.36 -21.18
C ILE A 446 6.76 33.52 -21.16
N THR A 447 6.98 32.76 -20.09
CA THR A 447 8.18 31.91 -19.97
C THR A 447 7.88 30.55 -19.35
N TRP A 448 8.81 29.61 -19.45
CA TRP A 448 8.59 28.29 -18.87
C TRP A 448 8.59 28.39 -17.35
N LYS A 449 9.07 29.51 -16.84
CA LYS A 449 9.12 29.72 -15.40
C LYS A 449 7.78 30.29 -14.91
N SER A 450 6.88 30.57 -15.84
CA SER A 450 5.58 31.12 -15.48
C SER A 450 4.47 30.86 -16.50
N LEU A 451 4.15 29.59 -16.75
CA LEU A 451 3.10 29.23 -17.69
C LEU A 451 1.77 29.13 -17.00
N GLN A 452 1.82 28.88 -15.69
CA GLN A 452 0.59 28.78 -14.92
C GLN A 452 -0.20 30.06 -15.09
N GLY A 453 -1.52 29.93 -15.10
CA GLY A 453 -2.38 31.09 -15.27
C GLY A 453 -2.51 31.56 -16.70
N LYS A 454 -1.58 31.15 -17.57
CA LYS A 454 -1.65 31.55 -18.96
C LYS A 454 -2.46 30.54 -19.75
N LYS A 455 -3.14 31.04 -20.78
CA LYS A 455 -3.98 30.22 -21.65
C LYS A 455 -3.08 29.37 -22.52
N SER A 456 -3.42 28.08 -22.69
CA SER A 456 -2.60 27.16 -23.50
C SER A 456 -3.41 26.46 -24.57
N CYS A 457 -2.72 25.96 -25.59
CA CYS A 457 -3.37 25.27 -26.68
C CYS A 457 -2.76 23.90 -26.86
N HIS A 458 -3.58 22.86 -26.84
CA HIS A 458 -3.08 21.49 -27.00
C HIS A 458 -3.52 20.77 -28.27
N THR A 459 -2.58 20.06 -28.89
CA THR A 459 -2.90 19.31 -30.10
C THR A 459 -4.15 18.48 -29.84
N ALA A 460 -4.05 17.62 -28.84
CA ALA A 460 -5.14 16.75 -28.43
C ALA A 460 -4.54 16.01 -27.28
N VAL A 461 -5.40 15.47 -26.43
CA VAL A 461 -4.91 14.73 -25.30
C VAL A 461 -4.36 13.38 -25.74
N GLY A 462 -3.41 12.85 -24.97
CA GLY A 462 -2.85 11.54 -25.27
C GLY A 462 -1.76 11.55 -26.32
N THR A 463 -1.58 12.68 -27.01
CA THR A 463 -0.57 12.81 -28.06
C THR A 463 0.78 13.15 -27.47
N SER A 464 1.86 12.79 -28.16
CA SER A 464 3.18 13.13 -27.67
C SER A 464 3.26 14.66 -27.64
N GLU A 465 3.03 15.26 -28.82
CA GLU A 465 3.06 16.71 -29.03
C GLU A 465 2.42 17.53 -27.93
N GLY A 466 1.09 17.48 -27.86
CA GLY A 466 0.37 18.30 -26.88
C GLY A 466 -0.20 17.69 -25.61
N TRP A 467 0.48 16.72 -25.02
CA TRP A 467 -0.04 16.11 -23.80
C TRP A 467 1.00 15.40 -22.93
N ASN A 468 1.38 14.20 -23.31
CA ASN A 468 2.32 13.39 -22.54
C ASN A 468 3.59 14.11 -22.14
N VAL A 469 4.14 14.88 -23.05
CA VAL A 469 5.38 15.62 -22.79
C VAL A 469 5.23 16.92 -22.03
N PRO A 470 4.50 17.89 -22.61
CA PRO A 470 4.36 19.15 -21.88
C PRO A 470 3.75 18.90 -20.52
N MET A 471 2.75 18.03 -20.47
CA MET A 471 2.04 17.73 -19.24
C MET A 471 2.72 16.71 -18.35
N GLY A 472 3.68 15.99 -18.91
CA GLY A 472 4.43 15.00 -18.14
C GLY A 472 5.40 15.75 -17.26
N LEU A 473 5.96 16.85 -17.81
CA LEU A 473 6.91 17.73 -17.10
C LEU A 473 6.22 18.63 -16.08
N ILE A 474 5.10 19.22 -16.48
CA ILE A 474 4.30 20.09 -15.61
C ILE A 474 3.91 19.33 -14.36
N TYR A 475 3.67 18.02 -14.49
CA TYR A 475 3.31 17.16 -13.34
C TYR A 475 4.53 16.83 -12.48
N ASP A 476 5.72 16.81 -13.08
CA ASP A 476 6.91 16.53 -12.31
C ASP A 476 7.33 17.80 -11.60
N GLN A 477 6.56 18.85 -11.83
CA GLN A 477 6.81 20.19 -11.29
C GLN A 477 5.79 20.60 -10.23
N THR A 478 4.55 20.16 -10.41
CA THR A 478 3.47 20.46 -9.47
C THR A 478 3.06 19.23 -8.64
N GLY A 479 2.68 18.14 -9.30
CA GLY A 479 2.30 16.95 -8.55
C GLY A 479 0.81 16.64 -8.57
N SER A 480 0.05 17.40 -9.33
CA SER A 480 -1.39 17.19 -9.41
C SER A 480 -1.84 17.01 -10.86
N CYS A 481 -2.80 16.11 -11.05
CA CYS A 481 -3.34 15.83 -12.38
C CYS A 481 -4.40 16.85 -12.75
N LYS A 482 -4.65 17.82 -11.87
CA LYS A 482 -5.64 18.84 -12.19
C LYS A 482 -4.92 19.91 -12.98
N PHE A 483 -4.89 19.71 -14.28
CA PHE A 483 -4.22 20.65 -15.18
C PHE A 483 -5.08 21.86 -15.49
N ASP A 484 -6.40 21.75 -15.31
CA ASP A 484 -7.27 22.90 -15.54
C ASP A 484 -7.02 23.91 -14.42
N ALA A 485 -6.13 23.52 -13.52
CA ALA A 485 -5.74 24.34 -12.39
C ALA A 485 -4.54 25.18 -12.83
N PHE A 486 -3.60 24.54 -13.51
CA PHE A 486 -2.37 25.16 -14.02
C PHE A 486 -2.65 26.21 -15.10
N PHE A 487 -3.15 25.76 -16.25
CA PHE A 487 -3.46 26.66 -17.35
C PHE A 487 -4.93 27.03 -17.26
N SER A 488 -5.18 28.29 -16.91
CA SER A 488 -6.54 28.77 -16.83
C SER A 488 -7.04 29.01 -18.24
N ARG A 489 -8.06 28.27 -18.64
CA ARG A 489 -8.66 28.37 -19.99
C ARG A 489 -7.71 27.80 -21.07
N SER A 490 -8.10 26.70 -21.68
CA SER A 490 -7.27 26.12 -22.73
C SER A 490 -8.07 25.21 -23.66
N CYS A 491 -7.44 24.75 -24.73
CA CYS A 491 -8.11 23.85 -25.66
C CYS A 491 -7.26 22.63 -25.95
N ALA A 492 -7.69 21.51 -25.37
CA ALA A 492 -7.04 20.22 -25.55
C ALA A 492 -8.15 19.28 -25.98
N PRO A 493 -8.23 18.99 -27.28
CA PRO A 493 -9.28 18.08 -27.76
C PRO A 493 -9.25 16.75 -27.02
N GLY A 494 -10.41 16.32 -26.55
CA GLY A 494 -10.52 15.07 -25.82
C GLY A 494 -10.75 15.25 -24.34
N SER A 495 -10.58 16.46 -23.82
CA SER A 495 -10.76 16.71 -22.40
C SER A 495 -12.24 16.83 -22.08
N ASP A 496 -12.54 17.18 -20.83
CA ASP A 496 -13.92 17.34 -20.35
C ASP A 496 -14.52 18.70 -20.72
N PRO A 497 -15.61 18.69 -21.51
CA PRO A 497 -16.31 19.91 -21.96
C PRO A 497 -16.60 20.97 -20.89
N ASP A 498 -17.01 20.54 -19.69
CA ASP A 498 -17.34 21.45 -18.58
C ASP A 498 -16.12 22.06 -17.88
N SER A 499 -14.96 21.45 -18.09
CA SER A 499 -13.74 21.95 -17.47
C SER A 499 -13.11 23.03 -18.36
N PRO A 500 -12.17 23.80 -17.80
CA PRO A 500 -11.46 24.88 -18.51
C PRO A 500 -10.60 24.41 -19.68
N LEU A 501 -10.31 23.11 -19.72
CA LEU A 501 -9.47 22.46 -20.76
C LEU A 501 -10.08 22.50 -22.17
N CYS A 502 -11.37 22.80 -22.23
CA CYS A 502 -12.08 22.88 -23.49
C CYS A 502 -12.82 24.24 -23.58
N ALA A 503 -12.12 25.30 -23.20
CA ALA A 503 -12.70 26.64 -23.22
C ALA A 503 -12.38 27.37 -24.54
N LEU A 504 -11.10 27.37 -24.91
CA LEU A 504 -10.68 28.03 -26.13
C LEU A 504 -11.03 27.28 -27.41
N CYS A 505 -11.50 26.05 -27.29
CA CYS A 505 -11.86 25.25 -28.47
C CYS A 505 -13.03 25.82 -29.27
N VAL A 506 -12.84 25.85 -30.59
CA VAL A 506 -13.83 26.35 -31.54
C VAL A 506 -14.92 25.32 -31.82
N GLY A 507 -14.56 24.31 -32.58
CA GLY A 507 -15.51 23.27 -32.91
C GLY A 507 -15.61 23.03 -34.40
N GLY A 508 -16.62 22.25 -34.79
CA GLY A 508 -16.83 21.94 -36.20
C GLY A 508 -18.08 22.56 -36.82
N ASN A 509 -18.68 21.83 -37.74
CA ASN A 509 -19.87 22.32 -38.42
C ASN A 509 -21.11 22.41 -37.52
N ASN A 510 -21.21 21.51 -36.54
CA ASN A 510 -22.36 21.50 -35.62
C ASN A 510 -21.90 21.16 -34.20
N PRO A 511 -22.76 21.41 -33.18
CA PRO A 511 -22.36 21.11 -31.81
C PRO A 511 -21.89 19.65 -31.67
N ALA A 512 -21.39 19.30 -30.48
CA ALA A 512 -20.89 17.95 -30.18
C ALA A 512 -19.44 17.73 -30.59
N HIS A 513 -18.95 18.59 -31.48
CA HIS A 513 -17.57 18.53 -31.95
C HIS A 513 -16.79 19.57 -31.18
N MET A 514 -17.47 20.23 -30.26
CA MET A 514 -16.89 21.28 -29.42
C MET A 514 -15.46 20.96 -28.98
N CYS A 515 -15.24 19.75 -28.46
CA CYS A 515 -13.91 19.36 -28.01
C CYS A 515 -13.64 17.91 -28.42
N ALA A 516 -14.17 17.53 -29.59
CA ALA A 516 -14.00 16.17 -30.10
C ALA A 516 -12.54 15.80 -30.35
N ALA A 517 -12.20 14.55 -30.06
CA ALA A 517 -10.84 14.06 -30.24
C ALA A 517 -10.53 13.69 -31.69
N ASN A 518 -11.00 14.52 -32.62
CA ASN A 518 -10.79 14.32 -34.04
C ASN A 518 -10.69 15.64 -34.83
N ASN A 519 -10.25 15.53 -36.08
CA ASN A 519 -10.06 16.66 -36.99
C ASN A 519 -11.30 17.52 -37.28
N ALA A 520 -12.41 17.24 -36.61
CA ALA A 520 -13.64 17.99 -36.79
C ALA A 520 -13.69 19.15 -35.81
N GLU A 521 -12.51 19.58 -35.39
CA GLU A 521 -12.34 20.68 -34.45
C GLU A 521 -11.36 21.74 -35.00
N GLY A 522 -11.72 23.01 -34.85
CA GLY A 522 -10.89 24.10 -35.35
C GLY A 522 -9.48 24.19 -34.78
N TYR A 523 -9.24 23.65 -33.60
CA TYR A 523 -7.89 23.70 -33.02
C TYR A 523 -7.28 22.33 -32.78
N HIS A 524 -7.70 21.36 -33.57
CA HIS A 524 -7.22 20.00 -33.44
C HIS A 524 -6.00 19.74 -34.31
N GLY A 525 -5.03 19.04 -33.75
CA GLY A 525 -3.82 18.74 -34.49
C GLY A 525 -2.81 19.84 -34.29
N SER A 526 -1.65 19.73 -34.93
CA SER A 526 -0.63 20.77 -34.80
C SER A 526 -1.07 22.03 -35.56
N SER A 527 -1.77 21.83 -36.68
CA SER A 527 -2.23 22.96 -37.46
C SER A 527 -3.22 23.79 -36.62
N GLY A 528 -4.16 23.09 -35.99
CA GLY A 528 -5.16 23.75 -35.15
C GLY A 528 -4.54 24.31 -33.88
N ALA A 529 -3.59 23.57 -33.32
CA ALA A 529 -2.92 24.00 -32.11
C ALA A 529 -2.21 25.35 -32.35
N LEU A 530 -1.82 25.63 -33.58
CA LEU A 530 -1.14 26.91 -33.90
C LEU A 530 -2.15 28.02 -34.13
N ARG A 531 -3.24 27.68 -34.78
CA ARG A 531 -4.33 28.60 -35.07
C ARG A 531 -4.85 29.18 -33.75
N CYS A 532 -5.03 28.29 -32.79
CA CYS A 532 -5.52 28.61 -31.46
C CYS A 532 -4.65 29.70 -30.81
N LEU A 533 -3.34 29.52 -30.88
CA LEU A 533 -2.39 30.45 -30.29
C LEU A 533 -2.49 31.82 -30.95
N VAL A 534 -2.68 31.80 -32.27
CA VAL A 534 -2.81 32.99 -33.08
C VAL A 534 -3.97 33.88 -32.64
N GLU A 535 -5.07 33.25 -32.19
CA GLU A 535 -6.26 34.00 -31.80
C GLU A 535 -6.81 33.87 -30.39
N LYS A 536 -6.40 32.86 -29.64
CA LYS A 536 -6.95 32.71 -28.28
C LYS A 536 -5.97 32.47 -27.14
N GLY A 537 -5.20 31.39 -27.25
CA GLY A 537 -4.27 31.04 -26.20
C GLY A 537 -2.94 31.78 -26.18
N ASP A 538 -2.24 31.61 -25.06
CA ASP A 538 -0.95 32.23 -24.79
C ASP A 538 0.25 31.27 -24.91
N VAL A 539 -0.01 29.96 -24.88
CA VAL A 539 1.02 28.93 -25.03
C VAL A 539 0.54 27.81 -25.94
N ALA A 540 1.44 27.07 -26.57
CA ALA A 540 1.03 25.99 -27.46
C ALA A 540 2.04 24.84 -27.50
N PHE A 541 1.54 23.61 -27.72
CA PHE A 541 2.37 22.40 -27.75
C PHE A 541 2.19 21.55 -28.98
N MET A 542 3.25 21.48 -29.79
CA MET A 542 3.26 20.75 -31.04
C MET A 542 4.61 20.16 -31.32
N LYS A 543 4.73 19.48 -32.45
CA LYS A 543 5.97 18.80 -32.80
C LYS A 543 7.01 19.51 -33.66
N HIS A 544 8.01 18.71 -34.03
CA HIS A 544 9.14 19.04 -34.89
C HIS A 544 8.78 20.20 -35.81
N PRO A 545 9.49 21.35 -35.68
CA PRO A 545 9.18 22.50 -36.54
C PRO A 545 8.01 22.38 -37.55
N THR A 546 6.77 22.52 -37.04
CA THR A 546 5.57 22.46 -37.87
C THR A 546 5.04 23.87 -38.12
N VAL A 547 5.69 24.85 -37.48
CA VAL A 547 5.30 26.25 -37.65
C VAL A 547 5.65 26.78 -39.06
N LEU A 548 6.76 26.31 -39.62
CA LEU A 548 7.18 26.72 -40.96
C LEU A 548 6.25 26.06 -41.99
N GLN A 549 5.49 25.07 -41.56
CA GLN A 549 4.59 24.38 -42.45
C GLN A 549 3.29 25.16 -42.56
N ASN A 550 3.15 26.21 -41.76
CA ASN A 550 1.94 27.01 -41.76
C ASN A 550 2.14 28.52 -41.83
N THR A 551 3.38 28.97 -41.91
CA THR A 551 3.64 30.40 -41.99
C THR A 551 4.33 30.83 -43.30
N ASP A 552 4.20 32.11 -43.63
CA ASP A 552 4.80 32.68 -44.83
C ASP A 552 4.22 32.10 -46.14
N GLY A 553 2.90 31.92 -46.16
CA GLY A 553 2.24 31.43 -47.36
C GLY A 553 2.14 29.93 -47.56
N LYS A 554 2.66 29.15 -46.61
CA LYS A 554 2.63 27.70 -46.73
C LYS A 554 1.21 27.15 -46.65
N ASN A 555 0.40 27.68 -45.74
CA ASN A 555 -0.98 27.21 -45.62
C ASN A 555 -1.98 28.15 -46.27
N PRO A 556 -2.89 27.60 -47.10
CA PRO A 556 -3.90 28.39 -47.80
C PRO A 556 -4.93 29.04 -46.85
N GLU A 557 -5.28 28.33 -45.77
CA GLU A 557 -6.27 28.78 -44.79
C GLU A 557 -6.16 30.25 -44.40
N PRO A 558 -7.31 30.92 -44.20
CA PRO A 558 -7.45 32.34 -43.82
C PRO A 558 -6.68 32.79 -42.58
N TRP A 559 -6.55 31.90 -41.60
CA TRP A 559 -5.86 32.22 -40.36
C TRP A 559 -4.36 32.32 -40.54
N ALA A 560 -3.86 31.67 -41.59
CA ALA A 560 -2.43 31.69 -41.87
C ALA A 560 -2.12 32.52 -43.13
N LYS A 561 -2.54 33.78 -43.12
CA LYS A 561 -2.29 34.67 -44.27
C LYS A 561 -1.01 35.48 -44.11
N GLY A 562 -1.04 36.52 -43.27
CA GLY A 562 0.15 37.34 -43.07
C GLY A 562 0.96 36.93 -41.86
N LEU A 563 1.13 35.63 -41.68
CA LEU A 563 1.87 35.11 -40.54
C LEU A 563 3.31 34.78 -40.88
N LYS A 564 4.24 35.40 -40.17
CA LYS A 564 5.67 35.16 -40.38
C LYS A 564 6.20 34.43 -39.15
N HIS A 565 7.19 33.57 -39.36
CA HIS A 565 7.77 32.81 -38.28
C HIS A 565 8.43 33.66 -37.20
N GLU A 566 8.48 34.96 -37.42
CA GLU A 566 9.08 35.90 -36.45
C GLU A 566 8.04 36.25 -35.39
N ASP A 567 6.78 36.08 -35.75
CA ASP A 567 5.66 36.33 -34.87
C ASP A 567 5.74 35.32 -33.75
N PHE A 568 6.28 34.15 -34.07
CA PHE A 568 6.41 33.01 -33.16
C PHE A 568 7.83 32.76 -32.64
N GLU A 569 7.90 32.30 -31.40
CA GLU A 569 9.19 32.02 -30.76
C GLU A 569 9.05 30.80 -29.85
N LEU A 570 9.99 29.87 -29.98
CA LEU A 570 9.96 28.67 -29.15
C LEU A 570 10.34 29.01 -27.73
N LEU A 571 9.99 28.11 -26.80
CA LEU A 571 10.29 28.28 -25.37
C LEU A 571 11.08 27.02 -24.98
N CYS A 572 12.18 27.20 -24.24
CA CYS A 572 13.01 26.05 -23.85
C CYS A 572 12.85 25.69 -22.38
N LEU A 573 13.25 24.46 -22.05
CA LEU A 573 13.13 23.92 -20.69
C LEU A 573 13.71 24.79 -19.58
N ASP A 574 14.83 25.46 -19.88
CA ASP A 574 15.47 26.32 -18.90
C ASP A 574 14.64 27.55 -18.54
N GLY A 575 14.14 28.22 -19.56
CA GLY A 575 13.33 29.41 -19.37
C GLY A 575 13.42 30.33 -20.57
N THR A 576 14.62 30.41 -21.15
CA THR A 576 14.86 31.25 -22.31
C THR A 576 13.97 30.94 -23.50
N ARG A 577 14.02 31.80 -24.51
CA ARG A 577 13.24 31.64 -25.73
C ARG A 577 14.24 31.66 -26.90
N LYS A 578 14.07 30.77 -27.86
CA LYS A 578 14.94 30.71 -29.03
C LYS A 578 14.10 30.67 -30.29
N PRO A 579 14.70 30.98 -31.46
CA PRO A 579 13.94 30.96 -32.72
C PRO A 579 13.28 29.61 -33.01
N VAL A 580 12.10 29.69 -33.63
CA VAL A 580 11.31 28.50 -33.99
C VAL A 580 12.01 27.62 -35.02
N THR A 581 13.03 28.16 -35.67
CA THR A 581 13.79 27.41 -36.66
C THR A 581 14.81 26.52 -35.97
N GLU A 582 15.26 26.96 -34.80
CA GLU A 582 16.24 26.20 -34.01
C GLU A 582 15.50 25.50 -32.87
N ALA A 583 15.01 24.29 -33.16
CA ALA A 583 14.30 23.48 -32.18
C ALA A 583 15.20 22.34 -31.72
N GLN A 584 16.33 22.16 -32.41
CA GLN A 584 17.30 21.13 -32.06
C GLN A 584 17.96 21.54 -30.74
N SER A 585 17.99 22.85 -30.50
CA SER A 585 18.58 23.43 -29.31
C SER A 585 17.54 23.74 -28.25
N CYS A 586 16.36 24.17 -28.68
CA CYS A 586 15.28 24.54 -27.78
C CYS A 586 14.07 23.62 -27.97
N HIS A 587 13.95 22.59 -27.15
CA HIS A 587 12.83 21.66 -27.29
C HIS A 587 12.44 21.04 -25.96
N LEU A 588 11.29 20.37 -25.97
CA LEU A 588 10.77 19.71 -24.77
C LEU A 588 11.38 18.31 -24.57
N ALA A 589 11.37 17.53 -25.65
CA ALA A 589 11.92 16.19 -25.62
C ALA A 589 11.81 15.56 -26.98
N ARG A 590 12.65 14.54 -27.21
CA ARG A 590 12.67 13.80 -28.48
C ARG A 590 11.77 12.58 -28.22
N VAL A 591 10.77 12.42 -29.08
CA VAL A 591 9.80 11.34 -28.94
C VAL A 591 9.82 10.41 -30.12
N PRO A 592 9.45 9.14 -29.92
CA PRO A 592 9.46 8.24 -31.06
C PRO A 592 8.42 8.70 -32.10
N ASN A 593 8.83 8.64 -33.37
CA ASN A 593 7.94 9.03 -34.45
C ASN A 593 6.76 8.06 -34.59
N ARG A 594 5.73 8.53 -35.29
CA ARG A 594 4.51 7.78 -35.48
C ARG A 594 4.71 6.39 -36.05
N ALA A 595 3.75 5.50 -35.83
CA ALA A 595 3.85 4.13 -36.38
C ALA A 595 2.54 3.45 -36.71
N VAL A 596 2.61 2.54 -37.66
CA VAL A 596 1.47 1.75 -38.06
C VAL A 596 1.45 0.55 -37.09
N PHE A 597 0.26 0.23 -36.61
CA PHE A 597 0.05 -0.87 -35.70
C PHE A 597 -1.01 -1.82 -36.28
N SER A 598 -0.95 -3.08 -35.86
CA SER A 598 -1.87 -4.12 -36.33
C SER A 598 -1.66 -5.29 -35.41
N ARG A 599 -2.30 -6.43 -35.67
CA ARG A 599 -2.12 -7.64 -34.81
C ARG A 599 -0.91 -8.45 -35.25
N LYS A 600 -0.53 -9.43 -34.46
CA LYS A 600 0.62 -10.26 -34.78
C LYS A 600 0.43 -10.95 -36.15
N ASP A 601 -0.82 -11.24 -36.53
CA ASP A 601 -1.10 -11.90 -37.81
C ASP A 601 -1.12 -10.99 -39.06
N LYS A 602 -1.65 -9.79 -38.93
CA LYS A 602 -1.70 -8.89 -40.07
C LYS A 602 -0.45 -8.03 -40.11
N ALA A 603 0.60 -8.49 -39.44
CA ALA A 603 1.87 -7.75 -39.36
C ALA A 603 2.60 -7.70 -40.68
N ASP A 604 3.04 -8.87 -41.14
CA ASP A 604 3.77 -8.96 -42.39
C ASP A 604 2.86 -8.61 -43.56
N PHE A 605 1.58 -8.91 -43.44
CA PHE A 605 0.67 -8.62 -44.54
C PHE A 605 0.58 -7.14 -44.85
N VAL A 606 0.27 -6.35 -43.84
CA VAL A 606 0.13 -4.90 -44.00
C VAL A 606 1.45 -4.24 -44.48
N ARG A 607 2.57 -4.70 -43.96
CA ARG A 607 3.87 -4.16 -44.35
C ARG A 607 4.12 -4.37 -45.82
N ARG A 608 3.85 -5.58 -46.28
CA ARG A 608 4.04 -5.96 -47.66
C ARG A 608 3.11 -5.16 -48.56
N ILE A 609 1.91 -4.91 -48.06
CA ILE A 609 0.88 -4.14 -48.76
C ILE A 609 1.18 -2.64 -48.76
N LEU A 610 1.78 -2.17 -47.67
CA LEU A 610 2.12 -0.77 -47.52
C LEU A 610 3.31 -0.39 -48.39
N PHE A 611 4.28 -1.29 -48.53
CA PHE A 611 5.45 -1.03 -49.38
C PHE A 611 5.02 -0.89 -50.83
N ASN A 612 4.18 -1.83 -51.25
CA ASN A 612 3.64 -1.85 -52.59
C ASN A 612 2.94 -0.51 -52.92
N GLN A 613 2.10 -0.03 -52.01
CA GLN A 613 1.32 1.21 -52.17
C GLN A 613 2.04 2.58 -52.12
N GLN A 614 3.07 2.73 -51.29
CA GLN A 614 3.81 3.99 -51.26
C GLN A 614 4.74 3.99 -52.48
N GLU A 615 4.95 2.80 -53.03
CA GLU A 615 5.79 2.62 -54.21
C GLU A 615 5.05 3.22 -55.38
N LEU A 616 3.72 3.17 -55.30
CA LEU A 616 2.86 3.69 -56.33
C LEU A 616 2.43 5.14 -55.98
N PHE A 617 2.03 5.35 -54.73
CA PHE A 617 1.58 6.67 -54.30
C PHE A 617 2.45 7.38 -53.23
N GLY A 618 3.71 6.94 -53.10
CA GLY A 618 4.62 7.55 -52.15
C GLY A 618 5.13 8.89 -52.65
N ARG A 619 6.37 9.25 -52.31
CA ARG A 619 6.92 10.53 -52.75
C ARG A 619 7.45 10.47 -54.18
N ASN A 620 7.16 9.37 -54.88
CA ASN A 620 7.62 9.21 -56.25
C ASN A 620 6.57 9.57 -57.31
N GLY A 621 5.64 10.46 -56.96
CA GLY A 621 4.61 10.90 -57.89
C GLY A 621 5.06 12.06 -58.75
N PHE A 622 4.14 12.97 -59.13
CA PHE A 622 4.48 14.13 -59.97
C PHE A 622 3.86 15.49 -59.56
N GLU A 623 2.52 15.57 -59.63
CA GLU A 623 1.77 16.80 -59.26
C GLU A 623 0.42 16.45 -58.62
N TYR A 624 -0.45 15.78 -59.38
CA TYR A 624 -1.79 15.33 -58.96
C TYR A 624 -2.22 14.07 -59.75
N MET A 625 -1.32 13.59 -60.60
CA MET A 625 -1.55 12.42 -61.44
C MET A 625 -1.89 11.21 -60.57
N MET A 626 -0.88 10.71 -59.86
CA MET A 626 -1.04 9.55 -59.00
C MET A 626 -2.06 9.81 -57.87
N PHE A 627 -1.62 9.59 -56.63
CA PHE A 627 -2.44 9.80 -55.44
C PHE A 627 -1.47 10.12 -54.33
N GLN A 628 -1.74 11.16 -53.55
CA GLN A 628 -0.84 11.50 -52.45
C GLN A 628 -1.27 10.85 -51.15
N MET A 629 -0.47 9.95 -50.61
CA MET A 629 -0.83 9.31 -49.35
C MET A 629 -0.08 9.97 -48.21
N PHE A 630 1.13 10.48 -48.48
CA PHE A 630 1.91 11.14 -47.45
C PHE A 630 1.67 12.64 -47.55
N GLU A 631 0.50 13.01 -48.06
CA GLU A 631 0.13 14.42 -48.21
C GLU A 631 -1.39 14.56 -48.17
N SER A 632 -1.90 15.23 -47.13
CA SER A 632 -3.33 15.42 -46.95
C SER A 632 -3.81 16.83 -47.32
N SER A 633 -4.99 16.87 -47.95
CA SER A 633 -5.64 18.11 -48.40
C SER A 633 -5.66 19.14 -47.26
N ALA A 634 -6.05 18.68 -46.07
CA ALA A 634 -6.09 19.53 -44.87
C ALA A 634 -4.76 19.30 -44.15
N LYS A 635 -4.83 18.77 -42.93
CA LYS A 635 -3.61 18.50 -42.20
C LYS A 635 -3.52 17.16 -41.51
N ASP A 636 -2.42 16.48 -41.80
CA ASP A 636 -2.06 15.17 -41.27
C ASP A 636 -3.08 14.01 -41.36
N LEU A 637 -3.89 13.99 -42.41
CA LEU A 637 -4.91 12.94 -42.58
C LEU A 637 -4.29 11.58 -42.96
N LEU A 638 -4.43 10.61 -42.06
CA LEU A 638 -3.91 9.24 -42.23
C LEU A 638 -2.40 9.21 -41.95
N PHE A 639 -1.66 10.17 -42.51
CA PHE A 639 -0.21 10.32 -42.36
C PHE A 639 0.12 11.82 -42.26
N SER A 640 1.14 12.15 -41.47
CA SER A 640 1.56 13.53 -41.29
C SER A 640 2.00 14.14 -42.64
N ASP A 641 1.64 15.41 -42.87
CA ASP A 641 1.99 16.10 -44.12
C ASP A 641 3.49 16.26 -44.35
N ASP A 642 4.29 15.73 -43.44
CA ASP A 642 5.73 15.84 -43.58
C ASP A 642 6.49 14.52 -43.56
N THR A 643 5.79 13.42 -43.83
CA THR A 643 6.45 12.12 -43.84
C THR A 643 7.10 11.91 -45.21
N GLU A 644 8.24 11.21 -45.20
CA GLU A 644 8.97 10.91 -46.43
C GLU A 644 8.51 9.57 -46.93
N CYS A 645 8.38 8.62 -46.01
CA CYS A 645 7.96 7.27 -46.38
C CYS A 645 7.56 6.47 -45.14
N LEU A 646 7.61 5.15 -45.28
CA LEU A 646 7.32 4.24 -44.19
C LEU A 646 8.55 3.34 -44.16
N SER A 647 9.27 3.38 -43.04
CA SER A 647 10.51 2.61 -42.79
C SER A 647 10.31 1.29 -42.00
N ASN A 648 11.21 0.35 -42.23
CA ASN A 648 11.15 -0.94 -41.54
C ASN A 648 11.42 -0.75 -40.05
N LEU A 649 10.77 -1.56 -39.22
CA LEU A 649 10.96 -1.47 -37.79
C LEU A 649 12.34 -2.02 -37.42
N GLN A 650 12.77 -3.03 -38.16
CA GLN A 650 14.06 -3.72 -37.94
C GLN A 650 14.00 -4.57 -36.66
N ASP A 651 14.91 -4.33 -35.71
CA ASP A 651 14.92 -5.07 -34.46
C ASP A 651 13.72 -4.64 -33.61
N LYS A 652 13.32 -3.38 -33.74
CA LYS A 652 12.19 -2.77 -33.01
C LYS A 652 10.80 -3.36 -33.34
N THR A 653 10.65 -4.66 -33.14
CA THR A 653 9.40 -5.35 -33.45
C THR A 653 8.25 -5.12 -32.48
N THR A 654 8.58 -4.72 -31.25
CA THR A 654 7.55 -4.46 -30.25
C THR A 654 7.39 -2.95 -30.04
N TYR A 655 6.39 -2.55 -29.25
CA TYR A 655 6.16 -1.15 -28.94
C TYR A 655 7.22 -0.77 -27.90
N LYS A 656 7.65 -1.77 -27.11
CA LYS A 656 8.65 -1.56 -26.08
C LYS A 656 9.97 -1.20 -26.71
N THR A 657 10.36 -1.97 -27.74
CA THR A 657 11.61 -1.74 -28.47
C THR A 657 11.50 -0.60 -29.50
N TYR A 658 10.25 -0.24 -29.81
CA TYR A 658 9.97 0.82 -30.77
C TYR A 658 9.98 2.21 -30.14
N LEU A 659 9.16 2.38 -29.11
CA LEU A 659 9.08 3.65 -28.39
C LEU A 659 10.37 3.92 -27.60
N GLY A 660 11.04 2.85 -27.19
CA GLY A 660 12.30 3.00 -26.47
C GLY A 660 12.12 2.97 -24.99
N PRO A 661 13.22 2.90 -24.21
CA PRO A 661 13.19 2.87 -22.73
C PRO A 661 12.79 4.23 -22.13
N GLN A 662 13.38 5.29 -22.66
CA GLN A 662 13.14 6.65 -22.17
C GLN A 662 11.69 7.08 -22.23
N TYR A 663 11.12 7.01 -23.42
CA TYR A 663 9.73 7.42 -23.65
C TYR A 663 8.70 6.52 -22.99
N LEU A 664 8.99 5.24 -23.02
CA LEU A 664 8.13 4.23 -22.42
C LEU A 664 8.10 4.46 -20.90
N THR A 665 9.25 4.82 -20.29
CA THR A 665 9.31 5.10 -18.84
C THR A 665 8.62 6.44 -18.48
N LEU A 666 8.48 7.29 -19.49
CA LEU A 666 7.84 8.59 -19.36
C LEU A 666 6.35 8.34 -19.33
N MET A 667 5.91 7.30 -20.02
CA MET A 667 4.49 6.96 -20.08
C MET A 667 4.01 6.18 -18.86
N ASP A 668 4.96 5.75 -18.05
CA ASP A 668 4.65 4.97 -16.88
C ASP A 668 4.53 5.91 -15.70
N ASN A 669 5.41 6.91 -15.70
CA ASN A 669 5.42 7.92 -14.66
C ASN A 669 4.33 8.96 -14.93
N PHE A 670 3.73 8.88 -16.12
CA PHE A 670 2.67 9.81 -16.47
C PHE A 670 1.35 9.06 -16.51
N ARG A 671 1.43 7.74 -16.50
CA ARG A 671 0.23 6.89 -16.56
C ARG A 671 -0.83 7.27 -15.52
N GLN A 672 -0.39 7.74 -14.35
CA GLN A 672 -1.34 8.13 -13.30
C GLN A 672 -2.29 9.21 -13.79
N CYS A 673 -1.77 10.17 -14.56
CA CYS A 673 -2.61 11.27 -15.07
C CYS A 673 -3.34 10.99 -16.36
N LEU A 674 -3.03 9.85 -16.97
CA LEU A 674 -3.68 9.45 -18.22
C LEU A 674 -5.04 8.84 -17.92
N SER A 675 -6.10 9.44 -18.42
CA SER A 675 -7.41 8.90 -18.20
C SER A 675 -7.91 8.19 -19.44
N SER A 676 -7.06 7.33 -20.00
CA SER A 676 -7.41 6.57 -21.20
C SER A 676 -8.23 5.37 -20.78
N GLU A 677 -9.51 5.38 -21.15
CA GLU A 677 -10.37 4.27 -20.78
C GLU A 677 -9.88 3.02 -21.48
N LEU A 678 -9.36 3.21 -22.68
CA LEU A 678 -8.87 2.08 -23.46
C LEU A 678 -7.74 1.41 -22.69
N LEU A 679 -6.73 2.18 -22.33
CA LEU A 679 -5.59 1.63 -21.64
C LEU A 679 -5.98 0.90 -20.39
N ASP A 680 -7.08 1.31 -19.77
CA ASP A 680 -7.49 0.66 -18.54
C ASP A 680 -8.42 -0.51 -18.75
N ALA A 681 -9.02 -0.58 -19.94
CA ALA A 681 -9.90 -1.68 -20.28
C ALA A 681 -8.96 -2.82 -20.67
N CYS A 682 -7.86 -2.47 -21.32
CA CYS A 682 -6.90 -3.45 -21.76
C CYS A 682 -6.08 -3.97 -20.59
N THR A 683 -5.92 -3.12 -19.58
CA THR A 683 -5.15 -3.44 -18.38
C THR A 683 -5.99 -4.00 -17.21
N PHE A 684 -7.28 -4.16 -17.45
CA PHE A 684 -8.23 -4.68 -16.46
C PHE A 684 -7.73 -6.02 -15.94
N HIS A 685 -7.85 -7.07 -16.76
CA HIS A 685 -7.36 -8.37 -16.37
C HIS A 685 -5.83 -8.32 -16.47
N LYS A 686 -5.19 -8.25 -15.31
CA LYS A 686 -3.74 -8.13 -15.17
C LYS A 686 -2.90 -9.03 -16.11
N TYR A 687 -3.31 -10.29 -16.27
CA TYR A 687 -2.61 -11.20 -17.18
C TYR A 687 -3.63 -12.15 -17.80
N GLU B 9 29.73 2.64 20.99
CA GLU B 9 30.62 3.76 21.41
C GLU B 9 32.09 3.36 21.35
N LYS B 10 32.94 4.08 22.10
CA LYS B 10 34.39 3.82 22.14
C LYS B 10 34.76 2.64 23.05
N THR B 11 33.82 1.72 23.25
CA THR B 11 34.06 0.54 24.08
C THR B 11 34.75 -0.52 23.23
N ILE B 12 36.00 -0.81 23.59
CA ILE B 12 36.81 -1.77 22.87
C ILE B 12 36.39 -3.24 23.02
N ARG B 13 36.09 -3.88 21.89
CA ARG B 13 35.68 -5.30 21.85
C ARG B 13 36.88 -6.19 21.57
N TRP B 14 37.23 -7.07 22.50
CA TRP B 14 38.37 -7.93 22.31
C TRP B 14 38.06 -9.32 21.75
N CYS B 15 38.81 -9.71 20.73
CA CYS B 15 38.61 -10.98 20.08
C CYS B 15 39.20 -12.13 20.88
N VAL B 16 38.35 -13.12 21.15
CA VAL B 16 38.73 -14.29 21.89
C VAL B 16 38.41 -15.55 21.07
N VAL B 17 39.22 -16.60 21.26
CA VAL B 17 39.05 -17.86 20.50
C VAL B 17 38.79 -19.16 21.26
N SER B 18 38.94 -19.16 22.58
CA SER B 18 38.70 -20.36 23.38
C SER B 18 37.78 -19.94 24.50
N ASP B 19 37.49 -20.86 25.42
CA ASP B 19 36.63 -20.53 26.55
C ASP B 19 37.48 -19.98 27.69
N HIS B 20 38.72 -20.44 27.77
CA HIS B 20 39.63 -19.99 28.82
C HIS B 20 40.05 -18.53 28.60
N GLU B 21 40.10 -18.12 27.33
CA GLU B 21 40.52 -16.75 27.02
C GLU B 21 39.34 -15.81 27.24
N ALA B 22 38.13 -16.39 27.25
CA ALA B 22 36.90 -15.63 27.46
C ALA B 22 36.76 -15.40 28.96
N THR B 23 37.16 -16.41 29.73
CA THR B 23 37.11 -16.28 31.17
C THR B 23 38.19 -15.28 31.58
N LYS B 24 39.33 -15.29 30.89
CA LYS B 24 40.40 -14.37 31.23
C LYS B 24 39.99 -12.95 30.83
N CYS B 25 39.37 -12.82 29.65
CA CYS B 25 38.93 -11.52 29.17
C CYS B 25 37.87 -10.88 30.08
N SER B 26 36.99 -11.71 30.66
CA SER B 26 35.94 -11.22 31.55
C SER B 26 36.60 -10.65 32.78
N SER B 27 37.69 -11.29 33.20
CA SER B 27 38.41 -10.85 34.39
C SER B 27 39.19 -9.58 34.11
N PHE B 28 39.57 -9.39 32.85
CA PHE B 28 40.32 -8.19 32.42
C PHE B 28 39.37 -6.98 32.38
N ARG B 29 38.13 -7.25 32.00
CA ARG B 29 37.06 -6.27 31.89
C ARG B 29 36.69 -5.74 33.25
N ASP B 30 36.42 -6.68 34.14
CA ASP B 30 36.00 -6.40 35.50
C ASP B 30 37.06 -5.68 36.33
N ASN B 31 38.29 -6.16 36.21
CA ASN B 31 39.46 -5.63 36.92
C ASN B 31 39.90 -4.28 36.42
N MET B 32 39.71 -4.04 35.12
CA MET B 32 40.06 -2.76 34.55
C MET B 32 39.01 -1.72 34.92
N LYS B 33 37.76 -2.15 35.14
CA LYS B 33 36.67 -1.24 35.50
C LYS B 33 36.95 -0.56 36.82
N LYS B 34 37.66 -1.28 37.68
CA LYS B 34 38.02 -0.78 39.01
C LYS B 34 39.15 0.25 39.00
N VAL B 35 40.20 -0.05 38.24
CA VAL B 35 41.35 0.84 38.16
C VAL B 35 41.17 2.04 37.22
N LEU B 36 40.53 1.83 36.09
CA LEU B 36 40.36 2.89 35.12
C LEU B 36 38.90 3.07 34.77
N PRO B 37 38.15 3.75 35.64
CA PRO B 37 36.71 4.02 35.50
C PRO B 37 36.37 5.37 34.87
N ALA B 38 37.33 6.27 34.92
CA ALA B 38 37.17 7.58 34.34
C ALA B 38 38.45 7.75 33.53
N GLY B 39 38.33 8.28 32.32
CA GLY B 39 39.52 8.42 31.48
C GLY B 39 39.90 7.01 31.06
N GLY B 40 38.89 6.22 30.67
CA GLY B 40 39.09 4.84 30.22
C GLY B 40 37.82 4.06 29.87
N PRO B 41 37.74 3.46 28.66
CA PRO B 41 36.59 2.68 28.20
C PRO B 41 36.60 1.23 28.67
N ALA B 42 35.42 0.62 28.70
CA ALA B 42 35.28 -0.78 29.15
C ALA B 42 35.76 -1.75 28.07
N VAL B 43 35.68 -3.03 28.39
CA VAL B 43 36.10 -4.08 27.46
C VAL B 43 34.94 -5.05 27.34
N THR B 44 34.78 -5.64 26.17
CA THR B 44 33.72 -6.63 25.97
C THR B 44 34.35 -7.76 25.18
N CYS B 45 34.00 -8.99 25.54
CA CYS B 45 34.58 -10.13 24.87
C CYS B 45 33.67 -10.70 23.82
N VAL B 46 34.13 -10.57 22.58
CA VAL B 46 33.43 -11.08 21.41
C VAL B 46 34.22 -12.31 20.99
N ARG B 47 33.53 -13.43 20.86
CA ARG B 47 34.17 -14.67 20.46
C ARG B 47 34.13 -14.87 18.96
N LYS B 48 35.10 -15.62 18.45
CA LYS B 48 35.20 -15.93 17.05
C LYS B 48 35.92 -17.27 16.97
N MET B 49 35.81 -17.96 15.83
CA MET B 49 36.42 -19.28 15.65
C MET B 49 37.94 -19.29 15.70
N SER B 50 38.58 -18.38 14.97
CA SER B 50 40.05 -18.28 14.96
C SER B 50 40.59 -16.86 14.75
N HIS B 51 41.91 -16.69 14.95
CA HIS B 51 42.56 -15.38 14.78
C HIS B 51 42.38 -14.78 13.39
N PRO B 52 42.43 -15.63 12.35
CA PRO B 52 42.25 -15.15 10.97
C PRO B 52 40.83 -14.65 10.79
N GLU B 53 39.92 -15.14 11.64
CA GLU B 53 38.53 -14.71 11.58
C GLU B 53 38.51 -13.38 12.32
N CYS B 54 39.37 -13.28 13.33
CA CYS B 54 39.50 -12.08 14.14
C CYS B 54 40.05 -10.94 13.30
N ILE B 55 41.00 -11.24 12.41
CA ILE B 55 41.57 -10.20 11.56
C ILE B 55 40.49 -9.69 10.62
N ARG B 56 39.79 -10.63 9.99
CA ARG B 56 38.71 -10.33 9.05
C ARG B 56 37.64 -9.42 9.66
N ASP B 57 37.06 -9.86 10.77
CA ASP B 57 36.01 -9.11 11.46
C ASP B 57 36.37 -7.76 12.05
N ILE B 58 37.65 -7.53 12.33
CA ILE B 58 38.12 -6.25 12.86
C ILE B 58 38.07 -5.23 11.72
N SER B 59 38.22 -5.73 10.51
CA SER B 59 38.17 -4.93 9.31
C SER B 59 36.71 -4.64 9.02
N ALA B 60 35.83 -5.57 9.38
CA ALA B 60 34.40 -5.45 9.14
C ALA B 60 33.66 -4.63 10.18
N ASN B 61 34.39 -4.21 11.20
CA ASN B 61 33.89 -3.43 12.33
C ASN B 61 33.12 -4.27 13.34
N LYS B 62 33.38 -5.58 13.36
CA LYS B 62 32.71 -6.48 14.28
C LYS B 62 33.50 -6.56 15.59
N VAL B 63 34.82 -6.44 15.52
CA VAL B 63 35.64 -6.45 16.72
C VAL B 63 36.51 -5.19 16.63
N ASP B 64 37.35 -4.96 17.64
CA ASP B 64 38.21 -3.78 17.67
C ASP B 64 39.74 -4.10 17.77
N ALA B 65 40.07 -5.13 18.57
CA ALA B 65 41.46 -5.51 18.78
C ALA B 65 41.64 -6.96 19.19
N VAL B 66 42.80 -7.49 18.81
CA VAL B 66 43.22 -8.87 19.08
C VAL B 66 44.75 -8.79 19.02
N THR B 67 45.43 -9.72 19.70
CA THR B 67 46.89 -9.79 19.68
C THR B 67 47.31 -10.99 18.82
N VAL B 68 47.80 -10.69 17.61
CA VAL B 68 48.21 -11.73 16.68
C VAL B 68 49.67 -11.65 16.18
N ASP B 69 50.00 -12.65 15.37
CA ASP B 69 51.28 -12.83 14.69
C ASP B 69 51.05 -11.96 13.47
N GLY B 70 51.78 -10.86 13.34
CA GLY B 70 51.60 -9.97 12.19
C GLY B 70 51.58 -10.61 10.80
N ALA B 71 52.05 -11.84 10.70
CA ALA B 71 52.06 -12.57 9.44
C ALA B 71 50.62 -12.73 9.00
N LEU B 72 49.75 -12.99 9.96
CA LEU B 72 48.32 -13.15 9.68
C LEU B 72 47.76 -11.83 9.19
N VAL B 73 48.28 -10.74 9.74
CA VAL B 73 47.84 -9.39 9.35
C VAL B 73 48.51 -9.02 8.02
N ALA B 74 49.06 -10.02 7.34
CA ALA B 74 49.73 -9.82 6.07
C ALA B 74 48.73 -9.96 4.95
N GLU B 75 47.48 -10.19 5.32
CA GLU B 75 46.38 -10.31 4.35
C GLU B 75 45.54 -9.07 4.63
N ALA B 76 46.20 -7.92 4.62
CA ALA B 76 45.52 -6.67 4.95
C ALA B 76 45.91 -5.44 4.15
N ASP B 77 46.52 -5.62 2.99
CA ASP B 77 46.93 -4.49 2.16
C ASP B 77 46.03 -4.41 0.91
N LEU B 78 44.83 -4.94 1.08
CA LEU B 78 43.79 -4.99 0.04
C LEU B 78 42.52 -4.29 0.59
N PRO B 79 41.41 -4.25 -0.18
CA PRO B 79 40.17 -3.59 0.28
C PRO B 79 39.31 -4.43 1.23
N HIS B 80 39.04 -3.85 2.40
CA HIS B 80 38.25 -4.49 3.46
C HIS B 80 39.22 -5.29 4.33
N HIS B 81 40.51 -5.11 4.06
CA HIS B 81 41.56 -5.82 4.78
C HIS B 81 42.60 -4.88 5.43
N SER B 82 42.45 -3.56 5.32
CA SER B 82 43.42 -2.61 5.90
C SER B 82 43.42 -2.46 7.42
N LEU B 83 44.52 -2.90 8.03
CA LEU B 83 44.76 -2.86 9.47
C LEU B 83 46.23 -2.57 9.73
N LYS B 84 46.52 -1.95 10.87
CA LYS B 84 47.90 -1.64 11.22
C LYS B 84 48.13 -1.91 12.69
N PRO B 85 49.37 -2.33 13.06
CA PRO B 85 49.73 -2.62 14.45
C PRO B 85 49.86 -1.35 15.30
N ILE B 86 49.22 -1.34 16.48
CA ILE B 86 49.27 -0.16 17.38
C ILE B 86 50.02 -0.36 18.70
N MET B 87 50.17 -1.59 19.13
CA MET B 87 50.89 -1.86 20.37
C MET B 87 51.81 -3.01 20.03
N ALA B 88 52.96 -3.10 20.68
CA ALA B 88 53.90 -4.19 20.43
C ALA B 88 54.39 -4.90 21.70
N GLU B 89 54.40 -6.23 21.68
CA GLU B 89 54.84 -7.02 22.82
C GLU B 89 56.35 -6.99 23.03
N TYR B 90 56.79 -7.17 24.28
CA TYR B 90 58.22 -7.25 24.56
C TYR B 90 58.52 -8.26 25.67
N TYR B 91 59.73 -8.81 25.58
CA TYR B 91 60.24 -9.80 26.53
C TYR B 91 61.49 -9.29 27.25
N GLY B 92 61.69 -9.79 28.47
CA GLY B 92 62.86 -9.40 29.25
C GLY B 92 62.56 -8.53 30.46
N SER B 93 62.72 -7.22 30.28
CA SER B 93 62.48 -6.28 31.35
C SER B 93 62.00 -5.00 30.71
N LYS B 94 61.86 -3.94 31.51
CA LYS B 94 61.41 -2.64 31.01
C LYS B 94 62.57 -1.79 30.47
N ASP B 95 63.75 -1.90 31.10
CA ASP B 95 64.92 -1.15 30.65
C ASP B 95 65.38 -1.66 29.27
N ASP B 96 65.39 -2.98 29.12
CA ASP B 96 65.78 -3.61 27.86
C ASP B 96 64.61 -4.32 27.13
N PRO B 97 63.92 -3.58 26.26
CA PRO B 97 62.80 -4.17 25.52
C PRO B 97 63.23 -5.09 24.36
N LYS B 98 62.84 -6.37 24.44
CA LYS B 98 63.17 -7.32 23.38
C LYS B 98 61.94 -7.54 22.49
N THR B 99 61.91 -6.88 21.33
CA THR B 99 60.79 -6.97 20.40
C THR B 99 61.02 -7.93 19.24
N HIS B 100 61.31 -9.18 19.58
CA HIS B 100 61.56 -10.21 18.59
C HIS B 100 61.65 -11.54 19.31
N TYR B 101 61.65 -12.63 18.54
CA TYR B 101 61.78 -13.98 19.07
C TYR B 101 62.22 -14.89 17.95
N TYR B 102 63.20 -15.75 18.22
CA TYR B 102 63.75 -16.63 17.20
C TYR B 102 62.85 -17.81 16.80
N VAL B 103 62.89 -18.14 15.52
CA VAL B 103 62.14 -19.26 14.96
C VAL B 103 63.18 -20.36 14.82
N VAL B 104 62.96 -21.47 15.54
CA VAL B 104 63.89 -22.59 15.51
C VAL B 104 63.18 -23.92 15.19
N ALA B 105 63.94 -24.89 14.70
CA ALA B 105 63.40 -26.21 14.40
C ALA B 105 63.80 -27.13 15.56
N MET B 106 62.83 -27.85 16.11
CA MET B 106 63.09 -28.76 17.25
C MET B 106 63.06 -30.25 16.86
N ALA B 107 63.89 -31.05 17.52
CA ALA B 107 63.95 -32.49 17.24
C ALA B 107 64.60 -33.28 18.37
N LYS B 108 64.22 -34.55 18.49
CA LYS B 108 64.78 -35.41 19.52
C LYS B 108 66.24 -35.70 19.22
N LYS B 109 67.02 -35.93 20.26
CA LYS B 109 68.43 -36.26 20.09
C LYS B 109 68.55 -37.76 19.81
N GLY B 110 69.12 -38.10 18.66
CA GLY B 110 69.26 -39.49 18.28
C GLY B 110 68.87 -39.70 16.83
N THR B 111 67.76 -39.11 16.41
CA THR B 111 67.31 -39.21 15.04
C THR B 111 68.40 -38.53 14.22
N GLY B 112 69.08 -37.59 14.85
CA GLY B 112 70.18 -36.86 14.23
C GLY B 112 69.98 -36.27 12.84
N PHE B 113 68.88 -35.56 12.64
CA PHE B 113 68.58 -34.94 11.34
C PHE B 113 69.14 -33.52 11.23
N GLN B 114 69.65 -33.16 10.05
CA GLN B 114 70.22 -31.82 9.82
C GLN B 114 69.34 -30.92 8.95
N LEU B 115 69.72 -29.65 8.84
CA LEU B 115 68.99 -28.66 8.05
C LEU B 115 68.43 -29.24 6.74
N ASN B 116 69.30 -29.82 5.90
CA ASN B 116 68.90 -30.41 4.63
C ASN B 116 68.12 -31.71 4.78
N GLN B 117 68.29 -32.35 5.93
CA GLN B 117 67.61 -33.61 6.21
C GLN B 117 66.15 -33.40 6.63
N LEU B 118 65.50 -32.40 6.03
CA LEU B 118 64.10 -32.10 6.35
C LEU B 118 63.20 -32.54 5.21
N ARG B 119 63.78 -33.24 4.24
CA ARG B 119 63.05 -33.72 3.07
C ARG B 119 61.89 -34.63 3.43
N GLY B 120 60.70 -34.26 2.95
CA GLY B 120 59.47 -35.01 3.17
C GLY B 120 59.35 -35.98 4.34
N LYS B 121 59.37 -35.46 5.57
CA LYS B 121 59.24 -36.32 6.75
C LYS B 121 58.04 -35.94 7.62
N LYS B 122 58.03 -36.43 8.87
CA LYS B 122 56.96 -36.12 9.83
C LYS B 122 57.26 -34.81 10.58
N SER B 123 56.58 -33.73 10.18
CA SER B 123 56.81 -32.42 10.79
C SER B 123 55.53 -31.78 11.34
N CYS B 124 55.70 -30.96 12.37
CA CYS B 124 54.58 -30.27 12.98
C CYS B 124 54.77 -28.77 12.94
N HIS B 125 53.72 -28.08 12.53
CA HIS B 125 53.72 -26.63 12.40
C HIS B 125 52.73 -25.98 13.37
N THR B 126 53.04 -24.74 13.74
CA THR B 126 52.20 -23.96 14.65
C THR B 126 50.88 -23.64 13.96
N GLY B 127 50.91 -23.49 12.64
CA GLY B 127 49.69 -23.19 11.94
C GLY B 127 49.89 -22.56 10.57
N LEU B 128 48.85 -22.65 9.74
CA LEU B 128 48.86 -22.10 8.39
C LEU B 128 48.72 -20.57 8.40
N GLY B 129 49.74 -19.89 7.88
CA GLY B 129 49.74 -18.42 7.83
C GLY B 129 50.53 -17.81 8.97
N TRP B 130 51.08 -18.66 9.82
CA TRP B 130 51.85 -18.20 10.94
C TRP B 130 53.29 -18.13 10.50
N SER B 131 53.94 -17.05 10.88
CA SER B 131 55.34 -16.85 10.52
C SER B 131 56.24 -17.74 11.35
N ALA B 132 55.82 -18.02 12.57
CA ALA B 132 56.59 -18.85 13.47
C ALA B 132 56.78 -20.25 12.89
N GLY B 133 55.71 -20.82 12.35
CA GLY B 133 55.82 -22.18 11.81
C GLY B 133 55.39 -22.44 10.38
N TRP B 134 55.06 -21.41 9.62
CA TRP B 134 54.66 -21.63 8.23
C TRP B 134 55.53 -20.89 7.24
N TYR B 135 55.61 -19.58 7.41
CA TYR B 135 56.40 -18.71 6.53
C TYR B 135 57.91 -18.80 6.68
N VAL B 136 58.43 -18.79 7.91
CA VAL B 136 59.88 -18.86 8.11
C VAL B 136 60.46 -20.22 7.71
N PRO B 137 59.83 -21.33 8.15
CA PRO B 137 60.34 -22.65 7.77
C PRO B 137 60.38 -22.83 6.25
N LEU B 138 59.33 -22.38 5.58
CA LEU B 138 59.25 -22.49 4.14
C LEU B 138 60.26 -21.63 3.37
N SER B 139 60.74 -20.55 4.00
CA SER B 139 61.71 -19.70 3.33
C SER B 139 63.12 -20.29 3.47
N THR B 140 63.31 -21.13 4.50
CA THR B 140 64.59 -21.78 4.74
C THR B 140 64.94 -22.67 3.56
N LEU B 141 63.93 -23.38 3.08
CA LEU B 141 64.07 -24.27 1.92
C LEU B 141 63.02 -23.85 0.86
N LEU B 142 63.33 -22.76 0.13
CA LEU B 142 62.46 -22.20 -0.90
C LEU B 142 62.24 -23.14 -2.08
N PRO B 143 61.01 -23.60 -2.29
CA PRO B 143 60.61 -24.51 -3.36
C PRO B 143 60.54 -23.83 -4.73
N SER B 144 60.54 -24.68 -5.77
CA SER B 144 60.49 -24.21 -7.16
C SER B 144 59.07 -23.75 -7.54
N GLY B 145 58.85 -22.44 -7.49
CA GLY B 145 57.56 -21.89 -7.81
C GLY B 145 57.01 -21.28 -6.54
N SER B 146 57.64 -21.63 -5.42
CA SER B 146 57.27 -21.15 -4.09
C SER B 146 55.75 -21.08 -3.95
N ARG B 147 55.16 -22.18 -3.50
CA ARG B 147 53.71 -22.28 -3.28
C ARG B 147 53.41 -22.85 -1.88
N GLU B 148 52.19 -22.64 -1.39
CA GLU B 148 51.81 -23.15 -0.07
C GLU B 148 51.16 -24.53 -0.15
N THR B 149 50.57 -24.84 -1.30
CA THR B 149 49.93 -26.13 -1.53
C THR B 149 51.00 -27.10 -2.02
N ALA B 150 52.16 -26.55 -2.37
CA ALA B 150 53.28 -27.32 -2.87
C ALA B 150 53.95 -28.05 -1.73
N ALA B 151 53.93 -27.46 -0.55
CA ALA B 151 54.53 -28.08 0.64
C ALA B 151 53.69 -29.25 1.13
N ALA B 152 52.48 -29.40 0.57
CA ALA B 152 51.54 -30.46 0.92
C ALA B 152 51.83 -31.80 0.23
N THR B 153 52.55 -31.73 -0.88
CA THR B 153 52.90 -32.93 -1.62
C THR B 153 54.36 -33.26 -1.30
N PHE B 154 55.13 -32.22 -0.98
CA PHE B 154 56.54 -32.37 -0.66
C PHE B 154 56.67 -33.17 0.61
N PHE B 155 55.94 -32.75 1.66
CA PHE B 155 55.96 -33.46 2.93
C PHE B 155 54.94 -34.60 2.82
N SER B 156 55.32 -35.78 3.30
CA SER B 156 54.44 -36.95 3.24
C SER B 156 53.17 -36.73 4.08
N SER B 157 53.36 -36.45 5.37
CA SER B 157 52.26 -36.20 6.31
C SER B 157 52.74 -35.24 7.39
N SER B 158 52.00 -34.16 7.59
CA SER B 158 52.35 -33.14 8.60
C SER B 158 51.11 -32.60 9.33
N CYS B 159 51.35 -31.85 10.42
CA CYS B 159 50.25 -31.25 11.17
C CYS B 159 50.31 -29.72 11.15
N VAL B 160 49.57 -29.16 10.19
CA VAL B 160 49.47 -27.73 9.97
C VAL B 160 48.01 -27.35 10.19
N PRO B 161 47.69 -26.86 11.39
CA PRO B 161 46.32 -26.47 11.72
C PRO B 161 45.86 -25.36 10.78
N CYS B 162 44.56 -25.11 10.78
CA CYS B 162 43.96 -24.07 9.94
C CYS B 162 43.82 -24.47 8.49
N ALA B 163 44.63 -25.42 8.06
CA ALA B 163 44.60 -25.88 6.67
C ALA B 163 43.32 -26.68 6.38
N ASP B 164 42.75 -26.46 5.20
CA ASP B 164 41.54 -27.14 4.75
C ASP B 164 41.89 -28.58 4.37
N GLY B 165 41.55 -29.54 5.22
CA GLY B 165 41.86 -30.93 4.99
C GLY B 165 41.00 -31.67 3.97
N LYS B 166 39.98 -30.99 3.46
CA LYS B 166 39.10 -31.56 2.46
C LYS B 166 39.87 -31.78 1.18
N MET B 167 40.76 -30.85 0.86
CA MET B 167 41.57 -30.94 -0.36
C MET B 167 42.97 -31.50 -0.09
N PHE B 168 43.49 -31.29 1.10
CA PHE B 168 44.82 -31.81 1.40
C PHE B 168 44.87 -32.62 2.69
N PRO B 169 44.55 -33.93 2.60
CA PRO B 169 44.54 -34.88 3.71
C PRO B 169 45.90 -35.09 4.37
N SER B 170 46.95 -35.18 3.55
CA SER B 170 48.29 -35.38 4.07
C SER B 170 48.80 -34.19 4.87
N LEU B 171 48.04 -33.10 4.89
CA LEU B 171 48.45 -31.91 5.63
C LEU B 171 47.81 -31.82 7.02
N CYS B 172 46.94 -32.77 7.32
CA CYS B 172 46.28 -32.79 8.61
C CYS B 172 46.37 -34.18 9.23
N GLN B 173 47.36 -34.96 8.78
CA GLN B 173 47.53 -36.31 9.27
C GLN B 173 48.05 -36.44 10.69
N LEU B 174 49.10 -35.72 11.05
CA LEU B 174 49.66 -35.80 12.42
C LEU B 174 48.91 -34.96 13.46
N CYS B 175 47.85 -34.29 13.03
CA CYS B 175 47.01 -33.46 13.91
C CYS B 175 45.96 -34.33 14.59
N ALA B 176 46.08 -34.49 15.90
CA ALA B 176 45.16 -35.31 16.67
C ALA B 176 44.05 -34.54 17.37
N GLY B 177 42.93 -34.36 16.67
CA GLY B 177 41.80 -33.65 17.25
C GLY B 177 40.62 -34.61 17.34
N LYS B 178 39.43 -34.11 17.07
CA LYS B 178 38.24 -34.95 17.12
C LYS B 178 37.26 -34.67 15.99
N GLY B 179 37.48 -35.35 14.88
CA GLY B 179 36.62 -35.21 13.71
C GLY B 179 36.64 -33.84 13.10
N THR B 180 35.75 -32.97 13.57
CA THR B 180 35.65 -31.62 13.07
C THR B 180 36.60 -30.68 13.86
N ASP B 181 37.02 -31.14 15.04
CA ASP B 181 37.92 -30.37 15.92
C ASP B 181 39.39 -30.71 15.69
N LYS B 182 39.66 -31.59 14.75
CA LYS B 182 41.03 -31.98 14.45
C LYS B 182 41.58 -30.99 13.43
N CYS B 183 42.86 -30.65 13.57
CA CYS B 183 43.52 -29.71 12.67
C CYS B 183 42.79 -28.36 12.70
N ALA B 184 42.32 -27.98 13.88
CA ALA B 184 41.59 -26.74 14.07
C ALA B 184 42.53 -25.56 14.18
N CYS B 185 41.98 -24.38 13.92
CA CYS B 185 42.76 -23.17 13.97
C CYS B 185 42.65 -22.48 15.32
N SER B 186 42.41 -23.26 16.37
CA SER B 186 42.29 -22.74 17.73
C SER B 186 42.71 -23.84 18.72
N SER B 187 42.51 -23.61 20.01
CA SER B 187 42.87 -24.59 21.03
C SER B 187 42.11 -25.92 20.87
N ARG B 188 41.02 -25.93 20.10
CA ARG B 188 40.20 -27.13 19.88
C ARG B 188 41.04 -28.26 19.30
N GLU B 189 42.15 -27.87 18.70
CA GLU B 189 43.09 -28.82 18.12
C GLU B 189 44.21 -28.94 19.16
N PRO B 190 44.46 -30.17 19.66
CA PRO B 190 45.50 -30.39 20.66
C PRO B 190 46.87 -29.81 20.27
N TYR B 191 47.24 -30.01 19.01
CA TYR B 191 48.50 -29.54 18.46
C TYR B 191 48.26 -28.24 17.72
N PHE B 192 48.38 -27.12 18.42
CA PHE B 192 48.18 -25.82 17.79
C PHE B 192 49.14 -24.81 18.42
N GLY B 193 49.56 -23.81 17.64
CA GLY B 193 50.49 -22.82 18.14
C GLY B 193 51.85 -23.41 18.46
N SER B 194 52.72 -22.60 19.06
CA SER B 194 54.06 -23.05 19.44
C SER B 194 54.03 -24.01 20.63
N TRP B 195 52.89 -24.10 21.30
CA TRP B 195 52.77 -24.99 22.46
C TRP B 195 52.25 -26.36 22.01
N GLY B 196 51.24 -26.37 21.15
CA GLY B 196 50.67 -27.61 20.68
C GLY B 196 51.50 -28.37 19.65
N ALA B 197 52.23 -27.63 18.82
CA ALA B 197 53.08 -28.25 17.80
C ALA B 197 54.40 -28.75 18.37
N LEU B 198 54.77 -28.28 19.56
CA LEU B 198 56.01 -28.71 20.22
C LEU B 198 55.78 -30.08 20.84
N LYS B 199 54.52 -30.40 21.11
CA LYS B 199 54.16 -31.68 21.70
C LYS B 199 54.41 -32.88 20.77
N CYS B 200 54.72 -32.62 19.50
CA CYS B 200 54.98 -33.71 18.56
C CYS B 200 56.32 -34.38 18.83
N LEU B 201 57.11 -33.77 19.70
CA LEU B 201 58.40 -34.31 20.09
C LEU B 201 58.24 -35.04 21.41
N GLN B 202 57.49 -34.41 22.32
CA GLN B 202 57.21 -34.96 23.63
C GLN B 202 56.48 -36.29 23.40
N ASP B 203 55.47 -36.24 22.53
CA ASP B 203 54.69 -37.43 22.21
C ASP B 203 55.34 -38.26 21.13
N GLY B 204 55.94 -37.58 20.15
CA GLY B 204 56.59 -38.30 19.09
C GLY B 204 55.60 -38.58 17.97
N THR B 205 55.05 -37.51 17.41
CA THR B 205 54.09 -37.59 16.30
C THR B 205 54.81 -37.13 15.02
N ALA B 206 55.84 -36.32 15.21
CA ALA B 206 56.65 -35.80 14.12
C ALA B 206 58.08 -35.68 14.58
N ASP B 207 59.00 -35.74 13.62
CA ASP B 207 60.41 -35.63 13.92
C ASP B 207 60.83 -34.19 14.17
N VAL B 208 60.18 -33.26 13.48
CA VAL B 208 60.46 -31.83 13.64
C VAL B 208 59.20 -30.97 13.85
N SER B 209 59.33 -29.96 14.72
CA SER B 209 58.27 -29.01 15.07
C SER B 209 58.86 -27.61 15.05
N PHE B 210 58.49 -26.85 14.03
CA PHE B 210 58.98 -25.50 13.87
C PHE B 210 58.27 -24.63 14.87
N VAL B 211 59.02 -24.11 15.83
CA VAL B 211 58.45 -23.28 16.88
C VAL B 211 59.39 -22.16 17.35
N LYS B 212 58.82 -21.21 18.09
CA LYS B 212 59.57 -20.07 18.61
C LYS B 212 60.38 -20.50 19.84
N HIS B 213 61.49 -19.82 20.09
CA HIS B 213 62.36 -20.14 21.22
C HIS B 213 61.75 -19.89 22.58
N LEU B 214 60.80 -18.97 22.67
CA LEU B 214 60.20 -18.67 23.96
C LEU B 214 59.23 -19.75 24.46
N THR B 215 58.70 -20.57 23.55
CA THR B 215 57.79 -21.65 23.95
C THR B 215 58.57 -22.90 24.30
N VAL B 216 59.82 -22.93 23.86
CA VAL B 216 60.68 -24.07 24.11
C VAL B 216 61.07 -24.23 25.56
N PHE B 217 61.65 -23.19 26.17
CA PHE B 217 62.07 -23.28 27.56
C PHE B 217 60.94 -23.00 28.58
N GLU B 218 59.74 -22.77 28.08
CA GLU B 218 58.58 -22.50 28.93
C GLU B 218 57.69 -23.74 29.00
N ALA B 219 57.71 -24.52 27.92
CA ALA B 219 56.92 -25.75 27.86
C ALA B 219 57.89 -26.93 27.96
N MET B 220 59.07 -26.66 28.53
CA MET B 220 60.11 -27.68 28.67
C MET B 220 59.82 -28.57 29.86
N PRO B 221 59.78 -29.90 29.66
CA PRO B 221 59.51 -30.92 30.69
C PRO B 221 60.26 -30.70 32.01
N THR B 222 61.58 -30.58 31.93
CA THR B 222 62.43 -30.36 33.09
C THR B 222 63.47 -29.27 32.75
N LYS B 223 63.97 -28.58 33.78
CA LYS B 223 64.95 -27.52 33.57
C LYS B 223 66.21 -28.00 32.84
N ALA B 224 66.38 -29.32 32.76
CA ALA B 224 67.54 -29.91 32.09
C ALA B 224 67.20 -30.70 30.82
N ASP B 225 65.92 -30.73 30.45
CA ASP B 225 65.48 -31.45 29.26
C ASP B 225 65.89 -30.65 28.02
N ARG B 226 66.82 -29.71 28.22
CA ARG B 226 67.34 -28.88 27.13
C ARG B 226 68.47 -29.62 26.44
N ASP B 227 68.59 -30.90 26.80
CA ASP B 227 69.60 -31.82 26.28
C ASP B 227 68.97 -33.01 25.55
N GLN B 228 67.66 -33.19 25.70
CA GLN B 228 66.96 -34.29 25.04
C GLN B 228 66.52 -33.86 23.63
N TYR B 229 66.43 -32.55 23.40
CA TYR B 229 66.04 -32.04 22.10
C TYR B 229 67.08 -31.06 21.60
N GLU B 230 67.38 -31.15 20.31
CA GLU B 230 68.36 -30.27 19.68
C GLU B 230 67.78 -29.43 18.54
N LEU B 231 68.51 -28.39 18.15
CA LEU B 231 68.09 -27.50 17.07
C LEU B 231 68.87 -27.82 15.80
N LEU B 232 68.28 -27.48 14.66
CA LEU B 232 68.92 -27.69 13.36
C LEU B 232 69.32 -26.30 12.91
N CYS B 233 70.61 -26.10 12.65
CA CYS B 233 71.07 -24.78 12.23
C CYS B 233 71.09 -24.64 10.71
N MET B 234 71.26 -23.40 10.26
CA MET B 234 71.32 -23.07 8.85
C MET B 234 72.62 -23.68 8.30
N ASP B 235 73.57 -23.95 9.21
CA ASP B 235 74.87 -24.54 8.88
C ASP B 235 74.78 -26.07 8.91
N ASN B 236 73.68 -26.61 8.36
CA ASN B 236 73.42 -28.04 8.30
C ASN B 236 74.02 -28.83 9.44
N THR B 237 74.10 -28.20 10.60
CA THR B 237 74.65 -28.84 11.77
C THR B 237 73.60 -28.84 12.89
N ARG B 238 73.93 -29.44 14.03
CA ARG B 238 73.01 -29.43 15.17
C ARG B 238 73.69 -28.65 16.28
N ARG B 239 72.92 -28.31 17.31
CA ARG B 239 73.45 -27.54 18.44
C ARG B 239 72.41 -27.52 19.54
N PRO B 240 72.83 -27.57 20.82
CA PRO B 240 71.87 -27.56 21.94
C PRO B 240 70.87 -26.40 21.82
N VAL B 241 69.65 -26.64 22.26
CA VAL B 241 68.62 -25.61 22.20
C VAL B 241 69.05 -24.38 23.00
N GLU B 242 69.89 -24.59 24.02
CA GLU B 242 70.38 -23.52 24.89
C GLU B 242 71.07 -22.39 24.09
N GLU B 243 71.53 -22.72 22.88
CA GLU B 243 72.18 -21.74 22.01
C GLU B 243 71.33 -21.47 20.76
N TYR B 244 70.20 -20.79 20.96
CA TYR B 244 69.29 -20.47 19.87
C TYR B 244 69.65 -19.18 19.15
N GLU B 245 70.57 -18.41 19.71
CA GLU B 245 70.96 -17.13 19.11
C GLU B 245 71.99 -17.28 17.99
N GLN B 246 72.48 -18.51 17.81
CA GLN B 246 73.46 -18.79 16.77
C GLN B 246 73.10 -20.08 16.02
N CYS B 247 71.82 -20.46 16.11
CA CYS B 247 71.30 -21.64 15.44
C CYS B 247 69.77 -21.46 15.32
N TYR B 248 69.35 -20.47 14.55
CA TYR B 248 67.94 -20.15 14.37
C TYR B 248 67.60 -20.03 12.89
N LEU B 249 66.35 -20.30 12.52
CA LEU B 249 65.94 -20.20 11.11
C LEU B 249 65.81 -18.74 10.68
N ALA B 250 65.10 -17.95 11.48
CA ALA B 250 64.92 -16.55 11.19
C ALA B 250 64.40 -15.92 12.46
N ARG B 251 64.71 -14.64 12.67
CA ARG B 251 64.24 -13.93 13.87
C ARG B 251 63.14 -12.95 13.50
N VAL B 252 61.90 -13.36 13.75
CA VAL B 252 60.71 -12.57 13.45
C VAL B 252 60.25 -11.63 14.58
N PRO B 253 59.50 -10.55 14.24
CA PRO B 253 58.98 -9.58 15.22
C PRO B 253 58.00 -10.19 16.22
N SER B 254 57.61 -9.36 17.19
CA SER B 254 56.67 -9.80 18.21
C SER B 254 55.22 -9.68 17.73
N HIS B 255 54.32 -10.25 18.50
CA HIS B 255 52.92 -10.17 18.19
C HIS B 255 52.52 -8.72 18.41
N VAL B 256 51.49 -8.29 17.68
CA VAL B 256 51.03 -6.94 17.83
C VAL B 256 49.53 -6.92 18.02
N VAL B 257 49.06 -5.86 18.67
CA VAL B 257 47.65 -5.59 18.89
C VAL B 257 47.28 -4.79 17.62
N VAL B 258 46.33 -5.30 16.85
CA VAL B 258 45.89 -4.64 15.63
C VAL B 258 44.55 -3.91 15.81
N ALA B 259 44.28 -2.97 14.91
CA ALA B 259 43.04 -2.22 14.93
C ALA B 259 42.98 -1.53 13.58
N ARG B 260 41.80 -1.02 13.22
CA ARG B 260 41.66 -0.34 11.95
C ARG B 260 42.52 0.91 11.83
N SER B 261 43.34 0.96 10.78
CA SER B 261 44.23 2.08 10.51
C SER B 261 43.53 3.44 10.62
N VAL B 262 42.33 3.51 10.04
CA VAL B 262 41.51 4.72 10.05
C VAL B 262 40.21 4.43 10.82
N ASP B 263 39.96 5.19 11.89
CA ASP B 263 38.75 4.98 12.69
C ASP B 263 38.72 3.54 13.23
N GLY B 264 39.60 3.25 14.19
CA GLY B 264 39.67 1.92 14.79
C GLY B 264 39.82 1.86 16.30
N LYS B 265 39.51 2.98 16.98
CA LYS B 265 39.60 3.12 18.45
C LYS B 265 41.02 3.04 18.98
N GLU B 266 41.96 3.59 18.21
CA GLU B 266 43.38 3.57 18.54
C GLU B 266 43.74 4.13 19.92
N ASP B 267 43.33 5.35 20.18
CA ASP B 267 43.64 5.99 21.44
C ASP B 267 42.95 5.32 22.60
N SER B 268 41.86 4.62 22.31
CA SER B 268 41.14 3.92 23.38
C SER B 268 41.93 2.67 23.84
N ILE B 269 42.46 1.91 22.87
CA ILE B 269 43.24 0.69 23.14
C ILE B 269 44.62 1.02 23.68
N GLN B 270 45.09 2.24 23.40
CA GLN B 270 46.39 2.67 23.89
C GLN B 270 46.28 3.01 25.37
N GLU B 271 45.21 3.70 25.74
CA GLU B 271 44.97 4.10 27.12
C GLU B 271 44.59 2.90 27.99
N LEU B 272 43.85 1.96 27.43
CA LEU B 272 43.45 0.78 28.19
C LEU B 272 44.70 -0.02 28.58
N LEU B 273 45.54 -0.33 27.60
CA LEU B 273 46.75 -1.11 27.82
C LEU B 273 47.85 -0.39 28.60
N ARG B 274 47.74 0.94 28.73
CA ARG B 274 48.72 1.73 29.49
C ARG B 274 48.55 1.52 30.99
N VAL B 275 47.29 1.51 31.42
CA VAL B 275 46.95 1.34 32.83
C VAL B 275 46.96 -0.16 33.15
N ALA B 276 46.45 -0.97 32.24
CA ALA B 276 46.41 -2.42 32.44
C ALA B 276 47.80 -2.94 32.73
N GLN B 277 48.80 -2.20 32.31
CA GLN B 277 50.19 -2.59 32.54
C GLN B 277 50.74 -1.81 33.73
N GLU B 278 49.90 -0.94 34.28
CA GLU B 278 50.28 -0.13 35.45
C GLU B 278 49.88 -0.92 36.69
N HIS B 279 48.70 -1.53 36.63
CA HIS B 279 48.16 -2.30 37.74
C HIS B 279 48.30 -3.81 37.60
N PHE B 280 48.24 -4.32 36.38
CA PHE B 280 48.33 -5.76 36.15
C PHE B 280 49.50 -6.14 35.24
N GLY B 281 50.62 -5.42 35.35
CA GLY B 281 51.78 -5.72 34.52
C GLY B 281 52.41 -7.05 34.85
N LYS B 282 53.72 -7.06 35.06
CA LYS B 282 54.43 -8.29 35.41
C LYS B 282 54.49 -8.44 36.92
N ASP B 283 53.51 -9.20 37.44
CA ASP B 283 53.32 -9.48 38.88
C ASP B 283 53.67 -8.36 39.86
N LYS B 284 53.05 -7.20 39.64
CA LYS B 284 53.24 -6.03 40.48
C LYS B 284 52.37 -6.22 41.73
N SER B 285 51.13 -6.65 41.52
CA SER B 285 50.19 -6.90 42.60
C SER B 285 50.21 -8.39 42.90
N SER B 286 49.14 -9.08 42.55
CA SER B 286 49.05 -10.53 42.79
C SER B 286 47.85 -11.22 42.15
N PRO B 287 46.62 -10.70 42.37
CA PRO B 287 45.39 -11.27 41.82
C PRO B 287 45.30 -11.67 40.34
N PHE B 288 45.08 -10.68 39.48
CA PHE B 288 44.96 -10.88 38.05
C PHE B 288 46.24 -10.52 37.30
N GLN B 289 46.77 -11.52 36.59
CA GLN B 289 48.00 -11.39 35.80
C GLN B 289 47.64 -11.25 34.33
N LEU B 290 48.08 -10.13 33.72
CA LEU B 290 47.80 -9.87 32.31
C LEU B 290 48.57 -10.83 31.41
N PHE B 291 49.82 -11.07 31.78
CA PHE B 291 50.72 -11.93 31.02
C PHE B 291 50.94 -13.33 31.62
N GLY B 292 50.13 -13.68 32.62
CA GLY B 292 50.24 -14.98 33.27
C GLY B 292 48.92 -15.72 33.16
N SER B 293 48.73 -16.38 32.03
CA SER B 293 47.51 -17.12 31.75
C SER B 293 47.30 -18.36 32.62
N PRO B 294 46.09 -18.50 33.21
CA PRO B 294 45.71 -19.64 34.07
C PRO B 294 45.57 -20.96 33.30
N HIS B 295 44.35 -21.29 32.89
CA HIS B 295 44.05 -22.51 32.16
C HIS B 295 44.87 -22.70 30.87
N GLY B 296 44.38 -22.16 29.75
CA GLY B 296 45.10 -22.30 28.49
C GLY B 296 46.47 -21.62 28.48
N GLU B 297 47.14 -21.67 27.32
CA GLU B 297 48.46 -21.05 27.19
C GLU B 297 48.40 -19.93 26.16
N ASP B 298 48.98 -18.79 26.55
CA ASP B 298 49.03 -17.59 25.71
C ASP B 298 47.63 -17.02 25.51
N LEU B 299 46.89 -16.91 26.61
CA LEU B 299 45.53 -16.37 26.58
C LEU B 299 45.56 -14.85 26.45
N LEU B 300 44.94 -14.34 25.38
CA LEU B 300 44.90 -12.91 25.14
C LEU B 300 46.27 -12.34 24.72
N PHE B 301 47.34 -12.80 25.37
CA PHE B 301 48.70 -12.36 25.05
C PHE B 301 49.68 -13.53 25.20
N THR B 302 50.87 -13.40 24.64
CA THR B 302 51.90 -14.46 24.77
C THR B 302 52.31 -14.51 26.24
N ASP B 303 52.18 -15.68 26.86
CA ASP B 303 52.50 -15.85 28.28
C ASP B 303 53.85 -15.32 28.70
N ALA B 304 54.79 -15.36 27.76
CA ALA B 304 56.17 -14.92 27.98
C ALA B 304 56.45 -13.42 27.96
N ALA B 305 55.52 -12.62 27.49
CA ALA B 305 55.75 -11.18 27.42
C ALA B 305 55.84 -10.54 28.79
N HIS B 306 56.45 -9.37 28.83
CA HIS B 306 56.61 -8.60 30.06
C HIS B 306 55.86 -7.29 29.96
N GLY B 307 55.48 -6.96 28.73
CA GLY B 307 54.74 -5.74 28.55
C GLY B 307 54.40 -5.54 27.09
N LEU B 308 53.98 -4.32 26.81
CA LEU B 308 53.61 -3.89 25.47
C LEU B 308 54.03 -2.44 25.30
N LEU B 309 54.61 -2.11 24.16
CA LEU B 309 55.01 -0.73 23.88
C LEU B 309 54.29 -0.23 22.62
N ARG B 310 53.95 1.04 22.63
CA ARG B 310 53.22 1.61 21.51
C ARG B 310 54.10 1.81 20.29
N VAL B 311 53.72 1.19 19.16
CA VAL B 311 54.50 1.33 17.92
C VAL B 311 54.40 2.77 17.41
N PRO B 312 55.48 3.29 16.80
CA PRO B 312 55.50 4.66 16.28
C PRO B 312 54.42 5.02 15.24
N ARG B 313 54.40 6.30 14.86
CA ARG B 313 53.43 6.83 13.90
C ARG B 313 53.38 6.11 12.55
N LYS B 314 54.34 6.49 11.70
CA LYS B 314 54.49 6.01 10.33
C LYS B 314 55.02 4.59 10.19
N ILE B 315 54.47 3.65 10.94
CA ILE B 315 54.92 2.26 10.85
C ILE B 315 53.71 1.36 10.59
N ASP B 316 53.66 0.82 9.38
CA ASP B 316 52.56 -0.04 8.96
C ASP B 316 52.97 -1.50 9.08
N ILE B 317 52.11 -2.40 8.61
CA ILE B 317 52.39 -3.83 8.70
C ILE B 317 53.55 -4.21 7.80
N SER B 318 53.85 -3.34 6.83
CA SER B 318 54.96 -3.60 5.90
C SER B 318 56.29 -3.16 6.51
N LEU B 319 56.26 -2.07 7.29
CA LEU B 319 57.46 -1.54 7.94
C LEU B 319 57.82 -2.47 9.11
N TYR B 320 56.80 -2.85 9.87
CA TYR B 320 56.98 -3.76 11.00
C TYR B 320 57.62 -5.11 10.57
N LEU B 321 56.92 -5.82 9.67
CA LEU B 321 57.36 -7.13 9.17
C LEU B 321 58.69 -7.16 8.42
N GLY B 322 59.01 -6.06 7.71
CA GLY B 322 60.27 -5.97 6.98
C GLY B 322 60.26 -6.49 5.56
N TYR B 323 60.95 -5.81 4.65
CA TYR B 323 61.04 -6.20 3.23
C TYR B 323 61.64 -7.59 3.09
N GLU B 324 62.51 -7.92 4.03
CA GLU B 324 63.16 -9.21 4.01
C GLU B 324 62.11 -10.31 4.08
N PHE B 325 61.27 -10.24 5.11
CA PHE B 325 60.20 -11.21 5.35
C PHE B 325 59.21 -11.27 4.19
N LEU B 326 58.78 -10.08 3.78
CA LEU B 326 57.80 -9.89 2.71
C LEU B 326 58.28 -10.18 1.29
N SER B 327 59.57 -10.13 1.03
CA SER B 327 59.99 -10.46 -0.33
C SER B 327 59.63 -11.94 -0.50
N ALA B 328 59.93 -12.71 0.53
CA ALA B 328 59.68 -14.14 0.56
C ALA B 328 58.19 -14.47 0.66
N PHE B 329 57.43 -13.57 1.27
CA PHE B 329 55.99 -13.73 1.45
C PHE B 329 55.19 -13.47 0.17
N ARG B 330 55.73 -12.66 -0.73
CA ARG B 330 55.08 -12.30 -2.02
C ARG B 330 55.29 -13.33 -3.13
N ASN B 331 56.29 -14.21 -2.95
CA ASN B 331 56.58 -15.25 -3.93
C ASN B 331 55.92 -16.56 -3.55
N LEU B 332 55.58 -16.70 -2.27
CA LEU B 332 54.95 -17.91 -1.76
C LEU B 332 53.54 -18.12 -2.29
N LYS B 333 52.77 -17.04 -2.38
CA LYS B 333 51.41 -17.11 -2.89
C LYS B 333 51.32 -16.49 -4.27
N ARG B 334 51.95 -15.33 -4.44
CA ARG B 334 51.95 -14.63 -5.73
C ARG B 334 53.33 -14.75 -6.37
N SER B 339 62.56 -7.82 -12.51
CA SER B 339 62.05 -6.77 -13.39
C SER B 339 63.19 -6.04 -14.09
N GLN B 340 62.85 -5.17 -15.04
CA GLN B 340 63.84 -4.41 -15.78
C GLN B 340 63.57 -2.91 -15.67
N ARG B 341 62.54 -2.54 -14.90
CA ARG B 341 62.21 -1.14 -14.73
C ARG B 341 62.61 -0.65 -13.33
N VAL B 342 63.20 0.53 -13.29
CA VAL B 342 63.61 1.13 -12.01
C VAL B 342 62.57 2.17 -11.62
N LYS B 343 61.70 1.80 -10.70
CA LYS B 343 60.65 2.70 -10.28
C LYS B 343 61.26 3.82 -9.45
N TRP B 344 61.33 4.99 -10.04
CA TRP B 344 61.90 6.15 -9.36
C TRP B 344 60.85 6.84 -8.49
N CYS B 345 61.22 7.22 -7.27
CA CYS B 345 60.26 7.92 -6.41
C CYS B 345 60.47 9.43 -6.59
N ALA B 346 59.40 10.11 -6.99
CA ALA B 346 59.44 11.53 -7.20
C ALA B 346 58.71 12.23 -6.06
N VAL B 347 59.31 13.28 -5.53
CA VAL B 347 58.72 14.04 -4.45
C VAL B 347 58.06 15.32 -4.98
N GLY B 348 56.73 15.29 -5.10
CA GLY B 348 55.98 16.44 -5.59
C GLY B 348 55.40 16.22 -6.97
N GLN B 349 54.73 17.25 -7.48
CA GLN B 349 54.14 17.16 -8.82
C GLN B 349 55.21 17.52 -9.84
N GLN B 350 55.90 18.62 -9.61
CA GLN B 350 56.94 19.09 -10.51
C GLN B 350 58.02 18.05 -10.72
N GLU B 351 58.26 17.24 -9.69
CA GLU B 351 59.28 16.22 -9.78
C GLU B 351 58.72 14.96 -10.44
N ARG B 352 57.38 14.85 -10.46
CA ARG B 352 56.74 13.71 -11.08
C ARG B 352 56.58 13.90 -12.59
N THR B 353 56.50 15.16 -13.03
CA THR B 353 56.37 15.45 -14.44
C THR B 353 57.75 15.33 -15.09
N LYS B 354 58.82 15.66 -14.34
CA LYS B 354 60.19 15.57 -14.87
C LYS B 354 60.60 14.09 -14.91
N CYS B 355 59.84 13.28 -14.20
CA CYS B 355 60.08 11.85 -14.11
C CYS B 355 59.34 11.11 -15.22
N ASP B 356 58.15 11.58 -15.59
CA ASP B 356 57.39 10.90 -16.63
C ASP B 356 57.88 11.15 -18.05
N GLN B 357 58.60 12.26 -18.24
CA GLN B 357 59.17 12.62 -19.53
C GLN B 357 60.47 11.83 -19.66
N TRP B 358 61.06 11.53 -18.50
CA TRP B 358 62.28 10.74 -18.40
C TRP B 358 61.90 9.26 -18.60
N SER B 359 60.65 8.92 -18.27
CA SER B 359 60.15 7.53 -18.42
C SER B 359 59.82 7.23 -19.87
N ALA B 360 59.47 8.29 -20.60
CA ALA B 360 59.11 8.18 -22.00
C ALA B 360 60.33 7.85 -22.85
N VAL B 361 61.37 8.66 -22.68
CA VAL B 361 62.61 8.51 -23.44
C VAL B 361 63.52 7.30 -23.12
N SER B 362 63.40 6.72 -21.93
CA SER B 362 64.22 5.57 -21.56
C SER B 362 63.77 4.33 -22.33
N GLY B 363 62.70 4.47 -23.09
CA GLY B 363 62.16 3.36 -23.84
C GLY B 363 61.39 2.46 -22.89
N GLY B 364 61.89 2.32 -21.66
CA GLY B 364 61.21 1.50 -20.67
C GLY B 364 62.07 0.91 -19.56
N ALA B 365 63.23 1.50 -19.31
CA ALA B 365 64.14 1.01 -18.27
C ALA B 365 63.89 1.67 -16.91
N LEU B 366 63.25 2.84 -16.94
CA LEU B 366 62.98 3.61 -15.75
C LEU B 366 61.49 3.99 -15.62
N ALA B 367 60.84 3.58 -14.52
CA ALA B 367 59.43 3.90 -14.26
C ALA B 367 59.33 4.95 -13.13
N CYS B 368 58.12 5.30 -12.69
CA CYS B 368 57.98 6.27 -11.59
C CYS B 368 57.06 5.86 -10.46
N ALA B 369 56.93 6.79 -9.52
CA ALA B 369 56.10 6.66 -8.33
C ALA B 369 56.17 8.04 -7.70
N THR B 370 55.09 8.47 -7.04
CA THR B 370 55.15 9.79 -6.45
C THR B 370 54.69 9.83 -5.00
N GLU B 371 55.50 10.49 -4.15
CA GLU B 371 55.19 10.65 -2.74
C GLU B 371 55.28 12.14 -2.39
N GLU B 372 54.72 12.55 -1.26
CA GLU B 372 54.67 13.97 -0.87
C GLU B 372 55.87 14.56 -0.16
N THR B 373 56.46 13.78 0.74
CA THR B 373 57.63 14.19 1.50
C THR B 373 58.70 13.14 1.27
N PRO B 374 59.98 13.54 1.25
CA PRO B 374 61.16 12.71 1.04
C PRO B 374 61.18 11.41 1.84
N GLU B 375 60.80 11.52 3.11
CA GLU B 375 60.75 10.38 4.04
C GLU B 375 59.70 9.35 3.58
N ASP B 376 58.64 9.82 2.94
CA ASP B 376 57.57 8.96 2.43
C ASP B 376 58.13 8.11 1.30
N CYS B 377 59.06 8.70 0.56
CA CYS B 377 59.71 8.05 -0.58
C CYS B 377 60.60 6.91 -0.08
N ILE B 378 61.30 7.18 1.01
CA ILE B 378 62.20 6.22 1.64
C ILE B 378 61.39 5.06 2.14
N ALA B 379 60.19 5.36 2.62
CA ALA B 379 59.30 4.34 3.13
C ALA B 379 58.81 3.53 1.93
N ALA B 380 58.43 4.24 0.88
CA ALA B 380 57.95 3.60 -0.34
C ALA B 380 59.00 2.58 -0.82
N THR B 381 60.22 3.07 -1.02
CA THR B 381 61.35 2.26 -1.48
C THR B 381 61.59 1.03 -0.63
N MET B 382 61.67 1.23 0.69
CA MET B 382 61.90 0.11 1.63
C MET B 382 60.97 -1.06 1.32
N LYS B 383 59.70 -0.71 1.06
CA LYS B 383 58.64 -1.67 0.76
C LYS B 383 58.80 -2.32 -0.61
N GLY B 384 58.80 -1.50 -1.65
CA GLY B 384 58.91 -2.01 -2.99
C GLY B 384 57.93 -1.28 -3.89
N GLU B 385 57.39 -0.18 -3.38
CA GLU B 385 56.44 0.65 -4.10
C GLU B 385 57.22 1.62 -5.01
N ALA B 386 58.50 1.80 -4.70
CA ALA B 386 59.44 2.62 -5.46
C ALA B 386 60.72 1.79 -5.35
N ASP B 387 61.73 2.11 -6.14
CA ASP B 387 62.95 1.31 -6.11
C ASP B 387 64.21 2.06 -5.71
N ALA B 388 64.27 3.33 -6.09
CA ALA B 388 65.42 4.16 -5.76
C ALA B 388 65.03 5.60 -5.97
N MET B 389 65.91 6.49 -5.51
CA MET B 389 65.74 7.92 -5.65
C MET B 389 66.91 8.61 -4.99
N SER B 390 67.09 9.90 -5.29
CA SER B 390 68.21 10.65 -4.71
C SER B 390 67.80 11.25 -3.36
N LEU B 391 68.70 11.10 -2.38
CA LEU B 391 68.46 11.59 -1.03
C LEU B 391 69.55 12.54 -0.57
N ASP B 392 69.15 13.47 0.29
CA ASP B 392 70.06 14.46 0.86
C ASP B 392 70.89 13.75 1.91
N GLY B 393 71.89 14.43 2.45
CA GLY B 393 72.74 13.82 3.46
C GLY B 393 72.02 13.48 4.77
N GLY B 394 71.08 14.33 5.17
CA GLY B 394 70.34 14.05 6.38
C GLY B 394 69.36 12.88 6.22
N PHE B 395 68.63 12.86 5.11
CA PHE B 395 67.66 11.81 4.84
C PHE B 395 68.34 10.49 4.51
N ALA B 396 69.63 10.55 4.22
CA ALA B 396 70.39 9.36 3.89
C ALA B 396 70.74 8.60 5.19
N TYR B 397 70.71 9.34 6.32
CA TYR B 397 70.98 8.80 7.67
C TYR B 397 69.78 7.95 8.13
N VAL B 398 68.61 8.47 7.79
CA VAL B 398 67.32 7.88 8.05
C VAL B 398 67.16 6.70 7.08
N ALA B 399 67.46 6.95 5.80
CA ALA B 399 67.37 5.92 4.75
C ALA B 399 68.31 4.78 5.08
N GLY B 400 69.45 5.14 5.65
CA GLY B 400 70.46 4.19 6.06
C GLY B 400 70.03 3.48 7.32
N HIS B 401 69.60 4.22 8.33
CA HIS B 401 69.13 3.61 9.58
C HIS B 401 67.90 2.71 9.28
N CYS B 402 67.31 2.88 8.10
CA CYS B 402 66.13 2.12 7.67
C CYS B 402 66.38 0.94 6.72
N GLY B 403 67.64 0.60 6.50
CA GLY B 403 67.98 -0.53 5.64
C GLY B 403 68.35 -0.27 4.18
N LEU B 404 68.20 0.97 3.74
CA LEU B 404 68.52 1.29 2.36
C LEU B 404 70.02 1.56 2.22
N VAL B 405 70.60 1.18 1.09
CA VAL B 405 72.03 1.36 0.81
C VAL B 405 72.26 2.31 -0.40
N PRO B 406 73.48 2.89 -0.51
CA PRO B 406 73.81 3.79 -1.62
C PRO B 406 74.08 3.01 -2.88
N VAL B 407 73.84 3.66 -4.02
CA VAL B 407 74.03 3.08 -5.36
C VAL B 407 75.14 3.84 -6.15
N LEU B 408 74.93 5.14 -6.25
CA LEU B 408 75.83 6.08 -6.91
C LEU B 408 75.69 7.42 -6.22
N ALA B 409 76.75 8.21 -6.32
CA ALA B 409 76.76 9.50 -5.68
C ALA B 409 76.62 10.57 -6.71
N GLU B 410 75.75 11.52 -6.42
CA GLU B 410 75.46 12.65 -7.29
C GLU B 410 76.63 13.65 -7.25
N ASN B 411 77.67 13.39 -8.07
CA ASN B 411 78.88 14.22 -8.14
C ASN B 411 78.64 15.64 -8.67
N TYR B 412 79.05 16.63 -7.88
CA TYR B 412 78.87 18.03 -8.24
C TYR B 412 80.10 18.62 -8.92
N LEU B 413 80.10 19.93 -9.10
CA LEU B 413 81.23 20.60 -9.75
C LEU B 413 82.57 20.25 -9.09
N SER B 414 83.56 19.96 -9.94
CA SER B 414 84.90 19.59 -9.49
C SER B 414 85.80 20.83 -9.38
N THR B 415 86.87 20.71 -8.59
CA THR B 415 87.80 21.80 -8.38
C THR B 415 88.20 22.47 -9.69
N HIS B 416 87.70 23.68 -9.90
CA HIS B 416 87.96 24.46 -11.11
C HIS B 416 89.42 24.83 -11.38
N SER B 417 89.96 24.20 -12.42
CA SER B 417 91.33 24.44 -12.86
C SER B 417 91.50 23.90 -14.29
N SER B 418 90.58 23.03 -14.72
CA SER B 418 90.59 22.42 -16.06
C SER B 418 89.50 22.95 -17.02
N GLY B 419 89.73 22.80 -18.33
CA GLY B 419 88.78 23.27 -19.33
C GLY B 419 87.42 22.61 -19.19
N ARG B 420 87.39 21.28 -19.28
CA ARG B 420 86.14 20.52 -19.16
C ARG B 420 86.42 19.07 -18.74
N LEU B 421 85.36 18.34 -18.37
CA LEU B 421 85.47 16.93 -17.94
C LEU B 421 84.80 15.92 -18.87
N GLY B 422 85.23 14.67 -18.82
CA GLY B 422 84.63 13.65 -19.67
C GLY B 422 84.32 12.39 -18.89
N SER B 423 84.58 11.23 -19.50
CA SER B 423 84.36 9.93 -18.88
C SER B 423 85.16 9.93 -17.58
N LYS B 424 85.70 11.11 -17.28
CA LYS B 424 86.49 11.39 -16.10
C LYS B 424 85.61 11.60 -14.88
N CYS B 425 84.32 11.87 -15.06
CA CYS B 425 83.40 12.08 -13.92
C CYS B 425 82.87 10.80 -13.26
N VAL B 426 82.43 9.84 -14.06
CA VAL B 426 81.91 8.59 -13.52
C VAL B 426 82.64 8.06 -12.27
N ASN B 427 83.95 8.25 -12.19
CA ASN B 427 84.74 7.81 -11.03
C ASN B 427 85.49 8.93 -10.32
N ALA B 428 85.06 10.16 -10.56
CA ALA B 428 85.65 11.36 -9.96
C ALA B 428 85.12 11.54 -8.54
N PRO B 429 85.96 11.28 -7.53
CA PRO B 429 85.51 11.44 -6.13
C PRO B 429 85.18 12.92 -5.87
N LEU B 430 84.35 13.20 -4.86
CA LEU B 430 84.03 14.61 -4.56
C LEU B 430 83.88 14.81 -3.06
N GLU B 431 84.43 15.91 -2.57
CA GLU B 431 84.38 16.24 -1.14
C GLU B 431 83.03 16.89 -0.86
N GLY B 432 81.99 16.32 -1.42
CA GLY B 432 80.66 16.85 -1.20
C GLY B 432 80.59 18.35 -1.39
N TYR B 433 79.77 19.02 -0.59
CA TYR B 433 79.59 20.45 -0.68
C TYR B 433 79.67 21.19 0.68
N TYR B 434 80.02 22.47 0.61
CA TYR B 434 80.13 23.34 1.78
C TYR B 434 78.78 23.95 2.07
N VAL B 435 78.25 23.71 3.27
CA VAL B 435 76.98 24.32 3.65
C VAL B 435 77.35 25.73 4.08
N VAL B 436 76.60 26.70 3.61
CA VAL B 436 76.90 28.07 3.95
C VAL B 436 75.66 28.77 4.49
N ALA B 437 75.88 29.67 5.44
CA ALA B 437 74.81 30.46 6.03
C ALA B 437 74.95 31.83 5.39
N VAL B 438 73.95 32.24 4.62
CA VAL B 438 74.02 33.53 3.94
C VAL B 438 73.05 34.55 4.54
N VAL B 439 73.47 35.81 4.51
CA VAL B 439 72.67 36.91 5.03
C VAL B 439 72.86 38.11 4.12
N LYS B 440 71.87 39.00 4.07
CA LYS B 440 71.96 40.19 3.22
C LYS B 440 73.09 41.09 3.68
N LYS B 441 73.82 41.66 2.72
CA LYS B 441 74.94 42.55 3.04
C LYS B 441 74.37 43.93 3.40
N SER B 442 73.09 44.12 3.10
CA SER B 442 72.39 45.38 3.38
C SER B 442 72.39 45.68 4.88
N ASP B 443 72.04 44.68 5.69
CA ASP B 443 72.01 44.86 7.13
C ASP B 443 73.41 44.84 7.72
N VAL B 444 73.80 45.95 8.35
CA VAL B 444 75.12 46.03 8.95
C VAL B 444 75.08 45.67 10.45
N GLY B 445 74.47 44.53 10.75
CA GLY B 445 74.38 44.10 12.12
C GLY B 445 74.18 42.61 12.37
N ILE B 446 73.60 41.91 11.39
CA ILE B 446 73.35 40.48 11.54
C ILE B 446 74.66 39.70 11.58
N THR B 447 74.90 38.94 12.65
CA THR B 447 76.13 38.16 12.80
C THR B 447 75.87 36.79 13.45
N TRP B 448 76.86 35.89 13.38
CA TRP B 448 76.70 34.58 13.99
C TRP B 448 76.68 34.70 15.52
N LYS B 449 77.12 35.86 16.03
CA LYS B 449 77.14 36.10 17.47
C LYS B 449 75.77 36.62 17.96
N SER B 450 74.85 36.82 17.02
CA SER B 450 73.52 37.32 17.35
C SER B 450 72.44 36.99 16.32
N LEU B 451 72.20 35.70 16.09
CA LEU B 451 71.18 35.31 15.13
C LEU B 451 69.84 35.15 15.82
N GLN B 452 69.87 34.94 17.12
CA GLN B 452 68.65 34.78 17.90
C GLN B 452 67.78 36.03 17.72
N GLY B 453 66.47 35.83 17.69
CA GLY B 453 65.57 36.95 17.53
C GLY B 453 65.39 37.37 16.09
N LYS B 454 66.35 37.02 15.23
CA LYS B 454 66.28 37.38 13.82
C LYS B 454 65.51 36.32 13.02
N LYS B 455 64.82 36.76 11.98
CA LYS B 455 64.03 35.88 11.13
C LYS B 455 64.99 35.05 10.28
N SER B 456 64.71 33.76 10.16
CA SER B 456 65.55 32.87 9.36
C SER B 456 64.77 32.11 8.28
N CYS B 457 65.49 31.62 7.27
CA CYS B 457 64.88 30.86 6.16
C CYS B 457 65.58 29.52 6.00
N HIS B 458 64.82 28.44 6.07
CA HIS B 458 65.42 27.11 5.94
C HIS B 458 65.02 26.37 4.69
N THR B 459 65.98 25.68 4.10
CA THR B 459 65.71 24.91 2.89
C THR B 459 64.50 24.02 3.16
N ALA B 460 64.62 23.18 4.18
CA ALA B 460 63.56 22.25 4.59
C ALA B 460 64.17 21.57 5.78
N VAL B 461 63.34 20.97 6.62
CA VAL B 461 63.88 20.29 7.77
C VAL B 461 64.50 18.97 7.33
N GLY B 462 65.44 18.48 8.12
CA GLY B 462 66.08 17.21 7.84
C GLY B 462 67.19 17.26 6.83
N THR B 463 67.29 18.38 6.09
CA THR B 463 68.33 18.53 5.05
C THR B 463 69.66 18.97 5.64
N SER B 464 70.76 18.65 4.96
CA SER B 464 72.07 19.06 5.44
C SER B 464 72.06 20.57 5.46
N GLU B 465 71.82 21.14 4.27
CA GLU B 465 71.78 22.59 4.03
C GLU B 465 71.09 23.42 5.11
N GLY B 466 69.77 23.31 5.19
CA GLY B 466 68.98 24.08 6.16
C GLY B 466 68.44 23.46 7.44
N TRP B 467 69.16 22.51 8.04
CA TRP B 467 68.67 21.91 9.27
C TRP B 467 69.74 21.28 10.12
N ASN B 468 70.13 20.07 9.76
CA ASN B 468 71.13 19.34 10.54
C ASN B 468 72.39 20.13 10.95
N VAL B 469 72.90 20.94 10.03
CA VAL B 469 74.11 21.73 10.27
C VAL B 469 73.91 23.04 11.00
N PRO B 470 73.10 23.96 10.42
CA PRO B 470 72.91 25.23 11.12
C PRO B 470 72.30 25.00 12.51
N MET B 471 71.37 24.04 12.57
CA MET B 471 70.64 23.72 13.79
C MET B 471 71.35 22.75 14.72
N GLY B 472 72.35 22.07 14.18
CA GLY B 472 73.13 21.13 14.99
C GLY B 472 74.08 21.95 15.85
N LEU B 473 74.56 23.07 15.29
CA LEU B 473 75.47 24.01 15.95
C LEU B 473 74.74 24.90 16.95
N ILE B 474 73.57 25.41 16.53
CA ILE B 474 72.75 26.26 17.38
C ILE B 474 72.38 25.51 18.66
N TYR B 475 72.24 24.18 18.57
CA TYR B 475 71.90 23.33 19.72
C TYR B 475 73.13 23.06 20.61
N ASP B 476 74.32 23.07 20.01
CA ASP B 476 75.52 22.87 20.79
C ASP B 476 75.88 24.18 21.48
N GLN B 477 75.06 25.21 21.21
CA GLN B 477 75.27 26.55 21.73
C GLN B 477 74.21 26.93 22.78
N THR B 478 72.98 26.44 22.61
CA THR B 478 71.90 26.72 23.54
C THR B 478 71.56 25.48 24.40
N GLY B 479 71.24 24.36 23.74
CA GLY B 479 70.92 23.16 24.49
C GLY B 479 69.44 22.79 24.48
N SER B 480 68.64 23.50 23.70
CA SER B 480 67.20 23.24 23.62
C SER B 480 66.75 22.98 22.18
N CYS B 481 65.83 22.03 22.00
CA CYS B 481 65.33 21.70 20.67
C CYS B 481 64.21 22.64 20.28
N LYS B 482 63.91 23.63 21.12
CA LYS B 482 62.87 24.60 20.77
C LYS B 482 63.54 25.71 19.98
N PHE B 483 63.63 25.48 18.68
CA PHE B 483 64.25 26.43 17.78
C PHE B 483 63.33 27.62 17.45
N ASP B 484 62.01 27.44 17.61
CA ASP B 484 61.08 28.53 17.35
C ASP B 484 61.27 29.57 18.43
N ALA B 485 62.18 29.25 19.35
CA ALA B 485 62.52 30.12 20.47
C ALA B 485 63.69 31.01 20.03
N PHE B 486 64.65 30.39 19.35
CA PHE B 486 65.85 31.04 18.85
C PHE B 486 65.55 32.07 17.76
N PHE B 487 65.07 31.57 16.62
CA PHE B 487 64.71 32.42 15.50
C PHE B 487 63.22 32.72 15.54
N SER B 488 62.91 33.97 15.87
CA SER B 488 61.52 34.41 15.95
C SER B 488 61.02 34.59 14.54
N ARG B 489 60.02 33.80 14.15
CA ARG B 489 59.45 33.86 12.80
C ARG B 489 60.43 33.33 11.75
N SER B 490 60.10 32.20 11.14
CA SER B 490 60.97 31.62 10.12
C SER B 490 60.23 30.65 9.20
N CYS B 491 60.87 30.23 8.13
CA CYS B 491 60.24 29.27 7.23
C CYS B 491 61.15 28.08 6.99
N ALA B 492 60.75 26.94 7.53
CA ALA B 492 61.47 25.69 7.40
C ALA B 492 60.43 24.68 7.00
N PRO B 493 60.35 24.36 5.70
CA PRO B 493 59.36 23.39 5.22
C PRO B 493 59.46 22.06 5.95
N GLY B 494 58.31 21.59 6.45
CA GLY B 494 58.25 20.35 7.18
C GLY B 494 57.98 20.54 8.67
N SER B 495 58.12 21.78 9.15
CA SER B 495 57.89 22.08 10.57
C SER B 495 56.39 22.11 10.88
N ASP B 496 56.08 22.45 12.14
CA ASP B 496 54.69 22.54 12.61
C ASP B 496 54.05 23.87 12.21
N PRO B 497 52.97 23.81 11.42
CA PRO B 497 52.22 24.98 10.95
C PRO B 497 51.88 26.06 11.99
N ASP B 498 51.47 25.63 13.18
CA ASP B 498 51.09 26.55 14.27
C ASP B 498 52.27 27.25 14.96
N SER B 499 53.47 26.69 14.80
CA SER B 499 54.66 27.26 15.42
C SER B 499 55.25 28.34 14.51
N PRO B 500 56.14 29.19 15.07
CA PRO B 500 56.81 30.27 14.35
C PRO B 500 57.71 29.81 13.19
N LEU B 501 58.05 28.52 13.16
CA LEU B 501 58.92 27.90 12.14
C LEU B 501 58.31 27.89 10.74
N CYS B 502 57.01 28.10 10.66
CA CYS B 502 56.30 28.14 9.40
C CYS B 502 55.51 29.43 9.29
N ALA B 503 56.15 30.55 9.64
CA ALA B 503 55.50 31.86 9.59
C ALA B 503 55.79 32.59 8.27
N LEU B 504 57.07 32.62 7.89
CA LEU B 504 57.49 33.30 6.67
C LEU B 504 57.16 32.51 5.40
N CYS B 505 56.76 31.25 5.55
CA CYS B 505 56.44 30.41 4.39
C CYS B 505 55.25 30.92 3.56
N VAL B 506 55.44 30.93 2.23
CA VAL B 506 54.42 31.36 1.29
C VAL B 506 53.39 30.27 1.01
N GLY B 507 53.80 29.24 0.28
CA GLY B 507 52.90 28.16 -0.02
C GLY B 507 52.81 27.90 -1.51
N GLY B 508 51.85 27.07 -1.92
CA GLY B 508 51.69 26.74 -3.32
C GLY B 508 50.43 27.29 -3.96
N ASN B 509 49.86 26.52 -4.87
CA ASN B 509 48.64 26.92 -5.58
C ASN B 509 47.41 26.97 -4.67
N ASN B 510 47.33 26.09 -3.68
CA ASN B 510 46.19 26.05 -2.76
C ASN B 510 46.64 25.78 -1.32
N PRO B 511 45.77 26.00 -0.32
CA PRO B 511 46.20 25.74 1.07
C PRO B 511 46.71 24.31 1.24
N ALA B 512 47.23 24.00 2.43
CA ALA B 512 47.77 22.67 2.75
C ALA B 512 49.24 22.52 2.35
N HIS B 513 49.70 23.38 1.44
CA HIS B 513 51.09 23.38 0.99
C HIS B 513 51.83 24.48 1.76
N MET B 514 51.11 25.13 2.66
CA MET B 514 51.64 26.22 3.49
C MET B 514 53.07 25.97 3.93
N CYS B 515 53.33 24.78 4.46
CA CYS B 515 54.66 24.44 4.93
C CYS B 515 54.98 23.02 4.55
N ALA B 516 54.50 22.59 3.38
CA ALA B 516 54.72 21.23 2.89
C ALA B 516 56.20 20.92 2.64
N ALA B 517 56.60 19.68 2.94
CA ALA B 517 57.99 19.25 2.78
C ALA B 517 58.32 18.86 1.34
N ASN B 518 57.82 19.67 0.40
CA ASN B 518 58.05 19.44 -1.02
C ASN B 518 58.09 20.75 -1.83
N ASN B 519 58.55 20.64 -3.07
CA ASN B 519 58.70 21.77 -4.00
C ASN B 519 57.43 22.59 -4.31
N ALA B 520 56.31 22.26 -3.67
CA ALA B 520 55.04 22.97 -3.87
C ALA B 520 54.95 24.13 -2.90
N GLU B 521 56.10 24.63 -2.47
CA GLU B 521 56.18 25.74 -1.55
C GLU B 521 57.13 26.81 -2.13
N GLY B 522 56.74 28.06 -1.97
CA GLY B 522 57.53 29.18 -2.48
C GLY B 522 58.93 29.36 -1.93
N TYR B 523 59.19 28.88 -0.71
CA TYR B 523 60.52 29.01 -0.14
C TYR B 523 61.19 27.67 0.13
N HIS B 524 60.82 26.66 -0.67
CA HIS B 524 61.37 25.32 -0.51
C HIS B 524 62.61 25.09 -1.35
N GLY B 525 63.60 24.42 -0.79
CA GLY B 525 64.83 24.17 -1.52
C GLY B 525 65.78 25.32 -1.33
N SER B 526 66.95 25.26 -1.96
CA SER B 526 67.93 26.34 -1.85
C SER B 526 67.43 27.57 -2.61
N SER B 527 66.73 27.34 -3.72
CA SER B 527 66.20 28.44 -4.52
C SER B 527 65.18 29.23 -3.72
N GLY B 528 64.26 28.51 -3.07
CA GLY B 528 63.24 29.14 -2.26
C GLY B 528 63.82 29.75 -0.99
N ALA B 529 64.80 29.05 -0.42
CA ALA B 529 65.44 29.53 0.79
C ALA B 529 66.07 30.90 0.55
N LEU B 530 66.47 31.17 -0.70
CA LEU B 530 67.09 32.47 -1.04
C LEU B 530 66.02 33.53 -1.29
N ARG B 531 64.95 33.12 -1.95
CA ARG B 531 63.84 34.00 -2.26
C ARG B 531 63.27 34.59 -0.97
N CYS B 532 63.15 33.71 0.01
CA CYS B 532 62.63 34.03 1.35
C CYS B 532 63.44 35.17 1.99
N LEU B 533 64.76 35.06 1.91
CA LEU B 533 65.68 36.05 2.49
C LEU B 533 65.49 37.39 1.80
N VAL B 534 65.29 37.33 0.49
CA VAL B 534 65.10 38.51 -0.35
C VAL B 534 63.89 39.34 0.07
N GLU B 535 62.84 38.68 0.53
CA GLU B 535 61.62 39.38 0.88
C GLU B 535 61.07 39.24 2.29
N LYS B 536 61.55 38.28 3.08
CA LYS B 536 61.02 38.13 4.43
C LYS B 536 62.00 37.94 5.60
N GLY B 537 62.78 36.88 5.53
CA GLY B 537 63.73 36.59 6.58
C GLY B 537 65.02 37.40 6.62
N ASP B 538 65.73 37.27 7.74
CA ASP B 538 66.98 37.98 7.96
C ASP B 538 68.23 37.06 7.83
N VAL B 539 68.02 35.75 7.88
CA VAL B 539 69.13 34.79 7.76
C VAL B 539 68.66 33.66 6.85
N ALA B 540 69.60 32.91 6.27
CA ALA B 540 69.24 31.79 5.40
C ALA B 540 70.31 30.68 5.38
N PHE B 541 69.87 29.43 5.20
CA PHE B 541 70.78 28.27 5.20
C PHE B 541 70.65 27.39 3.98
N MET B 542 71.72 27.36 3.19
CA MET B 542 71.78 26.60 1.96
C MET B 542 73.18 26.06 1.70
N LYS B 543 73.34 25.37 0.58
CA LYS B 543 74.59 24.72 0.22
C LYS B 543 75.57 25.48 -0.65
N HIS B 544 76.61 24.73 -1.01
CA HIS B 544 77.75 25.10 -1.86
C HIS B 544 77.35 26.22 -2.81
N PRO B 545 78.00 27.39 -2.69
CA PRO B 545 77.64 28.51 -3.58
C PRO B 545 76.48 28.31 -4.59
N THR B 546 75.23 28.41 -4.09
CA THR B 546 74.02 28.28 -4.91
C THR B 546 73.45 29.67 -5.19
N VAL B 547 74.03 30.69 -4.57
CA VAL B 547 73.57 32.06 -4.75
C VAL B 547 73.90 32.57 -6.15
N LEU B 548 75.04 32.13 -6.70
CA LEU B 548 75.45 32.54 -8.05
C LEU B 548 74.57 31.84 -9.08
N GLN B 549 73.86 30.82 -8.63
CA GLN B 549 72.97 30.06 -9.50
C GLN B 549 71.63 30.77 -9.61
N ASN B 550 71.47 31.86 -8.86
CA ASN B 550 70.22 32.61 -8.87
C ASN B 550 70.34 34.13 -8.97
N THR B 551 71.56 34.64 -9.08
CA THR B 551 71.75 36.08 -9.18
C THR B 551 72.40 36.51 -10.49
N ASP B 552 72.23 37.79 -10.84
CA ASP B 552 72.81 38.36 -12.04
C ASP B 552 72.26 37.74 -13.32
N GLY B 553 70.96 37.47 -13.35
CA GLY B 553 70.32 36.92 -14.53
C GLY B 553 70.31 35.41 -14.72
N LYS B 554 70.88 34.68 -13.76
CA LYS B 554 70.91 33.23 -13.86
C LYS B 554 69.50 32.62 -13.80
N ASN B 555 68.67 33.10 -12.88
CA ASN B 555 67.30 32.55 -12.76
C ASN B 555 66.27 33.46 -13.44
N PRO B 556 65.39 32.86 -14.26
CA PRO B 556 64.34 33.58 -14.98
C PRO B 556 63.27 34.19 -14.06
N GLU B 557 62.95 33.48 -12.97
CA GLU B 557 61.93 33.90 -12.00
C GLU B 557 61.97 35.38 -11.64
N PRO B 558 60.78 35.98 -11.43
CA PRO B 558 60.58 37.40 -11.07
C PRO B 558 61.31 37.92 -9.84
N TRP B 559 61.47 37.06 -8.85
CA TRP B 559 62.15 37.43 -7.61
C TRP B 559 63.66 37.59 -7.79
N ALA B 560 64.22 36.98 -8.83
CA ALA B 560 65.65 37.06 -9.12
C ALA B 560 65.92 37.87 -10.40
N LYS B 561 65.45 39.12 -10.42
CA LYS B 561 65.64 39.99 -11.57
C LYS B 561 66.89 40.87 -11.42
N GLY B 562 66.80 41.91 -10.60
CA GLY B 562 67.94 42.80 -10.41
C GLY B 562 68.76 42.45 -9.17
N LEU B 563 69.00 41.16 -8.95
CA LEU B 563 69.75 40.69 -7.81
C LEU B 563 71.21 40.43 -8.14
N LYS B 564 72.10 41.11 -7.44
CA LYS B 564 73.54 40.93 -7.64
C LYS B 564 74.10 40.26 -6.41
N HIS B 565 75.14 39.45 -6.61
CA HIS B 565 75.77 38.73 -5.49
C HIS B 565 76.41 39.63 -4.42
N GLU B 566 76.38 40.93 -4.67
CA GLU B 566 76.92 41.89 -3.74
C GLU B 566 75.86 42.21 -2.69
N ASP B 567 74.61 41.98 -3.06
CA ASP B 567 73.47 42.21 -2.17
C ASP B 567 73.57 41.22 -1.03
N PHE B 568 74.17 40.06 -1.33
CA PHE B 568 74.35 38.95 -0.40
C PHE B 568 75.78 38.79 0.14
N GLU B 569 75.87 38.35 1.40
CA GLU B 569 77.15 38.15 2.06
C GLU B 569 77.08 36.94 2.98
N LEU B 570 78.06 36.05 2.88
CA LEU B 570 78.08 34.87 3.73
C LEU B 570 78.44 35.24 5.17
N LEU B 571 78.13 34.35 6.10
CA LEU B 571 78.41 34.56 7.53
C LEU B 571 79.25 33.35 7.95
N CYS B 572 80.32 33.61 8.68
CA CYS B 572 81.20 32.51 9.10
C CYS B 572 81.04 32.15 10.56
N LEU B 573 81.48 30.93 10.90
CA LEU B 573 81.38 30.41 12.26
C LEU B 573 81.92 31.35 13.36
N ASP B 574 83.03 32.03 13.07
CA ASP B 574 83.64 32.94 14.03
C ASP B 574 82.75 34.14 14.36
N GLY B 575 82.21 34.78 13.32
CA GLY B 575 81.35 35.94 13.49
C GLY B 575 81.40 36.83 12.26
N THR B 576 82.60 36.96 11.71
CA THR B 576 82.81 37.79 10.54
C THR B 576 81.93 37.39 9.37
N ARG B 577 81.94 38.22 8.34
CA ARG B 577 81.19 38.02 7.10
C ARG B 577 82.18 38.08 5.93
N LYS B 578 82.09 37.15 5.00
CA LYS B 578 82.97 37.13 3.83
C LYS B 578 82.14 37.01 2.55
N PRO B 579 82.73 37.34 1.39
CA PRO B 579 82.00 37.26 0.11
C PRO B 579 81.38 35.89 -0.16
N VAL B 580 80.21 35.89 -0.78
CA VAL B 580 79.48 34.66 -1.12
C VAL B 580 80.22 33.77 -2.12
N THR B 581 81.22 34.36 -2.80
CA THR B 581 82.01 33.62 -3.78
C THR B 581 83.07 32.80 -3.07
N GLU B 582 83.49 33.29 -1.90
CA GLU B 582 84.49 32.59 -1.09
C GLU B 582 83.79 31.88 0.07
N ALA B 583 83.35 30.64 -0.19
CA ALA B 583 82.66 29.81 0.81
C ALA B 583 83.62 28.71 1.28
N GLN B 584 84.77 28.60 0.61
CA GLN B 584 85.79 27.62 0.98
C GLN B 584 86.44 28.06 2.28
N SER B 585 86.39 29.38 2.50
CA SER B 585 86.95 30.02 3.69
C SER B 585 85.88 30.30 4.75
N CYS B 586 84.69 30.68 4.30
CA CYS B 586 83.58 31.02 5.18
C CYS B 586 82.41 30.03 4.99
N HIS B 587 82.35 29.00 5.82
CA HIS B 587 81.28 28.02 5.72
C HIS B 587 80.91 27.41 7.05
N LEU B 588 79.80 26.67 7.06
CA LEU B 588 79.32 26.03 8.26
C LEU B 588 80.00 24.69 8.49
N ALA B 589 80.01 23.85 7.44
CA ALA B 589 80.63 22.53 7.51
C ALA B 589 80.57 21.87 6.16
N ARG B 590 81.45 20.89 5.96
CA ARG B 590 81.49 20.14 4.71
C ARG B 590 80.65 18.91 4.98
N VAL B 591 79.64 18.69 4.13
CA VAL B 591 78.74 17.55 4.27
C VAL B 591 78.81 16.59 3.10
N PRO B 592 78.48 15.29 3.33
CA PRO B 592 78.56 14.39 2.19
C PRO B 592 77.52 14.77 1.13
N ASN B 593 77.92 14.70 -0.13
CA ASN B 593 77.03 15.04 -1.22
C ASN B 593 75.90 14.04 -1.35
N ARG B 594 74.83 14.45 -2.03
CA ARG B 594 73.63 13.63 -2.21
C ARG B 594 73.91 12.24 -2.77
N ALA B 595 72.98 11.31 -2.58
CA ALA B 595 73.17 9.95 -3.10
C ALA B 595 71.89 9.20 -3.39
N VAL B 596 72.00 8.27 -4.33
CA VAL B 596 70.90 7.43 -4.73
C VAL B 596 70.95 6.25 -3.74
N PHE B 597 69.77 5.84 -3.27
CA PHE B 597 69.65 4.75 -2.34
C PHE B 597 68.64 3.78 -2.92
N SER B 598 68.73 2.53 -2.47
CA SER B 598 67.87 1.44 -2.90
C SER B 598 68.12 0.29 -1.94
N ARG B 599 67.55 -0.90 -2.19
CA ARG B 599 67.78 -2.05 -1.31
C ARG B 599 69.03 -2.81 -1.73
N LYS B 600 69.40 -3.82 -0.96
CA LYS B 600 70.60 -4.60 -1.26
C LYS B 600 70.47 -5.30 -2.62
N ASP B 601 69.25 -5.68 -2.99
CA ASP B 601 69.02 -6.36 -4.27
C ASP B 601 68.98 -5.46 -5.52
N LYS B 602 68.35 -4.29 -5.41
CA LYS B 602 68.26 -3.39 -6.55
C LYS B 602 69.48 -2.46 -6.60
N ALA B 603 70.55 -2.86 -5.92
CA ALA B 603 71.78 -2.08 -5.84
C ALA B 603 72.53 -2.05 -7.18
N ASP B 604 72.99 -3.21 -7.62
CA ASP B 604 73.74 -3.29 -8.87
C ASP B 604 72.83 -2.99 -10.06
N PHE B 605 71.56 -3.34 -9.94
CA PHE B 605 70.66 -3.11 -11.04
C PHE B 605 70.47 -1.64 -11.38
N VAL B 606 70.14 -0.85 -10.37
CA VAL B 606 69.93 0.59 -10.56
C VAL B 606 71.19 1.33 -11.04
N ARG B 607 72.35 0.91 -10.52
CA ARG B 607 73.63 1.52 -10.90
C ARG B 607 73.90 1.31 -12.37
N ARG B 608 73.72 0.06 -12.79
CA ARG B 608 73.91 -0.32 -14.18
C ARG B 608 72.94 0.45 -15.09
N ILE B 609 71.71 0.60 -14.61
CA ILE B 609 70.67 1.31 -15.33
C ILE B 609 70.92 2.82 -15.32
N LEU B 610 71.48 3.32 -14.24
CA LEU B 610 71.76 4.75 -14.13
C LEU B 610 72.93 5.19 -15.01
N PHE B 611 73.94 4.33 -15.15
CA PHE B 611 75.10 4.65 -15.97
C PHE B 611 74.67 4.74 -17.43
N ASN B 612 73.91 3.74 -17.84
CA ASN B 612 73.38 3.67 -19.19
C ASN B 612 72.63 4.98 -19.55
N GLN B 613 71.73 5.40 -18.67
CA GLN B 613 70.90 6.58 -18.87
C GLN B 613 71.56 7.97 -18.88
N GLN B 614 72.55 8.19 -18.02
CA GLN B 614 73.24 9.50 -18.00
C GLN B 614 74.20 9.50 -19.19
N GLU B 615 74.46 8.31 -19.71
CA GLU B 615 75.30 8.16 -20.87
C GLU B 615 74.52 8.73 -22.05
N LEU B 616 73.20 8.60 -21.97
CA LEU B 616 72.33 9.08 -23.02
C LEU B 616 71.83 10.48 -22.70
N PHE B 617 71.40 10.72 -21.46
CA PHE B 617 70.88 12.04 -21.07
C PHE B 617 71.72 12.82 -20.02
N GLY B 618 72.99 12.45 -19.87
CA GLY B 618 73.87 13.12 -18.94
C GLY B 618 74.31 14.46 -19.46
N ARG B 619 75.51 14.89 -19.10
CA ARG B 619 75.99 16.18 -19.56
C ARG B 619 76.53 16.11 -21.00
N ASN B 620 76.30 14.98 -21.66
CA ASN B 620 76.79 14.82 -23.04
C ASN B 620 75.73 15.11 -24.11
N GLY B 621 74.75 15.96 -23.78
CA GLY B 621 73.71 16.31 -24.73
C GLY B 621 74.11 17.49 -25.61
N PHE B 622 73.16 18.36 -25.98
CA PHE B 622 73.45 19.53 -26.83
C PHE B 622 72.77 20.86 -26.47
N GLU B 623 71.44 20.89 -26.55
CA GLU B 623 70.62 22.07 -26.20
C GLU B 623 69.26 21.68 -25.57
N TYR B 624 68.44 20.94 -26.34
CA TYR B 624 67.13 20.45 -25.91
C TYR B 624 66.75 19.16 -26.68
N MET B 625 67.68 18.70 -27.52
CA MET B 625 67.50 17.49 -28.33
C MET B 625 67.23 16.28 -27.45
N MET B 626 68.25 15.83 -26.74
CA MET B 626 68.13 14.67 -25.85
C MET B 626 67.11 14.93 -24.73
N PHE B 627 67.54 14.74 -23.49
CA PHE B 627 66.72 14.95 -22.29
C PHE B 627 67.68 15.33 -21.15
N GLN B 628 67.35 16.37 -20.40
CA GLN B 628 68.22 16.78 -19.30
C GLN B 628 67.77 16.13 -18.00
N MET B 629 68.63 15.28 -17.43
CA MET B 629 68.29 14.65 -16.16
C MET B 629 69.03 15.36 -15.03
N PHE B 630 70.22 15.91 -15.31
CA PHE B 630 70.96 16.64 -14.28
C PHE B 630 70.66 18.14 -14.44
N GLU B 631 69.47 18.45 -14.94
CA GLU B 631 69.02 19.82 -15.14
C GLU B 631 67.49 19.90 -15.08
N SER B 632 66.95 20.54 -14.05
CA SER B 632 65.50 20.67 -13.88
C SER B 632 64.96 22.03 -14.29
N SER B 633 63.79 22.00 -14.94
CA SER B 633 63.11 23.22 -15.41
C SER B 633 63.03 24.26 -14.28
N ALA B 634 62.65 23.81 -13.09
CA ALA B 634 62.56 24.68 -11.91
C ALA B 634 63.90 24.53 -11.18
N LYS B 635 63.85 24.04 -9.95
CA LYS B 635 65.08 23.84 -9.21
C LYS B 635 65.23 22.50 -8.49
N ASP B 636 66.35 21.86 -8.78
CA ASP B 636 66.78 20.58 -8.22
C ASP B 636 65.81 19.40 -8.28
N LEU B 637 65.03 19.31 -9.36
CA LEU B 637 64.08 18.22 -9.50
C LEU B 637 64.77 16.88 -9.85
N LEU B 638 64.63 15.90 -8.94
CA LEU B 638 65.23 14.56 -9.07
C LEU B 638 66.73 14.57 -8.78
N PHE B 639 67.43 15.58 -9.35
CA PHE B 639 68.88 15.81 -9.19
C PHE B 639 69.14 17.32 -9.14
N SER B 640 70.14 17.71 -8.35
CA SER B 640 70.52 19.12 -8.21
C SER B 640 70.93 19.72 -9.56
N ASP B 641 70.48 20.96 -9.83
CA ASP B 641 70.79 21.65 -11.09
C ASP B 641 72.29 21.88 -11.30
N ASP B 642 73.12 21.40 -10.38
CA ASP B 642 74.56 21.59 -10.51
C ASP B 642 75.38 20.30 -10.47
N THR B 643 74.73 19.16 -10.68
CA THR B 643 75.44 17.89 -10.68
C THR B 643 76.11 17.72 -12.03
N GLU B 644 77.26 17.05 -12.03
CA GLU B 644 78.03 16.77 -13.25
C GLU B 644 77.66 15.38 -13.73
N CYS B 645 77.54 14.45 -12.79
CA CYS B 645 77.21 13.08 -13.12
C CYS B 645 76.83 12.30 -11.88
N LEU B 646 76.93 10.99 -12.00
CA LEU B 646 76.67 10.07 -10.90
C LEU B 646 77.95 9.23 -10.83
N SER B 647 78.67 9.33 -9.71
CA SER B 647 79.96 8.65 -9.45
C SER B 647 79.84 7.34 -8.63
N ASN B 648 80.77 6.40 -8.84
CA ASN B 648 80.76 5.13 -8.13
C ASN B 648 81.00 5.36 -6.65
N LEU B 649 80.39 4.52 -5.82
CA LEU B 649 80.56 4.64 -4.38
C LEU B 649 81.97 4.15 -3.99
N GLN B 650 82.44 3.14 -4.72
CA GLN B 650 83.75 2.51 -4.47
C GLN B 650 83.72 1.68 -3.17
N ASP B 651 84.62 1.98 -2.24
CA ASP B 651 84.66 1.30 -0.95
C ASP B 651 83.45 1.69 -0.10
N LYS B 652 83.00 2.92 -0.27
CA LYS B 652 81.83 3.49 0.44
C LYS B 652 80.48 2.83 0.13
N THR B 653 80.39 1.52 0.32
CA THR B 653 79.17 0.78 0.03
C THR B 653 77.98 0.98 1.00
N THR B 654 78.29 1.39 2.23
CA THR B 654 77.26 1.63 3.23
C THR B 654 77.00 3.13 3.41
N TYR B 655 76.00 3.48 4.20
CA TYR B 655 75.72 4.88 4.46
C TYR B 655 76.75 5.33 5.50
N LYS B 656 77.21 4.37 6.32
CA LYS B 656 78.20 4.66 7.37
C LYS B 656 79.52 5.08 6.73
N THR B 657 79.95 4.29 5.73
CA THR B 657 81.18 4.57 5.00
C THR B 657 81.02 5.67 3.94
N TYR B 658 79.77 6.02 3.64
CA TYR B 658 79.46 7.04 2.65
C TYR B 658 79.39 8.45 3.24
N LEU B 659 78.57 8.60 4.28
CA LEU B 659 78.41 9.89 4.95
C LEU B 659 79.67 10.22 5.74
N GLY B 660 80.38 9.17 6.15
CA GLY B 660 81.62 9.37 6.88
C GLY B 660 81.44 9.35 8.37
N PRO B 661 82.55 9.39 9.15
CA PRO B 661 82.52 9.38 10.62
C PRO B 661 82.05 10.71 11.22
N GLN B 662 82.61 11.81 10.70
CA GLN B 662 82.29 13.15 11.14
C GLN B 662 80.82 13.51 11.06
N TYR B 663 80.27 13.42 9.86
CA TYR B 663 78.86 13.76 9.62
C TYR B 663 77.89 12.80 10.31
N LEU B 664 78.21 11.52 10.27
CA LEU B 664 77.39 10.49 10.89
C LEU B 664 77.34 10.75 12.38
N THR B 665 78.46 11.16 12.98
CA THR B 665 78.52 11.46 14.42
C THR B 665 77.80 12.77 14.75
N LEU B 666 77.62 13.61 13.73
CA LEU B 666 76.91 14.87 13.86
C LEU B 666 75.41 14.58 13.92
N MET B 667 75.01 13.52 13.22
CA MET B 667 73.61 13.11 13.17
C MET B 667 73.15 12.35 14.41
N ASP B 668 74.13 11.93 15.21
CA ASP B 668 73.88 11.17 16.43
C ASP B 668 73.73 12.12 17.59
N ASN B 669 74.52 13.18 17.55
CA ASN B 669 74.48 14.21 18.57
C ASN B 669 73.37 15.19 18.25
N PHE B 670 72.76 15.04 17.07
CA PHE B 670 71.65 15.90 16.69
C PHE B 670 70.36 15.10 16.67
N ARG B 671 70.49 13.77 16.68
CA ARG B 671 69.34 12.87 16.66
C ARG B 671 68.26 13.21 17.70
N GLN B 672 68.67 13.74 18.85
CA GLN B 672 67.71 14.11 19.89
C GLN B 672 66.70 15.16 19.38
N CYS B 673 67.18 16.12 18.57
CA CYS B 673 66.31 17.17 18.05
C CYS B 673 65.60 16.83 16.76
N LEU B 674 65.94 15.69 16.18
CA LEU B 674 65.31 15.24 14.95
C LEU B 674 63.99 14.58 15.26
N SER B 675 62.91 15.10 14.70
CA SER B 675 61.62 14.51 14.94
C SER B 675 61.16 13.75 13.71
N SER B 676 62.04 12.92 13.18
CA SER B 676 61.73 12.12 11.99
C SER B 676 60.97 10.89 12.44
N GLU B 677 59.70 10.82 12.07
CA GLU B 677 58.89 9.66 12.46
C GLU B 677 59.44 8.41 11.77
N LEU B 678 59.95 8.59 10.55
CA LEU B 678 60.49 7.50 9.79
C LEU B 678 61.65 6.89 10.56
N LEU B 679 62.63 7.70 10.92
CA LEU B 679 63.79 7.22 11.65
C LEU B 679 63.44 6.48 12.91
N ASP B 680 62.33 6.87 13.53
CA ASP B 680 61.94 6.22 14.76
C ASP B 680 61.05 5.01 14.57
N ALA B 681 60.45 4.90 13.39
CA ALA B 681 59.62 3.77 13.06
C ALA B 681 60.61 2.65 12.67
N CYS B 682 61.70 3.06 12.03
CA CYS B 682 62.74 2.11 11.62
C CYS B 682 63.58 1.65 12.81
N THR B 683 63.72 2.54 13.80
CA THR B 683 64.49 2.28 15.01
C THR B 683 63.66 1.76 16.17
N PHE B 684 62.38 1.47 15.91
CA PHE B 684 61.45 0.93 16.91
C PHE B 684 62.00 -0.38 17.46
N HIS B 685 61.94 -1.44 16.66
CA HIS B 685 62.48 -2.73 17.09
C HIS B 685 64.02 -2.59 17.01
N LYS B 686 64.64 -2.50 18.19
CA LYS B 686 66.09 -2.31 18.33
C LYS B 686 66.96 -3.17 17.42
N TYR B 687 66.60 -4.45 17.26
CA TYR B 687 67.34 -5.34 16.37
C TYR B 687 66.37 -6.36 15.77
N GLU C 9 4.10 -1.88 -8.29
CA GLU C 9 3.81 -2.92 -7.27
C GLU C 9 4.53 -2.52 -5.98
N LYS C 10 5.83 -2.31 -6.10
CA LYS C 10 6.66 -1.93 -4.96
C LYS C 10 7.06 -0.45 -5.13
N THR C 11 6.11 0.34 -5.62
CA THR C 11 6.32 1.78 -5.86
C THR C 11 5.75 2.64 -4.72
N ILE C 12 6.60 3.49 -4.15
CA ILE C 12 6.24 4.35 -3.01
C ILE C 12 5.72 5.77 -3.28
N ARG C 13 4.54 6.04 -2.74
CA ARG C 13 3.89 7.35 -2.88
C ARG C 13 4.35 8.34 -1.81
N TRP C 14 5.19 9.29 -2.23
CA TRP C 14 5.69 10.29 -1.30
C TRP C 14 4.82 11.54 -1.28
N CYS C 15 4.77 12.21 -0.13
CA CYS C 15 3.94 13.40 -0.01
C CYS C 15 4.69 14.73 -0.10
N VAL C 16 4.13 15.61 -0.93
CA VAL C 16 4.69 16.92 -1.15
C VAL C 16 3.58 17.98 -1.03
N VAL C 17 3.98 19.14 -0.52
CA VAL C 17 3.05 20.25 -0.27
C VAL C 17 3.34 21.52 -1.05
N SER C 18 4.58 21.67 -1.51
CA SER C 18 4.97 22.84 -2.28
C SER C 18 5.35 22.47 -3.71
N ASP C 19 5.20 23.42 -4.61
CA ASP C 19 5.54 23.21 -6.01
C ASP C 19 7.04 22.94 -6.06
N HIS C 20 7.80 23.72 -5.30
CA HIS C 20 9.24 23.55 -5.25
C HIS C 20 9.62 22.17 -4.71
N GLU C 21 8.80 21.65 -3.79
CA GLU C 21 9.05 20.34 -3.19
C GLU C 21 8.76 19.21 -4.17
N ALA C 22 7.71 19.37 -4.98
CA ALA C 22 7.34 18.36 -5.96
C ALA C 22 8.48 18.08 -6.91
N THR C 23 9.08 19.14 -7.44
CA THR C 23 10.18 18.97 -8.36
C THR C 23 11.29 18.15 -7.70
N LYS C 24 11.62 18.47 -6.46
CA LYS C 24 12.67 17.73 -5.77
C LYS C 24 12.31 16.26 -5.59
N CYS C 25 11.02 15.97 -5.46
CA CYS C 25 10.60 14.58 -5.29
C CYS C 25 10.84 13.78 -6.58
N SER C 26 10.48 14.37 -7.72
CA SER C 26 10.65 13.75 -9.03
C SER C 26 12.12 13.52 -9.33
N SER C 27 12.94 14.52 -9.00
CA SER C 27 14.38 14.40 -9.19
C SER C 27 14.85 13.20 -8.36
N PHE C 28 14.16 12.95 -7.25
CA PHE C 28 14.45 11.84 -6.35
C PHE C 28 14.06 10.52 -7.03
N ARG C 29 12.95 10.53 -7.76
CA ARG C 29 12.45 9.36 -8.47
C ARG C 29 13.44 8.91 -9.54
N ASP C 30 13.95 9.89 -10.30
CA ASP C 30 14.91 9.65 -11.37
C ASP C 30 16.14 8.91 -10.86
N ASN C 31 16.73 9.47 -9.81
CA ASN C 31 17.94 8.96 -9.19
C ASN C 31 17.74 7.68 -8.44
N MET C 32 16.49 7.34 -8.14
CA MET C 32 16.21 6.10 -7.43
C MET C 32 15.97 4.97 -8.43
N LYS C 33 15.62 5.34 -9.66
CA LYS C 33 15.37 4.35 -10.69
C LYS C 33 16.66 4.04 -11.42
N LYS C 34 17.78 4.43 -10.82
CA LYS C 34 19.10 4.20 -11.40
C LYS C 34 19.93 3.30 -10.50
N VAL C 35 19.53 3.25 -9.23
CA VAL C 35 20.21 2.42 -8.27
C VAL C 35 19.36 1.16 -8.00
N LEU C 36 18.05 1.34 -7.89
CA LEU C 36 17.15 0.23 -7.61
C LEU C 36 16.04 0.11 -8.63
N PRO C 37 16.39 -0.02 -9.93
CA PRO C 37 15.30 -0.13 -10.91
C PRO C 37 15.03 -1.54 -11.46
N ALA C 38 15.77 -2.51 -10.96
CA ALA C 38 15.60 -3.87 -11.41
C ALA C 38 14.11 -4.16 -11.41
N GLY C 39 13.40 -3.49 -10.52
CA GLY C 39 11.96 -3.64 -10.36
C GLY C 39 11.59 -3.47 -8.89
N GLY C 40 12.53 -2.90 -8.14
CA GLY C 40 12.32 -2.69 -6.73
C GLY C 40 11.47 -1.46 -6.44
N PRO C 41 11.76 -0.79 -5.32
CA PRO C 41 11.07 0.42 -4.84
C PRO C 41 11.17 1.60 -5.80
N ALA C 42 10.04 2.17 -6.15
CA ALA C 42 10.00 3.31 -7.05
C ALA C 42 9.44 4.53 -6.30
N VAL C 43 9.67 5.73 -6.83
CA VAL C 43 9.14 6.92 -6.18
C VAL C 43 8.00 7.47 -7.01
N THR C 44 7.06 8.09 -6.33
CA THR C 44 5.89 8.68 -6.95
C THR C 44 5.57 9.88 -6.08
N CYS C 45 5.24 11.00 -6.70
CA CYS C 45 4.96 12.16 -5.93
C CYS C 45 3.50 12.57 -5.96
N VAL C 46 2.95 12.80 -4.78
CA VAL C 46 1.56 13.18 -4.60
C VAL C 46 1.45 14.52 -3.83
N ARG C 47 0.83 15.51 -4.46
CA ARG C 47 0.65 16.85 -3.89
C ARG C 47 -0.65 17.04 -3.11
N LYS C 48 -0.50 17.41 -1.84
CA LYS C 48 -1.64 17.64 -0.96
C LYS C 48 -1.44 18.98 -0.28
N MET C 49 -2.54 19.66 0.04
CA MET C 49 -2.49 20.98 0.65
C MET C 49 -1.43 21.17 1.73
N SER C 50 -1.40 20.29 2.73
CA SER C 50 -0.44 20.42 3.83
C SER C 50 0.08 19.10 4.40
N HIS C 51 0.93 19.19 5.43
CA HIS C 51 1.48 17.99 6.11
C HIS C 51 0.37 17.25 6.86
N PRO C 52 -0.54 18.00 7.49
CA PRO C 52 -1.66 17.39 8.22
C PRO C 52 -2.52 16.59 7.27
N GLU C 53 -2.61 17.08 6.02
CA GLU C 53 -3.38 16.42 4.96
C GLU C 53 -2.63 15.18 4.46
N CYS C 54 -1.29 15.26 4.46
CA CYS C 54 -0.41 14.17 4.06
C CYS C 54 -0.63 13.01 4.99
N ILE C 55 -0.50 13.27 6.29
CA ILE C 55 -0.71 12.25 7.30
C ILE C 55 -2.09 11.60 7.17
N ARG C 56 -3.12 12.42 7.04
CA ARG C 56 -4.48 11.92 6.89
C ARG C 56 -4.56 11.00 5.66
N ASP C 57 -4.10 11.50 4.53
CA ASP C 57 -4.13 10.76 3.27
C ASP C 57 -3.26 9.50 3.19
N ILE C 58 -2.37 9.30 4.16
CA ILE C 58 -1.52 8.11 4.21
C ILE C 58 -2.37 7.07 4.88
N SER C 59 -3.24 7.53 5.78
CA SER C 59 -4.15 6.64 6.48
C SER C 59 -5.25 6.23 5.51
N ALA C 60 -5.74 7.20 4.74
CA ALA C 60 -6.77 6.94 3.76
C ALA C 60 -6.22 6.12 2.59
N ASN C 61 -5.01 5.62 2.74
CA ASN C 61 -4.33 4.81 1.73
C ASN C 61 -4.25 5.52 0.38
N LYS C 62 -4.07 6.83 0.43
CA LYS C 62 -3.98 7.65 -0.78
C LYS C 62 -2.53 7.97 -1.07
N VAL C 63 -1.71 7.96 -0.02
CA VAL C 63 -0.28 8.26 -0.12
C VAL C 63 0.42 7.24 0.78
N ASP C 64 1.74 7.11 0.65
CA ASP C 64 2.49 6.16 1.47
C ASP C 64 3.43 6.78 2.52
N ALA C 65 4.24 7.78 2.14
CA ALA C 65 5.18 8.38 3.08
C ALA C 65 5.39 9.88 3.01
N VAL C 66 5.92 10.42 4.11
CA VAL C 66 6.22 11.84 4.27
C VAL C 66 7.08 12.04 5.52
N THR C 67 8.04 12.95 5.46
CA THR C 67 8.88 13.24 6.64
C THR C 67 8.25 14.45 7.37
N VAL C 68 7.66 14.19 8.55
CA VAL C 68 6.99 15.23 9.33
C VAL C 68 7.43 15.30 10.79
N ASP C 69 6.72 16.15 11.54
CA ASP C 69 6.91 16.40 12.98
C ASP C 69 6.01 15.46 13.78
N GLY C 70 6.62 14.49 14.47
CA GLY C 70 5.89 13.50 15.27
C GLY C 70 4.64 13.99 15.97
N ALA C 71 4.66 15.24 16.45
CA ALA C 71 3.51 15.85 17.13
C ALA C 71 2.33 15.89 16.17
N LEU C 72 2.55 16.25 14.92
CA LEU C 72 1.47 16.28 13.97
C LEU C 72 0.86 14.89 13.77
N VAL C 73 1.66 13.84 13.97
CA VAL C 73 1.16 12.48 13.81
C VAL C 73 0.26 12.15 15.00
N ALA C 74 0.64 12.60 16.19
CA ALA C 74 -0.13 12.36 17.40
C ALA C 74 -1.38 13.22 17.51
N GLU C 75 -1.47 14.25 16.66
CA GLU C 75 -2.61 15.17 16.69
C GLU C 75 -3.86 14.61 16.03
N ALA C 76 -3.67 13.66 15.12
CA ALA C 76 -4.80 13.04 14.46
C ALA C 76 -5.56 12.26 15.54
N ASP C 77 -6.67 12.84 15.99
CA ASP C 77 -7.54 12.27 17.04
C ASP C 77 -8.19 10.93 16.70
N LEU C 78 -8.10 10.52 15.43
CA LEU C 78 -8.65 9.23 15.01
C LEU C 78 -7.96 8.16 15.86
N PRO C 79 -8.74 7.29 16.51
CA PRO C 79 -8.19 6.22 17.36
C PRO C 79 -7.14 5.32 16.71
N HIS C 80 -6.63 4.39 17.49
CA HIS C 80 -5.66 3.41 17.02
C HIS C 80 -4.29 3.93 16.68
N HIS C 81 -3.42 2.97 16.41
CA HIS C 81 -2.04 3.23 16.03
C HIS C 81 -1.89 2.67 14.63
N SER C 82 -2.47 3.37 13.66
CA SER C 82 -2.41 2.96 12.25
C SER C 82 -1.09 3.32 11.59
N LEU C 83 -0.58 4.51 11.91
CA LEU C 83 0.68 4.99 11.38
C LEU C 83 1.74 4.80 12.45
N LYS C 84 2.98 4.53 12.03
CA LYS C 84 4.12 4.33 12.94
C LYS C 84 5.37 4.93 12.33
N PRO C 85 6.25 5.53 13.16
CA PRO C 85 7.48 6.11 12.60
C PRO C 85 8.37 4.93 12.17
N ILE C 86 9.00 5.05 11.00
CA ILE C 86 9.88 3.99 10.50
C ILE C 86 11.33 4.45 10.50
N MET C 87 11.53 5.75 10.31
CA MET C 87 12.87 6.33 10.29
C MET C 87 12.87 7.77 10.80
N ALA C 88 13.82 8.09 11.66
CA ALA C 88 13.95 9.43 12.25
C ALA C 88 15.25 10.13 11.79
N GLU C 89 15.23 11.46 11.71
CA GLU C 89 16.42 12.22 11.29
C GLU C 89 17.34 12.58 12.46
N TYR C 90 18.61 12.83 12.17
CA TYR C 90 19.57 13.21 13.19
C TYR C 90 20.42 14.38 12.67
N TYR C 91 20.70 15.34 13.54
CA TYR C 91 21.47 16.50 13.13
C TYR C 91 22.87 16.55 13.75
N GLY C 92 23.60 15.43 13.59
CA GLY C 92 24.94 15.34 14.13
C GLY C 92 26.01 15.02 13.10
N SER C 93 26.61 13.83 13.21
CA SER C 93 27.66 13.41 12.30
C SER C 93 27.85 11.89 12.38
N LYS C 94 29.11 11.47 12.42
CA LYS C 94 29.45 10.05 12.50
C LYS C 94 29.91 9.67 13.90
N ASP C 95 30.36 10.67 14.67
CA ASP C 95 30.82 10.43 16.04
C ASP C 95 29.66 10.59 17.05
N ASP C 96 28.74 11.53 16.78
CA ASP C 96 27.59 11.76 17.67
C ASP C 96 26.27 12.21 16.98
N PRO C 97 25.41 11.25 16.58
CA PRO C 97 24.14 11.56 15.91
C PRO C 97 23.09 12.04 16.91
N LYS C 98 22.66 13.29 16.73
CA LYS C 98 21.67 13.91 17.61
C LYS C 98 20.28 13.84 17.01
N THR C 99 19.45 12.96 17.56
CA THR C 99 18.09 12.77 17.07
C THR C 99 17.13 13.72 17.76
N HIS C 100 17.59 14.94 18.01
CA HIS C 100 16.78 15.94 18.67
C HIS C 100 17.15 17.35 18.20
N TYR C 101 16.38 18.32 18.63
CA TYR C 101 16.65 19.70 18.28
C TYR C 101 15.99 20.55 19.35
N TYR C 102 16.65 21.63 19.75
CA TYR C 102 16.13 22.51 20.78
C TYR C 102 15.22 23.61 20.22
N VAL C 103 14.09 23.82 20.90
CA VAL C 103 13.12 24.86 20.53
C VAL C 103 13.56 26.12 21.27
N VAL C 104 13.57 27.25 20.57
CA VAL C 104 14.00 28.49 21.19
C VAL C 104 13.07 29.62 20.87
N ALA C 105 12.78 30.43 21.87
CA ALA C 105 11.94 31.60 21.67
C ALA C 105 12.94 32.68 21.26
N MET C 106 12.72 33.29 20.09
CA MET C 106 13.61 34.30 19.57
C MET C 106 12.93 35.68 19.61
N ALA C 107 13.72 36.72 19.82
CA ALA C 107 13.21 38.08 19.87
C ALA C 107 14.31 39.11 19.61
N LYS C 108 13.92 40.39 19.62
CA LYS C 108 14.87 41.47 19.37
C LYS C 108 15.67 41.85 20.61
N LYS C 109 16.94 42.15 20.39
CA LYS C 109 17.82 42.55 21.49
C LYS C 109 17.55 44.03 21.79
N GLY C 110 17.28 44.33 23.06
CA GLY C 110 17.01 45.71 23.42
C GLY C 110 15.54 45.96 23.69
N THR C 111 14.70 44.97 23.39
CA THR C 111 13.28 45.10 23.63
C THR C 111 13.03 44.82 25.11
N GLY C 112 13.83 43.92 25.69
CA GLY C 112 13.70 43.64 27.11
C GLY C 112 12.88 42.48 27.65
N PHE C 113 11.57 42.67 27.72
CA PHE C 113 10.63 41.68 28.25
C PHE C 113 11.09 40.23 28.18
N GLN C 114 10.99 39.54 29.31
CA GLN C 114 11.39 38.15 29.41
C GLN C 114 10.22 37.21 29.11
N LEU C 115 10.44 35.92 29.39
CA LEU C 115 9.42 34.89 29.16
C LEU C 115 8.15 35.15 29.97
N ASN C 116 8.33 35.80 31.12
CA ASN C 116 7.22 36.12 32.02
C ASN C 116 6.37 37.27 31.47
N GLN C 117 6.98 38.43 31.25
CA GLN C 117 6.27 39.60 30.76
C GLN C 117 5.92 39.49 29.28
N LEU C 118 5.07 38.53 28.93
CA LEU C 118 4.68 38.34 27.54
C LEU C 118 3.19 38.55 27.30
N ARG C 119 2.53 39.20 28.26
CA ARG C 119 1.09 39.48 28.15
C ARG C 119 0.86 40.46 26.99
N GLY C 120 -0.06 40.11 26.10
CA GLY C 120 -0.32 40.98 24.96
C GLY C 120 0.95 41.26 24.18
N LYS C 121 1.33 40.33 23.30
CA LYS C 121 2.54 40.49 22.52
C LYS C 121 2.27 40.05 21.09
N LYS C 122 3.11 40.52 20.17
CA LYS C 122 3.02 40.17 18.76
C LYS C 122 3.95 38.98 18.51
N SER C 123 3.40 37.86 18.04
CA SER C 123 4.20 36.67 17.79
C SER C 123 3.92 35.98 16.47
N CYS C 124 4.93 35.24 16.00
CA CYS C 124 4.86 34.47 14.76
C CYS C 124 5.24 33.02 15.04
N HIS C 125 4.41 32.10 14.55
CA HIS C 125 4.62 30.67 14.76
C HIS C 125 4.95 29.90 13.47
N THR C 126 5.55 28.72 13.63
CA THR C 126 5.92 27.88 12.48
C THR C 126 4.70 27.23 11.86
N GLY C 127 3.72 26.87 12.69
CA GLY C 127 2.50 26.26 12.19
C GLY C 127 1.68 25.58 13.26
N LEU C 128 0.38 25.48 13.00
CA LEU C 128 -0.56 24.83 13.91
C LEU C 128 -0.26 23.33 14.04
N GLY C 129 0.13 22.92 15.23
CA GLY C 129 0.44 21.53 15.49
C GLY C 129 1.92 21.24 15.70
N TRP C 130 2.75 22.00 15.01
CA TRP C 130 4.18 21.81 15.13
C TRP C 130 4.58 22.01 16.57
N SER C 131 5.29 21.05 17.12
CA SER C 131 5.72 21.16 18.49
C SER C 131 6.61 22.37 18.71
N ALA C 132 7.46 22.68 17.74
CA ALA C 132 8.38 23.80 17.85
C ALA C 132 7.71 25.16 17.91
N GLY C 133 6.58 25.30 17.24
CA GLY C 133 5.91 26.58 17.26
C GLY C 133 4.50 26.52 17.79
N TRP C 134 4.10 25.44 18.45
CA TRP C 134 2.74 25.37 18.96
C TRP C 134 2.60 24.67 20.30
N TYR C 135 2.67 23.35 20.30
CA TYR C 135 2.51 22.58 21.52
C TYR C 135 3.57 22.83 22.60
N VAL C 136 4.70 23.41 22.21
CA VAL C 136 5.77 23.74 23.16
C VAL C 136 5.72 25.21 23.58
N PRO C 137 5.50 26.13 22.62
CA PRO C 137 5.43 27.56 22.99
C PRO C 137 4.19 27.82 23.84
N LEU C 138 3.10 27.14 23.48
CA LEU C 138 1.81 27.25 24.16
C LEU C 138 1.75 26.55 25.53
N SER C 139 2.67 25.61 25.77
CA SER C 139 2.70 24.89 27.04
C SER C 139 3.66 25.54 28.04
N THR C 140 3.92 26.83 27.83
CA THR C 140 4.81 27.61 28.72
C THR C 140 4.17 28.96 29.10
N LEU C 141 2.86 29.08 28.83
CA LEU C 141 2.09 30.28 29.16
C LEU C 141 0.61 30.18 28.78
N LEU C 142 -0.24 29.98 29.80
CA LEU C 142 -1.70 29.85 29.59
C LEU C 142 -2.54 30.82 30.43
N PRO C 143 -3.28 31.74 29.79
CA PRO C 143 -4.15 32.73 30.47
C PRO C 143 -5.64 32.35 30.57
N SER C 144 -6.03 31.72 31.69
CA SER C 144 -7.40 31.27 31.99
C SER C 144 -7.93 30.13 31.09
N GLY C 145 -7.02 29.47 30.38
CA GLY C 145 -7.37 28.37 29.50
C GLY C 145 -6.19 27.76 28.77
N SER C 146 -6.47 26.77 27.94
CA SER C 146 -5.45 26.09 27.16
C SER C 146 -6.09 25.87 25.80
N ARG C 147 -5.28 25.91 24.73
CA ARG C 147 -5.73 25.69 23.32
C ARG C 147 -5.64 26.96 22.48
N GLU C 148 -6.24 26.91 21.29
CA GLU C 148 -6.24 28.04 20.34
C GLU C 148 -6.89 29.34 20.84
N THR C 149 -8.03 29.23 21.52
CA THR C 149 -8.71 30.41 22.04
C THR C 149 -7.81 31.12 23.08
N ALA C 150 -6.96 30.34 23.74
CA ALA C 150 -6.05 30.89 24.74
C ALA C 150 -4.94 31.68 24.06
N ALA C 151 -4.52 31.19 22.90
CA ALA C 151 -3.45 31.83 22.13
C ALA C 151 -3.82 33.27 21.76
N ALA C 152 -5.03 33.44 21.25
CA ALA C 152 -5.53 34.76 20.83
C ALA C 152 -5.72 35.76 21.99
N THR C 153 -5.81 35.25 23.21
CA THR C 153 -5.99 36.12 24.38
C THR C 153 -4.67 36.40 25.05
N PHE C 154 -3.68 35.53 24.83
CA PHE C 154 -2.38 35.75 25.44
C PHE C 154 -1.63 36.77 24.59
N PHE C 155 -1.80 36.68 23.28
CA PHE C 155 -1.13 37.61 22.36
C PHE C 155 -2.13 38.52 21.68
N SER C 156 -1.76 39.79 21.54
CA SER C 156 -2.63 40.76 20.90
C SER C 156 -2.92 40.36 19.45
N SER C 157 -1.86 40.21 18.66
CA SER C 157 -1.98 39.83 17.26
C SER C 157 -0.81 38.91 16.88
N SER C 158 -1.14 37.79 16.25
CA SER C 158 -0.09 36.86 15.84
C SER C 158 -0.40 36.18 14.50
N CYS C 159 0.60 35.46 13.99
CA CYS C 159 0.47 34.71 12.74
C CYS C 159 0.74 33.23 13.04
N VAL C 160 -0.33 32.43 13.06
CA VAL C 160 -0.25 30.99 13.32
C VAL C 160 -0.81 30.24 12.10
N PRO C 161 0.06 29.91 11.15
CA PRO C 161 -0.32 29.18 9.93
C PRO C 161 -1.09 27.91 10.26
N CYS C 162 -2.10 27.61 9.45
CA CYS C 162 -2.95 26.42 9.63
C CYS C 162 -4.04 26.68 10.68
N ALA C 163 -4.07 27.90 11.21
CA ALA C 163 -5.06 28.24 12.23
C ALA C 163 -6.18 29.03 11.55
N ASP C 164 -7.44 28.70 11.85
CA ASP C 164 -8.60 29.37 11.28
C ASP C 164 -8.65 30.87 11.59
N GLY C 165 -8.63 31.69 10.54
CA GLY C 165 -8.67 33.13 10.71
C GLY C 165 -10.07 33.63 10.99
N LYS C 166 -11.06 32.94 10.44
CA LYS C 166 -12.44 33.34 10.67
C LYS C 166 -12.76 33.32 12.16
N MET C 167 -12.53 32.19 12.83
CA MET C 167 -12.86 32.07 14.26
C MET C 167 -11.97 32.94 15.13
N PHE C 168 -10.68 33.00 14.81
CA PHE C 168 -9.78 33.82 15.58
C PHE C 168 -8.92 34.65 14.64
N PRO C 169 -9.44 35.82 14.21
CA PRO C 169 -8.72 36.71 13.30
C PRO C 169 -7.33 37.02 13.84
N SER C 170 -7.25 37.22 15.16
CA SER C 170 -6.03 37.56 15.88
C SER C 170 -4.92 36.52 15.76
N LEU C 171 -5.24 35.42 15.11
CA LEU C 171 -4.27 34.35 14.93
C LEU C 171 -3.84 34.27 13.48
N CYS C 172 -4.38 35.15 12.65
CA CYS C 172 -4.02 35.14 11.24
C CYS C 172 -3.68 36.51 10.67
N GLN C 173 -4.09 37.56 11.37
CA GLN C 173 -3.86 38.91 10.89
C GLN C 173 -2.40 39.34 10.74
N LEU C 174 -1.51 38.80 11.55
CA LEU C 174 -0.10 39.18 11.49
C LEU C 174 0.65 38.49 10.34
N CYS C 175 -0.05 37.62 9.59
CA CYS C 175 0.54 36.89 8.47
C CYS C 175 0.60 37.75 7.23
N ALA C 176 1.80 37.98 6.69
CA ALA C 176 1.95 38.82 5.50
C ALA C 176 2.03 38.05 4.17
N GLY C 177 0.92 37.41 3.79
CA GLY C 177 0.84 36.66 2.54
C GLY C 177 -0.47 36.97 1.83
N LYS C 178 -0.40 37.70 0.72
CA LYS C 178 -1.59 38.06 -0.02
C LYS C 178 -2.20 36.90 -0.79
N GLY C 179 -3.45 37.09 -1.21
CA GLY C 179 -4.16 36.05 -1.96
C GLY C 179 -4.79 35.01 -1.06
N THR C 180 -4.97 33.80 -1.58
CA THR C 180 -5.55 32.72 -0.80
C THR C 180 -4.48 32.19 0.15
N ASP C 181 -3.24 32.63 -0.07
CA ASP C 181 -2.08 32.23 0.74
C ASP C 181 -2.07 32.94 2.09
N LYS C 182 -3.16 33.62 2.42
CA LYS C 182 -3.27 34.34 3.68
C LYS C 182 -3.35 33.35 4.82
N CYS C 183 -2.27 33.24 5.61
CA CYS C 183 -2.21 32.32 6.75
C CYS C 183 -2.19 30.85 6.29
N ALA C 184 -1.67 30.63 5.09
CA ALA C 184 -1.63 29.31 4.50
C ALA C 184 -0.90 28.31 5.37
N CYS C 185 -1.18 27.03 5.15
CA CYS C 185 -0.57 25.93 5.87
C CYS C 185 0.58 25.34 5.02
N SER C 186 1.09 26.14 4.08
CA SER C 186 2.19 25.78 3.17
C SER C 186 3.21 26.93 3.13
N SER C 187 4.25 26.79 2.30
CA SER C 187 5.26 27.82 2.19
C SER C 187 4.75 29.00 1.39
N ARG C 188 3.49 28.92 0.99
CA ARG C 188 2.86 29.98 0.22
C ARG C 188 2.74 31.23 1.11
N GLU C 189 2.67 30.96 2.41
CA GLU C 189 2.59 32.00 3.42
C GLU C 189 4.04 32.29 3.77
N PRO C 190 4.49 33.54 3.55
CA PRO C 190 5.87 33.94 3.84
C PRO C 190 6.37 33.56 5.24
N TYR C 191 5.45 33.47 6.19
CA TYR C 191 5.77 33.17 7.61
C TYR C 191 5.64 31.72 8.09
N PHE C 192 5.43 30.78 7.16
CA PHE C 192 5.28 29.35 7.46
C PHE C 192 6.62 28.65 7.76
N GLY C 193 6.64 27.73 8.72
CA GLY C 193 7.87 27.03 9.04
C GLY C 193 8.81 27.81 9.94
N SER C 194 9.97 27.24 10.25
CA SER C 194 10.95 27.89 11.11
C SER C 194 11.81 28.96 10.42
N TRP C 195 12.16 28.74 9.16
CA TRP C 195 12.95 29.73 8.44
C TRP C 195 12.01 30.85 8.00
N GLY C 196 10.71 30.58 8.03
CA GLY C 196 9.70 31.55 7.65
C GLY C 196 9.23 32.39 8.81
N ALA C 197 9.29 31.84 10.02
CA ALA C 197 8.90 32.55 11.24
C ALA C 197 10.05 33.46 11.71
N LEU C 198 11.26 33.18 11.20
CA LEU C 198 12.43 33.98 11.52
C LEU C 198 12.42 35.23 10.64
N LYS C 199 11.81 35.11 9.47
CA LYS C 199 11.72 36.22 8.52
C LYS C 199 10.71 37.24 9.03
N CYS C 200 9.75 36.77 9.82
CA CYS C 200 8.74 37.65 10.39
C CYS C 200 9.36 38.60 11.39
N LEU C 201 10.18 38.06 12.29
CA LEU C 201 10.85 38.86 13.29
C LEU C 201 11.89 39.71 12.57
N GLN C 202 12.42 39.16 11.48
CA GLN C 202 13.39 39.88 10.70
C GLN C 202 12.67 41.09 10.10
N ASP C 203 11.39 40.90 9.78
CA ASP C 203 10.55 41.95 9.21
C ASP C 203 10.12 42.95 10.25
N GLY C 204 10.26 42.58 11.52
CA GLY C 204 9.86 43.45 12.60
C GLY C 204 8.35 43.48 12.69
N THR C 205 7.70 42.48 12.09
CA THR C 205 6.24 42.37 12.07
C THR C 205 5.78 41.83 13.42
N ALA C 206 6.68 41.16 14.12
CA ALA C 206 6.36 40.61 15.42
C ALA C 206 7.47 40.91 16.41
N ASP C 207 7.19 40.66 17.70
CA ASP C 207 8.16 40.88 18.77
C ASP C 207 8.77 39.54 19.17
N VAL C 208 8.00 38.47 19.00
CA VAL C 208 8.45 37.12 19.35
C VAL C 208 8.21 36.10 18.23
N SER C 209 9.17 35.18 18.07
CA SER C 209 9.09 34.13 17.06
C SER C 209 9.69 32.86 17.61
N PHE C 210 8.86 31.83 17.70
CA PHE C 210 9.29 30.54 18.21
C PHE C 210 9.81 29.72 17.06
N VAL C 211 11.04 29.26 17.19
CA VAL C 211 11.67 28.51 16.13
C VAL C 211 12.55 27.38 16.66
N LYS C 212 13.26 26.75 15.74
CA LYS C 212 14.19 25.67 16.06
C LYS C 212 15.54 26.34 16.28
N HIS C 213 16.47 25.65 16.94
CA HIS C 213 17.78 26.23 17.18
C HIS C 213 18.67 26.21 15.93
N LEU C 214 18.50 25.19 15.10
CA LEU C 214 19.29 25.02 13.88
C LEU C 214 19.00 26.07 12.80
N THR C 215 17.72 26.33 12.53
CA THR C 215 17.34 27.29 11.49
C THR C 215 17.82 28.71 11.77
N VAL C 216 18.18 28.99 13.01
CA VAL C 216 18.65 30.31 13.38
C VAL C 216 20.04 30.61 12.80
N PHE C 217 20.99 29.71 13.02
CA PHE C 217 22.34 29.93 12.52
C PHE C 217 22.59 29.27 11.17
N GLU C 218 21.54 28.75 10.57
CA GLU C 218 21.65 28.13 9.26
C GLU C 218 21.44 29.20 8.21
N ALA C 219 20.71 30.25 8.59
CA ALA C 219 20.44 31.37 7.71
C ALA C 219 20.91 32.67 8.37
N MET C 220 21.78 33.41 7.67
CA MET C 220 22.31 34.66 8.19
C MET C 220 22.51 35.69 7.07
N PRO C 221 21.87 36.88 7.19
CA PRO C 221 21.97 37.97 6.21
C PRO C 221 23.34 38.64 6.13
N THR C 222 23.87 39.03 7.28
CA THR C 222 25.18 39.67 7.31
C THR C 222 26.25 38.67 7.79
N LYS C 223 26.56 38.68 9.08
CA LYS C 223 27.57 37.77 9.63
C LYS C 223 27.30 37.60 11.11
N ALA C 224 27.37 38.72 11.83
CA ALA C 224 27.12 38.75 13.26
C ALA C 224 25.70 39.23 13.48
N ASP C 225 24.84 39.05 12.47
CA ASP C 225 23.44 39.46 12.55
C ASP C 225 22.68 38.59 13.53
N ARG C 226 23.22 37.40 13.80
CA ARG C 226 22.59 36.46 14.74
C ARG C 226 22.77 36.99 16.17
N ASP C 227 23.85 37.75 16.37
CA ASP C 227 24.14 38.34 17.66
C ASP C 227 23.34 39.62 17.89
N GLN C 228 22.54 40.02 16.90
CA GLN C 228 21.73 41.23 16.97
C GLN C 228 20.33 40.99 17.55
N TYR C 229 20.14 39.82 18.15
CA TYR C 229 18.87 39.46 18.77
C TYR C 229 19.09 38.72 20.07
N GLU C 230 18.09 38.76 20.93
CA GLU C 230 18.12 38.10 22.23
C GLU C 230 17.41 36.74 22.17
N LEU C 231 17.61 35.91 23.20
CA LEU C 231 17.00 34.58 23.27
C LEU C 231 16.42 34.35 24.66
N LEU C 232 15.15 33.96 24.72
CA LEU C 232 14.50 33.71 26.00
C LEU C 232 14.90 32.35 26.57
N CYS C 233 15.26 32.31 27.85
CA CYS C 233 15.67 31.06 28.48
C CYS C 233 14.67 30.57 29.52
N MET C 234 14.89 29.34 29.98
CA MET C 234 14.00 28.72 30.95
C MET C 234 14.06 29.36 32.34
N ASP C 235 15.27 29.75 32.77
CA ASP C 235 15.45 30.38 34.08
C ASP C 235 15.01 31.85 34.09
N ASN C 236 14.14 32.20 33.14
CA ASN C 236 13.60 33.55 33.00
C ASN C 236 14.73 34.59 32.95
N THR C 237 15.73 34.33 32.13
CA THR C 237 16.87 35.23 31.97
C THR C 237 17.15 35.42 30.47
N ARG C 238 17.87 36.49 30.11
CA ARG C 238 18.23 36.72 28.72
C ARG C 238 19.69 36.28 28.61
N ARG C 239 20.05 35.66 27.50
CA ARG C 239 21.41 35.15 27.30
C ARG C 239 21.71 35.11 25.80
N PRO C 240 22.98 35.30 25.42
CA PRO C 240 23.41 35.30 24.01
C PRO C 240 22.79 34.18 23.17
N VAL C 241 22.70 34.42 21.87
CA VAL C 241 22.15 33.45 20.93
C VAL C 241 23.09 32.25 20.78
N GLU C 242 24.39 32.53 20.63
CA GLU C 242 25.40 31.50 20.47
C GLU C 242 25.19 30.38 21.48
N GLU C 243 24.51 30.72 22.57
CA GLU C 243 24.20 29.75 23.63
C GLU C 243 22.79 29.20 23.50
N TYR C 244 22.65 28.19 22.63
CA TYR C 244 21.37 27.52 22.40
C TYR C 244 21.31 26.26 23.28
N GLU C 245 22.49 25.81 23.69
CA GLU C 245 22.61 24.62 24.52
C GLU C 245 22.03 24.92 25.89
N GLN C 246 22.60 25.92 26.56
CA GLN C 246 22.17 26.31 27.90
C GLN C 246 21.09 27.39 27.95
N CYS C 247 20.27 27.46 26.90
CA CYS C 247 19.17 28.41 26.83
C CYS C 247 18.18 27.97 25.77
N TYR C 248 17.21 27.16 26.17
CA TYR C 248 16.20 26.66 25.26
C TYR C 248 14.88 26.49 25.99
N LEU C 249 13.80 26.46 25.23
CA LEU C 249 12.46 26.30 25.78
C LEU C 249 12.20 24.86 26.16
N ALA C 250 12.75 23.94 25.39
CA ALA C 250 12.56 22.52 25.64
C ALA C 250 13.18 21.79 24.50
N ARG C 251 13.68 20.58 24.78
CA ARG C 251 14.29 19.74 23.76
C ARG C 251 13.23 18.78 23.23
N VAL C 252 13.11 18.72 21.91
CA VAL C 252 12.12 17.86 21.25
C VAL C 252 12.79 16.86 20.26
N PRO C 253 12.18 15.66 20.09
CA PRO C 253 12.73 14.66 19.18
C PRO C 253 12.69 15.13 17.73
N SER C 254 13.59 14.60 16.89
CA SER C 254 13.66 14.96 15.48
C SER C 254 12.45 14.50 14.70
N HIS C 255 12.32 15.01 13.48
CA HIS C 255 11.19 14.68 12.64
C HIS C 255 11.33 13.27 12.12
N VAL C 256 10.18 12.63 11.89
CA VAL C 256 10.13 11.25 11.41
C VAL C 256 9.44 11.05 10.09
N VAL C 257 9.76 9.91 9.46
CA VAL C 257 9.14 9.49 8.22
C VAL C 257 8.05 8.53 8.69
N VAL C 258 6.81 8.85 8.39
CA VAL C 258 5.68 8.06 8.81
C VAL C 258 5.19 7.12 7.70
N ALA C 259 4.71 5.94 8.11
CA ALA C 259 4.20 4.93 7.18
C ALA C 259 3.03 4.26 7.90
N ARG C 260 2.31 3.37 7.22
CA ARG C 260 1.20 2.69 7.88
C ARG C 260 1.66 1.46 8.69
N SER C 261 0.99 1.21 9.82
CA SER C 261 1.31 0.09 10.67
C SER C 261 1.08 -1.21 9.92
N VAL C 262 0.01 -1.24 9.14
CA VAL C 262 -0.36 -2.41 8.32
C VAL C 262 -0.46 -2.00 6.84
N ASP C 263 0.19 -2.77 5.97
CA ASP C 263 0.23 -2.50 4.53
C ASP C 263 0.68 -1.06 4.22
N GLY C 264 1.78 -0.66 4.84
CA GLY C 264 2.32 0.68 4.66
C GLY C 264 3.69 0.63 4.02
N LYS C 265 4.14 -0.58 3.66
CA LYS C 265 5.44 -0.84 3.02
C LYS C 265 6.67 -0.42 3.85
N GLU C 266 6.60 -0.69 5.14
CA GLU C 266 7.65 -0.34 6.09
C GLU C 266 9.05 -0.66 5.59
N ASP C 267 9.31 -1.94 5.34
CA ASP C 267 10.63 -2.42 4.91
C ASP C 267 11.06 -2.05 3.51
N SER C 268 10.11 -1.63 2.67
CA SER C 268 10.41 -1.23 1.30
C SER C 268 10.82 0.24 1.26
N ILE C 269 10.32 1.00 2.24
CA ILE C 269 10.63 2.42 2.33
C ILE C 269 11.99 2.56 3.00
N GLN C 270 12.22 1.72 4.01
CA GLN C 270 13.46 1.76 4.75
C GLN C 270 14.66 1.38 3.88
N GLU C 271 14.46 0.43 2.97
CA GLU C 271 15.51 -0.02 2.07
C GLU C 271 15.74 0.97 0.94
N LEU C 272 14.71 1.76 0.64
CA LEU C 272 14.85 2.76 -0.40
C LEU C 272 15.59 3.93 0.20
N LEU C 273 15.36 4.16 1.48
CA LEU C 273 16.01 5.25 2.19
C LEU C 273 17.38 4.83 2.63
N ARG C 274 17.58 3.51 2.68
CA ARG C 274 18.87 2.94 3.07
C ARG C 274 19.86 3.30 1.97
N VAL C 275 19.56 2.81 0.75
CA VAL C 275 20.37 3.04 -0.44
C VAL C 275 20.32 4.47 -1.00
N ALA C 276 19.34 5.26 -0.59
CA ALA C 276 19.23 6.64 -1.08
C ALA C 276 20.18 7.52 -0.29
N GLN C 277 20.75 6.97 0.78
CA GLN C 277 21.72 7.65 1.64
C GLN C 277 23.14 7.22 1.26
N GLU C 278 23.30 5.92 0.98
CA GLU C 278 24.58 5.32 0.58
C GLU C 278 24.99 5.76 -0.83
N HIS C 279 24.18 6.63 -1.43
CA HIS C 279 24.40 7.15 -2.77
C HIS C 279 24.35 8.67 -2.83
N PHE C 280 23.34 9.26 -2.19
CA PHE C 280 23.16 10.71 -2.20
C PHE C 280 23.14 11.44 -0.85
N GLY C 281 23.98 11.00 0.09
CA GLY C 281 24.03 11.64 1.39
C GLY C 281 24.92 12.86 1.39
N LYS C 282 25.10 13.50 2.55
CA LYS C 282 25.93 14.68 2.63
C LYS C 282 27.40 14.34 2.38
N ASP C 283 28.06 15.18 1.59
CA ASP C 283 29.47 15.01 1.22
C ASP C 283 29.77 13.60 0.67
N LYS C 284 28.93 13.17 -0.26
CA LYS C 284 29.07 11.86 -0.88
C LYS C 284 28.90 12.02 -2.41
N SER C 285 27.88 12.77 -2.82
CA SER C 285 27.62 12.99 -4.24
C SER C 285 27.41 14.45 -4.54
N SER C 286 26.59 14.71 -5.55
CA SER C 286 26.29 16.08 -5.96
C SER C 286 25.07 16.15 -6.89
N PRO C 287 25.00 15.30 -7.95
CA PRO C 287 23.85 15.38 -8.83
C PRO C 287 22.60 15.67 -8.00
N PHE C 288 22.22 14.69 -7.19
CA PHE C 288 21.05 14.81 -6.34
C PHE C 288 21.41 14.72 -4.86
N GLN C 289 21.06 15.78 -4.13
CA GLN C 289 21.32 15.90 -2.69
C GLN C 289 20.04 15.64 -1.91
N LEU C 290 20.03 14.54 -1.16
CA LEU C 290 18.88 14.17 -0.35
C LEU C 290 18.54 15.31 0.63
N PHE C 291 19.58 15.80 1.31
CA PHE C 291 19.48 16.88 2.28
C PHE C 291 20.10 18.15 1.75
N GLY C 292 19.27 19.05 1.25
CA GLY C 292 19.74 20.31 0.71
C GLY C 292 18.75 20.77 -0.34
N SER C 293 18.04 21.86 -0.06
CA SER C 293 17.04 22.37 -0.99
C SER C 293 17.58 23.28 -2.10
N PRO C 294 17.18 22.99 -3.36
CA PRO C 294 17.58 23.75 -4.54
C PRO C 294 16.61 24.91 -4.80
N HIS C 295 15.32 24.64 -4.60
CA HIS C 295 14.27 25.64 -4.83
C HIS C 295 13.92 26.49 -3.61
N GLY C 296 13.45 25.86 -2.54
CA GLY C 296 13.09 26.59 -1.33
C GLY C 296 13.92 26.23 -0.12
N GLU C 297 13.27 25.71 0.92
CA GLU C 297 13.96 25.29 2.15
C GLU C 297 13.16 24.18 2.84
N ASP C 298 13.88 23.22 3.42
CA ASP C 298 13.31 22.06 4.13
C ASP C 298 12.43 21.20 3.23
N LEU C 299 12.90 20.99 1.99
CA LEU C 299 12.18 20.19 0.98
C LEU C 299 12.39 18.69 1.17
N LEU C 300 11.28 17.96 1.29
CA LEU C 300 11.27 16.51 1.54
C LEU C 300 11.91 16.19 2.89
N PHE C 301 13.17 16.58 3.06
CA PHE C 301 13.88 16.41 4.32
C PHE C 301 14.40 17.78 4.80
N THR C 302 14.40 17.98 6.12
CA THR C 302 14.93 19.23 6.67
C THR C 302 16.43 19.29 6.30
N ASP C 303 16.88 20.45 5.83
CA ASP C 303 18.26 20.64 5.39
C ASP C 303 19.36 20.39 6.40
N ALA C 304 19.03 20.44 7.70
CA ALA C 304 20.01 20.28 8.77
C ALA C 304 20.41 18.86 9.23
N ALA C 305 19.72 17.84 8.75
CA ALA C 305 20.04 16.48 9.15
C ALA C 305 21.17 15.93 8.33
N HIS C 306 21.83 14.89 8.86
CA HIS C 306 22.93 14.26 8.14
C HIS C 306 22.55 12.88 7.59
N GLY C 307 21.48 12.32 8.13
CA GLY C 307 21.02 11.02 7.67
C GLY C 307 19.70 10.63 8.30
N LEU C 308 19.37 9.34 8.22
CA LEU C 308 18.16 8.80 8.80
C LEU C 308 18.50 7.50 9.49
N LEU C 309 17.86 7.24 10.62
CA LEU C 309 18.10 6.02 11.37
C LEU C 309 16.81 5.22 11.39
N ARG C 310 16.93 3.92 11.16
CA ARG C 310 15.74 3.07 11.16
C ARG C 310 15.30 2.84 12.61
N VAL C 311 14.03 3.12 12.91
CA VAL C 311 13.53 2.92 14.26
C VAL C 311 12.95 1.50 14.42
N PRO C 312 12.89 0.97 15.66
CA PRO C 312 12.36 -0.36 15.95
C PRO C 312 10.87 -0.57 15.66
N ARG C 313 10.43 -1.83 15.73
CA ARG C 313 9.04 -2.19 15.47
C ARG C 313 8.19 -2.00 16.70
N LYS C 314 8.84 -2.06 17.87
CA LYS C 314 8.17 -1.87 19.14
C LYS C 314 8.28 -0.41 19.58
N ILE C 315 8.00 0.50 18.66
CA ILE C 315 8.04 1.91 18.96
C ILE C 315 7.08 2.65 18.03
N ASP C 316 6.09 3.30 18.66
CA ASP C 316 5.08 4.07 17.95
C ASP C 316 5.26 5.55 18.26
N ILE C 317 4.26 6.34 17.90
CA ILE C 317 4.35 7.77 18.14
C ILE C 317 4.45 8.04 19.63
N SER C 318 3.88 7.17 20.45
CA SER C 318 3.88 7.32 21.91
C SER C 318 5.27 7.30 22.55
N LEU C 319 6.07 6.30 22.19
CA LEU C 319 7.42 6.20 22.74
C LEU C 319 8.37 7.14 22.07
N TYR C 320 8.11 7.46 20.81
CA TYR C 320 8.97 8.36 20.09
C TYR C 320 9.05 9.73 20.75
N LEU C 321 7.88 10.35 20.91
CA LEU C 321 7.74 11.68 21.51
C LEU C 321 8.06 11.75 23.00
N GLY C 322 7.50 10.83 23.78
CA GLY C 322 7.75 10.80 25.22
C GLY C 322 6.49 10.97 26.04
N TYR C 323 6.57 10.73 27.35
CA TYR C 323 5.41 10.88 28.22
C TYR C 323 5.34 12.34 28.64
N GLU C 324 6.51 12.96 28.80
CA GLU C 324 6.56 14.36 29.17
C GLU C 324 5.88 15.16 28.06
N PHE C 325 6.13 14.73 26.82
CA PHE C 325 5.58 15.38 25.63
C PHE C 325 4.08 15.06 25.45
N LEU C 326 3.64 13.92 25.97
CA LEU C 326 2.22 13.50 25.87
C LEU C 326 1.42 13.98 27.06
N SER C 327 2.11 14.23 28.17
CA SER C 327 1.45 14.74 29.34
C SER C 327 1.04 16.16 29.02
N ALA C 328 2.01 16.96 28.58
CA ALA C 328 1.76 18.35 28.23
C ALA C 328 0.85 18.46 26.99
N PHE C 329 0.49 17.33 26.40
CA PHE C 329 -0.37 17.32 25.21
C PHE C 329 -1.80 17.06 25.61
N ARG C 330 -1.99 16.35 26.72
CA ARG C 330 -3.32 16.04 27.22
C ARG C 330 -3.88 17.22 28.00
N ASN C 331 -3.08 18.28 28.13
CA ASN C 331 -3.48 19.49 28.83
C ASN C 331 -3.83 20.58 27.83
N LEU C 332 -3.28 20.47 26.62
CA LEU C 332 -3.52 21.45 25.55
C LEU C 332 -4.41 20.95 24.39
N LYS C 333 -4.74 19.65 24.38
CA LYS C 333 -5.59 19.08 23.33
C LYS C 333 -6.76 18.28 23.92
N ARG C 334 -6.59 17.75 25.12
CA ARG C 334 -7.64 16.98 25.79
C ARG C 334 -8.43 17.85 26.78
N SER C 339 -6.53 10.32 36.38
CA SER C 339 -7.44 9.89 37.44
C SER C 339 -6.64 9.37 38.65
N GLN C 340 -7.21 9.59 39.83
CA GLN C 340 -6.64 9.15 41.09
C GLN C 340 -7.00 7.68 41.33
N ARG C 341 -6.31 6.81 40.59
CA ARG C 341 -6.49 5.38 40.69
C ARG C 341 -5.18 4.77 40.24
N VAL C 342 -4.95 3.52 40.63
CA VAL C 342 -3.76 2.77 40.27
C VAL C 342 -4.32 1.60 39.46
N LYS C 343 -4.05 1.61 38.15
CA LYS C 343 -4.51 0.55 37.25
C LYS C 343 -3.38 -0.47 37.08
N TRP C 344 -3.43 -1.50 37.92
CA TRP C 344 -2.40 -2.53 37.93
C TRP C 344 -2.27 -3.28 36.63
N CYS C 345 -1.03 -3.51 36.22
CA CYS C 345 -0.81 -4.26 34.99
C CYS C 345 -0.62 -5.75 35.24
N ALA C 346 -1.45 -6.54 34.56
CA ALA C 346 -1.41 -7.98 34.69
C ALA C 346 -0.74 -8.64 33.48
N VAL C 347 0.14 -9.59 33.75
CA VAL C 347 0.88 -10.32 32.71
C VAL C 347 0.21 -11.68 32.46
N GLY C 348 -0.67 -11.74 31.47
CA GLY C 348 -1.36 -12.97 31.18
C GLY C 348 -2.78 -12.95 31.68
N GLN C 349 -3.43 -14.11 31.71
CA GLN C 349 -4.81 -14.14 32.15
C GLN C 349 -5.03 -14.49 33.61
N GLN C 350 -4.30 -15.48 34.11
CA GLN C 350 -4.45 -15.85 35.51
C GLN C 350 -4.26 -14.63 36.38
N GLU C 351 -3.32 -13.79 35.96
CA GLU C 351 -2.99 -12.58 36.69
C GLU C 351 -4.11 -11.53 36.69
N ARG C 352 -4.73 -11.33 35.53
CA ARG C 352 -5.84 -10.39 35.39
C ARG C 352 -7.02 -10.83 36.24
N THR C 353 -7.16 -12.14 36.42
CA THR C 353 -8.24 -12.70 37.23
C THR C 353 -7.99 -12.37 38.71
N LYS C 354 -6.76 -12.51 39.18
CA LYS C 354 -6.49 -12.19 40.56
C LYS C 354 -6.64 -10.70 40.70
N CYS C 355 -6.40 -9.97 39.62
CA CYS C 355 -6.55 -8.53 39.71
C CYS C 355 -8.00 -8.17 39.77
N ASP C 356 -8.84 -8.90 39.03
CA ASP C 356 -10.28 -8.63 39.08
C ASP C 356 -10.76 -8.84 40.52
N GLN C 357 -10.39 -9.98 41.11
CA GLN C 357 -10.78 -10.34 42.49
C GLN C 357 -10.36 -9.25 43.46
N TRP C 358 -9.17 -8.70 43.24
CA TRP C 358 -8.63 -7.66 44.09
C TRP C 358 -9.28 -6.30 43.79
N SER C 359 -9.62 -6.07 42.54
CA SER C 359 -10.25 -4.81 42.14
C SER C 359 -11.55 -4.55 42.87
N ALA C 360 -12.27 -5.64 43.15
CA ALA C 360 -13.56 -5.55 43.85
C ALA C 360 -13.42 -5.23 45.35
N VAL C 361 -12.55 -5.96 46.03
CA VAL C 361 -12.33 -5.75 47.46
C VAL C 361 -11.60 -4.44 47.73
N SER C 362 -10.75 -4.02 46.80
CA SER C 362 -10.01 -2.78 46.97
C SER C 362 -10.94 -1.65 47.39
N GLY C 363 -12.16 -1.65 46.83
CA GLY C 363 -13.11 -0.60 47.14
C GLY C 363 -13.00 0.45 46.05
N GLY C 364 -12.79 -0.03 44.82
CA GLY C 364 -12.67 0.83 43.65
C GLY C 364 -11.42 1.65 43.41
N ALA C 365 -10.45 1.60 44.33
CA ALA C 365 -9.21 2.37 44.20
C ALA C 365 -8.16 1.65 43.35
N LEU C 366 -8.58 0.55 42.73
CA LEU C 366 -7.69 -0.27 41.93
C LEU C 366 -8.35 -0.77 40.64
N ALA C 367 -7.71 -0.54 39.50
CA ALA C 367 -8.25 -0.98 38.22
C ALA C 367 -7.33 -2.06 37.64
N CYS C 368 -7.73 -2.69 36.54
CA CYS C 368 -6.92 -3.74 35.95
C CYS C 368 -6.72 -3.60 34.44
N ALA C 369 -5.48 -3.80 34.02
CA ALA C 369 -5.10 -3.77 32.62
C ALA C 369 -4.35 -5.10 32.41
N THR C 370 -4.69 -5.86 31.38
CA THR C 370 -4.03 -7.15 31.13
C THR C 370 -3.19 -7.25 29.85
N GLU C 371 -1.87 -7.29 30.01
CA GLU C 371 -0.99 -7.40 28.87
C GLU C 371 -0.35 -8.81 28.80
N GLU C 372 0.31 -9.12 27.68
CA GLU C 372 0.91 -10.44 27.45
C GLU C 372 2.31 -10.71 27.95
N THR C 373 3.17 -9.71 27.99
CA THR C 373 4.53 -9.89 28.50
C THR C 373 4.88 -8.79 29.51
N PRO C 374 6.05 -8.89 30.16
CA PRO C 374 6.48 -7.91 31.15
C PRO C 374 6.95 -6.67 30.41
N GLU C 375 7.36 -6.89 29.17
CA GLU C 375 7.81 -5.83 28.27
C GLU C 375 6.58 -4.99 27.92
N ASP C 376 5.52 -5.68 27.52
CA ASP C 376 4.26 -5.07 27.13
C ASP C 376 3.67 -4.26 28.28
N CYS C 377 3.82 -4.78 29.50
CA CYS C 377 3.28 -4.11 30.67
C CYS C 377 4.10 -2.89 31.09
N ILE C 378 5.37 -2.86 30.70
CA ILE C 378 6.22 -1.73 31.00
C ILE C 378 5.89 -0.61 30.00
N ALA C 379 5.66 -1.01 28.75
CA ALA C 379 5.33 -0.08 27.68
C ALA C 379 3.97 0.58 27.92
N ALA C 380 3.01 -0.20 28.42
CA ALA C 380 1.67 0.29 28.74
C ALA C 380 1.72 1.31 29.89
N THR C 381 2.61 1.07 30.84
CA THR C 381 2.75 1.95 31.97
C THR C 381 3.47 3.24 31.58
N MET C 382 4.29 3.17 30.53
CA MET C 382 5.02 4.36 30.06
C MET C 382 4.06 5.32 29.40
N LYS C 383 3.09 4.77 28.67
CA LYS C 383 2.07 5.54 27.95
C LYS C 383 1.08 6.16 28.91
N GLY C 384 0.58 5.32 29.81
CA GLY C 384 -0.38 5.79 30.77
C GLY C 384 -1.55 4.84 30.73
N GLU C 385 -1.39 3.76 29.98
CA GLU C 385 -2.42 2.74 29.88
C GLU C 385 -2.53 1.93 31.19
N ALA C 386 -1.40 1.72 31.87
CA ALA C 386 -1.38 1.02 33.14
C ALA C 386 -0.65 1.98 34.07
N ASP C 387 -0.71 1.74 35.37
CA ASP C 387 -0.06 2.63 36.31
C ASP C 387 1.12 2.04 37.08
N ALA C 388 0.98 0.78 37.48
CA ALA C 388 2.06 0.13 38.22
C ALA C 388 2.00 -1.39 38.03
N MET C 389 3.12 -2.04 38.36
CA MET C 389 3.26 -3.49 38.28
C MET C 389 4.57 -3.91 38.98
N SER C 390 4.63 -5.15 39.47
CA SER C 390 5.83 -5.62 40.15
C SER C 390 6.79 -6.17 39.12
N LEU C 391 7.99 -5.60 39.06
CA LEU C 391 8.98 -6.02 38.09
C LEU C 391 10.17 -6.75 38.69
N ASP C 392 10.45 -7.93 38.15
CA ASP C 392 11.57 -8.73 38.60
C ASP C 392 12.80 -7.85 38.53
N GLY C 393 13.92 -8.32 39.10
CA GLY C 393 15.15 -7.55 39.05
C GLY C 393 15.61 -7.21 37.64
N GLY C 394 15.45 -8.15 36.71
CA GLY C 394 15.87 -7.92 35.33
C GLY C 394 14.99 -7.02 34.48
N PHE C 395 13.70 -6.97 34.79
CA PHE C 395 12.77 -6.12 34.03
C PHE C 395 12.68 -4.72 34.61
N ALA C 396 13.24 -4.55 35.81
CA ALA C 396 13.28 -3.26 36.48
C ALA C 396 14.40 -2.40 35.87
N TYR C 397 15.37 -3.08 35.24
CA TYR C 397 16.52 -2.46 34.60
C TYR C 397 16.05 -1.90 33.28
N VAL C 398 15.33 -2.75 32.54
CA VAL C 398 14.78 -2.36 31.28
C VAL C 398 13.87 -1.18 31.60
N ALA C 399 12.90 -1.41 32.50
CA ALA C 399 11.94 -0.39 32.93
C ALA C 399 12.61 0.90 33.42
N GLY C 400 13.82 0.79 33.94
CA GLY C 400 14.57 1.95 34.38
C GLY C 400 14.97 2.74 33.15
N HIS C 401 15.63 2.08 32.20
CA HIS C 401 16.02 2.75 30.98
C HIS C 401 14.79 3.33 30.23
N CYS C 402 13.60 2.93 30.67
CA CYS C 402 12.36 3.40 30.06
C CYS C 402 11.72 4.54 30.84
N GLY C 403 12.37 4.93 31.93
CA GLY C 403 11.90 6.05 32.74
C GLY C 403 10.96 5.81 33.90
N LEU C 404 10.77 4.56 34.27
CA LEU C 404 9.87 4.27 35.39
C LEU C 404 10.74 4.18 36.63
N VAL C 405 10.23 4.64 37.77
CA VAL C 405 11.02 4.60 39.02
C VAL C 405 10.52 3.60 40.08
N PRO C 406 11.37 3.20 41.01
CA PRO C 406 10.92 2.26 42.02
C PRO C 406 9.91 3.00 42.87
N VAL C 407 8.94 2.26 43.40
CA VAL C 407 7.90 2.84 44.25
C VAL C 407 8.05 2.27 45.69
N LEU C 408 8.08 0.95 45.77
CA LEU C 408 8.23 0.20 47.03
C LEU C 408 8.85 -1.14 46.72
N ALA C 409 9.66 -1.62 47.66
CA ALA C 409 10.34 -2.90 47.50
C ALA C 409 9.38 -4.03 47.87
N GLU C 410 9.86 -5.27 47.74
CA GLU C 410 9.06 -6.45 48.03
C GLU C 410 9.91 -7.42 48.84
N ASN C 411 9.51 -7.71 50.08
CA ASN C 411 10.24 -8.63 50.96
C ASN C 411 9.46 -9.92 51.29
N TYR C 412 10.18 -11.03 51.43
CA TYR C 412 9.58 -12.32 51.74
C TYR C 412 9.63 -12.61 53.26
N LEU C 413 9.87 -13.86 53.64
CA LEU C 413 9.97 -14.24 55.05
C LEU C 413 10.89 -13.28 55.81
N SER C 414 10.88 -13.35 57.14
CA SER C 414 11.76 -12.50 57.94
C SER C 414 13.14 -13.12 57.87
N THR C 415 13.95 -12.84 58.88
CA THR C 415 15.30 -13.38 58.93
C THR C 415 15.29 -14.90 58.73
N HIS C 416 14.13 -15.50 58.92
CA HIS C 416 13.91 -16.96 58.81
C HIS C 416 13.96 -17.51 60.26
N SER C 417 14.43 -16.66 61.19
CA SER C 417 14.48 -16.99 62.60
C SER C 417 13.03 -16.81 63.03
N SER C 418 12.39 -15.82 62.40
CA SER C 418 10.99 -15.46 62.66
C SER C 418 10.12 -15.99 61.50
N GLY C 419 9.16 -16.85 61.84
CA GLY C 419 8.27 -17.40 60.84
C GLY C 419 7.23 -16.38 60.37
N ARG C 420 7.12 -16.23 59.05
CA ARG C 420 6.18 -15.30 58.40
C ARG C 420 6.69 -13.84 58.43
N LEU C 421 5.78 -12.89 58.22
CA LEU C 421 6.08 -11.45 58.21
C LEU C 421 4.84 -10.70 57.67
N GLY C 422 4.77 -9.38 57.88
CA GLY C 422 3.60 -8.64 57.39
C GLY C 422 3.11 -7.49 58.25
N SER C 423 3.36 -7.58 59.56
CA SER C 423 2.98 -6.55 60.53
C SER C 423 4.07 -5.46 60.50
N LYS C 424 3.80 -4.39 59.75
CA LYS C 424 4.73 -3.27 59.57
C LYS C 424 6.18 -3.74 59.43
N CYS C 425 6.43 -4.40 58.30
CA CYS C 425 7.73 -4.95 57.91
C CYS C 425 8.27 -3.88 56.94
N VAL C 426 7.40 -2.91 56.68
CA VAL C 426 7.67 -1.80 55.79
C VAL C 426 9.07 -1.21 55.91
N ASN C 427 9.60 -1.10 57.12
CA ASN C 427 10.93 -0.51 57.35
C ASN C 427 12.06 -1.50 57.45
N ALA C 428 11.79 -2.72 57.01
CA ALA C 428 12.81 -3.75 57.03
C ALA C 428 13.84 -3.46 55.93
N PRO C 429 15.14 -3.44 56.29
CA PRO C 429 16.15 -3.18 55.24
C PRO C 429 15.99 -4.34 54.27
N LEU C 430 16.08 -4.09 52.96
CA LEU C 430 15.90 -5.19 52.03
C LEU C 430 17.11 -5.45 51.18
N GLU C 431 17.46 -6.73 51.04
CA GLU C 431 18.64 -7.08 50.27
C GLU C 431 18.37 -7.74 48.91
N GLY C 432 17.59 -8.82 48.91
CA GLY C 432 17.31 -9.50 47.65
C GLY C 432 17.26 -11.01 47.84
N TYR C 433 17.38 -11.76 46.75
CA TYR C 433 17.36 -13.22 46.85
C TYR C 433 18.48 -13.94 46.09
N TYR C 434 18.53 -15.26 46.21
CA TYR C 434 19.56 -16.07 45.53
C TYR C 434 19.04 -16.76 44.28
N VAL C 435 19.92 -16.90 43.29
CA VAL C 435 19.60 -17.60 42.03
C VAL C 435 20.36 -18.90 42.17
N VAL C 436 19.83 -19.96 41.58
CA VAL C 436 20.45 -21.26 41.67
C VAL C 436 20.08 -22.12 40.46
N ALA C 437 20.89 -23.16 40.21
CA ALA C 437 20.65 -24.11 39.12
C ALA C 437 20.37 -25.43 39.83
N VAL C 438 19.10 -25.82 39.87
CA VAL C 438 18.72 -27.04 40.56
C VAL C 438 18.74 -28.30 39.70
N VAL C 439 18.97 -29.45 40.33
CA VAL C 439 19.01 -30.74 39.63
C VAL C 439 18.31 -31.84 40.45
N LYS C 440 17.77 -32.87 39.77
CA LYS C 440 17.08 -33.97 40.42
C LYS C 440 18.09 -34.98 40.96
N LYS C 441 17.60 -36.04 41.61
CA LYS C 441 18.49 -37.06 42.17
C LYS C 441 18.83 -38.13 41.12
N SER C 442 17.86 -38.43 40.26
CA SER C 442 18.02 -39.42 39.19
C SER C 442 19.33 -39.23 38.45
N ASP C 443 19.75 -37.98 38.32
CA ASP C 443 21.00 -37.64 37.62
C ASP C 443 22.20 -37.63 38.57
N VAL C 444 23.28 -38.28 38.15
CA VAL C 444 24.50 -38.37 38.95
C VAL C 444 25.76 -37.99 38.16
N GLY C 445 25.61 -37.72 36.86
CA GLY C 445 26.75 -37.35 36.03
C GLY C 445 26.69 -35.98 35.35
N ILE C 446 26.02 -35.03 35.99
CA ILE C 446 25.89 -33.68 35.46
C ILE C 446 26.42 -32.66 36.49
N THR C 447 27.49 -31.95 36.10
CA THR C 447 28.10 -30.94 36.97
C THR C 447 27.98 -29.57 36.32
N TRP C 448 28.38 -28.53 37.03
CA TRP C 448 28.32 -27.19 36.47
C TRP C 448 29.03 -27.24 35.13
N LYS C 449 30.13 -27.98 35.09
CA LYS C 449 30.90 -28.12 33.86
C LYS C 449 30.20 -29.01 32.82
N SER C 450 29.40 -29.97 33.31
CA SER C 450 28.68 -30.88 32.44
C SER C 450 27.35 -30.27 31.95
N LEU C 451 27.38 -29.00 31.56
CA LEU C 451 26.17 -28.31 31.09
C LEU C 451 26.01 -28.26 29.58
N GLN C 452 27.13 -28.39 28.87
CA GLN C 452 27.17 -28.39 27.40
C GLN C 452 26.21 -29.45 26.81
N GLY C 453 25.50 -29.08 25.74
CA GLY C 453 24.59 -29.98 25.07
C GLY C 453 23.61 -30.72 25.96
N LYS C 454 23.23 -30.10 27.06
CA LYS C 454 22.27 -30.72 27.99
C LYS C 454 20.87 -30.13 27.77
N LYS C 455 19.94 -30.45 28.67
CA LYS C 455 18.58 -29.95 28.58
C LYS C 455 18.45 -28.91 29.70
N SER C 456 18.04 -27.69 29.36
CA SER C 456 17.91 -26.64 30.37
C SER C 456 16.50 -26.04 30.50
N CYS C 457 16.16 -25.66 31.72
CA CYS C 457 14.85 -25.05 32.02
C CYS C 457 15.11 -23.66 32.59
N HIS C 458 14.27 -22.69 32.23
CA HIS C 458 14.43 -21.31 32.73
C HIS C 458 13.10 -20.68 33.12
N THR C 459 13.13 -19.88 34.18
CA THR C 459 11.96 -19.17 34.66
C THR C 459 11.32 -18.49 33.43
N ALA C 460 12.08 -17.62 32.80
CA ALA C 460 11.64 -16.91 31.61
C ALA C 460 12.73 -15.99 31.19
N VAL C 461 12.80 -15.71 29.89
CA VAL C 461 13.81 -14.81 29.37
C VAL C 461 13.57 -13.39 29.92
N GLY C 462 14.66 -12.77 30.37
CA GLY C 462 14.58 -11.41 30.90
C GLY C 462 14.75 -11.32 32.40
N THR C 463 14.58 -12.46 33.07
CA THR C 463 14.67 -12.58 34.53
C THR C 463 16.06 -12.77 35.11
N SER C 464 16.32 -12.12 36.25
CA SER C 464 17.60 -12.23 36.91
C SER C 464 17.81 -13.69 37.27
N GLU C 465 16.75 -14.29 37.82
CA GLU C 465 16.76 -15.68 38.26
C GLU C 465 16.59 -16.73 37.17
N GLY C 466 16.15 -16.36 35.97
CA GLY C 466 15.93 -17.35 34.93
C GLY C 466 16.80 -17.25 33.69
N TRP C 467 17.32 -16.06 33.45
CA TRP C 467 18.15 -15.80 32.29
C TRP C 467 19.39 -14.97 32.61
N ASN C 468 19.15 -13.70 32.89
CA ASN C 468 20.18 -12.75 33.20
C ASN C 468 21.39 -13.28 33.91
N VAL C 469 21.18 -14.09 34.95
CA VAL C 469 22.32 -14.65 35.71
C VAL C 469 22.85 -16.02 35.22
N PRO C 470 21.94 -16.99 35.00
CA PRO C 470 22.41 -18.29 34.52
C PRO C 470 23.19 -18.09 33.22
N MET C 471 22.52 -17.47 32.26
CA MET C 471 23.05 -17.20 30.93
C MET C 471 24.17 -16.15 30.94
N GLY C 472 24.12 -15.28 31.94
CA GLY C 472 25.12 -14.25 32.05
C GLY C 472 26.46 -14.88 32.31
N LEU C 473 26.46 -15.90 33.16
CA LEU C 473 27.68 -16.63 33.53
C LEU C 473 28.23 -17.55 32.44
N ILE C 474 27.35 -18.02 31.55
CA ILE C 474 27.78 -18.88 30.48
C ILE C 474 28.46 -18.07 29.39
N TYR C 475 27.94 -16.88 29.12
CA TYR C 475 28.50 -16.01 28.09
C TYR C 475 29.86 -15.49 28.50
N ASP C 476 30.24 -15.68 29.76
CA ASP C 476 31.55 -15.26 30.21
C ASP C 476 32.46 -16.48 30.03
N GLN C 477 31.86 -17.64 30.21
CA GLN C 477 32.58 -18.87 30.06
C GLN C 477 32.74 -19.24 28.61
N THR C 478 31.80 -18.80 27.76
CA THR C 478 31.85 -19.11 26.32
C THR C 478 32.37 -17.96 25.44
N GLY C 479 31.77 -16.79 25.55
CA GLY C 479 32.19 -15.67 24.74
C GLY C 479 31.16 -15.33 23.65
N SER C 480 30.17 -16.20 23.47
CA SER C 480 29.14 -15.98 22.47
C SER C 480 27.74 -15.91 23.09
N CYS C 481 26.85 -15.21 22.41
CA CYS C 481 25.48 -15.08 22.89
C CYS C 481 24.61 -16.16 22.27
N LYS C 482 25.25 -17.10 21.57
CA LYS C 482 24.50 -18.20 20.97
C LYS C 482 24.26 -19.24 22.06
N PHE C 483 23.01 -19.31 22.52
CA PHE C 483 22.63 -20.23 23.58
C PHE C 483 21.88 -21.46 23.02
N ASP C 484 21.18 -21.29 21.90
CA ASP C 484 20.44 -22.40 21.29
C ASP C 484 21.42 -23.42 20.68
N ALA C 485 22.70 -23.28 21.05
CA ALA C 485 23.78 -24.15 20.58
C ALA C 485 24.48 -24.80 21.77
N PHE C 486 24.47 -24.10 22.90
CA PHE C 486 25.10 -24.59 24.12
C PHE C 486 24.36 -25.83 24.61
N PHE C 487 23.05 -25.66 24.83
CA PHE C 487 22.19 -26.74 25.28
C PHE C 487 21.51 -27.44 24.11
N SER C 488 21.32 -28.74 24.23
CA SER C 488 20.65 -29.49 23.18
C SER C 488 19.24 -28.89 22.94
N ARG C 489 18.31 -29.19 23.84
CA ARG C 489 16.95 -28.68 23.80
C ARG C 489 16.72 -27.97 25.13
N SER C 490 15.76 -27.04 25.15
CA SER C 490 15.47 -26.30 26.38
C SER C 490 14.12 -25.62 26.33
N CYS C 491 13.69 -25.10 27.46
CA CYS C 491 12.44 -24.37 27.49
C CYS C 491 12.68 -23.09 28.26
N ALA C 492 12.79 -22.01 27.49
CA ALA C 492 13.03 -20.67 28.00
C ALA C 492 11.87 -19.82 27.49
N PRO C 493 10.80 -19.74 28.27
CA PRO C 493 9.61 -18.96 27.91
C PRO C 493 9.96 -17.50 27.55
N GLY C 494 9.55 -17.08 26.38
CA GLY C 494 9.84 -15.72 25.96
C GLY C 494 10.81 -15.67 24.79
N SER C 495 11.42 -16.82 24.49
CA SER C 495 12.36 -16.91 23.36
C SER C 495 11.63 -17.13 22.03
N ASP C 496 12.41 -17.42 20.99
CA ASP C 496 11.85 -17.68 19.66
C ASP C 496 10.99 -18.93 19.73
N PRO C 497 9.69 -18.79 19.40
CA PRO C 497 8.74 -19.91 19.40
C PRO C 497 9.28 -21.17 18.72
N ASP C 498 9.93 -20.97 17.57
CA ASP C 498 10.49 -22.06 16.78
C ASP C 498 12.01 -22.16 16.85
N SER C 499 12.55 -22.36 18.05
CA SER C 499 13.99 -22.46 18.24
C SER C 499 14.28 -23.53 19.28
N PRO C 500 15.54 -23.93 19.43
CA PRO C 500 15.97 -24.95 20.40
C PRO C 500 15.71 -24.51 21.83
N LEU C 501 15.46 -23.20 21.97
CA LEU C 501 15.15 -22.55 23.26
C LEU C 501 13.70 -22.79 23.67
N CYS C 502 12.84 -23.00 22.68
CA CYS C 502 11.43 -23.26 22.92
C CYS C 502 11.13 -24.65 22.41
N ALA C 503 11.85 -25.64 22.92
CA ALA C 503 11.65 -27.03 22.49
C ALA C 503 11.04 -27.91 23.58
N LEU C 504 11.54 -27.79 24.80
CA LEU C 504 11.03 -28.60 25.88
C LEU C 504 9.76 -28.05 26.49
N CYS C 505 9.32 -26.88 26.03
CA CYS C 505 8.11 -26.25 26.56
C CYS C 505 6.82 -27.05 26.30
N VAL C 506 5.90 -27.01 27.27
CA VAL C 506 4.62 -27.73 27.17
C VAL C 506 3.43 -26.89 26.71
N GLY C 507 3.51 -25.58 26.93
CA GLY C 507 2.45 -24.68 26.49
C GLY C 507 1.15 -24.71 27.29
N GLY C 508 0.05 -24.39 26.61
CA GLY C 508 -1.24 -24.40 27.28
C GLY C 508 -2.37 -24.97 26.43
N ASN C 509 -3.22 -24.09 25.90
CA ASN C 509 -4.34 -24.51 25.10
C ASN C 509 -4.63 -23.55 23.95
N ASN C 510 -4.19 -22.30 24.12
CA ASN C 510 -4.43 -21.29 23.10
C ASN C 510 -3.73 -21.63 21.80
N PRO C 511 -4.42 -21.37 20.67
CA PRO C 511 -3.88 -21.63 19.34
C PRO C 511 -2.70 -20.70 19.08
N ALA C 512 -1.49 -21.25 19.18
CA ALA C 512 -0.24 -20.50 18.97
C ALA C 512 0.12 -19.57 20.15
N HIS C 513 0.51 -20.16 21.27
CA HIS C 513 0.93 -19.42 22.46
C HIS C 513 1.94 -20.28 23.25
N MET C 514 2.59 -21.15 22.50
CA MET C 514 3.63 -22.05 23.00
C MET C 514 4.91 -21.25 23.34
N CYS C 515 5.39 -21.39 24.58
CA CYS C 515 6.61 -20.72 25.04
C CYS C 515 6.42 -19.26 25.39
N ALA C 516 5.17 -18.85 25.55
CA ALA C 516 4.82 -17.46 25.87
C ALA C 516 5.51 -16.92 27.11
N ALA C 517 5.64 -15.59 27.17
CA ALA C 517 6.29 -14.93 28.30
C ALA C 517 5.34 -14.59 29.45
N ASN C 518 4.27 -15.37 29.59
CA ASN C 518 3.29 -15.18 30.67
C ASN C 518 2.93 -16.56 31.19
N ASN C 519 2.19 -16.59 32.29
CA ASN C 519 1.79 -17.86 32.92
C ASN C 519 0.92 -18.78 32.09
N ALA C 520 0.74 -18.48 30.80
CA ALA C 520 -0.06 -19.31 29.91
C ALA C 520 0.81 -20.49 29.44
N GLU C 521 2.06 -20.47 29.87
CA GLU C 521 3.06 -21.49 29.54
C GLU C 521 3.23 -22.48 30.69
N GLY C 522 3.19 -23.77 30.38
CA GLY C 522 3.33 -24.79 31.40
C GLY C 522 4.58 -24.69 32.27
N TYR C 523 5.71 -24.38 31.66
CA TYR C 523 6.96 -24.30 32.42
C TYR C 523 7.41 -22.88 32.75
N HIS C 524 6.44 -22.02 33.05
CA HIS C 524 6.70 -20.63 33.37
C HIS C 524 6.75 -20.41 34.87
N GLY C 525 7.65 -19.53 35.31
CA GLY C 525 7.77 -19.22 36.73
C GLY C 525 8.86 -19.97 37.45
N SER C 526 8.96 -19.76 38.77
CA SER C 526 9.96 -20.45 39.59
C SER C 526 9.48 -21.88 39.83
N SER C 527 8.16 -22.05 39.79
CA SER C 527 7.52 -23.34 39.97
C SER C 527 7.42 -24.13 38.64
N GLY C 528 7.18 -23.41 37.54
CA GLY C 528 7.08 -24.05 36.24
C GLY C 528 8.40 -24.64 35.78
N ALA C 529 9.50 -24.01 36.20
CA ALA C 529 10.84 -24.48 35.85
C ALA C 529 11.09 -25.82 36.57
N LEU C 530 10.60 -25.92 37.79
CA LEU C 530 10.75 -27.14 38.58
C LEU C 530 10.00 -28.25 37.85
N ARG C 531 8.78 -27.95 37.44
CA ARG C 531 7.96 -28.91 36.74
C ARG C 531 8.70 -29.42 35.49
N CYS C 532 9.34 -28.49 34.78
CA CYS C 532 10.12 -28.78 33.56
C CYS C 532 11.28 -29.70 33.89
N LEU C 533 11.92 -29.45 35.03
CA LEU C 533 13.06 -30.23 35.48
C LEU C 533 12.73 -31.70 35.71
N VAL C 534 11.57 -31.94 36.33
CA VAL C 534 11.12 -33.31 36.61
C VAL C 534 10.40 -33.96 35.44
N GLU C 535 9.81 -33.14 34.59
CA GLU C 535 9.09 -33.68 33.46
C GLU C 535 9.91 -33.80 32.17
N LYS C 536 10.82 -32.84 31.91
CA LYS C 536 11.62 -32.88 30.66
C LYS C 536 13.12 -32.58 30.73
N GLY C 537 13.48 -31.39 31.23
CA GLY C 537 14.89 -31.03 31.30
C GLY C 537 15.70 -31.68 32.42
N ASP C 538 16.92 -31.19 32.60
CA ASP C 538 17.83 -31.70 33.63
C ASP C 538 18.27 -30.62 34.64
N VAL C 539 18.68 -29.47 34.14
CA VAL C 539 19.12 -28.35 34.98
C VAL C 539 18.15 -27.16 34.85
N ALA C 540 17.55 -26.74 35.95
CA ALA C 540 16.60 -25.63 35.92
C ALA C 540 17.17 -24.42 36.65
N PHE C 541 16.71 -23.23 36.29
CA PHE C 541 17.17 -21.97 36.90
C PHE C 541 16.03 -21.15 37.49
N MET C 542 16.12 -20.88 38.79
CA MET C 542 15.10 -20.13 39.51
C MET C 542 15.68 -19.39 40.71
N LYS C 543 14.79 -18.77 41.48
CA LYS C 543 15.18 -18.00 42.65
C LYS C 543 15.55 -18.90 43.84
N HIS C 544 15.23 -18.43 45.04
CA HIS C 544 15.48 -19.14 46.30
C HIS C 544 15.02 -20.57 46.21
N PRO C 545 15.20 -21.33 47.31
CA PRO C 545 14.77 -22.74 47.30
C PRO C 545 13.26 -22.86 47.04
N THR C 546 12.86 -22.69 45.77
CA THR C 546 11.46 -22.77 45.37
C THR C 546 10.97 -24.21 45.44
N VAL C 547 11.90 -25.16 45.36
CA VAL C 547 11.58 -26.59 45.43
C VAL C 547 11.12 -26.99 46.83
N LEU C 548 11.66 -26.29 47.83
CA LEU C 548 11.30 -26.52 49.22
C LEU C 548 9.85 -26.06 49.37
N GLN C 549 9.52 -25.02 48.61
CA GLN C 549 8.20 -24.40 48.61
C GLN C 549 7.13 -25.18 47.86
N ASN C 550 7.53 -26.22 47.13
CA ASN C 550 6.57 -27.02 46.36
C ASN C 550 6.54 -28.49 46.81
N THR C 551 7.66 -28.94 47.38
CA THR C 551 7.80 -30.32 47.83
C THR C 551 7.07 -30.64 49.13
N ASP C 552 7.04 -31.93 49.46
CA ASP C 552 6.41 -32.45 50.67
C ASP C 552 4.91 -32.17 50.72
N GLY C 553 4.33 -32.00 49.53
CA GLY C 553 2.90 -31.77 49.41
C GLY C 553 2.38 -30.41 49.86
N LYS C 554 2.99 -29.34 49.38
CA LYS C 554 2.55 -28.01 49.76
C LYS C 554 1.59 -27.42 48.76
N ASN C 555 1.37 -28.15 47.68
CA ASN C 555 0.45 -27.69 46.64
C ASN C 555 -0.40 -28.87 46.19
N PRO C 556 -1.72 -28.64 46.02
CA PRO C 556 -2.69 -29.66 45.59
C PRO C 556 -2.49 -30.11 44.14
N GLU C 557 -1.26 -29.94 43.64
CA GLU C 557 -0.90 -30.26 42.24
C GLU C 557 -0.54 -31.72 41.97
N PRO C 558 -1.14 -32.30 40.91
CA PRO C 558 -0.93 -33.70 40.49
C PRO C 558 0.49 -34.07 40.05
N TRP C 559 1.18 -33.14 39.39
CA TRP C 559 2.55 -33.38 38.91
C TRP C 559 3.56 -33.22 40.05
N ALA C 560 3.19 -32.49 41.10
CA ALA C 560 4.08 -32.26 42.23
C ALA C 560 3.86 -33.29 43.32
N LYS C 561 2.74 -34.02 43.24
CA LYS C 561 2.41 -35.04 44.23
C LYS C 561 3.39 -36.22 44.21
N GLY C 562 4.39 -36.15 45.07
CA GLY C 562 5.39 -37.21 45.15
C GLY C 562 6.83 -36.69 45.17
N LEU C 563 6.99 -35.41 45.51
CA LEU C 563 8.31 -34.78 45.55
C LEU C 563 8.76 -34.43 46.97
N LYS C 564 10.06 -34.46 47.18
CA LYS C 564 10.64 -34.14 48.47
C LYS C 564 11.86 -33.23 48.36
N HIS C 565 12.01 -32.36 49.35
CA HIS C 565 13.11 -31.39 49.46
C HIS C 565 14.50 -32.05 49.33
N GLU C 566 14.62 -33.27 49.84
CA GLU C 566 15.90 -33.98 49.82
C GLU C 566 16.16 -34.68 48.49
N ASP C 567 15.18 -34.63 47.59
CA ASP C 567 15.31 -35.24 46.28
C ASP C 567 16.08 -34.29 45.33
N PHE C 568 16.25 -33.05 45.76
CA PHE C 568 16.93 -32.05 44.93
C PHE C 568 18.19 -31.45 45.55
N GLU C 569 19.17 -31.24 44.69
CA GLU C 569 20.45 -30.65 45.09
C GLU C 569 20.82 -29.50 44.15
N LEU C 570 21.82 -28.72 44.54
CA LEU C 570 22.25 -27.55 43.77
C LEU C 570 23.62 -27.76 43.15
N LEU C 571 23.88 -27.10 42.02
CA LEU C 571 25.16 -27.19 41.31
C LEU C 571 25.94 -25.90 41.53
N CYS C 572 26.96 -25.93 42.40
CA CYS C 572 27.75 -24.73 42.67
C CYS C 572 28.86 -24.59 41.66
N LEU C 573 29.38 -23.37 41.55
CA LEU C 573 30.44 -23.05 40.60
C LEU C 573 31.67 -23.96 40.72
N ASP C 574 32.05 -24.28 41.96
CA ASP C 574 33.20 -25.13 42.22
C ASP C 574 32.95 -26.56 41.74
N GLY C 575 31.69 -27.00 41.83
CA GLY C 575 31.33 -28.31 41.38
C GLY C 575 30.61 -29.12 42.44
N THR C 576 30.34 -28.49 43.58
CA THR C 576 29.66 -29.18 44.69
C THR C 576 28.19 -29.36 44.43
N ARG C 577 27.61 -30.39 45.03
CA ARG C 577 26.18 -30.68 44.90
C ARG C 577 25.55 -30.71 46.29
N LYS C 578 25.44 -29.52 46.89
CA LYS C 578 24.85 -29.35 48.22
C LYS C 578 23.32 -29.39 48.14
N PRO C 579 22.63 -29.80 49.23
CA PRO C 579 21.16 -29.88 49.26
C PRO C 579 20.56 -28.50 48.97
N VAL C 580 19.39 -28.48 48.35
CA VAL C 580 18.75 -27.20 48.01
C VAL C 580 18.60 -26.26 49.22
N THR C 581 18.65 -26.82 50.43
CA THR C 581 18.55 -26.00 51.65
C THR C 581 19.77 -25.12 51.78
N GLU C 582 20.87 -25.59 51.19
CA GLU C 582 22.13 -24.87 51.21
C GLU C 582 22.24 -24.05 49.94
N ALA C 583 21.47 -22.97 49.85
CA ALA C 583 21.51 -22.10 48.70
C ALA C 583 22.29 -20.85 49.05
N GLN C 584 22.89 -20.82 50.24
CA GLN C 584 23.66 -19.64 50.68
C GLN C 584 25.13 -19.71 50.28
N SER C 585 25.60 -20.93 50.01
CA SER C 585 26.99 -21.11 49.63
C SER C 585 27.02 -21.71 48.24
N CYS C 586 25.92 -22.31 47.86
CA CYS C 586 25.85 -22.94 46.55
C CYS C 586 24.82 -22.22 45.67
N HIS C 587 25.16 -20.99 45.26
CA HIS C 587 24.28 -20.20 44.41
C HIS C 587 25.03 -19.53 43.26
N LEU C 588 24.32 -19.23 42.18
CA LEU C 588 24.91 -18.59 41.02
C LEU C 588 25.20 -17.14 41.40
N ALA C 589 24.22 -16.47 41.99
CA ALA C 589 24.39 -15.08 42.40
C ALA C 589 23.26 -14.59 43.26
N ARG C 590 23.46 -13.43 43.87
CA ARG C 590 22.48 -12.78 44.73
C ARG C 590 21.96 -11.55 43.99
N VAL C 591 20.67 -11.57 43.68
CA VAL C 591 20.05 -10.46 42.96
C VAL C 591 19.11 -9.66 43.86
N PRO C 592 18.74 -8.44 43.42
CA PRO C 592 17.85 -7.53 44.15
C PRO C 592 16.43 -8.07 44.21
N ASN C 593 15.64 -7.53 45.14
CA ASN C 593 14.25 -7.94 45.32
C ASN C 593 13.34 -7.31 44.27
N ARG C 594 12.26 -8.00 43.94
CA ARG C 594 11.32 -7.50 42.97
C ARG C 594 10.67 -6.24 43.54
N ALA C 595 10.32 -5.31 42.67
CA ALA C 595 9.73 -4.05 43.08
C ALA C 595 8.56 -3.65 42.19
N VAL C 596 7.78 -2.68 42.67
CA VAL C 596 6.65 -2.17 41.94
C VAL C 596 7.20 -0.93 41.31
N PHE C 597 7.00 -0.77 40.02
CA PHE C 597 7.51 0.39 39.33
C PHE C 597 6.37 1.30 38.88
N SER C 598 6.67 2.56 38.59
CA SER C 598 5.64 3.51 38.16
C SER C 598 6.24 4.78 37.64
N ARG C 599 5.40 5.60 37.01
CA ARG C 599 5.83 6.89 36.49
C ARG C 599 5.96 7.84 37.67
N LYS C 600 6.88 8.79 37.57
CA LYS C 600 7.09 9.74 38.64
C LYS C 600 5.79 10.49 38.95
N ASP C 601 4.98 10.75 37.92
CA ASP C 601 3.72 11.48 38.08
C ASP C 601 2.71 10.89 39.04
N LYS C 602 2.85 9.61 39.38
CA LYS C 602 1.93 9.00 40.34
C LYS C 602 2.64 7.92 41.13
N ALA C 603 3.93 8.12 41.32
CA ALA C 603 4.73 7.18 42.10
C ALA C 603 4.31 7.31 43.56
N ASP C 604 4.02 8.55 43.97
CA ASP C 604 3.64 8.86 45.33
C ASP C 604 2.27 8.35 45.69
N PHE C 605 1.33 8.43 44.74
CA PHE C 605 -0.03 7.98 44.92
C PHE C 605 -0.09 6.46 44.93
N VAL C 606 0.77 5.85 44.14
CA VAL C 606 0.81 4.40 44.09
C VAL C 606 1.39 3.91 45.42
N ARG C 607 2.39 4.61 45.94
CA ARG C 607 3.01 4.26 47.24
C ARG C 607 1.93 4.33 48.33
N ARG C 608 1.35 5.51 48.49
CA ARG C 608 0.30 5.82 49.47
C ARG C 608 -0.81 4.77 49.49
N ILE C 609 -1.30 4.39 48.32
CA ILE C 609 -2.38 3.40 48.21
C ILE C 609 -1.93 1.99 48.52
N LEU C 610 -0.67 1.68 48.24
CA LEU C 610 -0.19 0.34 48.50
C LEU C 610 -0.01 0.09 49.98
N PHE C 611 0.34 1.13 50.72
CA PHE C 611 0.50 0.98 52.17
C PHE C 611 -0.79 0.47 52.80
N ASN C 612 -1.89 1.15 52.47
CA ASN C 612 -3.22 0.82 52.96
C ASN C 612 -3.64 -0.57 52.51
N GLN C 613 -3.32 -0.88 51.26
CA GLN C 613 -3.68 -2.16 50.67
C GLN C 613 -2.98 -3.35 51.28
N GLN C 614 -1.78 -3.15 51.83
CA GLN C 614 -1.05 -4.25 52.44
C GLN C 614 -1.55 -4.45 53.88
N GLU C 615 -2.09 -3.38 54.45
CA GLU C 615 -2.63 -3.41 55.80
C GLU C 615 -3.90 -4.24 55.81
N LEU C 616 -4.76 -4.00 54.82
CA LEU C 616 -6.03 -4.68 54.69
C LEU C 616 -5.94 -6.10 54.13
N PHE C 617 -5.05 -6.29 53.14
CA PHE C 617 -4.91 -7.61 52.51
C PHE C 617 -3.50 -8.25 52.60
N GLY C 618 -2.71 -7.86 53.61
CA GLY C 618 -1.38 -8.43 53.75
C GLY C 618 -1.35 -9.80 54.40
N ARG C 619 -0.42 -9.99 55.33
CA ARG C 619 -0.26 -11.25 56.07
C ARG C 619 -0.78 -11.17 57.50
N ASN C 620 -0.95 -9.95 58.01
CA ASN C 620 -1.43 -9.69 59.37
C ASN C 620 -2.90 -10.08 59.63
N GLY C 621 -3.10 -11.29 60.15
CA GLY C 621 -4.44 -11.82 60.46
C GLY C 621 -4.47 -13.26 60.97
N PHE C 622 -5.67 -13.82 61.14
CA PHE C 622 -5.84 -15.20 61.63
C PHE C 622 -6.38 -16.22 60.61
N GLU C 623 -7.67 -16.12 60.29
CA GLU C 623 -8.32 -17.07 59.35
C GLU C 623 -8.74 -16.41 58.05
N TYR C 624 -9.15 -17.24 57.09
CA TYR C 624 -9.57 -16.75 55.78
C TYR C 624 -10.70 -15.73 55.94
N MET C 625 -10.48 -14.55 55.34
CA MET C 625 -11.42 -13.43 55.34
C MET C 625 -10.97 -12.42 54.26
N MET C 626 -11.91 -11.99 53.41
CA MET C 626 -11.65 -11.01 52.35
C MET C 626 -10.77 -11.56 51.21
N PHE C 627 -9.66 -10.87 50.95
CA PHE C 627 -8.68 -11.26 49.90
C PHE C 627 -7.22 -11.04 50.33
N GLN C 628 -6.30 -11.90 49.85
CA GLN C 628 -4.87 -11.76 50.17
C GLN C 628 -4.06 -11.37 48.93
N MET C 629 -3.62 -10.12 48.85
CA MET C 629 -2.86 -9.66 47.70
C MET C 629 -1.48 -10.34 47.61
N PHE C 630 -0.84 -10.61 48.74
CA PHE C 630 0.47 -11.25 48.69
C PHE C 630 0.38 -12.77 48.59
N GLU C 631 -0.68 -13.35 49.14
CA GLU C 631 -0.89 -14.80 49.11
C GLU C 631 -1.56 -15.17 47.80
N SER C 632 -0.75 -15.39 46.77
CA SER C 632 -1.24 -15.73 45.43
C SER C 632 -2.07 -17.01 45.47
N SER C 633 -3.31 -16.92 44.97
CA SER C 633 -4.23 -18.05 44.91
C SER C 633 -3.59 -19.35 44.38
N ALA C 634 -2.59 -19.20 43.51
CA ALA C 634 -1.86 -20.34 42.91
C ALA C 634 -0.32 -20.16 42.96
N LYS C 635 0.30 -19.98 41.78
CA LYS C 635 1.75 -19.81 41.68
C LYS C 635 2.22 -18.57 40.95
N ASP C 636 2.78 -17.64 41.71
CA ASP C 636 3.35 -16.40 41.19
C ASP C 636 2.39 -15.50 40.44
N LEU C 637 1.50 -14.84 41.17
CA LEU C 637 0.52 -13.92 40.57
C LEU C 637 0.67 -12.51 41.17
N LEU C 638 1.08 -11.56 40.31
CA LEU C 638 1.28 -10.14 40.67
C LEU C 638 2.52 -9.94 41.56
N PHE C 639 2.70 -10.84 42.53
CA PHE C 639 3.81 -10.82 43.48
C PHE C 639 4.22 -12.26 43.69
N SER C 640 5.28 -12.46 44.47
CA SER C 640 5.75 -13.80 44.73
C SER C 640 4.82 -14.51 45.71
N ASP C 641 4.88 -15.83 45.71
CA ASP C 641 4.05 -16.66 46.59
C ASP C 641 4.48 -16.53 48.06
N ASP C 642 5.77 -16.35 48.26
CA ASP C 642 6.32 -16.25 49.60
C ASP C 642 6.48 -14.83 50.11
N THR C 643 6.27 -13.85 49.25
CA THR C 643 6.40 -12.47 49.68
C THR C 643 5.54 -12.33 50.93
N GLU C 644 5.93 -11.42 51.84
CA GLU C 644 5.16 -11.22 53.05
C GLU C 644 4.52 -9.82 53.11
N CYS C 645 5.32 -8.80 52.80
CA CYS C 645 4.83 -7.43 52.82
C CYS C 645 5.68 -6.55 51.90
N LEU C 646 5.19 -5.37 51.55
CA LEU C 646 5.97 -4.45 50.70
C LEU C 646 6.75 -3.46 51.59
N SER C 647 8.06 -3.32 51.37
CA SER C 647 8.93 -2.43 52.16
C SER C 647 9.34 -1.10 51.52
N ASN C 648 9.77 -0.15 52.35
CA ASN C 648 10.16 1.17 51.88
C ASN C 648 11.36 1.07 50.96
N LEU C 649 11.65 2.16 50.24
CA LEU C 649 12.78 2.22 49.33
C LEU C 649 13.98 2.78 50.08
N GLN C 650 13.71 3.68 51.02
CA GLN C 650 14.78 4.30 51.82
C GLN C 650 15.55 5.20 50.88
N ASP C 651 16.88 5.06 50.88
CA ASP C 651 17.70 5.88 49.99
C ASP C 651 17.51 5.49 48.50
N LYS C 652 17.31 4.20 48.23
CA LYS C 652 17.13 3.69 46.86
C LYS C 652 15.93 4.25 46.11
N THR C 653 16.12 5.40 45.47
CA THR C 653 15.06 6.07 44.73
C THR C 653 15.04 5.72 43.24
N THR C 654 16.22 5.67 42.62
CA THR C 654 16.36 5.37 41.19
C THR C 654 16.60 3.88 41.01
N TYR C 655 16.45 3.39 39.77
CA TYR C 655 16.69 1.97 39.47
C TYR C 655 18.20 1.71 39.44
N LYS C 656 18.98 2.78 39.28
CA LYS C 656 20.43 2.69 39.25
C LYS C 656 20.97 2.48 40.66
N THR C 657 20.30 3.08 41.64
CA THR C 657 20.71 2.94 43.04
C THR C 657 20.00 1.77 43.74
N TYR C 658 18.82 1.42 43.22
CA TYR C 658 18.01 0.33 43.75
C TYR C 658 18.60 -1.04 43.46
N LEU C 659 19.13 -1.22 42.25
CA LEU C 659 19.74 -2.50 41.86
C LEU C 659 21.19 -2.63 42.33
N GLY C 660 21.80 -1.51 42.68
CA GLY C 660 23.16 -1.53 43.17
C GLY C 660 24.21 -1.73 42.12
N PRO C 661 25.47 -1.38 42.43
CA PRO C 661 26.56 -1.52 41.49
C PRO C 661 26.84 -3.01 41.34
N GLN C 662 26.47 -3.74 42.39
CA GLN C 662 26.68 -5.18 42.45
C GLN C 662 26.03 -5.91 41.30
N TYR C 663 24.72 -5.70 41.15
CA TYR C 663 23.94 -6.33 40.11
C TYR C 663 23.98 -5.53 38.79
N LEU C 664 24.00 -4.21 38.93
CA LEU C 664 24.03 -3.30 37.78
C LEU C 664 25.15 -3.68 36.81
N THR C 665 26.39 -3.72 37.29
CA THR C 665 27.53 -4.08 36.44
C THR C 665 27.27 -5.39 35.70
N LEU C 666 26.70 -6.36 36.41
CA LEU C 666 26.44 -7.69 35.87
C LEU C 666 25.45 -7.68 34.71
N MET C 667 24.57 -6.68 34.73
CA MET C 667 23.55 -6.57 33.70
C MET C 667 24.16 -5.96 32.44
N ASP C 668 25.05 -5.01 32.63
CA ASP C 668 25.65 -4.38 31.49
C ASP C 668 26.60 -5.32 30.79
N ASN C 669 27.02 -6.35 31.50
CA ASN C 669 27.92 -7.36 30.95
C ASN C 669 27.17 -8.26 29.99
N PHE C 670 25.85 -8.24 30.09
CA PHE C 670 24.96 -9.08 29.27
C PHE C 670 24.48 -8.39 28.00
N ARG C 671 24.51 -7.05 28.02
CA ARG C 671 24.08 -6.19 26.91
C ARG C 671 23.77 -6.90 25.61
N GLN C 672 24.78 -7.33 24.88
CA GLN C 672 24.54 -8.00 23.62
C GLN C 672 23.52 -9.11 23.80
N CYS C 673 23.85 -10.06 24.67
CA CYS C 673 23.00 -11.21 24.88
C CYS C 673 21.60 -10.90 25.31
N LEU C 674 21.42 -9.73 25.90
CA LEU C 674 20.10 -9.32 26.34
C LEU C 674 19.45 -8.65 25.15
N SER C 675 18.58 -9.35 24.44
CA SER C 675 17.94 -8.77 23.29
C SER C 675 16.50 -8.33 23.56
N SER C 676 16.38 -7.23 24.30
CA SER C 676 15.09 -6.64 24.67
C SER C 676 14.74 -5.68 23.57
N GLU C 677 13.59 -5.84 22.93
CA GLU C 677 13.21 -4.94 21.85
C GLU C 677 12.65 -3.64 22.38
N LEU C 678 12.28 -3.64 23.64
CA LEU C 678 11.76 -2.44 24.24
C LEU C 678 12.97 -1.63 24.65
N LEU C 679 13.91 -2.28 25.31
CA LEU C 679 15.10 -1.57 25.76
C LEU C 679 15.75 -0.81 24.59
N ASP C 680 15.60 -1.32 23.38
CA ASP C 680 16.17 -0.67 22.20
C ASP C 680 15.41 0.61 21.93
N ALA C 681 14.10 0.53 22.16
CA ALA C 681 13.19 1.63 21.95
C ALA C 681 13.43 2.70 23.00
N CYS C 682 13.48 2.28 24.26
CA CYS C 682 13.68 3.19 25.39
C CYS C 682 15.01 3.90 25.38
N THR C 683 16.00 3.34 24.66
CA THR C 683 17.34 3.94 24.57
C THR C 683 17.77 4.28 23.13
N PHE C 684 16.79 4.42 22.24
CA PHE C 684 17.02 4.78 20.84
C PHE C 684 17.61 6.18 20.78
N HIS C 685 16.85 7.16 21.26
CA HIS C 685 17.28 8.54 21.29
C HIS C 685 18.56 8.81 22.10
N LYS C 686 19.68 9.02 21.41
CA LYS C 686 20.97 9.33 22.06
C LYS C 686 21.10 10.84 22.15
N TYR C 687 21.21 11.35 23.38
CA TYR C 687 21.36 12.79 23.61
C TYR C 687 22.21 13.07 24.84
N GLU D 9 -66.87 -7.39 -41.78
CA GLU D 9 -67.06 -8.40 -40.70
C GLU D 9 -66.34 -7.94 -39.43
N LYS D 10 -65.05 -7.65 -39.57
CA LYS D 10 -64.23 -7.18 -38.44
C LYS D 10 -63.91 -5.69 -38.63
N THR D 11 -64.88 -4.93 -39.14
CA THR D 11 -64.77 -3.49 -39.41
C THR D 11 -65.36 -2.65 -38.28
N ILE D 12 -64.54 -1.75 -37.72
CA ILE D 12 -64.95 -0.92 -36.60
C ILE D 12 -65.54 0.47 -36.91
N ARG D 13 -66.71 0.73 -36.34
CA ARG D 13 -67.42 1.99 -36.50
C ARG D 13 -67.01 3.02 -35.46
N TRP D 14 -66.25 4.02 -35.90
CA TRP D 14 -65.78 5.05 -34.99
C TRP D 14 -66.73 6.25 -34.99
N CYS D 15 -66.77 6.95 -33.87
CA CYS D 15 -67.66 8.09 -33.74
C CYS D 15 -66.98 9.44 -33.87
N VAL D 16 -67.57 10.29 -34.71
CA VAL D 16 -67.07 11.63 -34.95
C VAL D 16 -68.21 12.66 -34.85
N VAL D 17 -67.87 13.84 -34.39
CA VAL D 17 -68.84 14.89 -34.17
C VAL D 17 -68.61 16.17 -34.96
N SER D 18 -67.40 16.36 -35.45
CA SER D 18 -67.10 17.55 -36.23
C SER D 18 -66.73 17.16 -37.64
N ASP D 19 -66.90 18.10 -38.55
CA ASP D 19 -66.56 17.87 -39.95
C ASP D 19 -65.06 17.64 -39.97
N HIS D 20 -64.31 18.51 -39.29
CA HIS D 20 -62.87 18.39 -39.23
C HIS D 20 -62.43 17.03 -38.68
N GLU D 21 -63.19 16.51 -37.73
CA GLU D 21 -62.87 15.21 -37.10
C GLU D 21 -63.10 14.06 -38.07
N ALA D 22 -64.16 14.15 -38.86
CA ALA D 22 -64.50 13.09 -39.82
C ALA D 22 -63.36 12.85 -40.78
N THR D 23 -62.82 13.91 -41.34
CA THR D 23 -61.71 13.78 -42.27
C THR D 23 -60.57 13.04 -41.62
N LYS D 24 -60.23 13.41 -40.38
CA LYS D 24 -59.15 12.73 -39.69
C LYS D 24 -59.45 11.25 -39.49
N CYS D 25 -60.71 10.92 -39.31
CA CYS D 25 -61.07 9.52 -39.11
C CYS D 25 -60.81 8.71 -40.39
N SER D 26 -61.18 9.27 -41.54
CA SER D 26 -61.00 8.59 -42.83
C SER D 26 -59.52 8.43 -43.12
N SER D 27 -58.75 9.48 -42.85
CA SER D 27 -57.31 9.42 -43.05
C SER D 27 -56.81 8.25 -42.21
N PHE D 28 -57.46 8.02 -41.08
CA PHE D 28 -57.12 6.92 -40.16
C PHE D 28 -57.46 5.57 -40.79
N ARG D 29 -58.55 5.54 -41.55
CA ARG D 29 -59.01 4.33 -42.24
C ARG D 29 -58.01 3.91 -43.30
N ASP D 30 -57.56 4.88 -44.07
CA ASP D 30 -56.59 4.67 -45.14
C ASP D 30 -55.31 3.99 -44.63
N ASN D 31 -54.73 4.61 -43.60
CA ASN D 31 -53.50 4.16 -42.96
C ASN D 31 -53.64 2.87 -42.17
N MET D 32 -54.86 2.49 -41.87
CA MET D 32 -55.08 1.25 -41.13
C MET D 32 -55.29 0.09 -42.11
N LYS D 33 -55.67 0.42 -43.34
CA LYS D 33 -55.88 -0.59 -44.37
C LYS D 33 -54.56 -0.86 -45.09
N LYS D 34 -53.46 -0.40 -44.51
CA LYS D 34 -52.12 -0.59 -45.09
C LYS D 34 -51.25 -1.43 -44.18
N VAL D 35 -51.62 -1.51 -42.91
CA VAL D 35 -50.90 -2.30 -41.94
C VAL D 35 -51.70 -3.58 -41.64
N LEU D 36 -53.01 -3.44 -41.49
CA LEU D 36 -53.89 -4.58 -41.19
C LEU D 36 -55.03 -4.77 -42.22
N PRO D 37 -54.69 -4.89 -43.52
CA PRO D 37 -55.79 -5.07 -44.48
C PRO D 37 -55.97 -6.50 -45.00
N ALA D 38 -55.17 -7.44 -44.50
CA ALA D 38 -55.28 -8.82 -44.93
C ALA D 38 -56.75 -9.21 -44.89
N GLY D 39 -57.48 -8.53 -44.00
CA GLY D 39 -58.90 -8.78 -43.81
C GLY D 39 -59.26 -8.59 -42.35
N GLY D 40 -58.35 -7.95 -41.62
CA GLY D 40 -58.60 -7.74 -40.21
C GLY D 40 -59.49 -6.54 -39.95
N PRO D 41 -59.22 -5.83 -38.85
CA PRO D 41 -59.95 -4.64 -38.41
C PRO D 41 -59.90 -3.47 -39.40
N ALA D 42 -61.07 -2.94 -39.75
CA ALA D 42 -61.17 -1.82 -40.67
C ALA D 42 -61.78 -0.63 -39.94
N VAL D 43 -61.61 0.57 -40.48
CA VAL D 43 -62.18 1.75 -39.85
C VAL D 43 -63.35 2.23 -40.68
N THR D 44 -64.32 2.82 -40.00
CA THR D 44 -65.52 3.34 -40.63
C THR D 44 -65.87 4.54 -39.78
N CYS D 45 -66.29 5.63 -40.41
CA CYS D 45 -66.61 6.83 -39.66
C CYS D 45 -68.09 7.16 -39.68
N VAL D 46 -68.65 7.38 -38.49
CA VAL D 46 -70.05 7.71 -38.31
C VAL D 46 -70.22 9.02 -37.57
N ARG D 47 -70.90 9.96 -38.20
CA ARG D 47 -71.14 11.30 -37.67
C ARG D 47 -72.44 11.45 -36.88
N LYS D 48 -72.30 11.86 -35.61
CA LYS D 48 -73.44 12.06 -34.73
C LYS D 48 -73.31 13.44 -34.09
N MET D 49 -74.43 14.04 -33.73
CA MET D 49 -74.43 15.37 -33.15
C MET D 49 -73.36 15.65 -32.09
N SER D 50 -73.27 14.79 -31.07
CA SER D 50 -72.32 15.00 -29.98
C SER D 50 -71.72 13.71 -29.41
N HIS D 51 -70.89 13.86 -28.38
CA HIS D 51 -70.26 12.70 -27.72
C HIS D 51 -71.33 11.92 -26.94
N PRO D 52 -72.26 12.64 -26.30
CA PRO D 52 -73.32 11.96 -25.54
C PRO D 52 -74.15 11.10 -26.49
N GLU D 53 -74.29 11.57 -27.73
CA GLU D 53 -75.04 10.86 -28.76
C GLU D 53 -74.23 9.64 -29.23
N CYS D 54 -72.91 9.80 -29.26
CA CYS D 54 -71.97 8.75 -29.66
C CYS D 54 -72.10 7.55 -28.72
N ILE D 55 -72.02 7.83 -27.43
CA ILE D 55 -72.15 6.82 -26.38
C ILE D 55 -73.51 6.13 -26.49
N ARG D 56 -74.57 6.93 -26.60
CA ARG D 56 -75.92 6.38 -26.75
C ARG D 56 -75.94 5.42 -27.94
N ASP D 57 -75.55 5.93 -29.11
CA ASP D 57 -75.56 5.14 -30.35
C ASP D 57 -74.62 3.91 -30.41
N ILE D 58 -73.72 3.78 -29.45
CA ILE D 58 -72.80 2.64 -29.38
C ILE D 58 -73.57 1.56 -28.66
N SER D 59 -74.46 2.00 -27.78
CA SER D 59 -75.30 1.07 -27.05
C SER D 59 -76.40 0.61 -28.03
N ALA D 60 -76.94 1.54 -28.82
CA ALA D 60 -77.98 1.23 -29.78
C ALA D 60 -77.41 0.40 -30.92
N ASN D 61 -76.15 -0.02 -30.76
CA ASN D 61 -75.43 -0.82 -31.76
C ASN D 61 -75.40 -0.14 -33.10
N LYS D 62 -75.29 1.18 -33.08
CA LYS D 62 -75.27 1.97 -34.30
C LYS D 62 -73.84 2.35 -34.63
N VAL D 63 -73.01 2.41 -33.59
CA VAL D 63 -71.60 2.76 -33.72
C VAL D 63 -70.84 1.78 -32.81
N ASP D 64 -69.53 1.69 -32.97
CA ASP D 64 -68.70 0.79 -32.15
C ASP D 64 -67.77 1.47 -31.11
N ALA D 65 -67.07 2.54 -31.50
CA ALA D 65 -66.17 3.20 -30.55
C ALA D 65 -66.03 4.71 -30.66
N VAL D 66 -65.49 5.29 -29.58
CA VAL D 66 -65.25 6.74 -29.45
C VAL D 66 -64.41 7.00 -28.19
N THR D 67 -63.50 7.96 -28.27
CA THR D 67 -62.65 8.32 -27.12
C THR D 67 -63.33 9.50 -26.41
N VAL D 68 -63.90 9.23 -25.24
CA VAL D 68 -64.59 10.27 -24.46
C VAL D 68 -64.14 10.37 -23.02
N ASP D 69 -64.87 11.22 -22.30
CA ASP D 69 -64.67 11.49 -20.87
C ASP D 69 -65.53 10.51 -20.03
N GLY D 70 -64.86 9.60 -19.32
CA GLY D 70 -65.56 8.61 -18.50
C GLY D 70 -66.83 9.08 -17.80
N ALA D 71 -66.86 10.34 -17.36
CA ALA D 71 -68.03 10.88 -16.69
C ALA D 71 -69.23 10.80 -17.62
N LEU D 72 -69.05 11.20 -18.88
CA LEU D 72 -70.14 11.15 -19.83
C LEU D 72 -70.68 9.73 -19.97
N VAL D 73 -69.82 8.73 -19.75
CA VAL D 73 -70.24 7.34 -19.86
C VAL D 73 -71.12 6.95 -18.67
N ALA D 74 -70.78 7.48 -17.50
CA ALA D 74 -71.52 7.21 -16.27
C ALA D 74 -72.81 8.03 -16.16
N GLU D 75 -72.94 9.05 -17.01
CA GLU D 75 -74.13 9.89 -16.99
C GLU D 75 -75.35 9.25 -17.63
N ALA D 76 -75.12 8.30 -18.51
CA ALA D 76 -76.21 7.60 -19.17
C ALA D 76 -76.93 6.81 -18.09
N ASP D 77 -78.06 7.36 -17.62
CA ASP D 77 -78.88 6.77 -16.57
C ASP D 77 -79.46 5.39 -16.89
N LEU D 78 -79.37 4.98 -18.15
CA LEU D 78 -79.88 3.68 -18.55
C LEU D 78 -79.13 2.66 -17.67
N PRO D 79 -79.86 1.75 -17.01
CA PRO D 79 -79.25 0.74 -16.14
C PRO D 79 -78.19 -0.14 -16.80
N HIS D 80 -77.62 -1.03 -15.99
CA HIS D 80 -76.59 -1.96 -16.46
C HIS D 80 -75.26 -1.39 -16.81
N HIS D 81 -74.35 -2.32 -17.06
CA HIS D 81 -73.00 -1.98 -17.45
C HIS D 81 -72.85 -2.56 -18.86
N SER D 82 -73.46 -1.92 -19.85
CA SER D 82 -73.40 -2.38 -21.22
C SER D 82 -72.10 -1.96 -21.90
N LEU D 83 -71.65 -0.75 -21.62
CA LEU D 83 -70.40 -0.24 -22.17
C LEU D 83 -69.31 -0.36 -21.10
N LYS D 84 -68.08 -0.59 -21.54
CA LYS D 84 -66.93 -0.71 -20.63
C LYS D 84 -65.69 -0.04 -21.26
N PRO D 85 -64.83 0.61 -20.45
CA PRO D 85 -63.65 1.24 -21.04
C PRO D 85 -62.69 0.12 -21.45
N ILE D 86 -62.09 0.22 -22.63
CA ILE D 86 -61.16 -0.80 -23.10
C ILE D 86 -59.72 -0.28 -23.12
N MET D 87 -59.56 1.02 -23.35
CA MET D 87 -58.25 1.64 -23.38
C MET D 87 -58.35 3.08 -22.91
N ALA D 88 -57.37 3.48 -22.09
CA ALA D 88 -57.31 4.84 -21.54
C ALA D 88 -56.06 5.57 -22.02
N GLU D 89 -56.15 6.89 -22.12
CA GLU D 89 -55.02 7.71 -22.57
C GLU D 89 -54.09 8.12 -21.42
N TYR D 90 -52.84 8.46 -21.73
CA TYR D 90 -51.90 8.91 -20.72
C TYR D 90 -51.12 10.11 -21.27
N TYR D 91 -50.85 11.08 -20.42
CA TYR D 91 -50.14 12.28 -20.83
C TYR D 91 -48.75 12.39 -20.21
N GLY D 92 -47.97 11.33 -20.37
CA GLY D 92 -46.62 11.31 -19.83
C GLY D 92 -45.55 11.01 -20.86
N SER D 93 -44.88 9.88 -20.73
CA SER D 93 -43.83 9.49 -21.66
C SER D 93 -43.59 7.99 -21.56
N LYS D 94 -42.31 7.61 -21.49
CA LYS D 94 -41.90 6.21 -21.41
C LYS D 94 -41.41 5.88 -19.99
N ASP D 95 -40.99 6.91 -19.26
CA ASP D 95 -40.52 6.73 -17.89
C ASP D 95 -41.67 6.86 -16.87
N ASP D 96 -42.64 7.73 -17.16
CA ASP D 96 -43.80 7.92 -16.26
C ASP D 96 -45.13 8.30 -16.96
N PRO D 97 -45.94 7.29 -17.35
CA PRO D 97 -47.23 7.53 -18.00
C PRO D 97 -48.26 8.01 -16.99
N LYS D 98 -48.76 9.22 -17.19
CA LYS D 98 -49.78 9.81 -16.30
C LYS D 98 -51.18 9.67 -16.89
N THR D 99 -51.96 8.73 -16.34
CA THR D 99 -53.33 8.47 -16.80
C THR D 99 -54.34 9.40 -16.11
N HIS D 100 -53.93 10.64 -15.90
CA HIS D 100 -54.77 11.62 -15.25
C HIS D 100 -54.45 13.02 -15.74
N TYR D 101 -55.27 13.96 -15.33
CA TYR D 101 -55.09 15.36 -15.70
C TYR D 101 -55.79 16.22 -14.66
N TYR D 102 -55.16 17.33 -14.29
CA TYR D 102 -55.73 18.20 -13.27
C TYR D 102 -56.69 19.25 -13.84
N VAL D 103 -57.81 19.41 -13.15
CA VAL D 103 -58.82 20.38 -13.53
C VAL D 103 -58.42 21.67 -12.83
N VAL D 104 -58.49 22.78 -13.54
CA VAL D 104 -58.12 24.04 -12.92
C VAL D 104 -59.10 25.13 -13.25
N ALA D 105 -59.40 25.97 -12.25
CA ALA D 105 -60.28 27.09 -12.46
C ALA D 105 -59.34 28.20 -12.89
N MET D 106 -59.60 28.77 -14.07
CA MET D 106 -58.77 29.83 -14.63
C MET D 106 -59.51 31.16 -14.62
N ALA D 107 -58.77 32.25 -14.44
CA ALA D 107 -59.36 33.59 -14.43
C ALA D 107 -58.31 34.67 -14.71
N LYS D 108 -58.77 35.92 -14.73
CA LYS D 108 -57.88 37.04 -15.01
C LYS D 108 -57.09 37.50 -13.78
N LYS D 109 -55.84 37.84 -14.02
CA LYS D 109 -54.95 38.30 -12.95
C LYS D 109 -55.30 39.75 -12.68
N GLY D 110 -55.56 40.07 -11.42
CA GLY D 110 -55.90 41.44 -11.07
C GLY D 110 -57.38 41.64 -10.79
N THR D 111 -58.17 40.61 -11.07
CA THR D 111 -59.60 40.67 -10.82
C THR D 111 -59.83 40.43 -9.32
N GLY D 112 -58.99 39.57 -8.73
CA GLY D 112 -59.08 39.32 -7.29
C GLY D 112 -59.83 38.13 -6.72
N PHE D 113 -61.16 38.25 -6.67
CA PHE D 113 -62.03 37.21 -6.11
C PHE D 113 -61.51 35.78 -6.15
N GLN D 114 -61.57 35.11 -5.00
CA GLN D 114 -61.09 33.74 -4.89
C GLN D 114 -62.22 32.74 -5.14
N LEU D 115 -61.95 31.47 -4.85
CA LEU D 115 -62.92 30.39 -5.06
C LEU D 115 -64.20 30.61 -4.22
N ASN D 116 -64.04 31.29 -3.09
CA ASN D 116 -65.13 31.57 -2.19
C ASN D 116 -66.05 32.66 -2.76
N GLN D 117 -65.49 33.85 -3.00
CA GLN D 117 -66.26 34.97 -3.51
C GLN D 117 -66.63 34.82 -4.98
N LEU D 118 -67.42 33.80 -5.30
CA LEU D 118 -67.82 33.58 -6.69
C LEU D 118 -69.31 33.73 -6.91
N ARG D 119 -69.99 34.35 -5.95
CA ARG D 119 -71.43 34.56 -6.06
C ARG D 119 -71.72 35.51 -7.22
N GLY D 120 -72.63 35.11 -8.11
CA GLY D 120 -72.96 35.95 -9.26
C GLY D 120 -71.70 36.26 -10.05
N LYS D 121 -71.32 35.35 -10.93
CA LYS D 121 -70.12 35.52 -11.75
C LYS D 121 -70.38 35.03 -13.17
N LYS D 122 -69.58 35.53 -14.11
CA LYS D 122 -69.67 35.16 -15.52
C LYS D 122 -68.68 34.02 -15.75
N SER D 123 -69.18 32.86 -16.16
CA SER D 123 -68.31 31.71 -16.40
C SER D 123 -68.57 30.98 -17.69
N CYS D 124 -67.53 30.29 -18.17
CA CYS D 124 -67.60 29.51 -19.40
C CYS D 124 -67.15 28.08 -19.09
N HIS D 125 -67.92 27.09 -19.55
CA HIS D 125 -67.63 25.68 -19.31
C HIS D 125 -67.30 24.89 -20.58
N THR D 126 -66.64 23.73 -20.42
CA THR D 126 -66.25 22.87 -21.55
C THR D 126 -67.45 22.15 -22.15
N GLY D 127 -68.39 21.76 -21.31
CA GLY D 127 -69.57 21.08 -21.79
C GLY D 127 -70.37 20.38 -20.70
N LEU D 128 -71.67 20.24 -20.94
CA LEU D 128 -72.56 19.61 -19.99
C LEU D 128 -72.18 18.15 -19.81
N GLY D 129 -71.74 17.79 -18.61
CA GLY D 129 -71.39 16.42 -18.35
C GLY D 129 -69.91 16.19 -18.17
N TRP D 130 -69.12 16.97 -18.89
CA TRP D 130 -67.67 16.83 -18.79
C TRP D 130 -67.25 17.09 -17.35
N SER D 131 -66.50 16.16 -16.79
CA SER D 131 -66.05 16.30 -15.43
C SER D 131 -65.22 17.56 -15.26
N ALA D 132 -64.40 17.88 -16.25
CA ALA D 132 -63.53 19.04 -16.20
C ALA D 132 -64.26 20.38 -16.13
N GLY D 133 -65.41 20.44 -16.79
CA GLY D 133 -66.16 21.69 -16.79
C GLY D 133 -67.57 21.59 -16.23
N TRP D 134 -67.89 20.51 -15.53
CA TRP D 134 -69.24 20.37 -14.99
C TRP D 134 -69.33 19.71 -13.61
N TYR D 135 -69.24 18.38 -13.59
CA TYR D 135 -69.33 17.62 -12.34
C TYR D 135 -68.28 17.94 -11.29
N VAL D 136 -67.18 18.59 -11.70
CA VAL D 136 -66.11 18.97 -10.78
C VAL D 136 -66.23 20.46 -10.39
N PRO D 137 -66.47 21.35 -11.37
CA PRO D 137 -66.59 22.76 -11.01
C PRO D 137 -67.84 22.97 -10.16
N LEU D 138 -68.89 22.23 -10.50
CA LEU D 138 -70.18 22.32 -9.82
C LEU D 138 -70.18 21.64 -8.45
N SER D 139 -69.23 20.74 -8.20
CA SER D 139 -69.15 20.05 -6.91
C SER D 139 -68.21 20.77 -5.94
N THR D 140 -68.02 22.06 -6.15
CA THR D 140 -67.18 22.90 -5.30
C THR D 140 -67.88 24.21 -4.92
N LEU D 141 -69.19 24.26 -5.18
CA LEU D 141 -70.02 25.42 -4.88
C LEU D 141 -71.50 25.25 -5.23
N LEU D 142 -72.34 25.07 -4.21
CA LEU D 142 -73.78 24.87 -4.40
C LEU D 142 -74.67 25.81 -3.55
N PRO D 143 -75.46 26.70 -4.21
CA PRO D 143 -76.36 27.65 -3.55
C PRO D 143 -77.82 27.18 -3.44
N SER D 144 -78.17 26.57 -2.30
CA SER D 144 -79.53 26.05 -2.02
C SER D 144 -80.02 24.87 -2.89
N GLY D 145 -79.06 24.23 -3.59
CA GLY D 145 -79.39 23.10 -4.44
C GLY D 145 -78.18 22.55 -5.14
N SER D 146 -78.42 21.53 -5.96
CA SER D 146 -77.35 20.87 -6.73
C SER D 146 -78.00 20.58 -8.07
N ARG D 147 -77.22 20.66 -9.16
CA ARG D 147 -77.67 20.40 -10.54
C ARG D 147 -77.64 21.65 -11.44
N GLU D 148 -78.28 21.56 -12.61
CA GLU D 148 -78.33 22.65 -13.58
C GLU D 148 -79.02 23.94 -13.12
N THR D 149 -80.15 23.80 -12.43
CA THR D 149 -80.88 24.97 -11.93
C THR D 149 -80.01 25.73 -10.89
N ALA D 150 -79.12 25.00 -10.22
CA ALA D 150 -78.22 25.60 -9.23
C ALA D 150 -77.17 26.42 -9.95
N ALA D 151 -76.72 25.93 -11.10
CA ALA D 151 -75.70 26.62 -11.89
C ALA D 151 -76.14 28.02 -12.30
N ALA D 152 -77.38 28.14 -12.78
CA ALA D 152 -77.92 29.42 -13.24
C ALA D 152 -78.15 30.41 -12.11
N THR D 153 -78.21 29.91 -10.88
CA THR D 153 -78.42 30.78 -9.73
C THR D 153 -77.11 31.15 -9.08
N PHE D 154 -76.08 30.33 -9.27
CA PHE D 154 -74.78 30.64 -8.69
C PHE D 154 -74.06 31.68 -9.54
N PHE D 155 -74.25 31.57 -10.86
CA PHE D 155 -73.63 32.49 -11.81
C PHE D 155 -74.71 33.36 -12.49
N SER D 156 -74.41 34.64 -12.64
CA SER D 156 -75.33 35.56 -13.28
C SER D 156 -75.60 35.13 -14.72
N SER D 157 -74.53 35.00 -15.51
CA SER D 157 -74.62 34.58 -16.92
C SER D 157 -73.42 33.71 -17.30
N SER D 158 -73.70 32.55 -17.88
CA SER D 158 -72.65 31.63 -18.30
C SER D 158 -72.94 30.92 -19.62
N CYS D 159 -71.92 30.25 -20.15
CA CYS D 159 -72.05 29.49 -21.37
C CYS D 159 -71.69 28.04 -21.07
N VAL D 160 -72.72 27.19 -21.00
CA VAL D 160 -72.53 25.76 -20.73
C VAL D 160 -73.05 24.96 -21.93
N PRO D 161 -72.16 24.62 -22.88
CA PRO D 161 -72.52 23.85 -24.07
C PRO D 161 -73.24 22.57 -23.72
N CYS D 162 -74.24 22.20 -24.51
CA CYS D 162 -75.02 20.99 -24.28
C CYS D 162 -76.09 21.20 -23.22
N ALA D 163 -76.22 22.42 -22.75
CA ALA D 163 -77.21 22.72 -21.74
C ALA D 163 -78.36 23.46 -22.41
N ASP D 164 -79.60 23.08 -22.08
CA ASP D 164 -80.79 23.70 -22.64
C ASP D 164 -80.91 25.22 -22.37
N GLY D 165 -80.95 26.01 -23.43
CA GLY D 165 -81.06 27.45 -23.27
C GLY D 165 -82.48 27.87 -23.02
N LYS D 166 -83.44 27.10 -23.52
CA LYS D 166 -84.83 27.45 -23.31
C LYS D 166 -85.13 27.46 -21.82
N MET D 167 -84.85 26.35 -21.14
CA MET D 167 -85.15 26.26 -19.71
C MET D 167 -84.30 27.20 -18.86
N PHE D 168 -83.02 27.30 -19.18
CA PHE D 168 -82.16 28.19 -18.42
C PHE D 168 -81.34 29.04 -19.38
N PRO D 169 -81.93 30.16 -19.83
CA PRO D 169 -81.24 31.05 -20.76
C PRO D 169 -79.85 31.44 -20.22
N SER D 170 -79.77 31.70 -18.92
CA SER D 170 -78.55 32.10 -18.23
C SER D 170 -77.41 31.11 -18.35
N LEU D 171 -77.69 29.98 -18.97
CA LEU D 171 -76.69 28.94 -19.14
C LEU D 171 -76.25 28.85 -20.58
N CYS D 172 -76.82 29.70 -21.43
CA CYS D 172 -76.47 29.67 -22.84
C CYS D 172 -76.23 31.04 -23.44
N GLN D 173 -76.67 32.08 -22.74
CA GLN D 173 -76.51 33.43 -23.25
C GLN D 173 -75.07 33.92 -23.43
N LEU D 174 -74.15 33.43 -22.62
CA LEU D 174 -72.75 33.87 -22.72
C LEU D 174 -71.99 33.21 -23.86
N CYS D 175 -72.65 32.30 -24.56
CA CYS D 175 -72.05 31.56 -25.68
C CYS D 175 -72.03 32.43 -26.94
N ALA D 176 -70.85 32.67 -27.50
CA ALA D 176 -70.74 33.49 -28.71
C ALA D 176 -70.64 32.71 -30.02
N GLY D 177 -71.73 32.01 -30.39
CA GLY D 177 -71.76 31.23 -31.61
C GLY D 177 -73.09 31.45 -32.32
N LYS D 178 -73.06 32.21 -33.42
CA LYS D 178 -74.29 32.50 -34.15
C LYS D 178 -74.87 31.29 -34.89
N GLY D 179 -76.12 31.41 -35.31
CA GLY D 179 -76.77 30.33 -36.03
C GLY D 179 -77.34 29.27 -35.11
N THR D 180 -77.49 28.06 -35.61
CA THR D 180 -78.01 26.97 -34.80
C THR D 180 -76.90 26.49 -33.86
N ASP D 181 -75.68 26.99 -34.10
CA ASP D 181 -74.50 26.67 -33.30
C ASP D 181 -74.51 27.39 -31.96
N LYS D 182 -75.64 28.00 -31.63
CA LYS D 182 -75.77 28.76 -30.38
C LYS D 182 -75.79 27.77 -29.22
N CYS D 183 -74.72 27.75 -28.42
CA CYS D 183 -74.62 26.86 -27.28
C CYS D 183 -74.56 25.39 -27.72
N ALA D 184 -73.99 25.17 -28.90
CA ALA D 184 -73.86 23.84 -29.47
C ALA D 184 -73.06 22.87 -28.60
N CYS D 185 -73.31 21.58 -28.80
CA CYS D 185 -72.64 20.52 -28.05
C CYS D 185 -71.49 19.97 -28.93
N SER D 186 -71.03 20.79 -29.87
CA SER D 186 -69.93 20.45 -30.79
C SER D 186 -68.96 21.63 -30.87
N SER D 187 -67.92 21.52 -31.69
CA SER D 187 -66.95 22.60 -31.83
C SER D 187 -67.52 23.75 -32.68
N ARG D 188 -68.79 23.63 -33.05
CA ARG D 188 -69.45 24.65 -33.84
C ARG D 188 -69.64 25.88 -32.98
N GLU D 189 -69.70 25.64 -31.67
CA GLU D 189 -69.84 26.69 -30.68
C GLU D 189 -68.41 27.07 -30.33
N PRO D 190 -68.02 28.33 -30.59
CA PRO D 190 -66.65 28.81 -30.29
C PRO D 190 -66.12 28.49 -28.90
N TYR D 191 -67.03 28.34 -27.94
CA TYR D 191 -66.66 28.09 -26.54
C TYR D 191 -66.72 26.64 -26.04
N PHE D 192 -66.88 25.68 -26.94
CA PHE D 192 -66.95 24.25 -26.59
C PHE D 192 -65.58 23.64 -26.30
N GLY D 193 -65.52 22.71 -25.34
CA GLY D 193 -64.25 22.08 -25.02
C GLY D 193 -63.36 22.92 -24.13
N SER D 194 -62.16 22.42 -23.82
CA SER D 194 -61.22 23.12 -22.96
C SER D 194 -60.42 24.21 -23.68
N TRP D 195 -60.08 23.99 -24.95
CA TRP D 195 -59.33 25.00 -25.69
C TRP D 195 -60.31 26.09 -26.14
N GLY D 196 -61.60 25.74 -26.10
CA GLY D 196 -62.65 26.67 -26.49
C GLY D 196 -63.15 27.52 -25.33
N ALA D 197 -63.05 26.97 -24.11
CA ALA D 197 -63.46 27.68 -22.91
C ALA D 197 -62.36 28.65 -22.49
N LEU D 198 -61.14 28.40 -22.99
CA LEU D 198 -59.99 29.25 -22.71
C LEU D 198 -60.06 30.50 -23.61
N LYS D 199 -60.70 30.33 -24.77
CA LYS D 199 -60.86 31.42 -25.73
C LYS D 199 -61.92 32.41 -25.24
N CYS D 200 -62.84 31.92 -24.42
CA CYS D 200 -63.89 32.76 -23.87
C CYS D 200 -63.31 33.77 -22.88
N LEU D 201 -62.46 33.29 -21.98
CA LEU D 201 -61.82 34.15 -20.99
C LEU D 201 -60.83 35.03 -21.73
N GLN D 202 -60.28 34.49 -22.80
CA GLN D 202 -59.32 35.23 -23.62
C GLN D 202 -60.11 36.38 -24.26
N ASP D 203 -61.39 36.11 -24.55
CA ASP D 203 -62.28 37.10 -25.15
C ASP D 203 -62.76 38.12 -24.12
N GLY D 204 -62.61 37.77 -22.85
CA GLY D 204 -63.05 38.67 -21.79
C GLY D 204 -64.57 38.63 -21.68
N THR D 205 -65.16 37.58 -22.25
CA THR D 205 -66.60 37.41 -22.22
C THR D 205 -67.02 36.89 -20.86
N ALA D 206 -66.10 36.25 -20.15
CA ALA D 206 -66.38 35.71 -18.84
C ALA D 206 -65.27 36.05 -17.88
N ASP D 207 -65.53 35.82 -16.60
CA ASP D 207 -64.55 36.09 -15.55
C ASP D 207 -63.85 34.80 -15.12
N VAL D 208 -64.57 33.70 -15.27
CA VAL D 208 -64.06 32.39 -14.89
C VAL D 208 -64.25 31.33 -15.99
N SER D 209 -63.26 30.46 -16.11
CA SER D 209 -63.29 29.39 -17.09
C SER D 209 -62.62 28.14 -16.54
N PHE D 210 -63.40 27.08 -16.39
CA PHE D 210 -62.92 25.82 -15.88
C PHE D 210 -62.38 25.00 -17.02
N VAL D 211 -61.12 24.60 -16.90
CA VAL D 211 -60.48 23.85 -17.95
C VAL D 211 -59.55 22.77 -17.42
N LYS D 212 -58.79 22.18 -18.33
CA LYS D 212 -57.83 21.14 -18.00
C LYS D 212 -56.50 21.88 -17.82
N HIS D 213 -55.55 21.24 -17.15
CA HIS D 213 -54.27 21.90 -16.93
C HIS D 213 -53.40 21.90 -18.20
N LEU D 214 -53.55 20.85 -19.01
CA LEU D 214 -52.76 20.69 -20.22
C LEU D 214 -53.08 21.69 -21.32
N THR D 215 -54.36 21.90 -21.58
CA THR D 215 -54.79 22.82 -22.64
C THR D 215 -54.38 24.28 -22.39
N VAL D 216 -54.04 24.60 -21.15
CA VAL D 216 -53.63 25.95 -20.82
C VAL D 216 -52.27 26.31 -21.42
N PHE D 217 -51.27 25.46 -21.19
CA PHE D 217 -49.92 25.73 -21.71
C PHE D 217 -49.65 25.07 -23.05
N GLU D 218 -50.68 24.46 -23.64
CA GLU D 218 -50.55 23.83 -24.92
C GLU D 218 -50.81 24.87 -25.99
N ALA D 219 -51.60 25.88 -25.62
CA ALA D 219 -51.93 26.98 -26.53
C ALA D 219 -51.53 28.31 -25.90
N MET D 220 -50.68 29.06 -26.61
CA MET D 220 -50.20 30.35 -26.12
C MET D 220 -50.07 31.38 -27.26
N PRO D 221 -50.76 32.54 -27.13
CA PRO D 221 -50.72 33.61 -28.13
C PRO D 221 -49.38 34.34 -28.25
N THR D 222 -48.85 34.78 -27.12
CA THR D 222 -47.57 35.47 -27.12
C THR D 222 -46.44 34.55 -26.65
N LYS D 223 -46.12 34.59 -25.36
CA LYS D 223 -45.07 33.74 -24.80
C LYS D 223 -45.33 33.59 -23.30
N ALA D 224 -45.28 34.72 -22.60
CA ALA D 224 -45.52 34.77 -21.17
C ALA D 224 -46.97 35.20 -20.95
N ASP D 225 -47.82 34.95 -21.94
CA ASP D 225 -49.25 35.30 -21.85
C ASP D 225 -49.97 34.39 -20.85
N ARG D 226 -49.39 33.22 -20.56
CA ARG D 226 -49.97 32.27 -19.61
C ARG D 226 -49.81 32.85 -18.20
N ASP D 227 -48.76 33.65 -18.02
CA ASP D 227 -48.48 34.28 -16.74
C ASP D 227 -49.33 35.55 -16.55
N GLN D 228 -50.16 35.88 -17.54
CA GLN D 228 -51.01 37.06 -17.47
C GLN D 228 -52.37 36.75 -16.88
N TYR D 229 -52.50 35.60 -16.24
CA TYR D 229 -53.75 35.20 -15.61
C TYR D 229 -53.49 34.50 -14.29
N GLU D 230 -54.50 34.49 -13.43
CA GLU D 230 -54.42 33.85 -12.12
C GLU D 230 -55.08 32.47 -12.14
N LEU D 231 -54.84 31.69 -11.09
CA LEU D 231 -55.38 30.33 -11.00
C LEU D 231 -55.95 30.10 -9.60
N LEU D 232 -57.20 29.66 -9.52
CA LEU D 232 -57.83 29.39 -8.23
C LEU D 232 -57.36 28.06 -7.64
N CYS D 233 -56.98 28.08 -6.36
CA CYS D 233 -56.51 26.86 -5.71
C CYS D 233 -57.48 26.35 -4.64
N MET D 234 -57.22 25.13 -4.17
CA MET D 234 -58.06 24.48 -3.18
C MET D 234 -58.01 25.14 -1.79
N ASP D 235 -56.82 25.61 -1.39
CA ASP D 235 -56.65 26.27 -0.09
C ASP D 235 -57.18 27.72 -0.09
N ASN D 236 -58.05 28.00 -1.07
CA ASN D 236 -58.66 29.32 -1.23
C ASN D 236 -57.58 30.42 -1.31
N THR D 237 -56.56 30.19 -2.14
CA THR D 237 -55.47 31.15 -2.33
C THR D 237 -55.21 31.31 -3.82
N ARG D 238 -54.55 32.40 -4.21
CA ARG D 238 -54.21 32.60 -5.61
C ARG D 238 -52.73 32.22 -5.71
N ARG D 239 -52.35 31.59 -6.82
CA ARG D 239 -50.97 31.15 -7.02
C ARG D 239 -50.66 31.11 -8.51
N PRO D 240 -49.39 31.36 -8.91
CA PRO D 240 -48.98 31.34 -10.31
C PRO D 240 -49.53 30.18 -11.15
N VAL D 241 -49.65 30.40 -12.46
CA VAL D 241 -50.17 29.38 -13.38
C VAL D 241 -49.20 28.24 -13.53
N GLU D 242 -47.92 28.59 -13.67
CA GLU D 242 -46.85 27.61 -13.83
C GLU D 242 -47.02 26.49 -12.78
N GLU D 243 -47.71 26.81 -11.69
CA GLU D 243 -47.96 25.85 -10.62
C GLU D 243 -49.36 25.23 -10.73
N TYR D 244 -49.45 24.18 -11.56
CA TYR D 244 -50.70 23.45 -11.78
C TYR D 244 -50.69 22.21 -10.88
N GLU D 245 -49.49 21.81 -10.47
CA GLU D 245 -49.29 20.65 -9.61
C GLU D 245 -49.88 20.95 -8.24
N GLN D 246 -49.36 21.98 -7.59
CA GLN D 246 -49.79 22.37 -6.26
C GLN D 246 -50.93 23.40 -6.21
N CYS D 247 -51.76 23.42 -7.25
CA CYS D 247 -52.90 24.32 -7.32
C CYS D 247 -53.89 23.82 -8.38
N TYR D 248 -54.81 22.97 -7.97
CA TYR D 248 -55.80 22.41 -8.87
C TYR D 248 -57.10 22.23 -8.11
N LEU D 249 -58.18 22.10 -8.86
CA LEU D 249 -59.51 21.90 -8.28
C LEU D 249 -59.72 20.45 -7.87
N ALA D 250 -59.13 19.54 -8.64
CA ALA D 250 -59.24 18.12 -8.36
C ALA D 250 -58.58 17.38 -9.50
N ARG D 251 -58.03 16.22 -9.19
CA ARG D 251 -57.38 15.39 -10.20
C ARG D 251 -58.42 14.38 -10.70
N VAL D 252 -58.55 14.27 -12.03
CA VAL D 252 -59.51 13.36 -12.65
C VAL D 252 -58.82 12.39 -13.62
N PRO D 253 -59.34 11.15 -13.76
CA PRO D 253 -58.74 10.16 -14.66
C PRO D 253 -58.80 10.62 -16.12
N SER D 254 -57.90 10.09 -16.95
CA SER D 254 -57.85 10.46 -18.36
C SER D 254 -59.07 9.94 -19.14
N HIS D 255 -59.26 10.43 -20.35
CA HIS D 255 -60.38 9.99 -21.18
C HIS D 255 -60.20 8.57 -21.68
N VAL D 256 -61.33 7.88 -21.90
CA VAL D 256 -61.29 6.50 -22.36
C VAL D 256 -61.97 6.22 -23.69
N VAL D 257 -61.59 5.09 -24.25
CA VAL D 257 -62.17 4.59 -25.50
C VAL D 257 -63.20 3.58 -24.98
N VAL D 258 -64.48 3.84 -25.30
CA VAL D 258 -65.57 3.00 -24.85
C VAL D 258 -66.00 2.03 -25.94
N ALA D 259 -66.42 0.85 -25.51
CA ALA D 259 -66.89 -0.22 -26.39
C ALA D 259 -68.01 -0.96 -25.65
N ARG D 260 -68.71 -1.88 -26.32
CA ARG D 260 -69.80 -2.59 -25.64
C ARG D 260 -69.29 -3.77 -24.79
N SER D 261 -69.94 -4.02 -23.66
CA SER D 261 -69.56 -5.13 -22.78
C SER D 261 -69.73 -6.46 -23.52
N VAL D 262 -70.81 -6.56 -24.30
CA VAL D 262 -71.13 -7.74 -25.08
C VAL D 262 -71.26 -7.35 -26.57
N ASP D 263 -70.55 -8.09 -27.43
CA ASP D 263 -70.54 -7.86 -28.88
C ASP D 263 -70.16 -6.40 -29.21
N GLY D 264 -69.07 -5.95 -28.60
CA GLY D 264 -68.58 -4.59 -28.83
C GLY D 264 -67.20 -4.59 -29.46
N LYS D 265 -66.72 -5.79 -29.83
CA LYS D 265 -65.42 -6.02 -30.47
C LYS D 265 -64.23 -5.54 -29.66
N GLU D 266 -64.27 -5.77 -28.35
CA GLU D 266 -63.23 -5.35 -27.43
C GLU D 266 -61.82 -5.59 -27.93
N ASP D 267 -61.52 -6.85 -28.15
CA ASP D 267 -60.19 -7.28 -28.59
C ASP D 267 -59.81 -6.91 -30.01
N SER D 268 -60.78 -6.57 -30.83
CA SER D 268 -60.47 -6.18 -32.21
C SER D 268 -60.14 -4.68 -32.28
N ILE D 269 -60.65 -3.90 -31.33
CA ILE D 269 -60.42 -2.47 -31.28
C ILE D 269 -59.07 -2.25 -30.61
N GLN D 270 -58.79 -3.09 -29.61
CA GLN D 270 -57.54 -2.99 -28.88
C GLN D 270 -56.32 -3.29 -29.75
N GLU D 271 -56.48 -4.28 -30.63
CA GLU D 271 -55.42 -4.72 -31.52
C GLU D 271 -55.25 -3.75 -32.68
N LEU D 272 -56.30 -3.02 -33.00
CA LEU D 272 -56.24 -2.02 -34.05
C LEU D 272 -55.55 -0.78 -33.48
N LEU D 273 -55.78 -0.54 -32.20
CA LEU D 273 -55.17 0.59 -31.52
C LEU D 273 -53.76 0.23 -31.06
N ARG D 274 -53.49 -1.06 -30.96
CA ARG D 274 -52.19 -1.58 -30.59
C ARG D 274 -51.23 -1.17 -31.71
N VAL D 275 -51.49 -1.70 -32.90
CA VAL D 275 -50.70 -1.45 -34.11
C VAL D 275 -50.85 -0.05 -34.71
N ALA D 276 -51.87 0.72 -34.30
CA ALA D 276 -52.05 2.06 -34.83
C ALA D 276 -51.12 3.00 -34.08
N GLN D 277 -50.52 2.48 -33.01
CA GLN D 277 -49.58 3.23 -32.16
C GLN D 277 -48.14 2.85 -32.54
N GLU D 278 -47.91 1.56 -32.77
CA GLU D 278 -46.61 1.02 -33.17
C GLU D 278 -46.23 1.44 -34.60
N HIS D 279 -47.07 2.28 -35.20
CA HIS D 279 -46.88 2.77 -36.56
C HIS D 279 -47.01 4.29 -36.63
N PHE D 280 -48.04 4.83 -35.99
CA PHE D 280 -48.30 6.27 -36.03
C PHE D 280 -48.35 7.00 -34.69
N GLY D 281 -47.46 6.61 -33.78
CA GLY D 281 -47.42 7.24 -32.47
C GLY D 281 -46.60 8.52 -32.50
N LYS D 282 -46.45 9.20 -31.36
CA LYS D 282 -45.69 10.44 -31.32
C LYS D 282 -44.21 10.18 -31.57
N ASP D 283 -43.60 11.04 -32.38
CA ASP D 283 -42.19 10.92 -32.76
C ASP D 283 -41.83 9.53 -33.29
N LYS D 284 -42.66 9.03 -34.22
CA LYS D 284 -42.46 7.71 -34.83
C LYS D 284 -42.63 7.84 -36.34
N SER D 285 -43.71 8.52 -36.76
CA SER D 285 -43.97 8.71 -38.18
C SER D 285 -44.24 10.18 -38.51
N SER D 286 -45.09 10.38 -39.53
CA SER D 286 -45.45 11.71 -39.98
C SER D 286 -46.70 11.71 -40.88
N PRO D 287 -46.72 10.84 -41.92
CA PRO D 287 -47.91 10.85 -42.78
C PRO D 287 -49.16 11.09 -41.95
N PHE D 288 -49.48 10.09 -41.13
CA PHE D 288 -50.64 10.18 -40.26
C PHE D 288 -50.27 10.13 -38.78
N GLN D 289 -50.67 11.19 -38.08
CA GLN D 289 -50.41 11.35 -36.65
C GLN D 289 -51.66 11.04 -35.84
N LEU D 290 -51.60 9.97 -35.07
CA LEU D 290 -52.72 9.54 -34.24
C LEU D 290 -53.11 10.68 -33.29
N PHE D 291 -52.10 11.24 -32.63
CA PHE D 291 -52.27 12.34 -31.67
C PHE D 291 -51.73 13.65 -32.22
N GLY D 292 -52.60 14.49 -32.75
CA GLY D 292 -52.18 15.75 -33.31
C GLY D 292 -53.20 16.14 -34.35
N SER D 293 -53.93 17.21 -34.08
CA SER D 293 -54.97 17.66 -35.01
C SER D 293 -54.50 18.57 -36.13
N PRO D 294 -54.89 18.23 -37.39
CA PRO D 294 -54.53 18.99 -38.58
C PRO D 294 -55.55 20.10 -38.84
N HIS D 295 -56.82 19.77 -38.65
CA HIS D 295 -57.91 20.71 -38.87
C HIS D 295 -58.28 21.57 -37.66
N GLY D 296 -58.75 20.94 -36.58
CA GLY D 296 -59.12 21.69 -35.39
C GLY D 296 -58.24 21.40 -34.17
N GLU D 297 -58.86 20.86 -33.12
CA GLU D 297 -58.15 20.51 -31.89
C GLU D 297 -58.87 19.36 -31.16
N ASP D 298 -58.10 18.45 -30.58
CA ASP D 298 -58.64 17.30 -29.86
C ASP D 298 -59.49 16.38 -30.74
N LEU D 299 -59.03 16.15 -31.96
CA LEU D 299 -59.73 15.30 -32.94
C LEU D 299 -59.43 13.80 -32.72
N LEU D 300 -60.50 13.03 -32.56
CA LEU D 300 -60.45 11.59 -32.30
C LEU D 300 -59.78 11.31 -30.95
N PHE D 301 -58.56 11.80 -30.79
CA PHE D 301 -57.82 11.67 -29.54
C PHE D 301 -57.35 13.06 -29.09
N THR D 302 -57.34 13.30 -27.79
CA THR D 302 -56.89 14.59 -27.28
C THR D 302 -55.41 14.72 -27.67
N ASP D 303 -55.02 15.90 -28.13
CA ASP D 303 -53.65 16.14 -28.60
C ASP D 303 -52.52 15.98 -27.58
N ALA D 304 -52.85 16.00 -26.29
CA ALA D 304 -51.85 15.90 -25.21
C ALA D 304 -51.39 14.51 -24.74
N ALA D 305 -52.03 13.44 -25.19
CA ALA D 305 -51.63 12.11 -24.77
C ALA D 305 -50.47 11.58 -25.60
N HIS D 306 -49.78 10.59 -25.07
CA HIS D 306 -48.66 10.03 -25.81
C HIS D 306 -48.99 8.64 -26.30
N GLY D 307 -50.03 8.03 -25.72
CA GLY D 307 -50.40 6.70 -26.14
C GLY D 307 -51.69 6.26 -25.47
N LEU D 308 -51.97 4.96 -25.56
CA LEU D 308 -53.15 4.36 -24.97
C LEU D 308 -52.76 3.08 -24.25
N LEU D 309 -53.37 2.84 -23.11
CA LEU D 309 -53.07 1.65 -22.34
C LEU D 309 -54.31 0.77 -22.27
N ARG D 310 -54.14 -0.53 -22.50
CA ARG D 310 -55.26 -1.45 -22.47
C ARG D 310 -55.69 -1.67 -21.02
N VAL D 311 -56.95 -1.42 -20.72
CA VAL D 311 -57.45 -1.62 -19.35
C VAL D 311 -57.96 -3.05 -19.18
N PRO D 312 -58.00 -3.55 -17.93
CA PRO D 312 -58.47 -4.91 -17.62
C PRO D 312 -59.96 -5.21 -17.87
N ARG D 313 -60.29 -6.49 -17.79
CA ARG D 313 -61.65 -6.94 -18.02
C ARG D 313 -62.49 -6.73 -16.78
N LYS D 314 -61.83 -6.76 -15.63
CA LYS D 314 -62.51 -6.58 -14.36
C LYS D 314 -62.46 -5.12 -13.95
N ILE D 315 -62.81 -4.25 -14.89
CA ILE D 315 -62.83 -2.81 -14.62
C ILE D 315 -63.85 -2.15 -15.53
N ASP D 316 -64.86 -1.52 -14.93
CA ASP D 316 -65.91 -0.83 -15.65
C ASP D 316 -65.77 0.67 -15.37
N ILE D 317 -66.82 1.42 -15.72
CA ILE D 317 -66.80 2.85 -15.51
C ILE D 317 -66.71 3.17 -14.01
N SER D 318 -67.25 2.28 -13.18
CA SER D 318 -67.23 2.48 -11.71
C SER D 318 -65.83 2.53 -11.11
N LEU D 319 -64.99 1.56 -11.44
CA LEU D 319 -63.64 1.52 -10.91
C LEU D 319 -62.74 2.50 -11.60
N TYR D 320 -63.03 2.76 -12.86
CA TYR D 320 -62.21 3.69 -13.61
C TYR D 320 -62.20 5.07 -12.96
N LEU D 321 -63.38 5.66 -12.83
CA LEU D 321 -63.55 6.98 -12.24
C LEU D 321 -63.23 7.09 -10.75
N GLY D 322 -63.74 6.15 -9.96
CA GLY D 322 -63.49 6.14 -8.52
C GLY D 322 -64.76 6.28 -7.69
N TYR D 323 -64.66 6.08 -6.38
CA TYR D 323 -65.82 6.21 -5.48
C TYR D 323 -65.97 7.67 -5.08
N GLU D 324 -64.83 8.36 -4.93
CA GLU D 324 -64.84 9.77 -4.60
C GLU D 324 -65.56 10.52 -5.73
N PHE D 325 -65.31 10.07 -6.96
CA PHE D 325 -65.88 10.65 -8.18
C PHE D 325 -67.35 10.27 -8.33
N LEU D 326 -67.73 9.10 -7.80
CA LEU D 326 -69.11 8.62 -7.87
C LEU D 326 -69.93 9.10 -6.67
N SER D 327 -69.25 9.39 -5.57
CA SER D 327 -69.93 9.90 -4.39
C SER D 327 -70.39 11.31 -4.72
N ALA D 328 -69.48 12.13 -5.22
CA ALA D 328 -69.77 13.51 -5.60
C ALA D 328 -70.71 13.58 -6.82
N PHE D 329 -71.03 12.41 -7.40
CA PHE D 329 -71.91 12.32 -8.57
C PHE D 329 -73.33 12.01 -8.15
N ARG D 330 -73.46 11.31 -7.03
CA ARG D 330 -74.78 10.94 -6.51
C ARG D 330 -75.39 12.12 -5.75
N ASN D 331 -74.63 13.20 -5.65
CA ASN D 331 -75.09 14.42 -4.97
C ASN D 331 -75.50 15.46 -5.99
N LEU D 332 -74.98 15.34 -7.21
CA LEU D 332 -75.27 16.30 -8.28
C LEU D 332 -76.13 15.75 -9.42
N LYS D 333 -76.40 14.45 -9.40
CA LYS D 333 -77.23 13.82 -10.44
C LYS D 333 -78.36 13.00 -9.83
N ARG D 334 -78.13 12.48 -8.61
CA ARG D 334 -79.14 11.67 -7.92
C ARG D 334 -79.97 12.51 -6.94
N SER D 339 -77.71 5.29 2.76
CA SER D 339 -78.55 4.82 3.85
C SER D 339 -77.72 4.35 5.05
N GLN D 340 -78.26 4.60 6.25
CA GLN D 340 -77.62 4.20 7.51
C GLN D 340 -77.89 2.72 7.79
N ARG D 341 -77.19 1.87 7.05
CA ARG D 341 -77.29 0.43 7.19
C ARG D 341 -75.96 -0.12 6.74
N VAL D 342 -75.70 -1.36 7.14
CA VAL D 342 -74.48 -2.09 6.78
C VAL D 342 -74.97 -3.31 5.99
N LYS D 343 -74.73 -3.30 4.68
CA LYS D 343 -75.14 -4.40 3.82
C LYS D 343 -73.96 -5.35 3.66
N TRP D 344 -73.96 -6.35 4.53
CA TRP D 344 -72.90 -7.33 4.56
C TRP D 344 -72.76 -8.11 3.27
N CYS D 345 -71.51 -8.29 2.82
CA CYS D 345 -71.26 -9.04 1.60
C CYS D 345 -71.02 -10.51 1.92
N ALA D 346 -71.79 -11.38 1.25
CA ALA D 346 -71.69 -12.83 1.41
C ALA D 346 -71.01 -13.48 0.21
N VAL D 347 -70.07 -14.37 0.50
CA VAL D 347 -69.32 -15.08 -0.53
C VAL D 347 -69.92 -16.49 -0.76
N GLY D 348 -70.82 -16.57 -1.73
CA GLY D 348 -71.45 -17.85 -2.00
C GLY D 348 -72.88 -17.88 -1.49
N GLN D 349 -73.46 -19.07 -1.45
CA GLN D 349 -74.83 -19.18 -1.01
C GLN D 349 -75.00 -19.51 0.47
N GLN D 350 -74.24 -20.46 0.99
CA GLN D 350 -74.36 -20.81 2.40
C GLN D 350 -74.20 -19.57 3.25
N GLU D 351 -73.31 -18.69 2.81
CA GLU D 351 -73.03 -17.45 3.51
C GLU D 351 -74.20 -16.47 3.48
N ARG D 352 -74.83 -16.32 2.32
CA ARG D 352 -75.97 -15.42 2.19
C ARG D 352 -77.13 -15.88 3.08
N THR D 353 -77.23 -17.20 3.25
CA THR D 353 -78.27 -17.81 4.08
C THR D 353 -78.04 -17.44 5.55
N LYS D 354 -76.78 -17.52 6.00
CA LYS D 354 -76.50 -17.16 7.39
C LYS D 354 -76.71 -15.68 7.51
N CYS D 355 -76.55 -14.96 6.41
CA CYS D 355 -76.76 -13.54 6.46
C CYS D 355 -78.24 -13.27 6.54
N ASP D 356 -79.06 -14.05 5.83
CA ASP D 356 -80.50 -13.85 5.88
C ASP D 356 -80.96 -14.05 7.33
N GLN D 357 -80.51 -15.15 7.94
CA GLN D 357 -80.87 -15.46 9.31
C GLN D 357 -80.50 -14.34 10.25
N TRP D 358 -79.34 -13.75 10.03
CA TRP D 358 -78.86 -12.66 10.89
C TRP D 358 -79.56 -11.33 10.57
N SER D 359 -79.96 -11.14 9.31
CA SER D 359 -80.61 -9.90 8.88
C SER D 359 -81.91 -9.67 9.60
N ALA D 360 -82.59 -10.78 9.93
CA ALA D 360 -83.89 -10.73 10.61
C ALA D 360 -83.75 -10.39 12.10
N VAL D 361 -82.83 -11.07 12.77
CA VAL D 361 -82.61 -10.84 14.19
C VAL D 361 -81.95 -9.48 14.44
N SER D 362 -81.12 -9.06 13.50
CA SER D 362 -80.43 -7.78 13.64
C SER D 362 -81.39 -6.67 14.03
N GLY D 363 -82.61 -6.76 13.51
CA GLY D 363 -83.60 -5.74 13.79
C GLY D 363 -83.56 -4.69 12.68
N GLY D 364 -83.35 -5.18 11.46
CA GLY D 364 -83.29 -4.33 10.28
C GLY D 364 -82.07 -3.47 10.02
N ALA D 365 -81.11 -3.49 10.94
CA ALA D 365 -79.88 -2.68 10.80
C ALA D 365 -78.81 -3.39 9.96
N LEU D 366 -79.19 -4.48 9.32
CA LEU D 366 -78.26 -5.26 8.53
C LEU D 366 -78.91 -5.82 7.27
N ALA D 367 -78.30 -5.56 6.11
CA ALA D 367 -78.82 -6.06 4.82
C ALA D 367 -77.87 -7.14 4.26
N CYS D 368 -78.24 -7.80 3.19
CA CYS D 368 -77.39 -8.84 2.61
C CYS D 368 -77.19 -8.76 1.10
N ALA D 369 -75.94 -8.83 0.67
CA ALA D 369 -75.58 -8.82 -0.76
C ALA D 369 -74.79 -10.10 -0.96
N THR D 370 -75.13 -10.91 -1.95
CA THR D 370 -74.41 -12.17 -2.16
C THR D 370 -73.56 -12.25 -3.43
N GLU D 371 -72.24 -12.25 -3.28
CA GLU D 371 -71.34 -12.34 -4.43
C GLU D 371 -70.64 -13.70 -4.48
N GLU D 372 -69.99 -13.99 -5.61
CA GLU D 372 -69.34 -15.28 -5.82
C GLU D 372 -67.92 -15.50 -5.32
N THR D 373 -67.10 -14.45 -5.31
CA THR D 373 -65.73 -14.54 -4.82
C THR D 373 -65.41 -13.39 -3.86
N PRO D 374 -64.25 -13.46 -3.16
CA PRO D 374 -63.83 -12.43 -2.21
C PRO D 374 -63.43 -11.20 -3.00
N GLU D 375 -63.04 -11.45 -4.24
CA GLU D 375 -62.64 -10.39 -5.18
C GLU D 375 -63.91 -9.62 -5.51
N ASP D 376 -64.94 -10.39 -5.89
CA ASP D 376 -66.23 -9.84 -6.25
C ASP D 376 -66.85 -9.02 -5.11
N CYS D 377 -66.67 -9.50 -3.88
CA CYS D 377 -67.22 -8.82 -2.73
C CYS D 377 -66.45 -7.56 -2.36
N ILE D 378 -65.20 -7.48 -2.77
CA ILE D 378 -64.39 -6.29 -2.49
C ILE D 378 -64.77 -5.21 -3.48
N ALA D 379 -65.03 -5.63 -4.73
CA ALA D 379 -65.42 -4.74 -5.81
C ALA D 379 -66.81 -4.13 -5.57
N ALA D 380 -67.71 -4.96 -5.05
CA ALA D 380 -69.07 -4.53 -4.74
C ALA D 380 -69.02 -3.48 -3.62
N THR D 381 -68.12 -3.67 -2.67
CA THR D 381 -67.98 -2.76 -1.54
C THR D 381 -67.31 -1.45 -1.95
N MET D 382 -66.52 -1.50 -3.02
CA MET D 382 -65.86 -0.29 -3.52
C MET D 382 -66.88 0.62 -4.18
N LYS D 383 -67.80 0.01 -4.93
CA LYS D 383 -68.86 0.72 -5.64
C LYS D 383 -69.83 1.32 -4.64
N GLY D 384 -70.33 0.46 -3.75
CA GLY D 384 -71.29 0.87 -2.74
C GLY D 384 -72.42 -0.14 -2.75
N GLU D 385 -72.23 -1.22 -3.50
CA GLU D 385 -73.23 -2.28 -3.59
C GLU D 385 -73.30 -3.08 -2.29
N ALA D 386 -72.15 -3.24 -1.64
CA ALA D 386 -72.06 -3.92 -0.33
C ALA D 386 -71.40 -2.88 0.59
N ASP D 387 -71.41 -3.11 1.89
CA ASP D 387 -70.81 -2.13 2.79
C ASP D 387 -69.61 -2.64 3.58
N ALA D 388 -69.66 -3.91 3.99
CA ALA D 388 -68.58 -4.50 4.74
C ALA D 388 -68.55 -6.02 4.58
N MET D 389 -67.41 -6.61 4.93
CA MET D 389 -67.20 -8.05 4.88
C MET D 389 -65.88 -8.40 5.57
N SER D 390 -65.77 -9.63 6.05
CA SER D 390 -64.55 -10.04 6.73
C SER D 390 -63.55 -10.54 5.68
N LEU D 391 -62.39 -9.90 5.61
CA LEU D 391 -61.39 -10.29 4.64
C LEU D 391 -60.18 -10.94 5.25
N ASP D 392 -59.85 -12.13 4.73
CA ASP D 392 -58.69 -12.86 5.18
C ASP D 392 -57.48 -11.94 5.08
N GLY D 393 -56.35 -12.37 5.66
CA GLY D 393 -55.15 -11.56 5.61
C GLY D 393 -54.72 -11.23 4.19
N GLY D 394 -54.84 -12.18 3.27
CA GLY D 394 -54.45 -11.96 1.88
C GLY D 394 -55.35 -11.10 1.03
N PHE D 395 -56.65 -11.10 1.33
CA PHE D 395 -57.64 -10.31 0.57
C PHE D 395 -57.77 -8.89 1.13
N ALA D 396 -57.19 -8.69 2.31
CA ALA D 396 -57.22 -7.40 2.96
C ALA D 396 -56.13 -6.51 2.35
N TYR D 397 -55.16 -7.17 1.70
CA TYR D 397 -54.03 -6.50 1.04
C TYR D 397 -54.53 -5.97 -0.31
N VAL D 398 -55.20 -6.86 -1.02
CA VAL D 398 -55.78 -6.52 -2.29
C VAL D 398 -56.72 -5.36 -1.94
N ALA D 399 -57.69 -5.64 -1.05
CA ALA D 399 -58.70 -4.67 -0.62
C ALA D 399 -58.10 -3.34 -0.19
N GLY D 400 -56.86 -3.39 0.31
CA GLY D 400 -56.19 -2.17 0.73
C GLY D 400 -55.83 -1.36 -0.50
N HIS D 401 -55.18 -2.01 -1.46
CA HIS D 401 -54.80 -1.33 -2.69
C HIS D 401 -56.04 -0.81 -3.43
N CYS D 402 -57.21 -1.27 -3.01
CA CYS D 402 -58.49 -0.88 -3.61
C CYS D 402 -59.18 0.27 -2.85
N GLY D 403 -58.54 0.71 -1.76
CA GLY D 403 -59.08 1.81 -0.97
C GLY D 403 -59.99 1.54 0.24
N LEU D 404 -60.15 0.28 0.62
CA LEU D 404 -60.99 -0.06 1.76
C LEU D 404 -60.09 -0.07 3.01
N VAL D 405 -60.59 0.40 4.15
CA VAL D 405 -59.77 0.42 5.38
C VAL D 405 -60.24 -0.57 6.44
N PRO D 406 -59.37 -0.90 7.41
CA PRO D 406 -59.78 -1.85 8.44
C PRO D 406 -60.80 -1.17 9.31
N VAL D 407 -61.75 -1.94 9.84
CA VAL D 407 -62.82 -1.40 10.69
C VAL D 407 -62.64 -1.93 12.12
N LEU D 408 -62.53 -3.25 12.22
CA LEU D 408 -62.33 -3.95 13.49
C LEU D 408 -61.63 -5.28 13.20
N ALA D 409 -60.81 -5.71 14.13
CA ALA D 409 -60.08 -6.95 13.99
C ALA D 409 -60.99 -8.12 14.38
N GLU D 410 -60.46 -9.33 14.27
CA GLU D 410 -61.21 -10.54 14.60
C GLU D 410 -60.29 -11.47 15.42
N ASN D 411 -60.68 -11.76 16.67
CA ASN D 411 -59.90 -12.64 17.56
C ASN D 411 -60.62 -13.94 17.93
N TYR D 412 -59.84 -15.02 18.09
CA TYR D 412 -60.37 -16.33 18.44
C TYR D 412 -60.30 -16.58 19.97
N LEU D 413 -60.01 -17.81 20.37
CA LEU D 413 -59.90 -18.15 21.78
C LEU D 413 -59.00 -17.14 22.50
N SER D 414 -59.00 -17.17 23.83
CA SER D 414 -58.16 -16.26 24.58
C SER D 414 -56.75 -16.81 24.52
N THR D 415 -55.93 -16.48 25.51
CA THR D 415 -54.55 -16.96 25.59
C THR D 415 -54.48 -18.49 25.43
N HIS D 416 -55.62 -19.15 25.63
CA HIS D 416 -55.77 -20.61 25.55
C HIS D 416 -55.69 -21.12 27.02
N SER D 417 -55.24 -20.22 27.90
CA SER D 417 -55.16 -20.54 29.33
C SER D 417 -56.62 -20.43 29.75
N SER D 418 -57.31 -19.48 29.13
CA SER D 418 -58.73 -19.21 29.38
C SER D 418 -59.60 -19.78 28.25
N GLY D 419 -60.52 -20.67 28.61
CA GLY D 419 -61.40 -21.27 27.61
C GLY D 419 -62.47 -20.31 27.14
N ARG D 420 -62.62 -20.20 25.82
CA ARG D 420 -63.59 -19.32 25.18
C ARG D 420 -63.14 -17.85 25.17
N LEU D 421 -64.09 -16.94 24.97
CA LEU D 421 -63.85 -15.49 24.92
C LEU D 421 -65.13 -14.80 24.36
N GLY D 422 -65.26 -13.48 24.56
CA GLY D 422 -66.46 -12.79 24.05
C GLY D 422 -67.00 -11.65 24.90
N SER D 423 -66.74 -11.71 26.21
CA SER D 423 -67.16 -10.69 27.15
C SER D 423 -66.13 -9.57 27.09
N LYS D 424 -66.47 -8.52 26.33
CA LYS D 424 -65.59 -7.37 26.11
C LYS D 424 -64.13 -7.75 25.96
N CYS D 425 -63.86 -8.45 24.85
CA CYS D 425 -62.53 -8.92 24.46
C CYS D 425 -62.06 -7.85 23.47
N VAL D 426 -62.96 -6.92 23.19
CA VAL D 426 -62.75 -5.81 22.28
C VAL D 426 -61.37 -5.15 22.37
N ASN D 427 -60.85 -5.00 23.59
CA ASN D 427 -59.54 -4.35 23.80
C ASN D 427 -58.35 -5.29 23.89
N ALA D 428 -58.55 -6.53 23.49
CA ALA D 428 -57.48 -7.50 23.54
C ALA D 428 -56.47 -7.18 22.43
N PRO D 429 -55.17 -7.12 22.77
CA PRO D 429 -54.18 -6.84 21.72
C PRO D 429 -54.30 -8.01 20.76
N LEU D 430 -54.23 -7.78 19.45
CA LEU D 430 -54.37 -8.91 18.54
C LEU D 430 -53.16 -9.14 17.68
N GLU D 431 -52.76 -10.40 17.55
CA GLU D 431 -51.57 -10.71 16.76
C GLU D 431 -51.84 -11.40 15.43
N GLY D 432 -52.53 -12.53 15.45
CA GLY D 432 -52.80 -13.22 14.20
C GLY D 432 -52.79 -14.71 14.43
N TYR D 433 -52.64 -15.50 13.35
CA TYR D 433 -52.61 -16.96 13.47
C TYR D 433 -51.47 -17.63 12.70
N TYR D 434 -51.36 -18.95 12.84
CA TYR D 434 -50.31 -19.72 12.18
C TYR D 434 -50.81 -20.45 10.94
N VAL D 435 -49.92 -20.58 9.95
CA VAL D 435 -50.22 -21.32 8.71
C VAL D 435 -49.39 -22.56 8.86
N VAL D 436 -49.88 -23.67 8.32
CA VAL D 436 -49.17 -24.94 8.42
C VAL D 436 -49.51 -25.86 7.25
N ALA D 437 -48.67 -26.86 7.02
CA ALA D 437 -48.90 -27.83 5.94
C ALA D 437 -49.11 -29.15 6.67
N VAL D 438 -50.36 -29.59 6.72
CA VAL D 438 -50.70 -30.83 7.42
C VAL D 438 -50.63 -32.10 6.59
N VAL D 439 -50.34 -33.23 7.25
CA VAL D 439 -50.24 -34.53 6.59
C VAL D 439 -50.85 -35.64 7.44
N LYS D 440 -51.37 -36.67 6.77
CA LYS D 440 -51.99 -37.82 7.44
C LYS D 440 -50.92 -38.77 7.99
N LYS D 441 -51.34 -39.83 8.68
CA LYS D 441 -50.40 -40.78 9.26
C LYS D 441 -50.03 -41.85 8.22
N SER D 442 -50.99 -42.20 7.36
CA SER D 442 -50.80 -43.20 6.30
C SER D 442 -49.49 -42.96 5.56
N ASP D 443 -49.13 -41.69 5.39
CA ASP D 443 -47.91 -41.31 4.68
C ASP D 443 -46.70 -41.23 5.62
N VAL D 444 -45.59 -41.86 5.20
CA VAL D 444 -44.36 -41.87 6.00
C VAL D 444 -43.12 -41.45 5.19
N GLY D 445 -43.31 -41.20 3.90
CA GLY D 445 -42.19 -40.81 3.05
C GLY D 445 -42.31 -39.46 2.35
N ILE D 446 -43.04 -38.53 2.97
CA ILE D 446 -43.23 -37.20 2.40
C ILE D 446 -42.75 -36.13 3.39
N THR D 447 -41.73 -35.38 2.99
CA THR D 447 -41.16 -34.33 3.84
C THR D 447 -41.36 -32.98 3.15
N TRP D 448 -41.00 -31.90 3.84
CA TRP D 448 -41.12 -30.58 3.26
C TRP D 448 -40.42 -30.62 1.91
N LYS D 449 -39.30 -31.32 1.87
CA LYS D 449 -38.52 -31.43 0.65
C LYS D 449 -39.17 -32.37 -0.37
N SER D 450 -39.93 -33.35 0.12
CA SER D 450 -40.64 -34.33 -0.71
C SER D 450 -41.98 -33.80 -1.18
N LEU D 451 -42.02 -32.55 -1.61
CA LEU D 451 -43.27 -31.94 -2.07
C LEU D 451 -43.44 -31.94 -3.59
N GLN D 452 -42.31 -32.02 -4.29
CA GLN D 452 -42.28 -32.03 -5.76
C GLN D 452 -43.19 -33.13 -6.32
N GLY D 453 -43.93 -32.80 -7.38
CA GLY D 453 -44.82 -33.75 -8.03
C GLY D 453 -45.73 -34.55 -7.13
N LYS D 454 -46.16 -33.93 -6.02
CA LYS D 454 -47.06 -34.58 -5.08
C LYS D 454 -48.46 -34.04 -5.31
N LYS D 455 -49.39 -34.40 -4.42
CA LYS D 455 -50.78 -33.94 -4.49
C LYS D 455 -50.96 -32.91 -3.39
N SER D 456 -51.40 -31.71 -3.74
CA SER D 456 -51.57 -30.66 -2.74
C SER D 456 -52.99 -30.14 -2.63
N CYS D 457 -53.36 -29.72 -1.41
CA CYS D 457 -54.69 -29.16 -1.11
C CYS D 457 -54.51 -27.75 -0.58
N HIS D 458 -55.39 -26.84 -0.96
CA HIS D 458 -55.30 -25.44 -0.50
C HIS D 458 -56.64 -24.85 -0.09
N THR D 459 -56.63 -24.05 0.96
CA THR D 459 -57.85 -23.39 1.43
C THR D 459 -58.54 -22.75 0.22
N ALA D 460 -57.82 -21.85 -0.46
CA ALA D 460 -58.33 -21.14 -1.63
C ALA D 460 -57.27 -20.18 -2.08
N VAL D 461 -57.23 -19.91 -3.38
CA VAL D 461 -56.25 -19.01 -3.93
C VAL D 461 -56.53 -17.61 -3.43
N GLY D 462 -55.46 -16.93 -3.01
CA GLY D 462 -55.57 -15.57 -2.51
C GLY D 462 -55.44 -15.47 -1.02
N THR D 463 -55.51 -16.62 -0.32
CA THR D 463 -55.43 -16.68 1.14
C THR D 463 -54.03 -16.79 1.72
N SER D 464 -53.80 -16.11 2.84
CA SER D 464 -52.51 -16.14 3.51
C SER D 464 -52.22 -17.59 3.89
N GLU D 465 -53.25 -18.22 4.46
CA GLU D 465 -53.20 -19.61 4.94
C GLU D 465 -53.33 -20.70 3.87
N GLY D 466 -53.80 -20.36 2.66
CA GLY D 466 -53.96 -21.38 1.64
C GLY D 466 -53.12 -21.23 0.38
N TRP D 467 -52.63 -20.03 0.14
CA TRP D 467 -51.81 -19.76 -1.04
C TRP D 467 -50.62 -18.86 -0.73
N ASN D 468 -50.91 -17.59 -0.51
CA ASN D 468 -49.90 -16.58 -0.21
C ASN D 468 -48.66 -17.06 0.52
N VAL D 469 -48.84 -17.88 1.55
CA VAL D 469 -47.69 -18.36 2.32
C VAL D 469 -47.10 -19.70 1.85
N PRO D 470 -47.97 -20.70 1.61
CA PRO D 470 -47.44 -21.99 1.17
C PRO D 470 -46.69 -21.79 -0.13
N MET D 471 -47.40 -21.21 -1.09
CA MET D 471 -46.87 -20.96 -2.41
C MET D 471 -45.80 -19.87 -2.42
N GLY D 472 -45.88 -18.97 -1.44
CA GLY D 472 -44.94 -17.88 -1.35
C GLY D 472 -43.57 -18.44 -1.09
N LEU D 473 -43.52 -19.46 -0.23
CA LEU D 473 -42.27 -20.11 0.14
C LEU D 473 -41.67 -21.02 -0.95
N ILE D 474 -42.53 -21.54 -1.83
CA ILE D 474 -42.08 -22.41 -2.89
C ILE D 474 -41.48 -21.60 -4.01
N TYR D 475 -42.06 -20.44 -4.29
CA TYR D 475 -41.54 -19.57 -5.33
C TYR D 475 -40.18 -19.00 -4.94
N ASP D 476 -39.81 -19.17 -3.68
CA ASP D 476 -38.51 -18.69 -3.22
C ASP D 476 -37.56 -19.84 -3.40
N GLN D 477 -38.09 -21.05 -3.22
CA GLN D 477 -37.30 -22.26 -3.35
C GLN D 477 -37.15 -22.66 -4.80
N THR D 478 -38.09 -22.25 -5.64
CA THR D 478 -38.05 -22.58 -7.07
C THR D 478 -37.60 -21.43 -7.95
N GLY D 479 -38.26 -20.28 -7.85
CA GLY D 479 -37.89 -19.15 -8.69
C GLY D 479 -38.91 -18.90 -9.78
N SER D 480 -39.86 -19.81 -9.95
CA SER D 480 -40.91 -19.68 -10.97
C SER D 480 -42.31 -19.68 -10.37
N CYS D 481 -43.23 -18.99 -11.04
CA CYS D 481 -44.59 -18.90 -10.57
C CYS D 481 -45.42 -20.04 -11.13
N LYS D 482 -44.77 -20.95 -11.85
CA LYS D 482 -45.47 -22.10 -12.40
C LYS D 482 -45.64 -23.13 -11.30
N PHE D 483 -46.87 -23.23 -10.81
CA PHE D 483 -47.20 -24.15 -9.73
C PHE D 483 -47.88 -25.41 -10.25
N ASP D 484 -48.60 -25.30 -11.37
CA ASP D 484 -49.28 -26.45 -11.95
C ASP D 484 -48.27 -27.42 -12.56
N ALA D 485 -47.00 -27.23 -12.19
CA ALA D 485 -45.89 -28.05 -12.66
C ALA D 485 -45.16 -28.67 -11.47
N PHE D 486 -45.20 -27.95 -10.35
CA PHE D 486 -44.56 -28.40 -9.11
C PHE D 486 -45.26 -29.66 -8.58
N PHE D 487 -46.56 -29.55 -8.34
CA PHE D 487 -47.37 -30.65 -7.84
C PHE D 487 -48.03 -31.37 -9.00
N SER D 488 -48.12 -32.68 -8.88
CA SER D 488 -48.77 -33.48 -9.90
C SER D 488 -50.20 -32.96 -10.15
N ARG D 489 -51.10 -33.27 -9.22
CA ARG D 489 -52.50 -32.84 -9.28
C ARG D 489 -52.76 -32.13 -7.95
N SER D 490 -53.75 -31.25 -7.92
CA SER D 490 -54.05 -30.52 -6.70
C SER D 490 -55.44 -29.90 -6.78
N CYS D 491 -55.90 -29.37 -5.66
CA CYS D 491 -57.17 -28.69 -5.65
C CYS D 491 -56.99 -27.37 -4.92
N ALA D 492 -56.94 -26.31 -5.71
CA ALA D 492 -56.76 -24.95 -5.22
C ALA D 492 -57.95 -24.14 -5.71
N PRO D 493 -59.03 -24.12 -4.94
CA PRO D 493 -60.25 -23.39 -5.28
C PRO D 493 -59.95 -21.95 -5.67
N GLY D 494 -60.41 -21.56 -6.85
CA GLY D 494 -60.19 -20.20 -7.30
C GLY D 494 -59.23 -20.14 -8.49
N SER D 495 -58.56 -21.26 -8.77
CA SER D 495 -57.62 -21.33 -9.90
C SER D 495 -58.35 -21.61 -11.20
N ASP D 496 -57.57 -21.87 -12.24
CA ASP D 496 -58.12 -22.17 -13.55
C ASP D 496 -58.94 -23.45 -13.46
N PRO D 497 -60.24 -23.37 -13.80
CA PRO D 497 -61.13 -24.53 -13.74
C PRO D 497 -60.55 -25.79 -14.41
N ASP D 498 -59.93 -25.58 -15.58
CA ASP D 498 -59.33 -26.66 -16.35
C ASP D 498 -57.79 -26.65 -16.29
N SER D 499 -57.25 -26.83 -15.08
CA SER D 499 -55.79 -26.87 -14.89
C SER D 499 -55.44 -27.91 -13.83
N PRO D 500 -54.15 -28.27 -13.73
CA PRO D 500 -53.70 -29.25 -12.74
C PRO D 500 -53.99 -28.77 -11.31
N LEU D 501 -54.26 -27.48 -11.18
CA LEU D 501 -54.57 -26.82 -9.92
C LEU D 501 -56.00 -27.13 -9.49
N CYS D 502 -56.86 -27.37 -10.47
CA CYS D 502 -58.26 -27.69 -10.22
C CYS D 502 -58.51 -29.13 -10.68
N ALA D 503 -57.71 -30.06 -10.17
CA ALA D 503 -57.85 -31.47 -10.56
C ALA D 503 -58.42 -32.38 -9.45
N LEU D 504 -57.94 -32.19 -8.23
CA LEU D 504 -58.39 -33.00 -7.11
C LEU D 504 -59.69 -32.50 -6.50
N CYS D 505 -60.19 -31.36 -7.00
CA CYS D 505 -61.43 -30.78 -6.48
C CYS D 505 -62.68 -31.66 -6.72
N VAL D 506 -63.59 -31.65 -5.75
CA VAL D 506 -64.84 -32.43 -5.81
C VAL D 506 -66.05 -31.62 -6.27
N GLY D 507 -66.01 -30.30 -6.10
CA GLY D 507 -67.11 -29.44 -6.53
C GLY D 507 -68.41 -29.55 -5.73
N GLY D 508 -69.53 -29.29 -6.39
CA GLY D 508 -70.82 -29.36 -5.71
C GLY D 508 -71.95 -29.98 -6.52
N ASN D 509 -72.83 -29.14 -7.04
CA ASN D 509 -73.94 -29.63 -7.84
C ASN D 509 -74.27 -28.69 -9.00
N ASN D 510 -73.92 -27.43 -8.84
CA ASN D 510 -74.22 -26.47 -9.90
C ASN D 510 -73.52 -26.80 -11.20
N PRO D 511 -74.21 -26.59 -12.33
CA PRO D 511 -73.68 -26.85 -13.66
C PRO D 511 -72.53 -25.88 -13.94
N ALA D 512 -71.30 -26.37 -13.85
CA ALA D 512 -70.10 -25.56 -14.09
C ALA D 512 -69.76 -24.59 -12.94
N HIS D 513 -69.33 -25.15 -11.81
CA HIS D 513 -68.93 -24.36 -10.65
C HIS D 513 -67.86 -25.15 -9.88
N MET D 514 -67.18 -26.00 -10.62
CA MET D 514 -66.11 -26.84 -10.13
C MET D 514 -64.88 -25.97 -9.80
N CYS D 515 -64.38 -26.07 -8.57
CA CYS D 515 -63.19 -25.33 -8.13
C CYS D 515 -63.46 -23.88 -7.81
N ALA D 516 -64.73 -23.55 -7.63
CA ALA D 516 -65.15 -22.18 -7.33
C ALA D 516 -64.48 -21.57 -6.09
N ALA D 517 -64.42 -20.24 -6.05
CA ALA D 517 -63.79 -19.54 -4.94
C ALA D 517 -64.73 -19.22 -3.78
N ASN D 518 -65.76 -20.05 -3.61
CA ASN D 518 -66.71 -19.87 -2.51
C ASN D 518 -67.00 -21.24 -1.96
N ASN D 519 -67.74 -21.29 -0.86
CA ASN D 519 -68.06 -22.56 -0.21
C ASN D 519 -68.87 -23.55 -1.03
N ALA D 520 -69.08 -23.27 -2.32
CA ALA D 520 -69.84 -24.16 -3.21
C ALA D 520 -68.91 -25.29 -3.68
N GLU D 521 -67.68 -25.21 -3.24
CA GLU D 521 -66.66 -26.19 -3.57
C GLU D 521 -66.44 -27.15 -2.37
N GLY D 522 -66.43 -28.44 -2.66
CA GLY D 522 -66.24 -29.43 -1.62
C GLY D 522 -64.98 -29.29 -0.78
N TYR D 523 -63.87 -28.93 -1.40
CA TYR D 523 -62.63 -28.79 -0.64
C TYR D 523 -62.23 -27.33 -0.36
N HIS D 524 -63.24 -26.50 -0.06
CA HIS D 524 -63.04 -25.09 0.23
C HIS D 524 -62.99 -24.84 1.74
N GLY D 525 -62.13 -23.91 2.15
CA GLY D 525 -62.00 -23.56 3.56
C GLY D 525 -60.87 -24.26 4.29
N SER D 526 -60.77 -24.02 5.59
CA SER D 526 -59.73 -24.64 6.43
C SER D 526 -60.14 -26.08 6.69
N SER D 527 -61.45 -26.31 6.64
CA SER D 527 -62.03 -27.63 6.87
C SER D 527 -62.09 -28.46 5.56
N GLY D 528 -62.39 -27.79 4.46
CA GLY D 528 -62.47 -28.47 3.17
C GLY D 528 -61.11 -28.97 2.70
N ALA D 529 -60.05 -28.30 3.13
CA ALA D 529 -58.70 -28.69 2.76
C ALA D 529 -58.37 -30.00 3.49
N LEU D 530 -58.85 -30.12 4.73
CA LEU D 530 -58.62 -31.33 5.53
C LEU D 530 -59.32 -32.50 4.86
N ARG D 531 -60.56 -32.26 4.43
CA ARG D 531 -61.37 -33.26 3.74
C ARG D 531 -60.60 -33.76 2.51
N CYS D 532 -60.01 -32.82 1.77
CA CYS D 532 -59.24 -33.07 0.56
C CYS D 532 -58.02 -33.93 0.88
N LEU D 533 -57.41 -33.66 2.03
CA LEU D 533 -56.21 -34.37 2.49
C LEU D 533 -56.48 -35.85 2.75
N VAL D 534 -57.62 -36.14 3.38
CA VAL D 534 -58.00 -37.52 3.69
C VAL D 534 -58.70 -38.22 2.53
N GLU D 535 -59.34 -37.44 1.65
CA GLU D 535 -60.04 -38.04 0.54
C GLU D 535 -59.24 -38.14 -0.76
N LYS D 536 -58.37 -37.16 -1.05
CA LYS D 536 -57.57 -37.19 -2.29
C LYS D 536 -56.08 -36.81 -2.22
N GLY D 537 -55.77 -35.61 -1.77
CA GLY D 537 -54.38 -35.16 -1.71
C GLY D 537 -53.54 -35.79 -0.61
N ASP D 538 -52.35 -35.21 -0.41
CA ASP D 538 -51.41 -35.67 0.61
C ASP D 538 -51.03 -34.53 1.60
N VAL D 539 -50.67 -33.37 1.06
CA VAL D 539 -50.29 -32.23 1.89
C VAL D 539 -51.29 -31.09 1.73
N ALA D 540 -51.94 -30.69 2.82
CA ALA D 540 -52.92 -29.61 2.77
C ALA D 540 -52.40 -28.35 3.47
N PHE D 541 -52.92 -27.17 3.08
CA PHE D 541 -52.50 -25.89 3.68
C PHE D 541 -53.67 -25.09 4.26
N MET D 542 -53.58 -24.80 5.56
CA MET D 542 -54.63 -24.08 6.28
C MET D 542 -54.09 -23.30 7.46
N LYS D 543 -55.00 -22.72 8.24
CA LYS D 543 -54.63 -21.91 9.40
C LYS D 543 -54.23 -22.75 10.60
N HIS D 544 -54.57 -22.28 11.80
CA HIS D 544 -54.27 -22.95 13.07
C HIS D 544 -54.65 -24.41 13.01
N PRO D 545 -54.41 -25.14 14.12
CA PRO D 545 -54.76 -26.57 14.13
C PRO D 545 -56.27 -26.77 13.88
N THR D 546 -56.68 -26.63 12.62
CA THR D 546 -58.09 -26.79 12.24
C THR D 546 -58.51 -28.24 12.35
N VAL D 547 -57.53 -29.16 12.24
CA VAL D 547 -57.79 -30.60 12.34
C VAL D 547 -58.23 -30.98 13.76
N LEU D 548 -57.69 -30.25 14.74
CA LEU D 548 -58.03 -30.48 16.15
C LEU D 548 -59.50 -30.07 16.30
N GLN D 549 -59.90 -29.08 15.50
CA GLN D 549 -61.25 -28.51 15.50
C GLN D 549 -62.29 -29.35 14.79
N ASN D 550 -61.85 -30.39 14.08
CA ASN D 550 -62.77 -31.25 13.35
C ASN D 550 -62.72 -32.71 13.82
N THR D 551 -61.57 -33.09 14.38
CA THR D 551 -61.37 -34.46 14.86
C THR D 551 -62.06 -34.76 16.18
N ASP D 552 -62.04 -36.05 16.52
CA ASP D 552 -62.63 -36.56 17.76
C ASP D 552 -64.14 -36.40 17.81
N GLY D 553 -64.76 -36.26 16.63
CA GLY D 553 -66.20 -36.10 16.52
C GLY D 553 -66.78 -34.77 16.94
N LYS D 554 -66.20 -33.67 16.47
CA LYS D 554 -66.69 -32.34 16.83
C LYS D 554 -67.68 -31.80 15.81
N ASN D 555 -67.91 -32.57 14.75
CA ASN D 555 -68.83 -32.18 13.71
C ASN D 555 -69.64 -33.40 13.29
N PRO D 556 -70.96 -33.25 13.11
CA PRO D 556 -71.87 -34.32 12.72
C PRO D 556 -71.67 -34.79 11.27
N GLU D 557 -70.46 -34.54 10.75
CA GLU D 557 -70.10 -34.88 9.36
C GLU D 557 -69.68 -36.34 9.13
N PRO D 558 -70.25 -36.97 8.08
CA PRO D 558 -69.99 -38.37 7.68
C PRO D 558 -68.54 -38.68 7.25
N TRP D 559 -67.90 -37.73 6.56
CA TRP D 559 -66.54 -37.90 6.07
C TRP D 559 -65.50 -37.68 7.19
N ALA D 560 -65.90 -36.96 8.23
CA ALA D 560 -65.01 -36.66 9.34
C ALA D 560 -65.18 -37.69 10.46
N LYS D 561 -66.26 -38.46 10.39
CA LYS D 561 -66.56 -39.48 11.40
C LYS D 561 -65.52 -40.61 11.40
N GLY D 562 -64.52 -40.50 12.27
CA GLY D 562 -63.47 -41.50 12.37
C GLY D 562 -62.07 -40.89 12.34
N LEU D 563 -61.97 -39.61 12.65
CA LEU D 563 -60.67 -38.92 12.65
C LEU D 563 -60.22 -38.52 14.04
N LYS D 564 -58.91 -38.51 14.25
CA LYS D 564 -58.34 -38.13 15.54
C LYS D 564 -57.17 -37.14 15.39
N HIS D 565 -57.04 -36.27 16.38
CA HIS D 565 -56.00 -35.25 16.46
C HIS D 565 -54.58 -35.83 16.34
N GLU D 566 -54.39 -37.04 16.87
CA GLU D 566 -53.08 -37.69 16.85
C GLU D 566 -52.78 -38.41 15.52
N ASP D 567 -53.78 -38.42 14.63
CA ASP D 567 -53.63 -39.04 13.33
C ASP D 567 -52.94 -38.10 12.36
N PHE D 568 -52.80 -36.83 12.76
CA PHE D 568 -52.18 -35.81 11.92
C PHE D 568 -50.96 -35.13 12.50
N GLU D 569 -49.97 -34.91 11.64
CA GLU D 569 -48.73 -34.26 12.02
C GLU D 569 -48.42 -33.11 11.07
N LEU D 570 -47.45 -32.27 11.45
CA LEU D 570 -47.08 -31.12 10.63
C LEU D 570 -45.70 -31.27 10.00
N LEU D 571 -45.49 -30.62 8.85
CA LEU D 571 -44.22 -30.66 8.13
C LEU D 571 -43.52 -29.31 8.33
N CYS D 572 -42.47 -29.28 9.16
CA CYS D 572 -41.77 -28.03 9.40
C CYS D 572 -40.66 -27.86 8.36
N LEU D 573 -40.19 -26.62 8.23
CA LEU D 573 -39.14 -26.27 7.27
C LEU D 573 -37.86 -27.10 7.42
N ASP D 574 -37.47 -27.39 8.65
CA ASP D 574 -36.26 -28.19 8.92
C ASP D 574 -36.44 -29.64 8.46
N GLY D 575 -37.67 -30.14 8.57
CA GLY D 575 -37.98 -31.50 8.16
C GLY D 575 -38.69 -32.32 9.23
N THR D 576 -38.92 -31.72 10.39
CA THR D 576 -39.58 -32.40 11.50
C THR D 576 -41.07 -32.66 11.22
N ARG D 577 -41.62 -33.68 11.90
CA ARG D 577 -43.03 -34.04 11.77
C ARG D 577 -43.66 -34.07 13.17
N LYS D 578 -43.81 -32.88 13.76
CA LYS D 578 -44.39 -32.71 15.09
C LYS D 578 -45.92 -32.82 15.02
N PRO D 579 -46.57 -33.24 16.13
CA PRO D 579 -48.03 -33.38 16.17
C PRO D 579 -48.70 -32.04 15.87
N VAL D 580 -49.87 -32.08 15.26
CA VAL D 580 -50.58 -30.85 14.91
C VAL D 580 -50.76 -29.87 16.09
N THR D 581 -50.66 -30.39 17.31
CA THR D 581 -50.80 -29.56 18.50
C THR D 581 -49.61 -28.62 18.60
N GLU D 582 -48.50 -29.06 18.01
CA GLU D 582 -47.27 -28.28 18.02
C GLU D 582 -47.23 -27.49 16.72
N ALA D 583 -48.04 -26.44 16.65
CA ALA D 583 -48.04 -25.61 15.46
C ALA D 583 -47.32 -24.32 15.78
N GLN D 584 -46.73 -24.23 16.97
CA GLN D 584 -46.00 -23.02 17.38
C GLN D 584 -44.54 -23.03 16.97
N SER D 585 -44.01 -24.22 16.73
CA SER D 585 -42.63 -24.34 16.34
C SER D 585 -42.57 -24.96 14.95
N CYS D 586 -43.66 -25.62 14.58
CA CYS D 586 -43.75 -26.27 13.30
C CYS D 586 -44.79 -25.62 12.40
N HIS D 587 -44.50 -24.40 11.96
CA HIS D 587 -45.42 -23.69 11.09
C HIS D 587 -44.71 -23.00 9.93
N LEU D 588 -45.44 -22.77 8.85
CA LEU D 588 -44.89 -22.10 7.68
C LEU D 588 -44.65 -20.64 8.03
N ALA D 589 -45.67 -20.00 8.62
CA ALA D 589 -45.55 -18.60 8.99
C ALA D 589 -46.69 -18.13 9.85
N ARG D 590 -46.51 -16.95 10.45
CA ARG D 590 -47.52 -16.33 11.31
C ARG D 590 -48.10 -15.16 10.52
N VAL D 591 -49.40 -15.24 10.24
CA VAL D 591 -50.09 -14.19 9.50
C VAL D 591 -51.06 -13.40 10.39
N PRO D 592 -51.46 -12.21 9.94
CA PRO D 592 -52.38 -11.34 10.67
C PRO D 592 -53.78 -11.95 10.76
N ASN D 593 -54.57 -11.41 11.68
CA ASN D 593 -55.95 -11.87 11.88
C ASN D 593 -56.88 -11.30 10.82
N ARG D 594 -57.97 -12.03 10.54
CA ARG D 594 -58.95 -11.57 9.56
C ARG D 594 -59.64 -10.34 10.12
N ALA D 595 -60.04 -9.43 9.23
CA ALA D 595 -60.68 -8.21 9.65
C ALA D 595 -61.87 -7.89 8.78
N VAL D 596 -62.67 -6.94 9.23
CA VAL D 596 -63.83 -6.48 8.50
C VAL D 596 -63.36 -5.20 7.82
N PHE D 597 -63.54 -5.11 6.52
CA PHE D 597 -63.14 -3.93 5.80
C PHE D 597 -64.34 -3.08 5.36
N SER D 598 -64.11 -1.82 5.05
CA SER D 598 -65.19 -0.95 4.62
C SER D 598 -64.65 0.36 4.09
N ARG D 599 -65.51 1.10 3.39
CA ARG D 599 -65.10 2.38 2.84
C ARG D 599 -65.01 3.37 4.00
N LYS D 600 -64.15 4.37 3.86
CA LYS D 600 -64.00 5.35 4.91
C LYS D 600 -65.33 6.04 5.23
N ASP D 601 -66.15 6.28 4.20
CA ASP D 601 -67.44 6.96 4.38
C ASP D 601 -68.43 6.35 5.39
N LYS D 602 -68.23 5.08 5.75
CA LYS D 602 -69.11 4.43 6.71
C LYS D 602 -68.35 3.38 7.52
N ALA D 603 -67.06 3.66 7.73
CA ALA D 603 -66.20 2.77 8.50
C ALA D 603 -66.62 2.92 9.96
N ASP D 604 -66.94 4.15 10.34
CA ASP D 604 -67.35 4.46 11.69
C ASP D 604 -68.69 3.88 12.05
N PHE D 605 -69.62 3.92 11.10
CA PHE D 605 -70.95 3.39 11.32
C PHE D 605 -70.95 1.86 11.36
N VAL D 606 -70.05 1.28 10.58
CA VAL D 606 -69.93 -0.17 10.54
C VAL D 606 -69.33 -0.61 11.86
N ARG D 607 -68.38 0.18 12.36
CA ARG D 607 -67.75 -0.12 13.66
C ARG D 607 -68.82 -0.06 14.75
N ARG D 608 -69.46 1.11 14.88
CA ARG D 608 -70.51 1.37 15.89
C ARG D 608 -71.55 0.25 15.94
N ILE D 609 -72.05 -0.16 14.78
CA ILE D 609 -73.06 -1.20 14.71
C ILE D 609 -72.54 -2.58 15.06
N LEU D 610 -71.27 -2.83 14.76
CA LEU D 610 -70.71 -4.15 15.04
C LEU D 610 -70.50 -4.36 16.54
N PHE D 611 -70.24 -3.30 17.28
CA PHE D 611 -70.05 -3.42 18.71
C PHE D 611 -71.33 -3.98 19.34
N ASN D 612 -72.45 -3.34 19.01
CA ASN D 612 -73.76 -3.76 19.52
C ASN D 612 -74.12 -5.19 19.12
N GLN D 613 -73.83 -5.52 17.87
CA GLN D 613 -74.13 -6.83 17.31
C GLN D 613 -73.36 -7.97 17.94
N GLN D 614 -72.17 -7.69 18.44
CA GLN D 614 -71.37 -8.73 19.08
C GLN D 614 -71.86 -8.91 20.52
N GLU D 615 -72.44 -7.86 21.08
CA GLU D 615 -72.97 -7.89 22.43
C GLU D 615 -74.20 -8.79 22.47
N LEU D 616 -75.06 -8.60 21.48
CA LEU D 616 -76.31 -9.34 21.37
C LEU D 616 -76.16 -10.76 20.83
N PHE D 617 -75.26 -10.94 19.84
CA PHE D 617 -75.05 -12.25 19.22
C PHE D 617 -73.63 -12.84 19.29
N GLY D 618 -72.85 -12.40 20.29
CA GLY D 618 -71.49 -12.89 20.45
C GLY D 618 -71.40 -14.25 21.14
N ARG D 619 -70.45 -14.36 22.07
CA ARG D 619 -70.24 -15.60 22.81
C ARG D 619 -70.76 -15.53 24.24
N ASN D 620 -70.96 -14.30 24.73
CA ASN D 620 -71.45 -14.04 26.08
C ASN D 620 -72.90 -14.51 26.37
N GLY D 621 -73.04 -15.72 26.91
CA GLY D 621 -74.35 -16.29 27.23
C GLY D 621 -74.32 -17.71 27.77
N PHE D 622 -75.49 -18.33 27.98
CA PHE D 622 -75.58 -19.70 28.52
C PHE D 622 -76.08 -20.77 27.53
N GLU D 623 -77.37 -20.74 27.19
CA GLU D 623 -77.97 -21.73 26.28
C GLU D 623 -78.43 -21.12 24.96
N TYR D 624 -78.83 -21.99 24.04
CA TYR D 624 -79.28 -21.54 22.72
C TYR D 624 -80.44 -20.56 22.86
N MET D 625 -80.27 -19.38 22.25
CA MET D 625 -81.28 -18.31 22.24
C MET D 625 -80.88 -17.29 21.15
N MET D 626 -81.84 -16.93 20.29
CA MET D 626 -81.63 -15.96 19.20
C MET D 626 -80.74 -16.49 18.07
N PHE D 627 -79.65 -15.77 17.78
CA PHE D 627 -78.67 -16.15 16.74
C PHE D 627 -77.21 -15.84 17.12
N GLN D 628 -76.27 -16.66 16.67
CA GLN D 628 -74.84 -16.44 16.98
C GLN D 628 -74.06 -16.04 15.74
N MET D 629 -73.72 -14.75 15.61
CA MET D 629 -72.98 -14.31 14.44
C MET D 629 -71.59 -14.93 14.34
N PHE D 630 -70.91 -15.14 15.46
CA PHE D 630 -69.58 -15.73 15.44
C PHE D 630 -69.58 -17.25 15.37
N GLU D 631 -70.62 -17.85 15.94
CA GLU D 631 -70.75 -19.32 15.95
C GLU D 631 -71.43 -19.75 14.64
N SER D 632 -70.63 -19.93 13.60
CA SER D 632 -71.11 -20.34 12.28
C SER D 632 -71.86 -21.66 12.34
N SER D 633 -73.10 -21.63 11.85
CA SER D 633 -73.97 -22.82 11.83
C SER D 633 -73.25 -24.07 11.33
N ALA D 634 -72.27 -23.89 10.43
CA ALA D 634 -71.50 -24.99 9.86
C ALA D 634 -69.98 -24.77 9.88
N LYS D 635 -69.37 -24.57 8.71
CA LYS D 635 -67.93 -24.36 8.58
C LYS D 635 -67.52 -23.11 7.82
N ASP D 636 -66.99 -22.13 8.55
CA ASP D 636 -66.51 -20.88 8.00
C ASP D 636 -67.53 -20.05 7.23
N LEU D 637 -68.40 -19.38 7.97
CA LEU D 637 -69.44 -18.54 7.37
C LEU D 637 -69.34 -17.10 7.93
N LEU D 638 -69.01 -16.16 7.05
CA LEU D 638 -68.87 -14.74 7.39
C LEU D 638 -67.64 -14.45 8.27
N PHE D 639 -67.41 -15.34 9.24
CA PHE D 639 -66.29 -15.25 10.19
C PHE D 639 -65.80 -16.66 10.42
N SER D 640 -64.73 -16.78 11.19
CA SER D 640 -64.19 -18.10 11.49
C SER D 640 -65.08 -18.82 12.50
N ASP D 641 -64.97 -20.15 12.52
CA ASP D 641 -65.75 -21.00 13.40
C ASP D 641 -65.31 -20.83 14.86
N ASP D 642 -64.03 -20.57 15.07
CA ASP D 642 -63.49 -20.42 16.41
C ASP D 642 -63.39 -18.99 16.88
N THR D 643 -63.70 -18.04 16.00
CA THR D 643 -63.64 -16.66 16.40
C THR D 643 -64.48 -16.52 17.66
N GLU D 644 -64.12 -15.59 18.53
CA GLU D 644 -64.87 -15.41 19.76
C GLU D 644 -65.53 -14.03 19.81
N CYS D 645 -64.79 -12.99 19.46
CA CYS D 645 -65.32 -11.63 19.46
C CYS D 645 -64.52 -10.72 18.52
N LEU D 646 -65.06 -9.55 18.16
CA LEU D 646 -64.34 -8.62 17.28
C LEU D 646 -63.63 -7.59 18.15
N SER D 647 -62.34 -7.37 17.89
CA SER D 647 -61.50 -6.42 18.65
C SER D 647 -61.15 -5.09 17.99
N ASN D 648 -60.74 -4.13 18.81
CA ASN D 648 -60.42 -2.80 18.32
C ASN D 648 -59.23 -2.87 17.39
N LEU D 649 -58.99 -1.79 16.64
CA LEU D 649 -57.88 -1.71 15.71
C LEU D 649 -56.69 -1.10 16.44
N GLN D 650 -56.99 -0.20 17.36
CA GLN D 650 -55.94 0.50 18.15
C GLN D 650 -55.20 1.45 17.20
N ASP D 651 -53.89 1.36 17.18
CA ASP D 651 -53.10 2.20 16.30
C ASP D 651 -53.31 1.80 14.81
N LYS D 652 -53.41 0.49 14.56
CA LYS D 652 -53.60 -0.07 13.20
C LYS D 652 -54.84 0.45 12.46
N THR D 653 -54.70 1.57 11.75
CA THR D 653 -55.81 2.18 11.02
C THR D 653 -55.83 1.82 9.52
N THR D 654 -54.65 1.81 8.90
CA THR D 654 -54.49 1.47 7.48
C THR D 654 -54.16 -0.02 7.32
N TYR D 655 -54.31 -0.53 6.10
CA TYR D 655 -54.02 -1.93 5.82
C TYR D 655 -52.50 -2.12 5.79
N LYS D 656 -51.77 -1.02 5.60
CA LYS D 656 -50.30 -1.05 5.56
C LYS D 656 -49.73 -1.21 6.97
N THR D 657 -50.42 -0.63 7.94
CA THR D 657 -50.01 -0.72 9.33
C THR D 657 -50.66 -1.92 10.03
N TYR D 658 -51.82 -2.34 9.54
CA TYR D 658 -52.57 -3.45 10.11
C TYR D 658 -51.90 -4.79 9.85
N LEU D 659 -51.40 -4.98 8.63
CA LEU D 659 -50.75 -6.24 8.26
C LEU D 659 -49.31 -6.29 8.71
N GLY D 660 -48.74 -5.14 9.01
CA GLY D 660 -47.38 -5.10 9.50
C GLY D 660 -46.31 -5.26 8.45
N PRO D 661 -45.08 -4.84 8.74
CA PRO D 661 -43.98 -4.96 7.80
C PRO D 661 -43.63 -6.43 7.71
N GLN D 662 -43.96 -7.14 8.78
CA GLN D 662 -43.71 -8.56 8.87
C GLN D 662 -44.34 -9.33 7.72
N TYR D 663 -45.66 -9.20 7.60
CA TYR D 663 -46.40 -9.88 6.55
C TYR D 663 -46.42 -9.12 5.23
N LEU D 664 -46.41 -7.79 5.31
CA LEU D 664 -46.44 -6.92 4.15
C LEU D 664 -45.31 -7.23 3.18
N THR D 665 -44.08 -7.24 3.67
CA THR D 665 -42.94 -7.56 2.80
C THR D 665 -43.14 -8.89 2.09
N LEU D 666 -43.65 -9.88 2.82
CA LEU D 666 -43.88 -11.24 2.30
C LEU D 666 -44.88 -11.28 1.15
N MET D 667 -45.82 -10.35 1.18
CA MET D 667 -46.84 -10.28 0.16
C MET D 667 -46.26 -9.67 -1.11
N ASP D 668 -45.40 -8.68 -0.95
CA ASP D 668 -44.83 -8.05 -2.12
C ASP D 668 -43.87 -8.97 -2.81
N ASN D 669 -43.37 -9.96 -2.08
CA ASN D 669 -42.44 -10.93 -2.64
C ASN D 669 -43.16 -11.87 -3.57
N PHE D 670 -44.49 -11.90 -3.45
CA PHE D 670 -45.35 -12.79 -4.23
C PHE D 670 -45.85 -12.14 -5.51
N ARG D 671 -45.88 -10.80 -5.52
CA ARG D 671 -46.37 -9.99 -6.66
C ARG D 671 -46.70 -10.71 -7.95
N GLN D 672 -45.66 -11.14 -8.68
CA GLN D 672 -45.87 -11.85 -9.94
C GLN D 672 -46.84 -13.01 -9.73
N CYS D 673 -46.47 -13.96 -8.88
CA CYS D 673 -47.28 -15.15 -8.63
C CYS D 673 -48.69 -14.86 -8.17
N LEU D 674 -48.90 -13.69 -7.57
CA LEU D 674 -50.22 -13.33 -7.10
C LEU D 674 -50.89 -12.69 -8.31
N SER D 675 -51.73 -13.45 -8.99
CA SER D 675 -52.44 -12.93 -10.15
C SER D 675 -53.89 -12.56 -9.87
N SER D 676 -54.04 -11.45 -9.15
CA SER D 676 -55.33 -10.90 -8.79
C SER D 676 -55.74 -9.94 -9.91
N GLU D 677 -56.87 -10.21 -10.57
CA GLU D 677 -57.29 -9.35 -11.65
C GLU D 677 -57.92 -8.07 -11.13
N LEU D 678 -58.25 -8.07 -9.84
CA LEU D 678 -58.85 -6.89 -9.25
C LEU D 678 -57.71 -6.01 -8.86
N LEU D 679 -56.70 -6.60 -8.23
CA LEU D 679 -55.56 -5.82 -7.81
C LEU D 679 -54.96 -5.04 -8.98
N ASP D 680 -55.06 -5.59 -10.19
CA ASP D 680 -54.54 -4.93 -11.39
C ASP D 680 -55.38 -3.71 -11.68
N ALA D 681 -56.67 -3.86 -11.44
CA ALA D 681 -57.63 -2.79 -11.66
C ALA D 681 -57.46 -1.69 -10.63
N CYS D 682 -57.35 -2.10 -9.36
CA CYS D 682 -57.20 -1.17 -8.24
C CYS D 682 -55.90 -0.39 -8.28
N THR D 683 -54.89 -0.90 -8.99
CA THR D 683 -53.60 -0.23 -9.10
C THR D 683 -53.19 0.11 -10.56
N PHE D 684 -54.21 0.21 -11.44
CA PHE D 684 -54.00 0.54 -12.85
C PHE D 684 -53.48 1.96 -12.95
N HIS D 685 -54.27 2.90 -12.44
CA HIS D 685 -53.91 4.31 -12.46
C HIS D 685 -52.63 4.63 -11.66
N LYS D 686 -51.53 4.89 -12.38
CA LYS D 686 -50.24 5.26 -11.76
C LYS D 686 -50.15 6.78 -11.68
N TYR D 687 -50.11 7.32 -10.46
CA TYR D 687 -50.02 8.77 -10.28
C TYR D 687 -49.16 9.14 -9.07
#